data_7VQ0
#
_entry.id   7VQ0
#
_cell.length_a   1.00
_cell.length_b   1.00
_cell.length_c   1.00
_cell.angle_alpha   90.00
_cell.angle_beta   90.00
_cell.angle_gamma   90.00
#
_symmetry.space_group_name_H-M   'P 1'
#
loop_
_entity.id
_entity.type
_entity.pdbx_description
1 polymer 'Spike glycoprotein'
2 polymer 'Neutralizing nanobody P86'
3 branched 2-acetamido-2-deoxy-beta-D-glucopyranose-(1-4)-2-acetamido-2-deoxy-beta-D-glucopyranose
4 branched 2-acetamido-2-deoxy-beta-D-glucopyranose-(1-4)-[alpha-L-fucopyranose-(1-6)]2-acetamido-2-deoxy-beta-D-glucopyranose
5 branched alpha-D-mannopyranose-(1-4)-2-acetamido-2-deoxy-beta-D-glucopyranose-(1-4)-2-acetamido-2-deoxy-beta-D-glucopyranose
6 non-polymer 2-acetamido-2-deoxy-beta-D-glucopyranose
#
loop_
_entity_poly.entity_id
_entity_poly.type
_entity_poly.pdbx_seq_one_letter_code
_entity_poly.pdbx_strand_id
1 'polypeptide(L)'
;MFVFLVLLPLVSSQCVNLTTRTQLPPAYTNSFTRGVYYPDKVFRSSVLHSTQDLFLPFFSNVTWFHAIHVSGTNGTKRFD
NPVLPFNDGVYFASTEKSNIIRGWIFGTTLDSKTQSLLIVNNATNVVIKVCEFQFCNDPFLGVYYHKNNKSWMESEFRVY
SSANNCTFEYVSQPFLMDLEGKQGNFKNLREFVFKNIDGYFKIYSKHTPINLVRDLPQGFSALEPLVDLPIGINITRFQT
LLALHRSYLTPGDSSSGWTAGAAAYYVGYLQPRTFLLKYNENGTITDAVDCALDPLSETKCTLKSFTVEKGIYQTSNFRV
QPTESIVRFPNITNLCPFGEVFNATRFASVYAWNRKRISNCVADYSVLYNSASFSTFKCYGVSPTKLNDLCFTNVYADSF
VIRGDEVRQIAPGQTGKIADYNYKLPDDFTGCVIAWNSNNLDSKVGGNYNYLYRLFRKSNLKPFERDISTEIYQAGSTPC
NGVEGFNCYFPLQSYGFQPTNGVGYQPYRVVVLSFELLHAPATVCGPKKSTNLVKNKCVNFNFNGLTGTGVLTESNKKFL
PFQQFGRDIADTTDAVRDPQTLEILDITPCSFGGVSVITPGTNTSNQVAVLYQGVNCTEVPVAIHADQLTPTWRVYSTGS
NVFQTRAGCLIGAEHVNNSYECDIPIGAGICASYQTQTNSPGSASSVASQSIIAYTMSLGAENSVAYSNNSIAIPTNFTI
SVTTEILPVSMTKTSVDCTMYICGDSTECSNLLLQYGSFCTQLNRALTGIAVEQDKNTQEVFAQVKQIYKTPPIKDFGGF
NFSQILPDPSKPSKRSFIEDLLFNKVTLADAGFIKQYGDCLGDIAARDLICAQKFNGLTVLPPLLTDEMIAQYTSALLAG
TITSGWTFGAGAALQIPFAMQMAYRFNGIGVTQNVLYENQKLIANQFNSAIGKIQDSLSSTASALGKLQDVVNQNAQALN
TLVKQLSSNFGAISSVLNDILSRLDPPEAEVQIDRLITGRLQSLQTYVTQQLIRAAEIRASANLAATKMSECVLGQSKRV
DFCGKGYHLMSFPQSAPHGVVFLHVTYVPAQEKNFTTAPAICHDGKAHFPREGVFVSNGTHWFVTQRNFYEPQIITTDNT
FVSGNCDVVIGIVNNTVYDPLQPELDSFKEELDKYFKNHTSPDVDLGDISGINASVVNIQKEIDRLNEVAKNLNESLIDL
QELGKYEQGSGYIPEAPRDGQAYVRKDGEWVLLSTFLGSHHHHHHHH
;
A,B,C
2 'polypeptide(L)'
;QVQLQESGGGLVQAGGSLRLSCVASGRTFSSLNIVWFRQAPGKERKFVAAINDRNTAYAESVKGRFTISRDNAKNTVHLQ
MNSLKPEDTAVYYCHSADVNGGMDYWGKGTQVTVSSHHHHHH
;
D,E,F
#
loop_
_chem_comp.id
_chem_comp.type
_chem_comp.name
_chem_comp.formula
FUC L-saccharide, alpha linking alpha-L-fucopyranose 'C6 H12 O5'
MAN D-saccharide, alpha linking alpha-D-mannopyranose 'C6 H12 O6'
NAG D-saccharide, beta linking 2-acetamido-2-deoxy-beta-D-glucopyranose 'C8 H15 N O6'
#
# COMPACT_ATOMS: atom_id res chain seq x y z
N GLN A 14 -56.91 -22.60 -32.39
CA GLN A 14 -57.08 -24.05 -32.45
C GLN A 14 -56.19 -24.76 -31.43
N CYS A 15 -56.81 -25.65 -30.65
CA CYS A 15 -56.08 -26.49 -29.71
C CYS A 15 -57.03 -27.58 -29.23
N VAL A 16 -56.50 -28.80 -29.08
CA VAL A 16 -57.26 -29.96 -28.66
C VAL A 16 -56.60 -30.56 -27.43
N ASN A 17 -57.41 -30.90 -26.44
CA ASN A 17 -56.92 -31.48 -25.18
C ASN A 17 -56.84 -32.99 -25.33
N LEU A 18 -55.63 -33.50 -25.49
CA LEU A 18 -55.39 -34.95 -25.55
C LEU A 18 -55.24 -35.44 -24.12
N THR A 19 -56.34 -35.90 -23.55
CA THR A 19 -56.39 -36.32 -22.15
C THR A 19 -56.08 -37.80 -21.96
N THR A 20 -55.81 -38.53 -23.03
CA THR A 20 -55.54 -39.97 -22.93
C THR A 20 -54.04 -40.20 -22.74
N ARG A 21 -53.67 -40.74 -21.58
CA ARG A 21 -52.29 -41.09 -21.31
C ARG A 21 -52.27 -42.15 -20.22
N THR A 22 -51.19 -42.92 -20.20
CA THR A 22 -51.01 -43.96 -19.18
C THR A 22 -50.34 -43.36 -17.95
N GLN A 23 -50.81 -43.76 -16.77
CA GLN A 23 -50.33 -43.20 -15.51
C GLN A 23 -48.92 -43.72 -15.23
N LEU A 24 -47.91 -42.97 -15.65
CA LEU A 24 -46.52 -43.30 -15.39
C LEU A 24 -45.85 -42.15 -14.64
N PRO A 25 -45.26 -42.41 -13.47
CA PRO A 25 -44.52 -41.36 -12.78
C PRO A 25 -43.26 -41.00 -13.55
N PRO A 26 -42.74 -39.78 -13.36
CA PRO A 26 -41.52 -39.39 -14.08
C PRO A 26 -40.30 -40.18 -13.61
N ALA A 27 -39.79 -41.05 -14.47
CA ALA A 27 -38.62 -41.84 -14.11
C ALA A 27 -37.37 -40.96 -14.09
N TYR A 28 -36.32 -41.49 -13.48
CA TYR A 28 -35.03 -40.82 -13.39
C TYR A 28 -33.94 -41.69 -14.02
N THR A 29 -32.84 -41.04 -14.38
CA THR A 29 -31.66 -41.73 -14.87
C THR A 29 -30.44 -40.85 -14.61
N ASN A 30 -29.26 -41.39 -14.87
CA ASN A 30 -28.01 -40.72 -14.57
C ASN A 30 -27.48 -40.01 -15.81
N SER A 31 -27.09 -38.74 -15.65
CA SER A 31 -26.47 -37.96 -16.72
C SER A 31 -24.96 -38.00 -16.47
N PHE A 32 -24.31 -38.99 -17.07
CA PHE A 32 -22.93 -39.33 -16.72
C PHE A 32 -21.93 -38.21 -17.02
N THR A 33 -21.71 -37.93 -18.30
CA THR A 33 -20.65 -37.02 -18.70
C THR A 33 -21.11 -36.12 -19.84
N ARG A 34 -22.38 -35.75 -19.83
CA ARG A 34 -22.96 -34.94 -20.89
C ARG A 34 -23.35 -33.58 -20.34
N GLY A 35 -23.57 -32.63 -21.25
CA GLY A 35 -24.02 -31.30 -20.88
C GLY A 35 -22.94 -30.24 -20.84
N VAL A 36 -21.74 -30.53 -21.33
CA VAL A 36 -20.65 -29.56 -21.33
C VAL A 36 -20.66 -28.80 -22.65
N TYR A 37 -20.69 -27.48 -22.57
CA TYR A 37 -20.70 -26.60 -23.72
C TYR A 37 -19.48 -25.69 -23.65
N TYR A 38 -19.42 -24.71 -24.56
CA TYR A 38 -18.38 -23.71 -24.51
C TYR A 38 -18.89 -22.50 -23.75
N PRO A 39 -18.38 -22.21 -22.56
CA PRO A 39 -18.90 -21.08 -21.78
C PRO A 39 -18.64 -19.72 -22.41
N ASP A 40 -17.69 -19.62 -23.34
CA ASP A 40 -17.36 -18.34 -23.93
C ASP A 40 -16.76 -18.57 -25.31
N LYS A 41 -16.75 -17.50 -26.10
CA LYS A 41 -16.18 -17.55 -27.45
C LYS A 41 -14.72 -17.10 -27.43
N VAL A 42 -13.91 -17.87 -26.71
CA VAL A 42 -12.48 -17.60 -26.56
C VAL A 42 -11.72 -18.87 -26.93
N PHE A 43 -10.85 -18.77 -27.94
CA PHE A 43 -10.04 -19.91 -28.34
C PHE A 43 -8.95 -20.17 -27.32
N ARG A 44 -8.73 -21.45 -27.03
CA ARG A 44 -7.67 -21.89 -26.13
C ARG A 44 -7.01 -23.12 -26.71
N SER A 45 -5.68 -23.14 -26.68
CA SER A 45 -4.90 -24.18 -27.35
C SER A 45 -4.06 -24.94 -26.34
N SER A 46 -4.32 -26.25 -26.22
CA SER A 46 -3.50 -27.17 -25.43
C SER A 46 -3.32 -26.68 -24.00
N VAL A 47 -4.39 -26.13 -23.43
CA VAL A 47 -4.35 -25.58 -22.08
C VAL A 47 -5.57 -26.08 -21.32
N LEU A 48 -5.44 -26.15 -20.00
CA LEU A 48 -6.53 -26.50 -19.11
C LEU A 48 -7.03 -25.23 -18.42
N HIS A 49 -8.34 -25.01 -18.48
CA HIS A 49 -8.93 -23.78 -17.97
C HIS A 49 -10.07 -24.09 -17.02
N SER A 50 -10.17 -23.32 -15.94
CA SER A 50 -11.24 -23.43 -14.96
C SER A 50 -12.12 -22.19 -15.04
N THR A 51 -13.41 -22.40 -15.31
CA THR A 51 -14.38 -21.32 -15.31
C THR A 51 -15.66 -21.81 -14.65
N GLN A 52 -16.28 -20.95 -13.85
CA GLN A 52 -17.45 -21.31 -13.06
C GLN A 52 -18.68 -20.65 -13.69
N ASP A 53 -19.62 -21.48 -14.14
CA ASP A 53 -20.88 -21.00 -14.69
C ASP A 53 -21.93 -22.07 -14.44
N LEU A 54 -23.09 -21.93 -15.09
CA LEU A 54 -24.16 -22.90 -14.97
C LEU A 54 -23.88 -24.06 -15.93
N PHE A 55 -23.43 -25.17 -15.39
CA PHE A 55 -23.15 -26.38 -16.16
C PHE A 55 -24.06 -27.50 -15.70
N LEU A 56 -23.99 -28.62 -16.43
CA LEU A 56 -24.70 -29.83 -16.02
C LEU A 56 -23.80 -30.64 -15.09
N PRO A 57 -24.21 -30.89 -13.85
CA PRO A 57 -23.36 -31.64 -12.92
C PRO A 57 -22.98 -33.01 -13.46
N PHE A 58 -21.74 -33.40 -13.23
CA PHE A 58 -21.29 -34.74 -13.59
C PHE A 58 -21.96 -35.78 -12.70
N PHE A 59 -22.34 -36.90 -13.31
CA PHE A 59 -22.99 -38.01 -12.58
C PHE A 59 -24.20 -37.52 -11.80
N SER A 60 -25.01 -36.66 -12.43
CA SER A 60 -26.22 -36.14 -11.82
C SER A 60 -27.42 -36.95 -12.31
N ASN A 61 -28.50 -36.88 -11.54
CA ASN A 61 -29.74 -37.54 -11.91
C ASN A 61 -30.57 -36.64 -12.81
N VAL A 62 -31.00 -37.17 -13.95
CA VAL A 62 -31.67 -36.41 -14.99
C VAL A 62 -33.05 -37.04 -15.25
N THR A 63 -34.06 -36.21 -15.37
CA THR A 63 -35.44 -36.68 -15.50
C THR A 63 -35.61 -37.48 -16.78
N TRP A 64 -36.44 -38.52 -16.70
CA TRP A 64 -36.66 -39.47 -17.78
C TRP A 64 -38.11 -39.36 -18.26
N PHE A 65 -38.30 -39.08 -19.54
CA PHE A 65 -39.61 -38.95 -20.14
C PHE A 65 -39.72 -39.86 -21.36
N HIS A 66 -40.94 -40.36 -21.60
CA HIS A 66 -41.23 -41.18 -22.77
C HIS A 66 -42.20 -40.45 -23.69
N ALA A 67 -42.57 -41.14 -24.77
CA ALA A 67 -43.71 -40.77 -25.61
C ALA A 67 -44.17 -42.07 -26.27
N ILE A 68 -45.23 -42.67 -25.73
CA ILE A 68 -45.69 -43.97 -26.20
C ILE A 68 -47.11 -43.89 -26.74
N LYS A 77 -50.95 -43.83 -25.81
CA LYS A 77 -50.55 -44.63 -24.66
C LYS A 77 -49.93 -43.75 -23.58
N ARG A 78 -48.69 -43.31 -23.81
CA ARG A 78 -47.99 -42.42 -22.91
C ARG A 78 -47.58 -41.17 -23.66
N PHE A 79 -48.08 -40.01 -23.23
CA PHE A 79 -47.75 -38.72 -23.84
C PHE A 79 -47.30 -37.80 -22.71
N ASP A 80 -45.99 -37.73 -22.49
CA ASP A 80 -45.42 -36.93 -21.43
C ASP A 80 -45.15 -35.52 -21.95
N ASN A 81 -45.85 -34.54 -21.38
CA ASN A 81 -45.69 -33.15 -21.76
C ASN A 81 -46.09 -32.25 -20.58
N PRO A 82 -45.34 -32.28 -19.47
CA PRO A 82 -45.72 -31.45 -18.32
C PRO A 82 -45.02 -30.10 -18.31
N VAL A 83 -45.62 -29.11 -17.66
CA VAL A 83 -44.95 -27.82 -17.52
C VAL A 83 -43.84 -27.94 -16.49
N LEU A 84 -42.65 -27.47 -16.86
CA LEU A 84 -41.48 -27.60 -16.02
C LEU A 84 -40.80 -26.25 -15.83
N PRO A 85 -40.31 -25.96 -14.63
CA PRO A 85 -39.68 -24.66 -14.39
C PRO A 85 -38.37 -24.50 -15.15
N PHE A 86 -38.02 -23.24 -15.42
CA PHE A 86 -36.80 -22.87 -16.13
C PHE A 86 -35.82 -22.15 -15.21
N ASN A 87 -35.66 -22.69 -14.00
CA ASN A 87 -34.83 -22.05 -12.98
C ASN A 87 -33.35 -22.17 -13.37
N ASP A 88 -32.80 -21.07 -13.88
CA ASP A 88 -31.36 -20.92 -14.11
C ASP A 88 -30.82 -22.02 -15.03
N GLY A 89 -31.32 -22.00 -16.27
CA GLY A 89 -30.81 -22.88 -17.29
C GLY A 89 -31.35 -24.29 -17.22
N VAL A 90 -31.58 -24.91 -18.39
CA VAL A 90 -32.12 -26.26 -18.47
C VAL A 90 -31.39 -26.99 -19.59
N TYR A 91 -31.01 -28.24 -19.32
CA TYR A 91 -30.37 -29.10 -20.31
C TYR A 91 -31.42 -29.99 -20.96
N PHE A 92 -31.41 -30.03 -22.29
CA PHE A 92 -32.37 -30.83 -23.05
C PHE A 92 -31.61 -31.73 -24.01
N ALA A 93 -31.82 -33.03 -23.90
CA ALA A 93 -31.30 -34.00 -24.84
C ALA A 93 -32.43 -34.90 -25.28
N SER A 94 -32.49 -35.21 -26.57
CA SER A 94 -33.59 -35.97 -27.15
C SER A 94 -33.01 -37.03 -28.08
N THR A 95 -32.86 -38.26 -27.56
CA THR A 95 -32.42 -39.40 -28.37
C THR A 95 -33.64 -39.93 -29.14
N GLU A 96 -34.08 -39.12 -30.10
CA GLU A 96 -35.37 -39.31 -30.76
C GLU A 96 -35.17 -39.59 -32.24
N LYS A 97 -35.05 -40.87 -32.58
CA LYS A 97 -35.07 -41.29 -33.97
C LYS A 97 -36.47 -41.11 -34.56
N SER A 98 -36.54 -41.00 -35.89
CA SER A 98 -37.81 -40.77 -36.61
C SER A 98 -38.47 -39.49 -36.11
N ASN A 99 -37.79 -38.38 -36.41
CA ASN A 99 -38.01 -37.06 -35.82
C ASN A 99 -39.49 -36.74 -35.64
N ILE A 100 -39.87 -36.47 -34.39
CA ILE A 100 -41.18 -35.92 -34.06
C ILE A 100 -41.09 -34.74 -33.11
N ILE A 101 -39.89 -34.40 -32.62
CA ILE A 101 -39.74 -33.25 -31.74
C ILE A 101 -40.05 -31.98 -32.53
N ARG A 102 -40.95 -31.16 -31.99
CA ARG A 102 -41.45 -30.00 -32.71
C ARG A 102 -41.28 -28.71 -31.91
N GLY A 103 -40.21 -28.62 -31.14
CA GLY A 103 -39.81 -27.36 -30.55
C GLY A 103 -40.03 -27.29 -29.05
N TRP A 104 -40.03 -26.05 -28.55
CA TRP A 104 -40.06 -25.79 -27.12
C TRP A 104 -40.95 -24.58 -26.84
N ILE A 105 -41.39 -24.48 -25.59
CA ILE A 105 -42.22 -23.39 -25.11
C ILE A 105 -41.43 -22.65 -24.04
N PHE A 106 -41.45 -21.32 -24.08
CA PHE A 106 -40.74 -20.51 -23.11
C PHE A 106 -41.59 -19.32 -22.70
N GLY A 107 -41.32 -18.81 -21.51
CA GLY A 107 -42.05 -17.70 -20.94
C GLY A 107 -42.28 -17.94 -19.46
N THR A 108 -43.22 -17.18 -18.89
CA THR A 108 -43.54 -17.32 -17.48
C THR A 108 -45.03 -17.48 -17.25
N THR A 109 -45.85 -16.90 -18.13
CA THR A 109 -47.31 -16.96 -18.02
C THR A 109 -47.94 -17.83 -19.09
N LEU A 110 -47.51 -17.68 -20.34
CA LEU A 110 -47.98 -18.52 -21.44
C LEU A 110 -49.49 -18.41 -21.64
N ASP A 111 -50.02 -17.20 -21.45
CA ASP A 111 -51.46 -16.98 -21.63
C ASP A 111 -51.75 -15.64 -22.32
N SER A 112 -50.85 -15.21 -23.20
CA SER A 112 -50.95 -13.99 -24.01
C SER A 112 -50.82 -12.71 -23.19
N LYS A 113 -50.70 -12.81 -21.86
CA LYS A 113 -50.50 -11.61 -21.06
C LYS A 113 -49.07 -11.10 -21.16
N THR A 114 -48.09 -12.01 -21.23
CA THR A 114 -46.69 -11.67 -21.33
C THR A 114 -46.07 -12.31 -22.56
N GLN A 115 -44.92 -11.79 -22.96
CA GLN A 115 -44.23 -12.28 -24.16
C GLN A 115 -43.78 -13.72 -23.95
N SER A 116 -43.90 -14.51 -25.01
CA SER A 116 -43.53 -15.93 -24.97
C SER A 116 -42.75 -16.28 -26.23
N LEU A 117 -41.98 -17.36 -26.14
CA LEU A 117 -41.07 -17.77 -27.19
C LEU A 117 -41.54 -19.07 -27.84
N LEU A 118 -41.50 -19.10 -29.17
CA LEU A 118 -41.75 -20.31 -29.95
C LEU A 118 -40.52 -20.67 -30.76
N ILE A 119 -40.10 -21.93 -30.66
CA ILE A 119 -39.11 -22.51 -31.55
C ILE A 119 -39.73 -23.75 -32.16
N VAL A 120 -39.60 -23.90 -33.48
CA VAL A 120 -40.15 -25.03 -34.20
C VAL A 120 -39.05 -25.65 -35.06
N ASN A 121 -39.42 -26.65 -35.84
CA ASN A 121 -38.47 -27.31 -36.73
C ASN A 121 -39.23 -27.96 -37.88
N ASN A 122 -38.49 -28.26 -38.94
CA ASN A 122 -39.07 -28.93 -40.10
C ASN A 122 -37.92 -29.49 -40.93
N ALA A 123 -38.24 -29.99 -42.13
CA ALA A 123 -37.24 -30.62 -42.96
C ALA A 123 -36.17 -29.61 -43.40
N THR A 124 -36.59 -28.41 -43.79
CA THR A 124 -35.65 -27.42 -44.30
C THR A 124 -35.96 -26.02 -43.78
N ASN A 125 -36.69 -25.91 -42.67
CA ASN A 125 -37.05 -24.60 -42.15
C ASN A 125 -37.09 -24.64 -40.63
N VAL A 126 -36.88 -23.47 -40.04
CA VAL A 126 -36.95 -23.28 -38.59
C VAL A 126 -37.39 -21.85 -38.33
N VAL A 127 -38.31 -21.68 -37.38
CA VAL A 127 -38.87 -20.38 -37.04
C VAL A 127 -38.74 -20.16 -35.55
N ILE A 128 -38.15 -19.02 -35.17
CA ILE A 128 -38.10 -18.58 -33.78
C ILE A 128 -39.13 -17.47 -33.64
N LYS A 129 -40.20 -17.74 -32.90
CA LYS A 129 -41.36 -16.88 -32.81
C LYS A 129 -41.49 -16.35 -31.39
N VAL A 130 -41.56 -15.03 -31.24
CA VAL A 130 -41.64 -14.39 -29.92
C VAL A 130 -42.82 -13.42 -29.94
N CYS A 131 -43.91 -13.80 -29.29
CA CYS A 131 -45.08 -12.94 -29.15
C CYS A 131 -45.75 -13.23 -27.81
N GLU A 132 -46.65 -12.33 -27.41
CA GLU A 132 -47.46 -12.55 -26.22
C GLU A 132 -48.53 -13.58 -26.57
N PHE A 133 -48.22 -14.86 -26.34
CA PHE A 133 -48.97 -15.96 -26.92
C PHE A 133 -49.93 -16.57 -25.91
N GLN A 134 -51.16 -16.83 -26.37
CA GLN A 134 -52.14 -17.57 -25.59
C GLN A 134 -51.92 -19.07 -25.86
N PHE A 135 -51.26 -19.73 -24.92
CA PHE A 135 -50.93 -21.15 -25.08
C PHE A 135 -52.04 -22.00 -24.47
N CYS A 136 -52.61 -22.90 -25.26
CA CYS A 136 -53.59 -23.82 -24.71
C CYS A 136 -52.90 -24.88 -23.85
N ASN A 137 -53.69 -25.53 -23.01
CA ASN A 137 -53.15 -26.48 -22.05
C ASN A 137 -52.51 -27.70 -22.72
N ASP A 138 -52.82 -27.96 -23.98
CA ASP A 138 -52.24 -29.07 -24.74
C ASP A 138 -51.76 -28.55 -26.08
N PRO A 139 -50.61 -27.85 -26.10
CA PRO A 139 -50.07 -27.37 -27.38
C PRO A 139 -49.22 -28.41 -28.08
N PHE A 140 -49.57 -28.74 -29.32
CA PHE A 140 -48.86 -29.76 -30.07
C PHE A 140 -49.03 -29.51 -31.56
N LEU A 141 -48.16 -30.13 -32.35
CA LEU A 141 -48.21 -30.03 -33.80
C LEU A 141 -48.79 -31.31 -34.38
N GLY A 142 -49.83 -31.16 -35.21
CA GLY A 142 -50.47 -32.32 -35.79
C GLY A 142 -49.67 -32.93 -36.92
N VAL A 143 -49.78 -34.25 -37.04
CA VAL A 143 -49.18 -35.01 -38.13
C VAL A 143 -50.16 -36.10 -38.50
N TYR A 144 -50.78 -35.99 -39.68
CA TYR A 144 -51.66 -37.04 -40.14
C TYR A 144 -50.86 -38.25 -40.60
N TYR A 145 -51.54 -39.38 -40.77
CA TYR A 145 -50.89 -40.67 -40.97
C TYR A 145 -51.35 -41.31 -42.27
N HIS A 146 -50.44 -41.39 -43.25
CA HIS A 146 -50.56 -42.26 -44.41
C HIS A 146 -51.87 -42.02 -45.18
N LYS A 147 -51.96 -40.83 -45.77
CA LYS A 147 -53.16 -40.45 -46.50
C LYS A 147 -53.17 -41.03 -47.91
N ASN A 148 -52.93 -42.34 -48.01
CA ASN A 148 -52.88 -43.05 -49.29
C ASN A 148 -51.85 -42.47 -50.26
N ASN A 149 -50.92 -41.65 -49.75
CA ASN A 149 -49.87 -41.05 -50.56
C ASN A 149 -48.51 -41.65 -50.27
N LYS A 150 -48.48 -42.86 -49.68
CA LYS A 150 -47.25 -43.59 -49.34
C LYS A 150 -46.22 -42.73 -48.62
N SER A 151 -46.69 -41.69 -47.94
CA SER A 151 -45.81 -40.80 -47.19
C SER A 151 -46.63 -40.05 -46.15
N TRP A 152 -45.95 -39.59 -45.10
CA TRP A 152 -46.59 -38.80 -44.05
C TRP A 152 -46.43 -37.32 -44.36
N MET A 153 -47.53 -36.59 -44.24
CA MET A 153 -47.54 -35.14 -44.44
C MET A 153 -47.89 -34.44 -43.13
N GLU A 154 -47.59 -33.15 -43.08
CA GLU A 154 -47.73 -32.35 -41.87
C GLU A 154 -48.74 -31.24 -42.09
N SER A 155 -49.58 -31.01 -41.08
CA SER A 155 -50.58 -29.95 -41.07
C SER A 155 -51.23 -29.95 -39.70
N GLU A 156 -52.14 -29.00 -39.49
CA GLU A 156 -52.99 -28.97 -38.30
C GLU A 156 -52.16 -28.84 -37.02
N PHE A 157 -51.31 -27.81 -37.00
CA PHE A 157 -50.48 -27.53 -35.84
C PHE A 157 -51.23 -26.62 -34.87
N ARG A 158 -51.30 -27.02 -33.61
CA ARG A 158 -52.04 -26.30 -32.58
C ARG A 158 -51.13 -26.03 -31.39
N VAL A 159 -50.40 -24.93 -31.45
CA VAL A 159 -49.51 -24.54 -30.36
C VAL A 159 -50.00 -23.29 -29.63
N TYR A 160 -50.63 -22.35 -30.33
CA TYR A 160 -51.19 -21.16 -29.70
C TYR A 160 -52.59 -20.95 -30.24
N SER A 161 -53.16 -19.78 -29.94
CA SER A 161 -54.44 -19.36 -30.48
C SER A 161 -54.33 -18.12 -31.36
N SER A 162 -53.72 -17.05 -30.85
CA SER A 162 -53.61 -15.81 -31.59
C SER A 162 -52.25 -15.18 -31.32
N ALA A 163 -51.85 -14.29 -32.24
CA ALA A 163 -50.61 -13.52 -32.12
C ALA A 163 -51.00 -12.09 -31.79
N ASN A 164 -50.75 -11.68 -30.54
CA ASN A 164 -51.20 -10.38 -30.06
C ASN A 164 -50.12 -9.30 -30.23
N ASN A 165 -48.97 -9.50 -29.59
CA ASN A 165 -47.88 -8.53 -29.60
C ASN A 165 -46.61 -9.24 -30.07
N CYS A 166 -46.36 -9.22 -31.37
CA CYS A 166 -45.23 -9.91 -31.97
C CYS A 166 -44.08 -8.94 -32.20
N THR A 167 -42.89 -9.31 -31.75
CA THR A 167 -41.72 -8.43 -31.79
C THR A 167 -40.53 -9.03 -32.51
N PHE A 168 -40.22 -10.30 -32.28
CA PHE A 168 -38.94 -10.90 -32.65
C PHE A 168 -39.22 -12.22 -33.34
N GLU A 169 -39.03 -12.27 -34.67
CA GLU A 169 -39.64 -13.33 -35.47
C GLU A 169 -38.74 -13.74 -36.63
N TYR A 170 -37.42 -13.78 -36.43
CA TYR A 170 -36.60 -14.09 -37.61
C TYR A 170 -36.67 -15.57 -37.92
N VAL A 171 -36.28 -15.91 -39.15
CA VAL A 171 -36.24 -17.29 -39.62
C VAL A 171 -34.78 -17.67 -39.84
N SER A 172 -34.35 -18.76 -39.21
CA SER A 172 -33.01 -19.27 -39.38
C SER A 172 -32.98 -20.34 -40.48
N GLN A 173 -31.87 -21.06 -40.57
CA GLN A 173 -31.66 -22.19 -41.45
C GLN A 173 -31.83 -23.50 -40.68
N PRO A 174 -32.25 -24.57 -41.35
CA PRO A 174 -32.55 -25.82 -40.64
C PRO A 174 -31.32 -26.38 -39.92
N PHE A 175 -31.58 -26.97 -38.75
CA PHE A 175 -30.55 -27.61 -37.94
C PHE A 175 -30.85 -29.08 -37.70
N LEU A 176 -31.71 -29.68 -38.52
CA LEU A 176 -32.22 -31.03 -38.30
C LEU A 176 -31.24 -32.03 -38.89
N MET A 177 -30.48 -32.70 -38.03
CA MET A 177 -29.59 -33.78 -38.48
C MET A 177 -30.01 -35.10 -37.83
N ASN A 185 -32.51 -48.91 -33.61
CA ASN A 185 -32.90 -47.99 -32.54
C ASN A 185 -32.47 -46.57 -32.87
N PHE A 186 -32.36 -45.73 -31.84
CA PHE A 186 -32.01 -44.34 -32.03
C PHE A 186 -30.60 -44.20 -32.59
N LYS A 187 -30.41 -43.21 -33.46
CA LYS A 187 -29.13 -42.97 -34.10
C LYS A 187 -28.69 -41.52 -34.10
N ASN A 188 -29.50 -40.60 -33.59
CA ASN A 188 -29.17 -39.18 -33.58
C ASN A 188 -29.25 -38.63 -32.16
N LEU A 189 -28.28 -37.77 -31.82
CA LEU A 189 -28.25 -37.09 -30.53
C LEU A 189 -28.46 -35.60 -30.75
N ARG A 190 -29.40 -35.04 -29.99
CA ARG A 190 -29.81 -33.64 -30.15
C ARG A 190 -29.70 -32.90 -28.83
N GLU A 191 -28.56 -33.05 -28.16
CA GLU A 191 -28.35 -32.43 -26.87
C GLU A 191 -28.33 -30.91 -26.99
N PHE A 192 -29.28 -30.25 -26.34
CA PHE A 192 -29.41 -28.80 -26.39
C PHE A 192 -29.34 -28.24 -24.98
N VAL A 193 -28.66 -27.10 -24.84
CA VAL A 193 -28.60 -26.38 -23.56
C VAL A 193 -29.18 -25.00 -23.77
N PHE A 194 -30.15 -24.64 -22.93
CA PHE A 194 -30.81 -23.34 -23.00
C PHE A 194 -30.44 -22.54 -21.76
N LYS A 195 -29.84 -21.37 -21.97
CA LYS A 195 -29.48 -20.47 -20.89
C LYS A 195 -29.96 -19.06 -21.24
N ASN A 196 -30.51 -18.36 -20.24
CA ASN A 196 -31.00 -17.00 -20.41
C ASN A 196 -30.30 -16.11 -19.39
N ILE A 197 -29.29 -15.38 -19.83
CA ILE A 197 -28.51 -14.49 -18.98
C ILE A 197 -28.67 -13.07 -19.49
N ASP A 198 -29.04 -12.15 -18.60
CA ASP A 198 -29.25 -10.74 -18.93
C ASP A 198 -30.28 -10.57 -20.05
N GLY A 199 -31.23 -11.49 -20.14
CA GLY A 199 -32.20 -11.48 -21.21
C GLY A 199 -31.73 -12.10 -22.50
N TYR A 200 -30.49 -12.59 -22.56
CA TYR A 200 -29.96 -13.20 -23.77
C TYR A 200 -30.18 -14.71 -23.72
N PHE A 201 -30.98 -15.23 -24.64
CA PHE A 201 -31.26 -16.65 -24.71
C PHE A 201 -30.18 -17.33 -25.55
N LYS A 202 -29.47 -18.26 -24.94
CA LYS A 202 -28.37 -18.97 -25.57
C LYS A 202 -28.75 -20.42 -25.83
N ILE A 203 -28.40 -20.92 -27.01
CA ILE A 203 -28.71 -22.28 -27.42
C ILE A 203 -27.43 -22.95 -27.89
N TYR A 204 -27.11 -24.10 -27.30
CA TYR A 204 -25.95 -24.89 -27.66
C TYR A 204 -26.41 -26.24 -28.18
N SER A 205 -25.56 -26.88 -29.00
CA SER A 205 -25.98 -28.11 -29.66
C SER A 205 -24.78 -28.96 -30.01
N LYS A 206 -25.05 -30.24 -30.27
CA LYS A 206 -24.08 -31.18 -30.81
C LYS A 206 -24.76 -32.45 -31.28
N HIS A 207 -24.44 -32.90 -32.48
CA HIS A 207 -25.03 -34.10 -33.07
C HIS A 207 -23.93 -35.13 -33.31
N THR A 208 -24.19 -36.37 -32.89
CA THR A 208 -23.24 -37.45 -33.08
C THR A 208 -24.01 -38.77 -33.03
N PRO A 209 -23.58 -39.77 -33.81
CA PRO A 209 -24.29 -41.05 -33.80
C PRO A 209 -24.18 -41.75 -32.46
N ILE A 210 -25.22 -42.53 -32.15
CA ILE A 210 -25.29 -43.31 -30.92
C ILE A 210 -25.45 -44.78 -31.28
N ASN A 211 -24.65 -45.63 -30.66
CA ASN A 211 -24.68 -47.08 -30.89
C ASN A 211 -25.22 -47.75 -29.63
N LEU A 212 -26.50 -48.10 -29.66
CA LEU A 212 -27.19 -48.72 -28.53
C LEU A 212 -27.00 -47.83 -27.30
N VAL A 213 -26.88 -48.44 -26.12
CA VAL A 213 -26.79 -47.72 -24.86
C VAL A 213 -28.01 -46.83 -24.72
N ARG A 214 -29.11 -47.40 -24.24
CA ARG A 214 -30.38 -46.68 -24.20
C ARG A 214 -30.31 -45.45 -23.30
N ASP A 215 -29.44 -45.46 -22.29
CA ASP A 215 -29.20 -44.29 -21.47
C ASP A 215 -28.31 -43.29 -22.22
N LEU A 216 -27.88 -42.26 -21.49
CA LEU A 216 -26.98 -41.28 -22.06
C LEU A 216 -25.65 -41.93 -22.42
N PRO A 217 -25.13 -41.70 -23.63
CA PRO A 217 -23.91 -42.40 -24.05
C PRO A 217 -22.72 -42.06 -23.17
N GLN A 218 -21.81 -43.02 -23.05
CA GLN A 218 -20.59 -42.86 -22.27
C GLN A 218 -19.51 -42.22 -23.15
N GLY A 219 -19.63 -40.91 -23.32
CA GLY A 219 -18.68 -40.17 -24.12
C GLY A 219 -18.80 -38.68 -23.83
N PHE A 220 -17.73 -37.96 -24.13
CA PHE A 220 -17.65 -36.53 -23.84
C PHE A 220 -17.79 -35.75 -25.14
N SER A 221 -18.79 -34.87 -25.19
CA SER A 221 -19.03 -34.01 -26.34
C SER A 221 -19.22 -32.58 -25.86
N ALA A 222 -18.76 -31.63 -26.66
CA ALA A 222 -18.87 -30.22 -26.34
C ALA A 222 -19.94 -29.58 -27.21
N LEU A 223 -20.85 -28.85 -26.60
CA LEU A 223 -22.00 -28.27 -27.28
C LEU A 223 -21.64 -26.87 -27.78
N GLU A 224 -21.39 -26.74 -29.08
CA GLU A 224 -21.09 -25.45 -29.66
C GLU A 224 -22.34 -24.57 -29.67
N PRO A 225 -22.22 -23.29 -29.33
CA PRO A 225 -23.40 -22.41 -29.35
C PRO A 225 -23.94 -22.25 -30.76
N LEU A 226 -25.26 -22.05 -30.85
CA LEU A 226 -25.94 -21.88 -32.12
C LEU A 226 -26.43 -20.44 -32.30
N VAL A 227 -27.25 -19.94 -31.37
CA VAL A 227 -27.84 -18.62 -31.50
C VAL A 227 -27.76 -17.87 -30.18
N ASP A 228 -27.90 -16.55 -30.26
CA ASP A 228 -28.02 -15.68 -29.10
C ASP A 228 -29.20 -14.75 -29.34
N LEU A 229 -30.15 -14.76 -28.41
CA LEU A 229 -31.43 -14.11 -28.61
C LEU A 229 -31.58 -12.90 -27.68
N PRO A 230 -31.73 -11.70 -28.21
CA PRO A 230 -31.95 -10.51 -27.36
C PRO A 230 -33.41 -10.34 -26.94
N ILE A 231 -33.94 -11.36 -26.27
CA ILE A 231 -35.34 -11.35 -25.87
C ILE A 231 -35.57 -10.31 -24.76
N GLY A 232 -34.71 -10.33 -23.75
CA GLY A 232 -34.81 -9.36 -22.68
C GLY A 232 -35.99 -9.53 -21.74
N ILE A 233 -36.55 -10.74 -21.66
CA ILE A 233 -37.68 -11.01 -20.79
C ILE A 233 -37.30 -12.05 -19.75
N ASN A 234 -38.24 -12.39 -18.87
CA ASN A 234 -38.05 -13.41 -17.86
C ASN A 234 -38.68 -14.71 -18.30
N ILE A 235 -37.92 -15.80 -18.24
CA ILE A 235 -38.42 -17.13 -18.52
C ILE A 235 -38.29 -17.95 -17.24
N THR A 236 -39.42 -18.43 -16.73
CA THR A 236 -39.46 -19.18 -15.47
C THR A 236 -39.87 -20.63 -15.64
N ARG A 237 -40.69 -20.94 -16.64
CA ARG A 237 -41.11 -22.31 -16.92
C ARG A 237 -41.01 -22.54 -18.42
N PHE A 238 -40.87 -23.81 -18.79
CA PHE A 238 -40.78 -24.16 -20.21
C PHE A 238 -41.71 -25.33 -20.49
N GLN A 239 -41.68 -25.79 -21.75
CA GLN A 239 -42.47 -26.94 -22.18
C GLN A 239 -41.92 -27.41 -23.52
N THR A 240 -41.88 -28.73 -23.70
CA THR A 240 -41.43 -29.30 -24.95
C THR A 240 -42.60 -29.48 -25.91
N LEU A 241 -42.28 -29.53 -27.20
CA LEU A 241 -43.27 -29.67 -28.26
C LEU A 241 -42.93 -30.87 -29.11
N LEU A 242 -43.93 -31.71 -29.39
CA LEU A 242 -43.76 -32.91 -30.19
C LEU A 242 -44.82 -32.94 -31.29
N ALA A 243 -44.58 -33.80 -32.27
CA ALA A 243 -45.53 -33.98 -33.37
C ALA A 243 -46.65 -34.92 -32.94
N LEU A 244 -47.58 -35.17 -33.84
CA LEU A 244 -48.69 -36.07 -33.57
C LEU A 244 -48.47 -37.40 -34.28
N SER A 254 -58.29 -39.66 -33.06
CA SER A 254 -57.84 -38.29 -33.27
C SER A 254 -57.10 -37.76 -32.03
N SER A 255 -57.86 -37.49 -30.98
CA SER A 255 -57.31 -36.97 -29.72
C SER A 255 -57.44 -37.95 -28.57
N SER A 256 -58.66 -38.42 -28.29
CA SER A 256 -58.88 -39.37 -27.21
C SER A 256 -58.57 -40.78 -27.69
N GLY A 257 -57.85 -41.54 -26.86
CA GLY A 257 -57.45 -42.88 -27.24
C GLY A 257 -56.45 -42.89 -28.38
N TRP A 258 -55.25 -42.35 -28.13
CA TRP A 258 -54.22 -42.23 -29.15
C TRP A 258 -52.88 -42.65 -28.58
N THR A 259 -51.99 -43.09 -29.47
CA THR A 259 -50.67 -43.57 -29.11
C THR A 259 -49.60 -42.63 -29.67
N ALA A 260 -48.67 -42.24 -28.83
CA ALA A 260 -47.59 -41.35 -29.23
C ALA A 260 -46.47 -42.12 -29.92
N GLY A 261 -45.82 -41.46 -30.88
CA GLY A 261 -44.70 -42.08 -31.56
C GLY A 261 -43.51 -42.27 -30.64
N ALA A 262 -42.70 -43.29 -30.95
CA ALA A 262 -41.57 -43.65 -30.10
C ALA A 262 -40.60 -42.49 -29.96
N ALA A 263 -40.45 -42.00 -28.73
CA ALA A 263 -39.58 -40.87 -28.46
C ALA A 263 -39.09 -40.94 -27.02
N ALA A 264 -37.99 -40.23 -26.76
CA ALA A 264 -37.42 -40.16 -25.42
C ALA A 264 -36.50 -38.95 -25.35
N TYR A 265 -36.79 -38.02 -24.45
CA TYR A 265 -36.02 -36.80 -24.31
C TYR A 265 -35.70 -36.57 -22.84
N TYR A 266 -34.57 -35.90 -22.60
CA TYR A 266 -33.99 -35.80 -21.27
C TYR A 266 -34.06 -34.36 -20.79
N VAL A 267 -34.35 -34.18 -19.50
CA VAL A 267 -34.47 -32.86 -18.91
C VAL A 267 -33.65 -32.81 -17.64
N GLY A 268 -32.61 -31.96 -17.63
CA GLY A 268 -31.82 -31.75 -16.43
C GLY A 268 -31.75 -30.27 -16.10
N TYR A 269 -31.48 -30.00 -14.84
CA TYR A 269 -31.47 -28.64 -14.32
C TYR A 269 -30.06 -28.24 -13.93
N LEU A 270 -29.66 -27.03 -14.31
CA LEU A 270 -28.30 -26.54 -14.11
C LEU A 270 -28.23 -25.62 -12.89
N GLN A 271 -27.14 -25.75 -12.15
CA GLN A 271 -26.83 -24.91 -11.00
C GLN A 271 -25.38 -24.45 -11.11
N PRO A 272 -25.04 -23.31 -10.51
CA PRO A 272 -23.67 -22.78 -10.67
C PRO A 272 -22.61 -23.62 -9.98
N ARG A 273 -21.78 -24.29 -10.77
CA ARG A 273 -20.69 -25.10 -10.24
C ARG A 273 -19.46 -24.92 -11.12
N THR A 274 -18.30 -24.79 -10.49
CA THR A 274 -17.05 -24.61 -11.20
C THR A 274 -16.64 -25.90 -11.91
N PHE A 275 -16.00 -25.74 -13.07
CA PHE A 275 -15.49 -26.85 -13.85
C PHE A 275 -14.01 -26.62 -14.17
N LEU A 276 -13.43 -27.58 -14.87
CA LEU A 276 -12.05 -27.50 -15.34
C LEU A 276 -12.01 -28.10 -16.74
N LEU A 277 -12.05 -27.25 -17.75
CA LEU A 277 -12.18 -27.66 -19.14
C LEU A 277 -10.80 -27.75 -19.79
N LYS A 278 -10.55 -28.88 -20.45
CA LYS A 278 -9.27 -29.12 -21.12
C LYS A 278 -9.43 -28.94 -22.62
N TYR A 279 -8.61 -28.07 -23.19
CA TYR A 279 -8.61 -27.79 -24.62
C TYR A 279 -7.40 -28.45 -25.27
N ASN A 280 -7.62 -29.02 -26.46
CA ASN A 280 -6.54 -29.66 -27.20
C ASN A 280 -5.91 -28.64 -28.15
N GLU A 281 -5.05 -29.12 -29.05
CA GLU A 281 -4.44 -28.23 -30.03
C GLU A 281 -5.50 -27.64 -30.96
N ASN A 282 -6.47 -28.44 -31.38
CA ASN A 282 -7.55 -27.95 -32.24
C ASN A 282 -8.44 -26.95 -31.52
N GLY A 283 -8.43 -26.93 -30.19
CA GLY A 283 -9.24 -26.00 -29.43
C GLY A 283 -10.57 -26.53 -28.95
N THR A 284 -10.84 -27.83 -29.14
CA THR A 284 -12.08 -28.41 -28.67
C THR A 284 -11.90 -29.05 -27.30
N ILE A 285 -12.96 -29.02 -26.50
CA ILE A 285 -12.92 -29.51 -25.13
C ILE A 285 -13.00 -31.03 -25.18
N THR A 286 -11.85 -31.70 -25.08
CA THR A 286 -11.82 -33.15 -25.13
C THR A 286 -12.15 -33.80 -23.79
N ASP A 287 -12.10 -33.05 -22.70
CA ASP A 287 -12.37 -33.59 -21.37
C ASP A 287 -12.59 -32.45 -20.40
N ALA A 288 -13.28 -32.75 -19.31
CA ALA A 288 -13.55 -31.78 -18.26
C ALA A 288 -13.68 -32.50 -16.93
N VAL A 289 -13.52 -31.73 -15.84
CA VAL A 289 -13.60 -32.24 -14.48
C VAL A 289 -14.52 -31.33 -13.69
N ASP A 290 -15.45 -31.92 -12.94
CA ASP A 290 -16.35 -31.16 -12.08
C ASP A 290 -15.61 -30.81 -10.79
N CYS A 291 -15.43 -29.50 -10.55
CA CYS A 291 -14.59 -29.06 -9.44
C CYS A 291 -15.15 -29.46 -8.07
N ALA A 292 -16.42 -29.84 -7.99
CA ALA A 292 -17.04 -30.18 -6.72
C ALA A 292 -17.63 -31.58 -6.68
N LEU A 293 -17.21 -32.46 -7.59
CA LEU A 293 -17.79 -33.79 -7.66
C LEU A 293 -17.32 -34.66 -6.49
N ASP A 294 -16.02 -34.92 -6.41
CA ASP A 294 -15.45 -35.77 -5.38
C ASP A 294 -14.10 -35.20 -4.95
N PRO A 295 -13.50 -35.67 -3.86
CA PRO A 295 -12.21 -35.09 -3.43
C PRO A 295 -11.12 -35.15 -4.48
N LEU A 296 -11.06 -36.22 -5.27
CA LEU A 296 -10.09 -36.28 -6.34
C LEU A 296 -10.30 -35.17 -7.35
N SER A 297 -11.56 -34.92 -7.72
CA SER A 297 -11.85 -33.82 -8.64
C SER A 297 -11.52 -32.48 -8.01
N GLU A 298 -11.76 -32.32 -6.71
CA GLU A 298 -11.41 -31.08 -6.03
C GLU A 298 -9.89 -30.84 -6.09
N THR A 299 -9.11 -31.89 -5.86
CA THR A 299 -7.66 -31.75 -5.93
C THR A 299 -7.19 -31.46 -7.35
N LYS A 300 -7.81 -32.10 -8.34
CA LYS A 300 -7.49 -31.77 -9.73
C LYS A 300 -7.81 -30.31 -10.03
N CYS A 301 -8.94 -29.83 -9.51
CA CYS A 301 -9.33 -28.44 -9.72
C CYS A 301 -8.36 -27.47 -9.05
N THR A 302 -7.88 -27.82 -7.86
CA THR A 302 -6.91 -26.97 -7.18
C THR A 302 -5.56 -26.96 -7.89
N LEU A 303 -5.10 -28.13 -8.34
CA LEU A 303 -3.83 -28.23 -9.04
C LEU A 303 -3.90 -27.75 -10.49
N LYS A 304 -5.10 -27.49 -11.01
CA LYS A 304 -5.29 -27.05 -12.39
C LYS A 304 -4.75 -28.08 -13.38
N SER A 305 -4.75 -29.35 -12.98
CA SER A 305 -4.27 -30.43 -13.82
C SER A 305 -5.22 -31.62 -13.73
N PHE A 306 -5.19 -32.47 -14.75
CA PHE A 306 -6.02 -33.66 -14.74
C PHE A 306 -5.35 -34.83 -14.05
N THR A 307 -4.04 -35.02 -14.27
CA THR A 307 -3.28 -36.04 -13.56
C THR A 307 -2.70 -35.45 -12.28
N VAL A 308 -2.72 -36.25 -11.22
CA VAL A 308 -2.31 -35.81 -9.89
C VAL A 308 -1.17 -36.69 -9.42
N GLU A 309 -0.07 -36.07 -9.02
CA GLU A 309 1.06 -36.80 -8.49
C GLU A 309 0.75 -37.32 -7.09
N LYS A 310 1.50 -38.34 -6.67
CA LYS A 310 1.33 -38.91 -5.36
C LYS A 310 1.67 -37.90 -4.27
N GLY A 311 0.82 -37.84 -3.24
CA GLY A 311 1.08 -36.98 -2.11
C GLY A 311 -0.22 -36.50 -1.49
N ILE A 312 -0.08 -35.55 -0.58
CA ILE A 312 -1.20 -34.93 0.12
C ILE A 312 -1.35 -33.50 -0.36
N TYR A 313 -2.58 -33.11 -0.68
CA TYR A 313 -2.87 -31.79 -1.25
C TYR A 313 -3.95 -31.11 -0.42
N GLN A 314 -3.64 -29.90 0.04
CA GLN A 314 -4.64 -29.09 0.73
C GLN A 314 -5.71 -28.62 -0.23
N THR A 315 -6.95 -28.60 0.22
CA THR A 315 -8.09 -28.28 -0.63
C THR A 315 -8.97 -27.30 0.16
N SER A 316 -10.18 -27.04 -0.35
CA SER A 316 -11.06 -26.07 0.28
C SER A 316 -11.42 -26.48 1.71
N ASN A 317 -11.69 -25.47 2.54
CA ASN A 317 -11.84 -25.70 3.97
C ASN A 317 -13.17 -26.35 4.29
N PHE A 318 -13.27 -26.82 5.53
CA PHE A 318 -14.45 -27.48 6.06
C PHE A 318 -15.12 -26.61 7.11
N ARG A 319 -16.44 -26.66 7.16
CA ARG A 319 -17.19 -25.92 8.17
C ARG A 319 -18.57 -26.54 8.32
N VAL A 320 -19.19 -26.26 9.46
CA VAL A 320 -20.54 -26.72 9.77
C VAL A 320 -21.48 -25.54 9.66
N GLN A 321 -22.46 -25.65 8.77
CA GLN A 321 -23.38 -24.54 8.56
C GLN A 321 -24.45 -24.50 9.65
N PRO A 322 -25.00 -23.33 9.95
CA PRO A 322 -26.07 -23.25 10.96
C PRO A 322 -27.32 -23.98 10.52
N THR A 323 -28.06 -24.51 11.50
CA THR A 323 -29.25 -25.28 11.23
C THR A 323 -30.55 -24.54 11.56
N GLU A 324 -30.50 -23.47 12.34
CA GLU A 324 -31.69 -22.74 12.74
C GLU A 324 -31.25 -21.43 13.37
N SER A 325 -32.08 -20.40 13.24
CA SER A 325 -31.72 -19.05 13.66
C SER A 325 -32.58 -18.64 14.86
N ILE A 326 -31.92 -18.21 15.93
CA ILE A 326 -32.60 -17.81 17.15
C ILE A 326 -32.49 -16.31 17.33
N VAL A 327 -33.50 -15.73 17.96
CA VAL A 327 -33.54 -14.30 18.27
C VAL A 327 -33.97 -14.14 19.72
N ARG A 328 -33.22 -13.34 20.48
CA ARG A 328 -33.49 -13.15 21.90
C ARG A 328 -33.46 -11.65 22.22
N PHE A 329 -34.62 -11.06 22.45
CA PHE A 329 -34.78 -9.68 22.85
C PHE A 329 -35.54 -9.60 24.17
N PRO A 330 -35.30 -8.57 24.98
CA PRO A 330 -36.10 -8.40 26.20
C PRO A 330 -37.57 -8.20 25.87
N ASN A 331 -38.43 -8.75 26.72
CA ASN A 331 -39.87 -8.77 26.46
C ASN A 331 -40.56 -7.55 27.06
N ILE A 332 -40.07 -6.38 26.69
CA ILE A 332 -40.77 -5.14 27.00
C ILE A 332 -41.91 -4.96 26.00
N THR A 333 -43.06 -4.50 26.49
CA THR A 333 -44.25 -4.40 25.65
C THR A 333 -44.70 -2.98 25.40
N ASN A 334 -44.19 -2.00 26.13
CA ASN A 334 -44.64 -0.61 25.95
C ASN A 334 -44.05 -0.03 24.68
N LEU A 335 -44.92 0.45 23.80
CA LEU A 335 -44.46 1.09 22.57
C LEU A 335 -43.81 2.43 22.88
N CYS A 336 -42.76 2.75 22.13
CA CYS A 336 -42.06 4.01 22.34
C CYS A 336 -42.97 5.19 21.99
N PRO A 337 -42.80 6.34 22.67
CA PRO A 337 -43.68 7.49 22.49
C PRO A 337 -43.43 8.29 21.21
N PHE A 338 -43.24 7.58 20.10
CA PHE A 338 -42.98 8.24 18.83
C PHE A 338 -44.16 9.10 18.38
N GLY A 339 -45.37 8.78 18.81
CA GLY A 339 -46.53 9.57 18.45
C GLY A 339 -46.39 11.03 18.83
N GLU A 340 -46.16 11.31 20.12
CA GLU A 340 -45.95 12.68 20.55
C GLU A 340 -44.52 13.14 20.32
N VAL A 341 -43.58 12.23 20.05
CA VAL A 341 -42.24 12.67 19.66
C VAL A 341 -42.29 13.36 18.30
N PHE A 342 -43.08 12.82 17.36
CA PHE A 342 -43.11 13.31 15.99
C PHE A 342 -44.26 14.26 15.72
N ASN A 343 -45.49 13.90 16.11
CA ASN A 343 -46.66 14.71 15.82
C ASN A 343 -46.94 15.75 16.90
N ALA A 344 -45.93 16.16 17.65
CA ALA A 344 -46.12 17.20 18.64
C ALA A 344 -46.46 18.52 17.96
N THR A 345 -47.47 19.21 18.50
CA THR A 345 -47.92 20.46 17.89
C THR A 345 -46.94 21.59 18.12
N ARG A 346 -46.22 21.55 19.24
CA ARG A 346 -45.35 22.64 19.66
C ARG A 346 -43.90 22.18 19.47
N PHE A 347 -43.33 22.52 18.31
CA PHE A 347 -41.90 22.34 18.09
C PHE A 347 -41.17 23.63 18.41
N ALA A 348 -40.19 23.55 19.30
CA ALA A 348 -39.50 24.74 19.79
C ALA A 348 -38.55 25.29 18.73
N SER A 349 -37.95 26.44 19.06
CA SER A 349 -37.02 27.08 18.15
C SER A 349 -35.75 26.25 17.98
N VAL A 350 -34.96 26.60 16.97
CA VAL A 350 -33.77 25.82 16.64
C VAL A 350 -32.71 25.94 17.73
N TYR A 351 -32.56 27.13 18.33
CA TYR A 351 -31.60 27.26 19.42
C TYR A 351 -32.13 26.69 20.72
N ALA A 352 -33.40 26.31 20.76
CA ALA A 352 -33.97 25.65 21.93
C ALA A 352 -34.50 24.28 21.51
N TRP A 353 -33.68 23.52 20.78
CA TRP A 353 -34.10 22.23 20.27
C TRP A 353 -34.51 21.31 21.41
N ASN A 354 -35.67 20.65 21.25
CA ASN A 354 -36.26 19.84 22.30
C ASN A 354 -35.60 18.46 22.29
N ARG A 355 -34.84 18.16 23.35
CA ARG A 355 -34.17 16.88 23.49
C ARG A 355 -35.00 16.01 24.43
N LYS A 356 -35.54 14.91 23.92
CA LYS A 356 -36.36 14.00 24.69
C LYS A 356 -35.65 12.66 24.84
N ARG A 357 -35.78 12.07 26.02
CA ARG A 357 -35.15 10.79 26.33
C ARG A 357 -36.07 9.65 25.94
N ILE A 358 -35.55 8.73 25.11
CA ILE A 358 -36.31 7.56 24.67
C ILE A 358 -35.56 6.32 25.14
N SER A 359 -36.21 5.52 25.96
CA SER A 359 -35.58 4.32 26.51
C SER A 359 -36.66 3.40 27.07
N ASN A 360 -36.28 2.13 27.25
CA ASN A 360 -37.13 1.12 27.89
C ASN A 360 -38.47 0.99 27.19
N CYS A 361 -38.44 0.93 25.87
CA CYS A 361 -39.63 0.74 25.08
C CYS A 361 -39.27 0.10 23.75
N VAL A 362 -40.27 -0.50 23.11
CA VAL A 362 -40.11 -1.09 21.79
C VAL A 362 -40.41 -0.01 20.75
N ALA A 363 -39.44 0.29 19.90
CA ALA A 363 -39.56 1.34 18.89
C ALA A 363 -39.78 0.70 17.53
N ASP A 364 -40.93 0.98 16.92
CA ASP A 364 -41.27 0.47 15.60
C ASP A 364 -40.97 1.57 14.59
N TYR A 365 -39.83 1.45 13.90
CA TYR A 365 -39.43 2.44 12.92
C TYR A 365 -40.07 2.20 11.55
N SER A 366 -40.72 1.06 11.35
CA SER A 366 -41.33 0.76 10.05
C SER A 366 -42.42 1.77 9.72
N VAL A 367 -43.27 2.11 10.71
CA VAL A 367 -44.35 3.06 10.47
C VAL A 367 -43.80 4.42 10.06
N LEU A 368 -42.62 4.78 10.56
CA LEU A 368 -41.98 6.01 10.12
C LEU A 368 -41.41 5.88 8.73
N TYR A 369 -40.75 4.76 8.44
CA TYR A 369 -40.06 4.62 7.16
C TYR A 369 -41.04 4.45 6.00
N ASN A 370 -42.05 3.60 6.17
CA ASN A 370 -42.98 3.35 5.08
C ASN A 370 -43.84 4.57 4.77
N SER A 371 -44.18 5.36 5.79
CA SER A 371 -44.95 6.58 5.59
C SER A 371 -44.08 7.61 4.86
N ALA A 372 -44.41 7.86 3.60
CA ALA A 372 -43.62 8.76 2.75
C ALA A 372 -43.95 10.23 2.97
N SER A 373 -44.61 10.57 4.09
CA SER A 373 -44.94 11.96 4.36
C SER A 373 -43.71 12.82 4.64
N PHE A 374 -42.55 12.22 4.84
CA PHE A 374 -41.33 12.96 5.10
C PHE A 374 -40.57 13.22 3.80
N SER A 375 -40.02 14.42 3.67
CA SER A 375 -39.25 14.78 2.50
C SER A 375 -37.76 14.46 2.62
N THR A 376 -37.30 14.07 3.81
CA THR A 376 -35.90 13.74 4.01
C THR A 376 -35.81 12.77 5.20
N PHE A 377 -35.64 11.49 4.90
CA PHE A 377 -35.45 10.45 5.92
C PHE A 377 -34.07 9.85 5.66
N LYS A 378 -33.04 10.44 6.26
CA LYS A 378 -31.67 10.05 6.04
C LYS A 378 -31.06 9.52 7.33
N CYS A 379 -30.43 8.35 7.24
CA CYS A 379 -29.67 7.76 8.34
C CYS A 379 -28.24 7.56 7.88
N TYR A 380 -27.30 7.89 8.77
CA TYR A 380 -25.89 7.95 8.40
C TYR A 380 -25.11 6.74 8.92
N GLY A 381 -25.14 6.50 10.23
CA GLY A 381 -24.44 5.37 10.79
C GLY A 381 -25.14 4.04 10.65
N VAL A 382 -26.42 4.05 10.25
CA VAL A 382 -27.22 2.85 10.07
C VAL A 382 -28.03 3.01 8.78
N SER A 383 -28.88 2.02 8.51
CA SER A 383 -29.78 2.07 7.38
C SER A 383 -31.23 2.06 7.86
N PRO A 384 -32.10 2.85 7.24
CA PRO A 384 -33.50 2.89 7.69
C PRO A 384 -34.21 1.55 7.61
N THR A 385 -33.83 0.69 6.66
CA THR A 385 -34.53 -0.58 6.50
C THR A 385 -34.17 -1.57 7.61
N LYS A 386 -32.96 -1.48 8.16
CA LYS A 386 -32.49 -2.41 9.17
C LYS A 386 -32.79 -1.96 10.60
N LEU A 387 -33.49 -0.84 10.78
CA LEU A 387 -33.75 -0.33 12.11
C LEU A 387 -34.66 -1.24 12.92
N ASN A 388 -35.43 -2.11 12.28
CA ASN A 388 -36.35 -3.00 12.97
C ASN A 388 -35.69 -4.29 13.43
N ASP A 389 -34.36 -4.36 13.43
CA ASP A 389 -33.65 -5.55 13.88
C ASP A 389 -32.56 -5.25 14.90
N LEU A 390 -32.41 -3.99 15.31
CA LEU A 390 -31.37 -3.59 16.23
C LEU A 390 -32.00 -3.13 17.54
N CYS A 391 -31.40 -3.53 18.66
CA CYS A 391 -31.82 -3.06 19.97
C CYS A 391 -30.79 -2.04 20.46
N PHE A 392 -31.24 -0.83 20.76
CA PHE A 392 -30.36 0.31 20.97
C PHE A 392 -30.16 0.56 22.46
N THR A 393 -28.96 1.04 22.80
CA THR A 393 -28.65 1.32 24.19
C THR A 393 -29.42 2.52 24.72
N ASN A 394 -29.42 3.61 23.95
CA ASN A 394 -30.07 4.85 24.36
C ASN A 394 -30.35 5.67 23.11
N VAL A 395 -31.55 6.26 23.04
CA VAL A 395 -31.99 7.01 21.87
C VAL A 395 -32.35 8.42 22.30
N TYR A 396 -31.82 9.41 21.56
CA TYR A 396 -32.15 10.81 21.74
C TYR A 396 -33.08 11.25 20.60
N ALA A 397 -34.07 12.06 20.95
CA ALA A 397 -34.95 12.68 19.97
C ALA A 397 -34.78 14.19 20.07
N ASP A 398 -34.44 14.82 18.94
CA ASP A 398 -34.18 16.26 18.89
C ASP A 398 -35.14 16.88 17.89
N SER A 399 -36.26 17.40 18.39
CA SER A 399 -37.32 17.94 17.54
C SER A 399 -37.26 19.47 17.56
N PHE A 400 -37.29 20.07 16.37
CA PHE A 400 -37.15 21.51 16.21
C PHE A 400 -37.50 21.88 14.78
N VAL A 401 -37.48 23.18 14.50
CA VAL A 401 -37.91 23.73 13.21
C VAL A 401 -36.83 24.67 12.71
N ILE A 402 -36.48 24.54 11.42
CA ILE A 402 -35.49 25.39 10.77
C ILE A 402 -36.08 25.93 9.47
N ARG A 403 -35.28 26.78 8.81
CA ARG A 403 -35.59 27.23 7.47
C ARG A 403 -35.58 26.07 6.50
N GLY A 404 -36.42 26.15 5.47
CA GLY A 404 -36.55 25.06 4.52
C GLY A 404 -35.31 24.79 3.69
N ASP A 405 -34.32 25.68 3.73
CA ASP A 405 -33.14 25.58 2.88
C ASP A 405 -31.95 24.93 3.58
N GLU A 406 -32.12 24.45 4.82
CA GLU A 406 -31.01 23.89 5.57
C GLU A 406 -31.26 22.46 6.05
N VAL A 407 -32.36 21.83 5.62
CA VAL A 407 -32.59 20.44 5.96
C VAL A 407 -31.48 19.55 5.43
N ARG A 408 -30.97 19.87 4.23
CA ARG A 408 -29.80 19.19 3.69
C ARG A 408 -28.51 19.65 4.34
N GLN A 409 -28.55 20.78 5.05
CA GLN A 409 -27.35 21.37 5.63
C GLN A 409 -27.09 20.92 7.06
N ILE A 410 -28.12 20.46 7.78
CA ILE A 410 -27.94 20.05 9.17
C ILE A 410 -27.20 18.73 9.27
N ALA A 411 -26.78 18.18 8.13
CA ALA A 411 -26.09 16.90 8.12
C ALA A 411 -24.75 17.03 8.84
N PRO A 412 -24.27 15.95 9.48
CA PRO A 412 -22.97 16.01 10.14
C PRO A 412 -21.86 16.30 9.16
N GLY A 413 -20.91 17.13 9.58
CA GLY A 413 -19.80 17.53 8.75
C GLY A 413 -20.11 18.63 7.76
N GLN A 414 -21.33 19.16 7.76
CA GLN A 414 -21.72 20.22 6.84
C GLN A 414 -21.66 21.56 7.55
N THR A 415 -21.00 22.53 6.92
CA THR A 415 -20.87 23.87 7.49
C THR A 415 -21.98 24.77 6.97
N GLY A 416 -22.32 25.76 7.76
CA GLY A 416 -23.42 26.65 7.47
C GLY A 416 -23.96 27.27 8.73
N LYS A 417 -24.74 28.35 8.55
CA LYS A 417 -25.13 29.20 9.67
C LYS A 417 -25.89 28.43 10.73
N ILE A 418 -26.98 27.75 10.34
CA ILE A 418 -27.85 27.16 11.33
C ILE A 418 -27.14 26.01 12.05
N ALA A 419 -26.33 25.23 11.32
CA ALA A 419 -25.65 24.11 11.95
C ALA A 419 -24.55 24.59 12.89
N ASP A 420 -23.69 25.52 12.44
CA ASP A 420 -22.56 25.89 13.27
C ASP A 420 -22.93 26.90 14.34
N TYR A 421 -24.17 27.42 14.35
CA TYR A 421 -24.57 28.33 15.39
C TYR A 421 -25.68 27.80 16.30
N ASN A 422 -26.43 26.78 15.87
CA ASN A 422 -27.51 26.27 16.69
C ASN A 422 -27.37 24.79 17.03
N TYR A 423 -27.20 23.92 16.04
CA TYR A 423 -27.29 22.47 16.25
C TYR A 423 -26.14 21.74 15.56
N LYS A 424 -24.90 22.15 15.84
CA LYS A 424 -23.75 21.43 15.31
C LYS A 424 -23.81 19.96 15.71
N LEU A 425 -23.60 19.07 14.70
CA LEU A 425 -23.66 17.63 14.84
C LEU A 425 -22.26 17.04 14.88
N PRO A 426 -22.05 15.97 15.64
CA PRO A 426 -20.72 15.35 15.70
C PRO A 426 -20.36 14.68 14.37
N ASP A 427 -19.06 14.56 14.15
CA ASP A 427 -18.57 13.91 12.93
C ASP A 427 -18.90 12.43 12.90
N ASP A 428 -18.97 11.79 14.06
CA ASP A 428 -19.27 10.36 14.18
C ASP A 428 -20.74 10.11 14.51
N PHE A 429 -21.63 10.94 13.99
CA PHE A 429 -23.04 10.80 14.30
C PHE A 429 -23.60 9.52 13.70
N THR A 430 -24.32 8.75 14.52
CA THR A 430 -25.02 7.55 14.08
C THR A 430 -26.49 7.73 14.44
N GLY A 431 -27.33 7.90 13.42
CA GLY A 431 -28.74 8.13 13.66
C GLY A 431 -29.44 8.56 12.39
N CYS A 432 -30.74 8.77 12.53
CA CYS A 432 -31.61 9.11 11.41
C CYS A 432 -32.08 10.55 11.55
N VAL A 433 -31.89 11.34 10.49
CA VAL A 433 -32.37 12.72 10.44
C VAL A 433 -33.66 12.72 9.63
N ILE A 434 -34.74 13.16 10.25
CA ILE A 434 -36.08 13.10 9.67
C ILE A 434 -36.66 14.50 9.61
N ALA A 435 -37.27 14.83 8.48
CA ALA A 435 -37.94 16.12 8.32
C ALA A 435 -39.09 15.98 7.35
N TRP A 436 -40.08 16.85 7.51
CA TRP A 436 -41.23 16.89 6.62
C TRP A 436 -41.76 18.31 6.54
N ASN A 437 -42.45 18.61 5.44
CA ASN A 437 -42.97 19.95 5.22
C ASN A 437 -44.05 20.29 6.23
N SER A 438 -44.04 21.53 6.72
CA SER A 438 -45.03 22.00 7.68
C SER A 438 -45.48 23.42 7.36
N ASN A 439 -45.51 23.78 6.08
CA ASN A 439 -45.96 25.12 5.71
C ASN A 439 -47.40 25.36 6.15
N ASN A 440 -48.29 24.42 5.86
CA ASN A 440 -49.69 24.59 6.20
C ASN A 440 -49.90 24.64 7.71
N LEU A 441 -49.18 23.81 8.46
CA LEU A 441 -49.41 23.66 9.89
C LEU A 441 -48.58 24.62 10.75
N ASP A 442 -47.67 25.38 10.15
CA ASP A 442 -46.83 26.27 10.95
C ASP A 442 -46.88 27.71 10.43
N SER A 443 -46.96 27.88 9.12
CA SER A 443 -46.95 29.22 8.55
C SER A 443 -48.20 29.99 8.93
N LYS A 444 -48.02 31.27 9.24
CA LYS A 444 -49.12 32.17 9.58
C LYS A 444 -49.23 33.25 8.52
N VAL A 445 -50.46 33.53 8.08
CA VAL A 445 -50.66 34.49 7.00
C VAL A 445 -50.13 35.87 7.40
N GLY A 446 -50.29 36.23 8.67
CA GLY A 446 -49.68 37.46 9.16
C GLY A 446 -48.19 37.37 9.40
N GLY A 447 -47.62 36.17 9.28
CA GLY A 447 -46.20 35.98 9.47
C GLY A 447 -45.87 35.27 10.76
N ASN A 448 -45.59 33.98 10.68
CA ASN A 448 -45.21 33.19 11.86
C ASN A 448 -43.73 33.43 12.14
N TYR A 449 -43.44 34.62 12.66
CA TYR A 449 -42.08 34.99 13.06
C TYR A 449 -41.74 34.48 14.45
N ASN A 450 -42.50 33.52 14.95
CA ASN A 450 -42.29 33.01 16.30
C ASN A 450 -41.00 32.21 16.40
N TYR A 451 -40.53 31.65 15.28
CA TYR A 451 -39.35 30.78 15.27
C TYR A 451 -38.09 31.64 15.15
N LEU A 452 -37.35 31.76 16.24
CA LEU A 452 -36.12 32.53 16.32
C LEU A 452 -34.92 31.60 16.14
N TYR A 453 -33.79 32.18 15.71
CA TYR A 453 -32.56 31.41 15.57
C TYR A 453 -31.40 32.24 16.10
N ARG A 454 -30.33 31.53 16.49
CA ARG A 454 -29.11 32.17 16.94
C ARG A 454 -28.20 32.46 15.75
N LEU A 455 -27.65 33.67 15.71
CA LEU A 455 -26.82 34.10 14.60
C LEU A 455 -25.43 34.56 15.02
N PHE A 456 -25.30 35.21 16.17
CA PHE A 456 -24.03 35.74 16.65
C PHE A 456 -23.52 34.91 17.81
N ARG A 457 -22.27 34.46 17.70
CA ARG A 457 -21.63 33.72 18.78
C ARG A 457 -20.13 33.85 18.61
N LYS A 458 -19.40 33.64 19.72
CA LYS A 458 -17.96 33.81 19.70
C LYS A 458 -17.27 32.73 18.86
N SER A 459 -17.83 31.52 18.83
CA SER A 459 -17.22 30.42 18.10
C SER A 459 -18.29 29.41 17.74
N ASN A 460 -17.87 28.33 17.09
CA ASN A 460 -18.76 27.23 16.76
C ASN A 460 -19.03 26.41 18.02
N LEU A 461 -20.31 26.17 18.30
CA LEU A 461 -20.68 25.38 19.47
C LEU A 461 -20.35 23.92 19.25
N LYS A 462 -19.98 23.25 20.34
CA LYS A 462 -19.60 21.84 20.29
C LYS A 462 -20.82 20.99 19.93
N PRO A 463 -20.59 19.78 19.42
CA PRO A 463 -21.74 18.94 19.01
C PRO A 463 -22.71 18.70 20.15
N PHE A 464 -24.00 18.72 19.81
CA PHE A 464 -25.09 18.46 20.75
C PHE A 464 -25.10 19.46 21.90
N GLU A 465 -24.63 20.68 21.65
CA GLU A 465 -24.61 21.73 22.65
C GLU A 465 -25.70 22.75 22.33
N ARG A 466 -26.46 23.14 23.35
CA ARG A 466 -27.52 24.14 23.21
C ARG A 466 -27.07 25.45 23.83
N ASP A 467 -27.18 26.54 23.07
CA ASP A 467 -26.80 27.86 23.52
C ASP A 467 -28.01 28.78 23.41
N ILE A 468 -28.55 29.19 24.56
CA ILE A 468 -29.71 30.05 24.63
C ILE A 468 -29.39 31.39 25.29
N SER A 469 -28.11 31.68 25.52
CA SER A 469 -27.72 32.92 26.16
C SER A 469 -28.16 34.12 25.31
N THR A 470 -28.94 35.01 25.92
CA THR A 470 -29.44 36.19 25.24
C THR A 470 -28.55 37.40 25.43
N GLU A 471 -27.38 37.22 26.04
CA GLU A 471 -26.46 38.33 26.25
C GLU A 471 -25.94 38.86 24.92
N ILE A 472 -25.65 40.16 24.89
CA ILE A 472 -25.22 40.82 23.67
C ILE A 472 -23.84 40.30 23.26
N TYR A 473 -23.72 39.93 21.98
CA TYR A 473 -22.44 39.50 21.44
C TYR A 473 -21.55 40.72 21.18
N GLN A 474 -20.25 40.55 21.44
CA GLN A 474 -19.26 41.59 21.19
C GLN A 474 -18.86 41.51 19.71
N ALA A 475 -19.75 41.99 18.85
CA ALA A 475 -19.55 41.86 17.42
C ALA A 475 -18.39 42.72 16.92
N GLY A 476 -18.36 43.99 17.32
CA GLY A 476 -17.37 44.91 16.80
C GLY A 476 -16.01 44.73 17.42
N SER A 477 -15.00 45.27 16.74
CA SER A 477 -13.63 45.20 17.26
C SER A 477 -13.51 45.98 18.56
N THR A 478 -14.10 47.17 18.63
CA THR A 478 -14.16 47.94 19.87
C THR A 478 -15.40 47.55 20.63
N PRO A 479 -15.29 47.00 21.83
CA PRO A 479 -16.47 46.53 22.56
C PRO A 479 -17.44 47.67 22.88
N CYS A 480 -18.73 47.37 22.75
CA CYS A 480 -19.81 48.23 23.20
C CYS A 480 -20.79 47.42 24.05
N ASN A 481 -21.18 48.00 25.18
CA ASN A 481 -21.94 47.29 26.20
C ASN A 481 -23.33 47.89 26.33
N GLY A 482 -24.34 47.04 26.35
CA GLY A 482 -25.70 47.48 26.55
C GLY A 482 -26.37 47.98 25.28
N VAL A 483 -27.62 47.56 25.07
CA VAL A 483 -28.42 47.94 23.92
C VAL A 483 -27.61 47.56 22.69
N GLU A 484 -27.43 48.47 21.74
CA GLU A 484 -26.62 48.30 20.54
C GLU A 484 -26.67 49.59 19.73
N GLY A 485 -25.68 49.75 18.86
CA GLY A 485 -25.71 50.78 17.84
C GLY A 485 -25.56 50.13 16.48
N PHE A 486 -24.55 50.53 15.72
CA PHE A 486 -24.11 49.72 14.59
C PHE A 486 -22.97 48.79 15.01
N ASN A 487 -23.19 48.08 16.12
CA ASN A 487 -22.18 47.26 16.79
C ASN A 487 -22.85 46.59 17.97
N CYS A 488 -22.23 45.50 18.44
CA CYS A 488 -22.75 44.65 19.51
C CYS A 488 -24.26 44.43 19.37
N TYR A 489 -24.62 43.80 18.25
CA TYR A 489 -25.99 43.55 17.88
C TYR A 489 -26.50 42.27 18.58
N PHE A 490 -27.83 42.11 18.57
CA PHE A 490 -28.49 40.99 19.27
C PHE A 490 -28.21 39.68 18.54
N PRO A 491 -27.86 38.62 19.26
CA PRO A 491 -27.55 37.34 18.61
C PRO A 491 -28.76 36.51 18.18
N LEU A 492 -29.97 37.07 18.19
CA LEU A 492 -31.17 36.34 17.82
C LEU A 492 -31.89 37.05 16.69
N GLN A 493 -32.25 36.30 15.65
CA GLN A 493 -33.04 36.80 14.53
C GLN A 493 -34.21 35.86 14.28
N SER A 494 -35.24 36.38 13.62
CA SER A 494 -36.50 35.67 13.47
C SER A 494 -36.68 35.18 12.04
N TYR A 495 -37.11 33.93 11.91
CA TYR A 495 -37.54 33.41 10.62
C TYR A 495 -38.81 34.11 10.17
N GLY A 496 -38.83 34.51 8.90
CA GLY A 496 -40.00 35.14 8.33
C GLY A 496 -40.93 34.13 7.68
N PHE A 497 -41.31 33.10 8.43
CA PHE A 497 -42.11 32.02 7.89
C PHE A 497 -43.49 32.53 7.51
N GLN A 498 -43.81 32.47 6.21
CA GLN A 498 -45.06 32.97 5.68
C GLN A 498 -45.54 32.03 4.60
N PRO A 499 -46.83 31.69 4.55
CA PRO A 499 -47.32 30.78 3.50
C PRO A 499 -47.19 31.36 2.09
N THR A 500 -47.06 32.67 1.96
CA THR A 500 -46.94 33.27 0.62
C THR A 500 -45.60 32.95 -0.02
N ASN A 501 -44.56 32.73 0.78
CA ASN A 501 -43.25 32.44 0.22
C ASN A 501 -43.24 31.08 -0.46
N GLY A 502 -42.42 30.98 -1.50
CA GLY A 502 -42.40 29.78 -2.32
C GLY A 502 -41.80 28.58 -1.60
N VAL A 503 -41.90 27.43 -2.25
CA VAL A 503 -41.36 26.20 -1.69
C VAL A 503 -39.85 26.31 -1.61
N GLY A 504 -39.30 25.96 -0.45
CA GLY A 504 -37.89 26.09 -0.17
C GLY A 504 -37.59 26.95 1.05
N TYR A 505 -38.46 27.89 1.38
CA TYR A 505 -38.32 28.68 2.59
C TYR A 505 -39.33 28.30 3.66
N GLN A 506 -40.36 27.54 3.32
CA GLN A 506 -41.42 27.21 4.27
C GLN A 506 -40.85 26.41 5.44
N PRO A 507 -41.47 26.51 6.61
CA PRO A 507 -40.95 25.81 7.79
C PRO A 507 -40.93 24.30 7.59
N TYR A 508 -39.86 23.68 8.07
CA TYR A 508 -39.68 22.23 8.02
C TYR A 508 -39.52 21.72 9.45
N ARG A 509 -40.35 20.76 9.84
CA ARG A 509 -40.24 20.15 11.15
C ARG A 509 -39.14 19.10 11.11
N VAL A 510 -38.07 19.32 11.86
CA VAL A 510 -36.89 18.46 11.84
C VAL A 510 -36.79 17.73 13.16
N VAL A 511 -36.64 16.41 13.09
CA VAL A 511 -36.43 15.57 14.27
C VAL A 511 -35.25 14.65 13.99
N VAL A 512 -34.30 14.59 14.93
CA VAL A 512 -33.08 13.82 14.77
C VAL A 512 -33.06 12.72 15.82
N LEU A 513 -32.94 11.47 15.37
CA LEU A 513 -32.94 10.32 16.27
C LEU A 513 -31.51 9.90 16.54
N SER A 514 -30.84 10.67 17.39
CA SER A 514 -29.49 10.31 17.82
C SER A 514 -29.55 9.11 18.77
N PHE A 515 -28.62 8.18 18.58
CA PHE A 515 -28.54 7.01 19.45
C PHE A 515 -27.15 6.41 19.39
N GLU A 516 -26.80 5.67 20.45
CA GLU A 516 -25.53 4.99 20.58
C GLU A 516 -25.75 3.50 20.63
N LEU A 517 -24.81 2.74 20.06
CA LEU A 517 -24.94 1.30 19.89
C LEU A 517 -23.87 0.57 20.68
N LEU A 518 -24.29 -0.54 21.32
CA LEU A 518 -23.42 -1.54 21.94
C LEU A 518 -22.65 -1.00 23.15
N HIS A 519 -22.91 0.24 23.57
CA HIS A 519 -22.11 0.87 24.61
C HIS A 519 -22.82 0.93 25.96
N ALA A 520 -23.93 0.21 26.12
CA ALA A 520 -24.70 0.23 27.36
C ALA A 520 -25.71 -0.90 27.29
N PRO A 521 -26.36 -1.23 28.42
CA PRO A 521 -27.48 -2.19 28.36
C PRO A 521 -28.60 -1.66 27.48
N ALA A 522 -28.92 -2.42 26.44
CA ALA A 522 -29.88 -1.97 25.44
C ALA A 522 -31.28 -1.93 26.02
N THR A 523 -31.97 -0.80 25.82
CA THR A 523 -33.33 -0.62 26.30
C THR A 523 -34.34 -0.32 25.19
N VAL A 524 -33.89 0.00 23.99
CA VAL A 524 -34.76 0.32 22.88
C VAL A 524 -34.62 -0.80 21.85
N CYS A 525 -35.50 -1.80 21.93
CA CYS A 525 -35.46 -2.94 21.04
C CYS A 525 -36.47 -2.77 19.91
N GLY A 526 -36.13 -3.34 18.75
CA GLY A 526 -37.04 -3.36 17.64
C GLY A 526 -38.12 -4.41 17.80
N PRO A 527 -39.17 -4.28 16.99
CA PRO A 527 -40.30 -5.25 17.05
C PRO A 527 -39.94 -6.59 16.42
N LYS A 528 -38.84 -7.18 16.89
CA LYS A 528 -38.37 -8.45 16.37
C LYS A 528 -38.68 -9.54 17.39
N LYS A 529 -39.53 -10.49 17.01
CA LYS A 529 -40.09 -11.43 17.97
C LYS A 529 -39.02 -12.40 18.46
N SER A 530 -39.04 -12.67 19.76
CA SER A 530 -38.11 -13.63 20.34
C SER A 530 -38.46 -15.05 19.92
N THR A 531 -37.45 -15.90 19.89
CA THR A 531 -37.61 -17.32 19.56
C THR A 531 -37.14 -18.16 20.73
N ASN A 532 -37.36 -19.47 20.62
CA ASN A 532 -36.91 -20.40 21.65
C ASN A 532 -35.39 -20.51 21.62
N LEU A 533 -34.82 -20.89 22.75
CA LEU A 533 -33.37 -21.03 22.88
C LEU A 533 -32.95 -22.45 22.55
N VAL A 534 -31.77 -22.58 21.93
CA VAL A 534 -31.23 -23.86 21.52
C VAL A 534 -29.77 -23.93 21.99
N LYS A 535 -29.28 -25.16 22.16
CA LYS A 535 -27.94 -25.38 22.68
C LYS A 535 -27.24 -26.48 21.88
N ASN A 536 -25.92 -26.44 21.92
CA ASN A 536 -25.03 -27.49 21.42
C ASN A 536 -25.07 -27.65 19.90
N LYS A 537 -25.75 -26.74 19.18
CA LYS A 537 -25.82 -26.81 17.74
C LYS A 537 -25.43 -25.47 17.14
N CYS A 538 -24.65 -25.52 16.06
CA CYS A 538 -24.24 -24.30 15.36
C CYS A 538 -25.47 -23.58 14.83
N VAL A 539 -25.73 -22.38 15.35
CA VAL A 539 -26.94 -21.63 15.05
C VAL A 539 -26.59 -20.16 14.81
N ASN A 540 -27.54 -19.45 14.19
CA ASN A 540 -27.39 -18.02 13.92
C ASN A 540 -28.06 -17.24 15.04
N PHE A 541 -27.32 -17.08 16.14
CA PHE A 541 -27.88 -16.40 17.30
C PHE A 541 -27.94 -14.90 17.07
N ASN A 542 -28.84 -14.25 17.82
CA ASN A 542 -28.99 -12.80 17.77
C ASN A 542 -29.44 -12.34 19.15
N PHE A 543 -28.48 -11.96 19.99
CA PHE A 543 -28.75 -11.46 21.34
C PHE A 543 -28.61 -9.95 21.33
N ASN A 544 -29.72 -9.24 21.36
CA ASN A 544 -29.76 -7.78 21.48
C ASN A 544 -29.05 -7.07 20.34
N GLY A 545 -28.74 -7.79 19.26
CA GLY A 545 -27.97 -7.26 18.16
C GLY A 545 -26.63 -7.93 17.96
N LEU A 546 -26.13 -8.66 18.96
CA LEU A 546 -24.87 -9.38 18.84
C LEU A 546 -25.09 -10.64 18.00
N THR A 547 -25.25 -10.42 16.69
CA THR A 547 -25.45 -11.52 15.77
C THR A 547 -24.14 -12.25 15.50
N GLY A 548 -24.26 -13.48 15.04
CA GLY A 548 -23.08 -14.29 14.75
C GLY A 548 -23.46 -15.74 14.56
N THR A 549 -22.44 -16.58 14.49
CA THR A 549 -22.60 -18.02 14.32
C THR A 549 -21.78 -18.73 15.38
N GLY A 550 -22.29 -19.87 15.81
CA GLY A 550 -21.62 -20.68 16.80
C GLY A 550 -22.60 -21.52 17.57
N VAL A 551 -22.09 -22.21 18.59
CA VAL A 551 -22.89 -23.07 19.45
C VAL A 551 -22.99 -22.41 20.83
N LEU A 552 -24.12 -22.66 21.49
CA LEU A 552 -24.40 -22.13 22.81
C LEU A 552 -24.38 -23.25 23.83
N THR A 553 -23.79 -22.98 24.99
CA THR A 553 -23.57 -24.01 25.99
C THR A 553 -23.69 -23.39 27.38
N GLU A 554 -23.92 -24.24 28.38
CA GLU A 554 -23.87 -23.78 29.76
C GLU A 554 -22.47 -23.28 30.10
N SER A 555 -22.42 -22.26 30.94
CA SER A 555 -21.17 -21.60 31.28
C SER A 555 -20.92 -21.69 32.78
N ASN A 556 -19.67 -21.98 33.14
CA ASN A 556 -19.22 -22.00 34.53
C ASN A 556 -18.59 -20.68 34.94
N LYS A 557 -18.76 -19.65 34.12
CA LYS A 557 -18.20 -18.33 34.39
C LYS A 557 -19.03 -17.62 35.46
N LYS A 558 -18.46 -16.56 36.01
CA LYS A 558 -19.12 -15.70 36.98
C LYS A 558 -19.18 -14.28 36.44
N PHE A 559 -20.29 -13.61 36.68
CA PHE A 559 -20.52 -12.27 36.16
C PHE A 559 -20.85 -11.32 37.29
N LEU A 560 -20.96 -10.04 36.95
CA LEU A 560 -21.45 -9.04 37.88
C LEU A 560 -22.95 -9.22 38.06
N PRO A 561 -23.54 -8.62 39.12
CA PRO A 561 -24.99 -8.70 39.31
C PRO A 561 -25.81 -8.45 38.05
N PHE A 562 -25.38 -7.50 37.22
CA PHE A 562 -26.08 -7.20 35.97
C PHE A 562 -25.08 -6.99 34.84
N GLN A 563 -24.04 -7.82 34.80
CA GLN A 563 -23.11 -7.80 33.68
C GLN A 563 -23.76 -8.37 32.43
N GLN A 564 -23.19 -8.05 31.27
CA GLN A 564 -23.79 -8.39 29.99
C GLN A 564 -23.11 -9.56 29.28
N PHE A 565 -21.83 -9.46 28.98
CA PHE A 565 -21.17 -10.47 28.15
C PHE A 565 -19.67 -10.44 28.41
N GLY A 566 -18.97 -11.36 27.75
CA GLY A 566 -17.52 -11.40 27.83
C GLY A 566 -16.84 -11.44 26.48
N ARG A 567 -16.08 -10.39 26.16
CA ARG A 567 -15.32 -10.34 24.93
C ARG A 567 -14.00 -11.08 25.08
N ASP A 568 -13.31 -11.29 23.96
CA ASP A 568 -12.04 -11.99 23.96
C ASP A 568 -10.96 -11.17 23.26
N ILE A 569 -9.81 -11.79 22.99
CA ILE A 569 -8.65 -11.06 22.48
C ILE A 569 -8.94 -10.48 21.11
N ALA A 570 -9.58 -11.24 20.23
CA ALA A 570 -9.78 -10.84 18.85
C ALA A 570 -11.00 -9.96 18.66
N ASP A 571 -11.49 -9.32 19.73
CA ASP A 571 -12.66 -8.44 19.68
C ASP A 571 -13.89 -9.20 19.19
N THR A 572 -13.97 -10.48 19.53
CA THR A 572 -15.12 -11.31 19.24
C THR A 572 -15.75 -11.77 20.55
N THR A 573 -17.08 -11.70 20.61
CA THR A 573 -17.79 -12.04 21.85
C THR A 573 -17.63 -13.53 22.14
N ASP A 574 -17.21 -13.84 23.37
CA ASP A 574 -16.98 -15.21 23.80
C ASP A 574 -18.14 -15.79 24.60
N ALA A 575 -18.88 -14.96 25.32
CA ALA A 575 -20.02 -15.42 26.10
C ALA A 575 -21.07 -14.32 26.11
N VAL A 576 -22.29 -14.70 26.46
CA VAL A 576 -23.42 -13.76 26.42
C VAL A 576 -24.43 -14.17 27.48
N ARG A 577 -25.12 -13.17 28.04
CA ARG A 577 -26.18 -13.39 29.00
C ARG A 577 -27.52 -13.27 28.30
N ASP A 578 -28.40 -14.24 28.53
CA ASP A 578 -29.68 -14.26 27.85
C ASP A 578 -30.54 -13.08 28.32
N PRO A 579 -31.04 -12.24 27.41
CA PRO A 579 -31.85 -11.10 27.83
C PRO A 579 -33.15 -11.48 28.52
N GLN A 580 -33.79 -12.58 28.12
CA GLN A 580 -35.08 -12.93 28.70
C GLN A 580 -34.92 -13.44 30.13
N THR A 581 -34.19 -14.53 30.31
CA THR A 581 -33.86 -15.05 31.62
C THR A 581 -32.38 -14.83 31.89
N LEU A 582 -32.06 -14.39 33.11
CA LEU A 582 -30.70 -13.99 33.44
C LEU A 582 -29.83 -15.24 33.56
N GLU A 583 -29.47 -15.78 32.40
CA GLU A 583 -28.63 -16.96 32.28
C GLU A 583 -27.50 -16.67 31.31
N ILE A 584 -26.31 -17.18 31.62
CA ILE A 584 -25.10 -16.87 30.86
C ILE A 584 -24.73 -18.07 30.00
N LEU A 585 -24.47 -17.81 28.72
CA LEU A 585 -24.07 -18.82 27.76
C LEU A 585 -22.74 -18.43 27.14
N ASP A 586 -21.84 -19.41 26.97
CA ASP A 586 -20.57 -19.18 26.30
C ASP A 586 -20.70 -19.56 24.84
N ILE A 587 -20.24 -18.68 23.96
CA ILE A 587 -20.36 -18.86 22.52
C ILE A 587 -19.06 -19.49 22.01
N THR A 588 -19.18 -20.69 21.44
CA THR A 588 -18.06 -21.37 20.82
C THR A 588 -18.37 -21.53 19.34
N PRO A 589 -17.54 -21.00 18.44
CA PRO A 589 -17.84 -21.16 17.01
C PRO A 589 -17.84 -22.63 16.62
N CYS A 590 -18.81 -23.00 15.79
CA CYS A 590 -18.97 -24.39 15.39
C CYS A 590 -17.80 -24.82 14.49
N SER A 591 -17.66 -26.14 14.36
CA SER A 591 -16.40 -26.72 13.91
C SER A 591 -16.04 -26.29 12.50
N PHE A 592 -14.74 -26.10 12.27
CA PHE A 592 -14.20 -25.73 10.97
C PHE A 592 -12.74 -26.13 10.92
N GLY A 593 -12.21 -26.23 9.71
CA GLY A 593 -10.83 -26.61 9.53
C GLY A 593 -10.55 -26.93 8.08
N GLY A 594 -9.27 -27.17 7.80
CA GLY A 594 -8.86 -27.49 6.45
C GLY A 594 -9.16 -28.93 6.08
N VAL A 595 -9.10 -29.19 4.77
CA VAL A 595 -9.32 -30.52 4.22
C VAL A 595 -8.15 -30.86 3.31
N SER A 596 -7.51 -32.00 3.59
CA SER A 596 -6.41 -32.49 2.78
C SER A 596 -6.78 -33.86 2.23
N VAL A 597 -6.47 -34.09 0.96
CA VAL A 597 -6.82 -35.33 0.27
C VAL A 597 -5.54 -36.11 0.04
N ILE A 598 -5.43 -37.25 0.71
CA ILE A 598 -4.29 -38.15 0.55
C ILE A 598 -4.59 -39.09 -0.61
N THR A 599 -3.75 -39.05 -1.64
CA THR A 599 -3.98 -39.86 -2.82
C THR A 599 -2.66 -40.37 -3.38
N PRO A 600 -2.66 -41.55 -4.00
CA PRO A 600 -1.55 -41.92 -4.87
C PRO A 600 -1.69 -41.24 -6.22
N GLY A 601 -0.85 -41.60 -7.18
CA GLY A 601 -1.01 -41.05 -8.52
C GLY A 601 -2.33 -41.45 -9.13
N THR A 602 -2.82 -40.61 -10.04
CA THR A 602 -4.10 -40.91 -10.70
C THR A 602 -4.01 -42.21 -11.49
N ASN A 603 -2.88 -42.44 -12.15
CA ASN A 603 -2.68 -43.72 -12.84
C ASN A 603 -2.56 -44.87 -11.86
N THR A 604 -2.01 -44.62 -10.66
CA THR A 604 -1.91 -45.68 -9.66
C THR A 604 -3.28 -46.12 -9.20
N SER A 605 -4.15 -45.17 -8.86
CA SER A 605 -5.50 -45.47 -8.41
C SER A 605 -6.30 -44.17 -8.34
N ASN A 606 -7.61 -44.31 -8.42
CA ASN A 606 -8.52 -43.19 -8.18
C ASN A 606 -9.00 -43.13 -6.75
N GLN A 607 -8.69 -44.14 -5.94
CA GLN A 607 -9.08 -44.12 -4.53
C GLN A 607 -8.30 -43.06 -3.79
N VAL A 608 -9.00 -42.30 -2.93
CA VAL A 608 -8.39 -41.21 -2.18
C VAL A 608 -8.82 -41.33 -0.72
N ALA A 609 -8.04 -40.70 0.14
CA ALA A 609 -8.38 -40.55 1.56
C ALA A 609 -8.34 -39.08 1.91
N VAL A 610 -9.20 -38.68 2.84
CA VAL A 610 -9.36 -37.28 3.20
C VAL A 610 -9.01 -37.10 4.68
N LEU A 611 -8.32 -36.02 4.98
CA LEU A 611 -7.93 -35.68 6.34
C LEU A 611 -8.53 -34.33 6.71
N TYR A 612 -9.43 -34.34 7.68
CA TYR A 612 -10.03 -33.10 8.19
C TYR A 612 -9.12 -32.59 9.30
N GLN A 613 -8.33 -31.55 8.98
CA GLN A 613 -7.27 -31.11 9.87
C GLN A 613 -7.84 -30.49 11.14
N GLY A 614 -7.24 -30.83 12.28
CA GLY A 614 -7.63 -30.25 13.55
C GLY A 614 -9.03 -30.60 13.99
N VAL A 615 -9.47 -31.83 13.70
CA VAL A 615 -10.86 -32.23 13.90
C VAL A 615 -10.95 -33.71 14.26
N ASN A 616 -11.53 -34.02 15.43
CA ASN A 616 -12.10 -35.34 15.63
C ASN A 616 -13.34 -35.53 14.77
N CYS A 617 -13.47 -36.73 14.19
CA CYS A 617 -14.56 -37.01 13.26
C CYS A 617 -15.90 -37.06 13.92
N THR A 618 -16.09 -36.68 15.18
CA THR A 618 -17.42 -36.70 15.75
C THR A 618 -18.32 -35.62 15.17
N GLU A 619 -17.76 -34.53 14.64
CA GLU A 619 -18.52 -33.51 13.96
C GLU A 619 -18.70 -33.79 12.47
N VAL A 620 -18.19 -34.91 11.97
CA VAL A 620 -18.48 -35.32 10.61
C VAL A 620 -19.92 -35.84 10.54
N PRO A 621 -20.40 -36.68 11.47
CA PRO A 621 -21.84 -36.98 11.51
C PRO A 621 -22.69 -35.76 11.84
N VAL A 622 -22.13 -34.74 12.51
CA VAL A 622 -22.91 -33.54 12.79
C VAL A 622 -23.34 -32.87 11.49
N ALA A 623 -22.42 -32.78 10.53
CA ALA A 623 -22.71 -32.26 9.20
C ALA A 623 -22.79 -33.38 8.17
N ILE A 624 -23.30 -34.54 8.58
CA ILE A 624 -23.39 -35.70 7.71
C ILE A 624 -24.39 -35.46 6.58
N THR A 632 -18.99 -30.60 1.39
CA THR A 632 -20.24 -30.79 0.67
C THR A 632 -20.52 -32.27 0.45
N TRP A 633 -19.55 -32.96 -0.15
CA TRP A 633 -19.67 -34.38 -0.41
C TRP A 633 -19.71 -35.17 0.89
N ARG A 634 -20.35 -36.34 0.85
CA ARG A 634 -20.45 -37.19 2.03
C ARG A 634 -20.29 -38.67 1.66
N VAL A 635 -19.61 -38.97 0.55
CA VAL A 635 -19.57 -40.34 0.05
C VAL A 635 -18.73 -41.24 0.95
N TYR A 636 -17.58 -40.75 1.42
CA TYR A 636 -16.65 -41.60 2.16
C TYR A 636 -16.93 -41.65 3.65
N SER A 637 -17.93 -40.92 4.15
CA SER A 637 -18.23 -40.88 5.57
C SER A 637 -19.11 -42.02 6.03
N THR A 638 -19.15 -43.13 5.29
CA THR A 638 -19.97 -44.28 5.67
C THR A 638 -19.53 -44.89 7.00
N GLY A 639 -18.28 -44.71 7.39
CA GLY A 639 -17.76 -45.29 8.61
C GLY A 639 -16.86 -46.48 8.34
N SER A 640 -16.33 -47.02 9.44
CA SER A 640 -15.43 -48.17 9.43
C SER A 640 -14.09 -47.84 8.79
N ASN A 641 -13.96 -46.61 8.28
CA ASN A 641 -12.69 -46.11 7.77
C ASN A 641 -12.19 -44.90 8.55
N VAL A 642 -12.90 -44.49 9.60
CA VAL A 642 -12.49 -43.34 10.39
C VAL A 642 -11.30 -43.71 11.25
N PHE A 643 -10.24 -42.90 11.18
CA PHE A 643 -9.07 -43.06 12.03
C PHE A 643 -8.73 -41.70 12.62
N GLN A 644 -8.47 -41.68 13.92
CA GLN A 644 -8.18 -40.44 14.65
C GLN A 644 -6.68 -40.25 14.76
N THR A 645 -6.18 -39.13 14.23
CA THR A 645 -4.78 -38.77 14.31
C THR A 645 -4.65 -37.39 14.95
N ARG A 646 -3.46 -37.11 15.47
CA ARG A 646 -3.20 -35.79 16.05
C ARG A 646 -3.21 -34.68 15.01
N ALA A 647 -3.14 -35.01 13.72
CA ALA A 647 -3.26 -34.05 12.65
C ALA A 647 -4.69 -33.89 12.17
N GLY A 648 -5.66 -34.40 12.91
CA GLY A 648 -7.03 -34.49 12.47
C GLY A 648 -7.44 -35.94 12.26
N CYS A 649 -8.70 -36.12 11.94
CA CYS A 649 -9.27 -37.46 11.77
C CYS A 649 -9.27 -37.82 10.29
N LEU A 650 -8.82 -39.04 9.98
CA LEU A 650 -8.61 -39.50 8.62
C LEU A 650 -9.73 -40.43 8.21
N ILE A 651 -10.31 -40.18 7.04
CA ILE A 651 -11.43 -40.94 6.52
C ILE A 651 -11.02 -41.55 5.18
N GLY A 652 -11.24 -42.86 5.04
CA GLY A 652 -10.96 -43.54 3.80
C GLY A 652 -9.67 -44.32 3.74
N ALA A 653 -8.95 -44.44 4.86
CA ALA A 653 -7.68 -45.17 4.89
C ALA A 653 -7.72 -46.18 6.02
N GLU A 654 -7.32 -47.42 5.71
CA GLU A 654 -7.21 -48.44 6.74
C GLU A 654 -6.04 -48.16 7.67
N HIS A 655 -6.24 -48.43 8.95
CA HIS A 655 -5.15 -48.36 9.91
C HIS A 655 -4.50 -49.73 10.07
N VAL A 656 -3.18 -49.75 10.13
CA VAL A 656 -2.41 -50.97 10.32
C VAL A 656 -1.48 -50.78 11.51
N ASN A 657 -1.15 -51.88 12.16
CA ASN A 657 -0.33 -51.83 13.37
C ASN A 657 1.16 -51.82 13.04
N ASN A 658 1.58 -52.54 12.00
CA ASN A 658 2.98 -52.57 11.64
C ASN A 658 3.42 -51.23 11.04
N SER A 659 4.72 -51.08 10.86
CA SER A 659 5.32 -49.82 10.44
C SER A 659 6.09 -50.00 9.14
N TYR A 660 6.12 -48.93 8.34
CA TYR A 660 6.85 -48.90 7.09
C TYR A 660 7.49 -47.54 6.93
N GLU A 661 8.46 -47.45 6.02
CA GLU A 661 9.05 -46.17 5.69
C GLU A 661 7.99 -45.26 5.06
N CYS A 662 8.07 -43.97 5.38
CA CYS A 662 7.01 -43.04 5.02
C CYS A 662 6.88 -42.89 3.51
N ASP A 663 5.63 -42.83 3.05
CA ASP A 663 5.31 -42.58 1.65
C ASP A 663 4.61 -41.25 1.46
N ILE A 664 3.49 -41.03 2.15
CA ILE A 664 2.77 -39.76 2.12
C ILE A 664 2.70 -39.23 3.54
N PRO A 665 3.35 -38.11 3.86
CA PRO A 665 3.34 -37.61 5.24
C PRO A 665 2.00 -36.98 5.59
N ILE A 666 1.42 -37.41 6.71
CA ILE A 666 0.20 -36.84 7.24
C ILE A 666 0.49 -35.90 8.41
N GLY A 667 1.28 -36.36 9.36
CA GLY A 667 1.63 -35.57 10.53
C GLY A 667 1.57 -36.42 11.79
N ALA A 668 2.31 -35.96 12.80
CA ALA A 668 2.37 -36.63 14.11
C ALA A 668 2.83 -38.09 13.97
N GLY A 669 3.77 -38.32 13.08
CA GLY A 669 4.32 -39.65 12.90
C GLY A 669 3.45 -40.62 12.14
N ILE A 670 2.39 -40.15 11.48
CA ILE A 670 1.48 -40.99 10.72
C ILE A 670 1.70 -40.72 9.24
N CYS A 671 1.88 -41.79 8.47
CA CYS A 671 2.00 -41.70 7.02
C CYS A 671 0.97 -42.59 6.36
N ALA A 672 0.70 -42.33 5.09
CA ALA A 672 -0.26 -43.09 4.32
C ALA A 672 0.40 -43.60 3.04
N SER A 673 -0.07 -44.75 2.57
CA SER A 673 0.50 -45.36 1.38
C SER A 673 -0.53 -46.29 0.75
N TYR A 674 -0.28 -46.64 -0.52
CA TYR A 674 -1.16 -47.51 -1.28
C TYR A 674 -0.54 -48.89 -1.34
N GLN A 675 -1.11 -49.85 -0.62
CA GLN A 675 -0.62 -51.22 -0.60
C GLN A 675 -1.80 -52.18 -0.60
N THR A 676 -1.48 -53.46 -0.79
CA THR A 676 -2.49 -54.51 -0.83
C THR A 676 -3.26 -54.61 0.48
N SER A 689 -8.60 -55.57 -3.18
CA SER A 689 -7.20 -55.98 -3.04
C SER A 689 -6.32 -54.80 -2.63
N GLN A 690 -6.32 -53.76 -3.47
CA GLN A 690 -5.53 -52.57 -3.22
C GLN A 690 -6.34 -51.55 -2.42
N SER A 691 -5.70 -50.96 -1.42
CA SER A 691 -6.35 -49.95 -0.59
C SER A 691 -5.28 -49.01 -0.06
N ILE A 692 -5.74 -47.95 0.62
CA ILE A 692 -4.86 -46.96 1.21
C ILE A 692 -4.74 -47.27 2.71
N ILE A 693 -3.51 -47.47 3.17
CA ILE A 693 -3.25 -47.78 4.56
C ILE A 693 -2.66 -46.56 5.25
N ALA A 694 -2.89 -46.47 6.56
CA ALA A 694 -2.32 -45.42 7.39
C ALA A 694 -1.57 -46.09 8.54
N TYR A 695 -0.29 -45.73 8.69
CA TYR A 695 0.57 -46.40 9.66
C TYR A 695 1.39 -45.37 10.40
N THR A 696 1.90 -45.77 11.56
CA THR A 696 2.92 -45.02 12.28
C THR A 696 4.27 -45.42 11.71
N MET A 697 4.88 -44.52 10.92
CA MET A 697 6.03 -44.88 10.12
C MET A 697 7.20 -45.32 10.99
N SER A 698 7.97 -46.28 10.49
CA SER A 698 9.17 -46.73 11.16
C SER A 698 10.34 -45.82 10.82
N LEU A 699 11.12 -45.45 11.84
CA LEU A 699 12.25 -44.58 11.62
C LEU A 699 13.39 -45.27 10.89
N GLY A 700 13.46 -46.59 10.94
CA GLY A 700 14.50 -47.31 10.26
C GLY A 700 14.65 -48.70 10.84
N ALA A 701 15.57 -49.45 10.24
CA ALA A 701 15.87 -50.79 10.72
C ALA A 701 16.54 -50.72 12.09
N GLU A 702 16.18 -51.66 12.95
CA GLU A 702 16.87 -51.79 14.23
C GLU A 702 18.26 -52.38 14.01
N ASN A 703 19.15 -52.11 14.96
CA ASN A 703 20.53 -52.58 14.85
C ASN A 703 21.17 -52.55 16.22
N SER A 704 21.75 -53.67 16.65
CA SER A 704 22.49 -53.75 17.89
C SER A 704 23.95 -54.00 17.54
N VAL A 705 24.77 -52.96 17.62
CA VAL A 705 26.18 -53.08 17.31
C VAL A 705 26.84 -53.96 18.37
N ALA A 706 27.59 -54.97 17.92
CA ALA A 706 28.17 -55.93 18.83
C ALA A 706 29.35 -55.34 19.58
N TYR A 707 29.07 -54.36 20.44
CA TYR A 707 30.14 -53.69 21.18
C TYR A 707 30.72 -54.61 22.25
N SER A 708 32.04 -54.57 22.38
CA SER A 708 32.74 -55.29 23.43
C SER A 708 34.02 -54.52 23.75
N ASN A 709 34.56 -54.78 24.94
CA ASN A 709 35.76 -54.08 25.36
C ASN A 709 37.03 -54.64 24.74
N ASN A 710 36.94 -55.75 24.00
CA ASN A 710 38.11 -56.32 23.35
C ASN A 710 37.82 -56.83 21.95
N SER A 711 36.77 -56.32 21.29
CA SER A 711 36.40 -56.76 19.96
C SER A 711 36.34 -55.56 19.03
N ILE A 712 36.93 -55.70 17.84
CA ILE A 712 36.96 -54.64 16.84
C ILE A 712 36.53 -55.23 15.51
N ALA A 713 36.01 -54.37 14.63
CA ALA A 713 35.64 -54.74 13.28
C ALA A 713 36.49 -53.95 12.29
N ILE A 714 37.08 -54.64 11.34
CA ILE A 714 37.99 -54.01 10.37
C ILE A 714 37.58 -54.40 8.96
N PRO A 715 37.41 -53.43 8.05
CA PRO A 715 37.02 -53.77 6.68
C PRO A 715 38.13 -54.49 5.94
N THR A 716 37.79 -55.62 5.33
CA THR A 716 38.72 -56.38 4.50
C THR A 716 38.61 -56.03 3.03
N ASN A 717 37.72 -55.11 2.67
CA ASN A 717 37.47 -54.73 1.29
C ASN A 717 36.91 -53.32 1.28
N PHE A 718 36.46 -52.88 0.12
CA PHE A 718 35.94 -51.52 -0.02
C PHE A 718 35.14 -51.41 -1.31
N THR A 719 34.41 -50.31 -1.44
CA THR A 719 33.73 -49.94 -2.67
C THR A 719 34.05 -48.50 -3.01
N ILE A 720 34.12 -48.21 -4.30
CA ILE A 720 34.28 -46.84 -4.79
C ILE A 720 32.91 -46.39 -5.24
N SER A 721 32.28 -45.50 -4.47
CA SER A 721 30.91 -45.08 -4.71
C SER A 721 30.89 -43.63 -5.16
N VAL A 722 30.23 -43.39 -6.29
CA VAL A 722 30.01 -42.05 -6.82
C VAL A 722 28.57 -41.66 -6.54
N THR A 723 28.38 -40.50 -5.91
CA THR A 723 27.05 -39.97 -5.63
C THR A 723 26.95 -38.56 -6.19
N THR A 724 25.74 -38.17 -6.57
CA THR A 724 25.49 -36.86 -7.14
C THR A 724 24.98 -35.90 -6.08
N GLU A 725 25.16 -34.62 -6.36
CA GLU A 725 24.64 -33.56 -5.48
C GLU A 725 24.25 -32.38 -6.35
N ILE A 726 22.95 -32.15 -6.49
CA ILE A 726 22.44 -31.07 -7.33
C ILE A 726 22.22 -29.85 -6.46
N LEU A 727 22.81 -28.72 -6.85
CA LEU A 727 22.69 -27.48 -6.10
C LEU A 727 22.27 -26.37 -7.05
N PRO A 728 21.21 -25.63 -6.75
CA PRO A 728 20.85 -24.48 -7.58
C PRO A 728 21.85 -23.34 -7.37
N VAL A 729 22.36 -22.81 -8.47
CA VAL A 729 23.37 -21.77 -8.44
C VAL A 729 22.78 -20.40 -8.73
N SER A 730 22.02 -20.27 -9.82
CA SER A 730 21.40 -19.01 -10.20
C SER A 730 19.96 -19.27 -10.61
N MET A 731 19.24 -18.17 -10.84
CA MET A 731 17.84 -18.24 -11.27
C MET A 731 17.65 -17.25 -12.41
N THR A 732 16.42 -17.22 -12.94
CA THR A 732 16.14 -16.44 -14.13
C THR A 732 16.14 -14.95 -13.82
N LYS A 733 16.83 -14.18 -14.67
CA LYS A 733 16.84 -12.73 -14.55
C LYS A 733 15.53 -12.17 -15.05
N THR A 734 14.82 -11.44 -14.19
CA THR A 734 13.61 -10.73 -14.59
C THR A 734 13.75 -9.27 -14.21
N SER A 735 13.56 -8.39 -15.19
CA SER A 735 13.54 -6.95 -14.97
C SER A 735 12.18 -6.44 -15.42
N VAL A 736 11.59 -5.55 -14.63
CA VAL A 736 10.25 -5.08 -14.91
C VAL A 736 10.29 -3.57 -15.08
N ASP A 737 9.30 -3.05 -15.81
CA ASP A 737 8.99 -1.63 -15.80
C ASP A 737 7.75 -1.45 -14.94
N CYS A 738 7.89 -0.73 -13.83
CA CYS A 738 6.78 -0.57 -12.90
C CYS A 738 5.62 0.17 -13.56
N THR A 739 5.90 1.30 -14.20
CA THR A 739 4.85 2.09 -14.83
C THR A 739 4.16 1.32 -15.95
N MET A 740 4.95 0.63 -16.78
CA MET A 740 4.36 -0.10 -17.90
C MET A 740 3.55 -1.29 -17.40
N TYR A 741 4.05 -2.01 -16.40
CA TYR A 741 3.29 -3.11 -15.84
C TYR A 741 1.97 -2.62 -15.28
N ILE A 742 2.00 -1.53 -14.52
CA ILE A 742 0.78 -1.02 -13.91
C ILE A 742 -0.20 -0.58 -14.98
N CYS A 743 0.14 0.46 -15.73
CA CYS A 743 -0.79 1.06 -16.69
C CYS A 743 -0.10 1.49 -17.98
N GLY A 744 0.63 0.57 -18.61
CA GLY A 744 1.27 0.88 -19.87
C GLY A 744 0.33 1.46 -20.91
N ASP A 745 0.80 2.50 -21.60
CA ASP A 745 0.01 3.26 -22.57
C ASP A 745 -1.21 3.91 -21.90
N SER A 746 -0.91 4.75 -20.91
CA SER A 746 -1.95 5.55 -20.26
C SER A 746 -1.28 6.77 -19.63
N THR A 747 -1.45 7.93 -20.27
CA THR A 747 -0.84 9.16 -19.76
C THR A 747 -1.49 9.59 -18.45
N GLU A 748 -2.82 9.47 -18.34
CA GLU A 748 -3.51 9.84 -17.12
C GLU A 748 -3.00 9.04 -15.94
N CYS A 749 -2.90 7.72 -16.12
CA CYS A 749 -2.41 6.87 -15.05
C CYS A 749 -0.92 7.09 -14.78
N SER A 750 -0.14 7.38 -15.82
CA SER A 750 1.27 7.70 -15.59
C SER A 750 1.40 8.92 -14.67
N ASN A 751 0.63 9.97 -14.96
CA ASN A 751 0.68 11.17 -14.13
C ASN A 751 0.17 10.88 -12.72
N LEU A 752 -0.89 10.08 -12.59
CA LEU A 752 -1.40 9.75 -11.27
C LEU A 752 -0.40 8.94 -10.46
N LEU A 753 0.25 7.96 -11.10
CA LEU A 753 1.22 7.12 -10.41
C LEU A 753 2.47 7.89 -10.05
N LEU A 754 2.82 8.93 -10.81
CA LEU A 754 3.96 9.75 -10.46
C LEU A 754 3.82 10.37 -9.08
N GLN A 755 2.58 10.55 -8.59
CA GLN A 755 2.34 11.11 -7.28
C GLN A 755 2.77 10.19 -6.14
N TYR A 756 3.08 8.93 -6.43
CA TYR A 756 3.49 7.97 -5.40
C TYR A 756 4.98 8.01 -5.12
N GLY A 757 5.65 9.11 -5.46
CA GLY A 757 7.07 9.23 -5.16
C GLY A 757 7.89 8.21 -5.93
N SER A 758 8.85 7.60 -5.23
CA SER A 758 9.76 6.63 -5.84
C SER A 758 9.48 5.26 -5.23
N PHE A 759 8.49 4.57 -5.80
CA PHE A 759 8.25 3.16 -5.56
C PHE A 759 8.74 2.31 -6.72
N CYS A 760 8.47 2.77 -7.94
CA CYS A 760 8.92 2.05 -9.13
C CYS A 760 10.45 2.01 -9.21
N THR A 761 11.10 3.11 -8.85
CA THR A 761 12.56 3.12 -8.79
C THR A 761 13.08 2.11 -7.78
N GLN A 762 12.43 2.03 -6.62
CA GLN A 762 12.83 1.05 -5.61
C GLN A 762 12.70 -0.37 -6.13
N LEU A 763 11.57 -0.67 -6.77
CA LEU A 763 11.36 -2.03 -7.28
C LEU A 763 12.36 -2.37 -8.38
N ASN A 764 12.62 -1.42 -9.28
CA ASN A 764 13.58 -1.65 -10.35
C ASN A 764 14.98 -1.84 -9.80
N ARG A 765 15.36 -1.06 -8.78
CA ARG A 765 16.66 -1.24 -8.15
C ARG A 765 16.78 -2.62 -7.54
N ALA A 766 15.73 -3.08 -6.85
CA ALA A 766 15.78 -4.41 -6.24
C ALA A 766 15.94 -5.50 -7.28
N LEU A 767 15.16 -5.42 -8.37
CA LEU A 767 15.24 -6.47 -9.38
C LEU A 767 16.56 -6.43 -10.13
N THR A 768 17.12 -5.23 -10.36
CA THR A 768 18.43 -5.14 -10.99
C THR A 768 19.51 -5.70 -10.08
N GLY A 769 19.40 -5.46 -8.78
CA GLY A 769 20.32 -6.06 -7.84
C GLY A 769 20.26 -7.58 -7.89
N ILE A 770 19.05 -8.14 -7.95
CA ILE A 770 18.91 -9.59 -8.08
C ILE A 770 19.57 -10.07 -9.37
N ALA A 771 19.33 -9.36 -10.48
CA ALA A 771 19.88 -9.79 -11.76
C ALA A 771 21.40 -9.80 -11.75
N VAL A 772 22.02 -8.77 -11.17
CA VAL A 772 23.47 -8.73 -11.10
C VAL A 772 24.00 -9.79 -10.14
N GLU A 773 23.28 -10.01 -9.03
CA GLU A 773 23.70 -11.02 -8.06
C GLU A 773 23.65 -12.43 -8.66
N GLN A 774 22.77 -12.66 -9.63
CA GLN A 774 22.76 -13.96 -10.30
C GLN A 774 24.06 -14.21 -11.05
N ASP A 775 24.53 -13.21 -11.79
CA ASP A 775 25.82 -13.33 -12.47
C ASP A 775 26.96 -13.48 -11.48
N LYS A 776 26.89 -12.75 -10.35
CA LYS A 776 27.91 -12.92 -9.33
C LYS A 776 27.92 -14.34 -8.78
N ASN A 777 26.74 -14.91 -8.55
CA ASN A 777 26.64 -16.28 -8.07
C ASN A 777 27.30 -17.25 -9.05
N THR A 778 26.94 -17.13 -10.33
CA THR A 778 27.49 -18.04 -11.32
C THR A 778 29.00 -17.90 -11.43
N GLN A 779 29.51 -16.66 -11.42
CA GLN A 779 30.94 -16.44 -11.48
C GLN A 779 31.65 -17.05 -10.28
N GLU A 780 31.09 -16.86 -9.08
CA GLU A 780 31.72 -17.40 -7.88
C GLU A 780 31.75 -18.92 -7.92
N VAL A 781 30.67 -19.55 -8.40
CA VAL A 781 30.63 -21.01 -8.43
C VAL A 781 31.63 -21.56 -9.45
N PHE A 782 31.64 -21.00 -10.66
CA PHE A 782 32.36 -21.67 -11.75
C PHE A 782 33.72 -21.06 -12.06
N ALA A 783 33.83 -19.73 -12.13
CA ALA A 783 35.07 -19.09 -12.57
C ALA A 783 36.12 -19.07 -11.46
N GLN A 784 36.52 -20.27 -11.04
CA GLN A 784 37.57 -20.44 -10.04
C GLN A 784 38.91 -20.82 -10.62
N VAL A 785 39.03 -20.89 -11.95
CA VAL A 785 40.30 -21.15 -12.62
C VAL A 785 40.51 -20.08 -13.67
N LYS A 786 41.68 -19.45 -13.65
CA LYS A 786 42.02 -18.44 -14.64
C LYS A 786 42.61 -19.03 -15.91
N GLN A 787 42.93 -20.32 -15.91
CA GLN A 787 43.53 -20.98 -17.06
C GLN A 787 42.68 -22.18 -17.43
N ILE A 788 42.37 -22.31 -18.73
CA ILE A 788 41.46 -23.34 -19.21
C ILE A 788 42.31 -24.56 -19.53
N TYR A 789 42.52 -25.41 -18.53
CA TYR A 789 43.24 -26.65 -18.75
C TYR A 789 42.42 -27.61 -19.60
N LYS A 790 43.12 -28.39 -20.42
CA LYS A 790 42.49 -29.43 -21.23
C LYS A 790 43.26 -30.72 -21.08
N THR A 791 42.53 -31.84 -21.15
CA THR A 791 43.15 -33.14 -21.02
C THR A 791 44.00 -33.45 -22.25
N PRO A 792 45.05 -34.25 -22.09
CA PRO A 792 45.89 -34.62 -23.23
C PRO A 792 45.13 -35.54 -24.17
N PRO A 793 45.54 -35.61 -25.44
CA PRO A 793 44.84 -36.49 -26.39
C PRO A 793 44.93 -37.96 -26.03
N ILE A 794 45.88 -38.36 -25.19
CA ILE A 794 46.03 -39.74 -24.75
C ILE A 794 45.34 -39.87 -23.39
N LYS A 795 44.36 -40.76 -23.31
CA LYS A 795 43.59 -40.96 -22.09
C LYS A 795 44.14 -42.15 -21.29
N ASP A 796 45.41 -42.05 -20.93
CA ASP A 796 46.07 -43.08 -20.13
C ASP A 796 46.07 -42.71 -18.66
N PHE A 797 44.87 -42.62 -18.08
CA PHE A 797 44.70 -42.23 -16.69
C PHE A 797 44.68 -43.43 -15.75
N GLY A 798 45.69 -44.30 -15.87
CA GLY A 798 45.81 -45.43 -14.99
C GLY A 798 44.67 -46.42 -15.06
N GLY A 799 43.90 -46.42 -16.15
CA GLY A 799 42.77 -47.29 -16.31
C GLY A 799 41.43 -46.66 -16.01
N PHE A 800 41.42 -45.55 -15.28
CA PHE A 800 40.17 -44.85 -14.99
C PHE A 800 39.62 -44.22 -16.27
N ASN A 801 38.32 -44.38 -16.48
CA ASN A 801 37.66 -43.95 -17.71
C ASN A 801 36.78 -42.74 -17.41
N PHE A 802 37.11 -41.61 -18.03
CA PHE A 802 36.41 -40.35 -17.79
C PHE A 802 35.62 -39.87 -19.00
N SER A 803 35.26 -40.78 -19.91
CA SER A 803 34.59 -40.38 -21.14
C SER A 803 33.21 -39.76 -20.85
N GLN A 804 32.48 -40.32 -19.89
CA GLN A 804 31.14 -39.85 -19.60
C GLN A 804 31.13 -38.44 -19.02
N ILE A 805 32.25 -37.97 -18.47
CA ILE A 805 32.31 -36.66 -17.84
C ILE A 805 33.18 -35.68 -18.62
N LEU A 806 34.11 -36.15 -19.43
CA LEU A 806 34.90 -35.24 -20.24
C LEU A 806 34.07 -34.72 -21.41
N PRO A 807 34.38 -33.52 -21.90
CA PRO A 807 33.59 -32.95 -22.99
C PRO A 807 33.69 -33.78 -24.26
N ASP A 808 32.61 -33.77 -25.03
CA ASP A 808 32.55 -34.48 -26.30
C ASP A 808 32.70 -33.47 -27.44
N PRO A 809 33.82 -33.45 -28.16
CA PRO A 809 34.01 -32.41 -29.18
C PRO A 809 33.11 -32.54 -30.39
N SER A 810 32.52 -33.71 -30.62
CA SER A 810 31.71 -33.89 -31.83
C SER A 810 30.47 -33.01 -31.81
N LYS A 811 29.84 -32.86 -30.64
CA LYS A 811 28.61 -32.10 -30.55
C LYS A 811 28.88 -30.61 -30.74
N PRO A 812 27.89 -29.85 -31.23
CA PRO A 812 28.09 -28.40 -31.36
C PRO A 812 28.39 -27.72 -30.03
N SER A 813 27.80 -28.21 -28.94
CA SER A 813 28.11 -27.70 -27.61
C SER A 813 29.24 -28.54 -27.01
N LYS A 814 30.25 -27.86 -26.48
CA LYS A 814 31.44 -28.54 -25.98
C LYS A 814 31.20 -29.07 -24.57
N ARG A 815 30.15 -29.87 -24.38
CA ARG A 815 29.79 -30.36 -23.06
C ARG A 815 29.65 -31.87 -23.10
N SER A 816 29.76 -32.48 -21.91
CA SER A 816 29.91 -33.92 -21.78
C SER A 816 28.59 -34.64 -21.96
N PHE A 817 28.68 -35.97 -21.98
CA PHE A 817 27.50 -36.82 -22.09
C PHE A 817 26.56 -36.61 -20.90
N ILE A 818 27.10 -36.60 -19.68
CA ILE A 818 26.26 -36.39 -18.51
C ILE A 818 25.69 -34.98 -18.51
N GLU A 819 26.44 -34.00 -19.00
CA GLU A 819 25.92 -32.64 -19.09
C GLU A 819 24.76 -32.56 -20.06
N ASP A 820 24.86 -33.24 -21.21
CA ASP A 820 23.72 -33.31 -22.12
C ASP A 820 22.52 -34.00 -21.46
N LEU A 821 22.77 -35.08 -20.71
CA LEU A 821 21.68 -35.74 -20.01
C LEU A 821 20.98 -34.79 -19.06
N LEU A 822 21.76 -34.02 -18.29
CA LEU A 822 21.16 -33.08 -17.34
C LEU A 822 20.36 -31.99 -18.05
N PHE A 823 20.95 -31.42 -19.10
CA PHE A 823 20.28 -30.34 -19.84
C PHE A 823 18.99 -30.82 -20.49
N ASN A 824 18.96 -32.08 -20.93
CA ASN A 824 17.73 -32.62 -21.49
C ASN A 824 16.71 -32.98 -20.41
N LYS A 825 17.19 -33.47 -19.26
CA LYS A 825 16.27 -33.85 -18.19
C LYS A 825 15.56 -32.64 -17.61
N VAL A 826 16.26 -31.52 -17.44
CA VAL A 826 15.61 -30.32 -16.93
C VAL A 826 14.63 -29.82 -18.01
N THR A 827 13.34 -29.90 -17.71
CA THR A 827 12.29 -29.53 -18.64
C THR A 827 11.69 -28.19 -18.25
N LEU A 828 11.32 -27.40 -19.26
CA LEU A 828 10.69 -26.11 -19.06
C LEU A 828 9.33 -26.07 -19.75
N ALA A 829 8.57 -27.16 -19.64
CA ALA A 829 7.25 -27.24 -20.26
C ALA A 829 6.28 -26.24 -19.67
N ASP A 830 6.56 -25.72 -18.48
CA ASP A 830 5.74 -24.65 -17.90
C ASP A 830 6.03 -23.34 -18.61
N ALA A 831 5.43 -22.26 -18.09
CA ALA A 831 5.57 -20.96 -18.72
C ALA A 831 6.99 -20.39 -18.63
N GLY A 832 7.96 -21.15 -18.11
CA GLY A 832 9.33 -20.68 -17.99
C GLY A 832 9.92 -20.11 -19.26
N PHE A 833 10.13 -20.96 -20.27
CA PHE A 833 10.65 -20.53 -21.56
C PHE A 833 9.65 -20.72 -22.70
N ILE A 834 8.44 -21.21 -22.41
CA ILE A 834 7.40 -21.29 -23.44
C ILE A 834 6.98 -19.90 -23.87
N LYS A 835 7.06 -18.92 -22.96
CA LYS A 835 6.71 -17.53 -23.28
C LYS A 835 7.83 -16.80 -24.02
N GLN A 836 8.80 -17.53 -24.57
CA GLN A 836 9.88 -16.93 -25.34
C GLN A 836 9.36 -16.36 -26.67
N ILE A 850 13.55 -13.12 -32.88
CA ILE A 850 14.23 -14.16 -32.14
C ILE A 850 14.29 -13.79 -30.66
N CYS A 851 13.86 -12.56 -30.36
CA CYS A 851 13.82 -12.04 -28.99
C CYS A 851 12.40 -11.55 -28.73
N ALA A 852 11.54 -12.45 -28.23
CA ALA A 852 10.15 -12.12 -27.95
C ALA A 852 9.72 -12.73 -26.62
N GLN A 853 10.59 -12.67 -25.62
CA GLN A 853 10.29 -13.22 -24.29
C GLN A 853 9.83 -12.10 -23.35
N LYS A 854 8.68 -11.53 -23.68
CA LYS A 854 8.12 -10.42 -22.91
C LYS A 854 6.69 -10.15 -23.38
N PHE A 855 5.80 -9.84 -22.45
CA PHE A 855 4.41 -9.53 -22.79
C PHE A 855 3.99 -8.12 -22.38
N ASN A 856 4.10 -7.76 -21.11
CA ASN A 856 3.49 -6.53 -20.60
C ASN A 856 4.45 -5.77 -19.69
N GLY A 857 5.68 -5.56 -20.15
CA GLY A 857 6.68 -4.89 -19.37
C GLY A 857 7.53 -5.80 -18.52
N LEU A 858 7.42 -7.11 -18.71
CA LEU A 858 8.19 -8.10 -17.97
C LEU A 858 9.21 -8.70 -18.93
N THR A 859 10.47 -8.28 -18.79
CA THR A 859 11.53 -8.75 -19.67
C THR A 859 12.47 -9.66 -18.92
N VAL A 860 13.04 -10.63 -19.65
CA VAL A 860 13.94 -11.62 -19.08
C VAL A 860 15.32 -11.41 -19.68
N LEU A 861 16.29 -11.08 -18.82
CA LEU A 861 17.64 -10.84 -19.28
C LEU A 861 18.38 -12.16 -19.45
N PRO A 862 19.30 -12.24 -20.42
CA PRO A 862 20.09 -13.45 -20.59
C PRO A 862 21.23 -13.50 -19.60
N PRO A 863 21.63 -14.68 -19.16
CA PRO A 863 22.80 -14.78 -18.27
C PRO A 863 24.07 -14.36 -18.99
N LEU A 864 24.97 -13.74 -18.21
CA LEU A 864 26.22 -13.23 -18.80
C LEU A 864 27.07 -14.38 -19.33
N LEU A 865 27.18 -15.46 -18.58
CA LEU A 865 27.94 -16.64 -19.01
C LEU A 865 27.00 -17.60 -19.72
N THR A 866 27.25 -17.83 -21.00
CA THR A 866 26.45 -18.77 -21.77
C THR A 866 26.70 -20.20 -21.28
N ASP A 867 25.81 -21.10 -21.69
CA ASP A 867 25.96 -22.50 -21.31
C ASP A 867 27.25 -23.09 -21.86
N GLU A 868 27.67 -22.66 -23.05
CA GLU A 868 28.96 -23.11 -23.57
C GLU A 868 30.10 -22.65 -22.70
N MET A 869 30.05 -21.40 -22.21
CA MET A 869 31.09 -20.90 -21.33
C MET A 869 31.11 -21.64 -20.00
N ILE A 870 29.93 -21.94 -19.46
CA ILE A 870 29.86 -22.71 -18.22
C ILE A 870 30.44 -24.10 -18.43
N ALA A 871 30.12 -24.73 -19.56
CA ALA A 871 30.68 -26.04 -19.87
C ALA A 871 32.18 -25.98 -20.04
N GLN A 872 32.70 -24.86 -20.56
CA GLN A 872 34.15 -24.74 -20.70
C GLN A 872 34.83 -24.56 -19.36
N TYR A 873 34.24 -23.76 -18.46
CA TYR A 873 34.70 -23.73 -17.08
C TYR A 873 34.70 -25.12 -16.44
N THR A 874 33.61 -25.86 -16.63
CA THR A 874 33.52 -27.18 -16.03
C THR A 874 34.59 -28.11 -16.60
N SER A 875 34.81 -28.07 -17.92
CA SER A 875 35.84 -28.87 -18.54
C SER A 875 37.22 -28.49 -18.04
N ALA A 876 37.48 -27.19 -17.88
CA ALA A 876 38.77 -26.75 -17.38
C ALA A 876 39.01 -27.25 -15.97
N LEU A 877 38.00 -27.13 -15.11
CA LEU A 877 38.14 -27.61 -13.73
C LEU A 877 38.36 -29.10 -13.70
N LEU A 878 37.61 -29.85 -14.51
CA LEU A 878 37.70 -31.31 -14.47
C LEU A 878 39.03 -31.80 -15.04
N ALA A 879 39.49 -31.21 -16.14
CA ALA A 879 40.78 -31.57 -16.71
C ALA A 879 41.92 -31.21 -15.76
N GLY A 880 41.85 -30.02 -15.16
CA GLY A 880 42.87 -29.65 -14.19
C GLY A 880 42.92 -30.61 -13.03
N THR A 881 41.75 -30.98 -12.49
CA THR A 881 41.70 -31.95 -11.41
C THR A 881 42.35 -33.26 -11.83
N ILE A 882 41.90 -33.81 -12.96
CA ILE A 882 42.36 -35.14 -13.41
C ILE A 882 43.87 -35.14 -13.61
N THR A 883 44.40 -34.10 -14.25
CA THR A 883 45.80 -34.11 -14.62
C THR A 883 46.72 -33.51 -13.57
N SER A 884 46.19 -32.89 -12.51
CA SER A 884 47.08 -32.18 -11.61
C SER A 884 46.72 -32.30 -10.12
N GLY A 885 45.76 -33.13 -9.75
CA GLY A 885 45.40 -33.19 -8.34
C GLY A 885 44.82 -31.88 -7.85
N TRP A 886 45.21 -31.48 -6.65
CA TRP A 886 44.84 -30.17 -6.09
C TRP A 886 45.88 -29.10 -6.35
N THR A 887 46.95 -29.42 -7.08
CA THR A 887 48.00 -28.44 -7.32
C THR A 887 47.48 -27.26 -8.15
N PHE A 888 46.60 -27.54 -9.12
CA PHE A 888 46.08 -26.45 -9.95
C PHE A 888 45.25 -25.48 -9.11
N GLY A 889 44.52 -25.98 -8.12
CA GLY A 889 43.78 -25.09 -7.24
C GLY A 889 44.65 -24.38 -6.22
N ALA A 890 45.73 -25.02 -5.80
CA ALA A 890 46.63 -24.41 -4.83
C ALA A 890 47.69 -23.54 -5.47
N GLY A 891 47.73 -23.44 -6.79
CA GLY A 891 48.70 -22.61 -7.47
C GLY A 891 48.86 -22.97 -8.94
N ALA A 892 50.09 -23.13 -9.38
CA ALA A 892 50.34 -23.60 -10.74
C ALA A 892 50.05 -25.09 -10.83
N ALA A 893 49.52 -25.51 -11.98
CA ALA A 893 49.17 -26.91 -12.17
C ALA A 893 50.42 -27.75 -12.35
N LEU A 894 50.61 -28.73 -11.46
CA LEU A 894 51.75 -29.63 -11.51
C LEU A 894 51.23 -31.01 -11.89
N GLN A 895 51.64 -31.49 -13.06
CA GLN A 895 51.12 -32.75 -13.58
C GLN A 895 51.57 -33.92 -12.72
N ILE A 896 50.73 -34.94 -12.65
CA ILE A 896 51.01 -36.15 -11.89
C ILE A 896 50.15 -37.28 -12.45
N PRO A 897 50.68 -38.49 -12.60
CA PRO A 897 49.85 -39.60 -13.09
C PRO A 897 48.66 -39.85 -12.17
N PHE A 898 47.55 -40.26 -12.79
CA PHE A 898 46.32 -40.39 -12.02
C PHE A 898 46.40 -41.50 -10.99
N ALA A 899 47.14 -42.57 -11.27
CA ALA A 899 47.33 -43.61 -10.26
C ALA A 899 48.02 -43.04 -9.03
N MET A 900 49.06 -42.23 -9.23
CA MET A 900 49.77 -41.66 -8.09
C MET A 900 48.92 -40.62 -7.38
N GLN A 901 48.11 -39.87 -8.14
CA GLN A 901 47.16 -38.95 -7.52
C GLN A 901 46.16 -39.70 -6.63
N MET A 902 45.62 -40.80 -7.13
CA MET A 902 44.67 -41.57 -6.32
C MET A 902 45.35 -42.21 -5.12
N ALA A 903 46.63 -42.55 -5.24
CA ALA A 903 47.39 -43.01 -4.07
C ALA A 903 47.52 -41.90 -3.04
N TYR A 904 47.74 -40.67 -3.51
CA TYR A 904 47.77 -39.53 -2.60
C TYR A 904 46.45 -39.38 -1.88
N ARG A 905 45.35 -39.53 -2.61
CA ARG A 905 44.02 -39.45 -2.00
C ARG A 905 43.81 -40.55 -0.97
N PHE A 906 44.26 -41.77 -1.28
CA PHE A 906 44.12 -42.88 -0.34
C PHE A 906 44.91 -42.60 0.93
N ASN A 907 46.14 -42.11 0.81
CA ASN A 907 46.87 -41.67 2.00
C ASN A 907 46.12 -40.57 2.73
N GLY A 908 45.42 -39.71 1.99
CA GLY A 908 44.64 -38.67 2.63
C GLY A 908 43.53 -39.23 3.51
N ILE A 909 42.86 -40.29 3.04
CA ILE A 909 41.77 -40.88 3.82
C ILE A 909 42.25 -41.86 4.87
N GLY A 910 43.57 -42.08 4.98
CA GLY A 910 44.11 -42.96 5.99
C GLY A 910 44.41 -44.37 5.54
N VAL A 911 44.37 -44.64 4.23
CA VAL A 911 44.66 -45.96 3.69
C VAL A 911 46.01 -45.89 2.98
N THR A 912 46.90 -46.81 3.30
CA THR A 912 48.22 -46.82 2.69
C THR A 912 48.11 -46.99 1.18
N GLN A 913 49.01 -46.32 0.46
CA GLN A 913 48.95 -46.31 -1.00
C GLN A 913 49.23 -47.68 -1.61
N ASN A 914 49.83 -48.60 -0.87
CA ASN A 914 50.02 -49.94 -1.40
C ASN A 914 48.69 -50.61 -1.70
N VAL A 915 47.63 -50.24 -0.98
CA VAL A 915 46.31 -50.80 -1.27
C VAL A 915 45.87 -50.42 -2.67
N LEU A 916 46.01 -49.15 -3.04
CA LEU A 916 45.71 -48.74 -4.41
C LEU A 916 46.65 -49.40 -5.41
N TYR A 917 47.95 -49.40 -5.12
CA TYR A 917 48.89 -49.92 -6.11
C TYR A 917 48.72 -51.43 -6.31
N GLU A 918 48.06 -52.12 -5.39
CA GLU A 918 47.76 -53.54 -5.57
C GLU A 918 46.34 -53.81 -6.04
N ASN A 919 45.42 -52.86 -5.89
CA ASN A 919 44.04 -53.04 -6.33
C ASN A 919 43.63 -51.99 -7.36
N GLN A 920 44.59 -51.50 -8.15
CA GLN A 920 44.30 -50.46 -9.13
C GLN A 920 43.28 -50.91 -10.15
N LYS A 921 43.40 -52.13 -10.68
CA LYS A 921 42.44 -52.60 -11.67
C LYS A 921 41.04 -52.69 -11.08
N LEU A 922 40.93 -53.23 -9.86
CA LEU A 922 39.63 -53.34 -9.21
C LEU A 922 39.03 -51.96 -8.95
N ILE A 923 39.84 -51.01 -8.52
CA ILE A 923 39.34 -49.68 -8.22
C ILE A 923 38.92 -48.96 -9.49
N ALA A 924 39.68 -49.13 -10.58
CA ALA A 924 39.27 -48.55 -11.85
C ALA A 924 37.96 -49.14 -12.33
N ASN A 925 37.81 -50.46 -12.21
CA ASN A 925 36.56 -51.10 -12.61
C ASN A 925 35.39 -50.59 -11.78
N GLN A 926 35.58 -50.46 -10.46
CA GLN A 926 34.52 -49.97 -9.60
C GLN A 926 34.15 -48.53 -9.94
N PHE A 927 35.15 -47.69 -10.21
CA PHE A 927 34.87 -46.31 -10.57
C PHE A 927 34.10 -46.22 -11.89
N ASN A 928 34.51 -47.03 -12.89
CA ASN A 928 33.81 -47.02 -14.17
C ASN A 928 32.38 -47.51 -14.02
N SER A 929 32.18 -48.57 -13.22
CA SER A 929 30.83 -49.05 -12.97
C SER A 929 29.99 -48.01 -12.26
N ALA A 930 30.58 -47.30 -11.29
CA ALA A 930 29.85 -46.25 -10.59
C ALA A 930 29.46 -45.11 -11.55
N ILE A 931 30.37 -44.72 -12.44
CA ILE A 931 30.07 -43.67 -13.39
C ILE A 931 28.94 -44.09 -14.33
N GLY A 932 28.98 -45.33 -14.81
CA GLY A 932 27.90 -45.84 -15.62
C GLY A 932 26.57 -45.88 -14.88
N LYS A 933 26.61 -46.27 -13.60
CA LYS A 933 25.39 -46.28 -12.79
C LYS A 933 24.85 -44.86 -12.62
N ILE A 934 25.72 -43.88 -12.43
CA ILE A 934 25.28 -42.50 -12.32
C ILE A 934 24.62 -42.04 -13.61
N GLN A 935 25.23 -42.35 -14.76
CA GLN A 935 24.61 -41.91 -16.02
C GLN A 935 23.27 -42.59 -16.24
N ASP A 936 23.16 -43.88 -15.89
CA ASP A 936 21.89 -44.57 -16.01
C ASP A 936 20.83 -43.95 -15.09
N SER A 937 21.21 -43.66 -13.85
CA SER A 937 20.26 -43.07 -12.90
C SER A 937 19.81 -41.69 -13.35
N LEU A 938 20.74 -40.87 -13.86
CA LEU A 938 20.36 -39.55 -14.33
C LEU A 938 19.50 -39.63 -15.58
N SER A 939 19.68 -40.66 -16.39
CA SER A 939 18.85 -40.81 -17.59
C SER A 939 17.45 -41.30 -17.25
N SER A 940 17.32 -42.23 -16.29
CA SER A 940 16.07 -42.93 -16.06
C SER A 940 15.32 -42.47 -14.80
N THR A 941 15.87 -41.54 -14.03
CA THR A 941 15.21 -41.14 -12.79
C THR A 941 13.98 -40.27 -13.06
N ALA A 942 14.10 -39.31 -13.98
CA ALA A 942 13.08 -38.34 -14.37
C ALA A 942 12.72 -37.38 -13.23
N SER A 943 13.32 -37.52 -12.06
CA SER A 943 13.09 -36.57 -10.96
C SER A 943 14.38 -36.26 -10.20
N ALA A 944 15.54 -36.46 -10.83
CA ALA A 944 16.81 -36.24 -10.14
C ALA A 944 17.06 -34.76 -9.90
N LEU A 945 16.85 -33.92 -10.91
CA LEU A 945 17.12 -32.49 -10.80
C LEU A 945 15.93 -31.75 -10.18
N GLY A 946 15.50 -32.26 -9.02
CA GLY A 946 14.34 -31.70 -8.35
C GLY A 946 14.55 -30.27 -7.91
N LYS A 947 15.77 -29.95 -7.43
CA LYS A 947 16.03 -28.60 -6.94
C LYS A 947 15.91 -27.57 -8.06
N LEU A 948 16.58 -27.82 -9.19
CA LEU A 948 16.52 -26.89 -10.30
C LEU A 948 15.11 -26.83 -10.89
N GLN A 949 14.44 -27.97 -10.98
CA GLN A 949 13.07 -27.96 -11.47
C GLN A 949 12.16 -27.13 -10.56
N ASP A 950 12.32 -27.26 -9.24
CA ASP A 950 11.52 -26.49 -8.31
C ASP A 950 11.82 -25.01 -8.42
N VAL A 951 13.08 -24.64 -8.60
CA VAL A 951 13.42 -23.23 -8.73
C VAL A 951 12.77 -22.64 -9.98
N VAL A 952 12.86 -23.35 -11.10
CA VAL A 952 12.26 -22.88 -12.34
C VAL A 952 10.74 -22.78 -12.18
N ASN A 953 10.13 -23.79 -11.57
CA ASN A 953 8.68 -23.78 -11.38
C ASN A 953 8.25 -22.62 -10.51
N GLN A 954 8.99 -22.35 -9.43
CA GLN A 954 8.65 -21.24 -8.55
C GLN A 954 8.74 -19.91 -9.27
N ASN A 955 9.81 -19.69 -10.03
CA ASN A 955 9.94 -18.43 -10.76
C ASN A 955 8.82 -18.27 -11.77
N ALA A 956 8.51 -19.33 -12.52
CA ALA A 956 7.44 -19.25 -13.51
C ALA A 956 6.10 -19.00 -12.84
N GLN A 957 5.83 -19.67 -11.72
CA GLN A 957 4.56 -19.49 -11.04
C GLN A 957 4.41 -18.07 -10.51
N ALA A 958 5.49 -17.52 -9.95
CA ALA A 958 5.44 -16.14 -9.49
C ALA A 958 5.18 -15.17 -10.63
N LEU A 959 5.84 -15.39 -11.78
CA LEU A 959 5.63 -14.50 -12.92
C LEU A 959 4.20 -14.60 -13.44
N ASN A 960 3.65 -15.82 -13.53
CA ASN A 960 2.28 -15.96 -14.01
C ASN A 960 1.28 -15.35 -13.04
N THR A 961 1.53 -15.47 -11.73
CA THR A 961 0.68 -14.80 -10.76
C THR A 961 0.73 -13.29 -10.94
N LEU A 962 1.93 -12.74 -11.16
CA LEU A 962 2.06 -11.31 -11.38
C LEU A 962 1.30 -10.87 -12.62
N VAL A 963 1.35 -11.68 -13.69
CA VAL A 963 0.62 -11.34 -14.90
C VAL A 963 -0.88 -11.41 -14.66
N LYS A 964 -1.35 -12.47 -13.99
CA LYS A 964 -2.77 -12.65 -13.76
C LYS A 964 -3.35 -11.58 -12.85
N GLN A 965 -2.52 -10.98 -11.99
CA GLN A 965 -3.02 -9.92 -11.13
C GLN A 965 -3.46 -8.69 -11.92
N LEU A 966 -3.10 -8.59 -13.19
CA LEU A 966 -3.51 -7.47 -14.03
C LEU A 966 -5.00 -7.52 -14.39
N SER A 967 -5.66 -8.65 -14.17
CA SER A 967 -7.06 -8.82 -14.55
C SER A 967 -8.03 -8.69 -13.38
N SER A 968 -7.56 -8.18 -12.24
CA SER A 968 -8.38 -8.05 -11.05
C SER A 968 -8.87 -6.61 -10.92
N ASN A 969 -10.12 -6.46 -10.46
CA ASN A 969 -10.71 -5.14 -10.30
C ASN A 969 -10.06 -4.35 -9.18
N PHE A 970 -9.66 -5.03 -8.10
CA PHE A 970 -9.16 -4.39 -6.88
C PHE A 970 -10.18 -3.41 -6.31
N GLY A 971 -11.46 -3.74 -6.44
CA GLY A 971 -12.52 -2.88 -5.96
C GLY A 971 -12.97 -1.81 -6.91
N ALA A 972 -12.44 -1.78 -8.13
CA ALA A 972 -12.81 -0.79 -9.12
C ALA A 972 -13.94 -1.31 -9.99
N ILE A 973 -14.44 -0.45 -10.88
CA ILE A 973 -15.55 -0.84 -11.75
C ILE A 973 -15.11 -1.90 -12.75
N SER A 974 -13.88 -1.80 -13.25
CA SER A 974 -13.38 -2.76 -14.22
C SER A 974 -11.87 -2.87 -14.07
N SER A 975 -11.33 -3.98 -14.59
CA SER A 975 -9.90 -4.22 -14.58
C SER A 975 -9.20 -3.70 -15.82
N VAL A 976 -9.93 -3.05 -16.72
CA VAL A 976 -9.36 -2.49 -17.94
C VAL A 976 -9.34 -0.98 -17.81
N LEU A 977 -8.13 -0.40 -17.87
CA LEU A 977 -7.99 1.04 -17.70
C LEU A 977 -8.68 1.81 -18.82
N ASN A 978 -8.58 1.32 -20.05
CA ASN A 978 -9.24 1.99 -21.16
C ASN A 978 -10.76 1.95 -21.00
N ASP A 979 -11.30 0.82 -20.56
CA ASP A 979 -12.73 0.71 -20.32
C ASP A 979 -13.17 1.66 -19.21
N ILE A 980 -12.36 1.79 -18.15
CA ILE A 980 -12.68 2.74 -17.10
C ILE A 980 -12.66 4.17 -17.63
N LEU A 981 -11.64 4.50 -18.43
CA LEU A 981 -11.51 5.85 -18.96
C LEU A 981 -12.68 6.21 -19.87
N SER A 982 -13.10 5.29 -20.73
CA SER A 982 -14.19 5.59 -21.65
C SER A 982 -15.50 5.83 -20.90
N ARG A 983 -15.79 5.02 -19.88
CA ARG A 983 -17.08 5.10 -19.21
C ARG A 983 -17.20 6.27 -18.25
N LEU A 984 -16.09 6.73 -17.68
CA LEU A 984 -16.12 7.74 -16.63
C LEU A 984 -15.28 8.94 -17.02
N ASP A 985 -15.78 10.13 -16.70
CA ASP A 985 -15.02 11.36 -16.92
C ASP A 985 -13.88 11.46 -15.90
N PRO A 986 -12.82 12.20 -16.21
CA PRO A 986 -11.59 12.12 -15.40
C PRO A 986 -11.76 12.46 -13.92
N PRO A 987 -12.57 13.45 -13.51
CA PRO A 987 -12.61 13.73 -12.07
C PRO A 987 -13.11 12.57 -11.24
N GLU A 988 -14.04 11.77 -11.75
CA GLU A 988 -14.49 10.59 -11.01
C GLU A 988 -13.72 9.34 -11.42
N ALA A 989 -13.05 9.37 -12.58
CA ALA A 989 -12.28 8.21 -13.02
C ALA A 989 -10.97 8.09 -12.26
N GLU A 990 -10.52 9.17 -11.63
CA GLU A 990 -9.28 9.10 -10.86
C GLU A 990 -9.41 8.17 -9.68
N VAL A 991 -10.60 8.03 -9.10
CA VAL A 991 -10.78 7.11 -7.98
C VAL A 991 -10.55 5.67 -8.44
N GLN A 992 -11.16 5.28 -9.56
CA GLN A 992 -10.96 3.93 -10.08
C GLN A 992 -9.51 3.72 -10.50
N ILE A 993 -8.91 4.73 -11.14
CA ILE A 993 -7.53 4.59 -11.60
C ILE A 993 -6.59 4.45 -10.40
N ASP A 994 -6.86 5.19 -9.32
CA ASP A 994 -6.03 5.09 -8.13
C ASP A 994 -6.23 3.74 -7.44
N ARG A 995 -7.45 3.20 -7.46
CA ARG A 995 -7.68 1.88 -6.91
C ARG A 995 -6.85 0.84 -7.67
N LEU A 996 -6.89 0.90 -9.00
CA LEU A 996 -6.07 -0.02 -9.79
C LEU A 996 -4.59 0.21 -9.56
N ILE A 997 -4.16 1.47 -9.44
CA ILE A 997 -2.74 1.75 -9.21
C ILE A 997 -2.30 1.12 -7.89
N THR A 998 -3.10 1.28 -6.84
CA THR A 998 -2.75 0.71 -5.55
C THR A 998 -2.70 -0.82 -5.63
N GLY A 999 -3.67 -1.44 -6.32
CA GLY A 999 -3.66 -2.88 -6.43
C GLY A 999 -2.46 -3.42 -7.18
N ARG A 1000 -2.15 -2.81 -8.32
CA ARG A 1000 -1.03 -3.28 -9.14
C ARG A 1000 0.30 -3.01 -8.45
N LEU A 1001 0.42 -1.88 -7.75
CA LEU A 1001 1.65 -1.60 -7.01
C LEU A 1001 1.82 -2.56 -5.85
N GLN A 1002 0.72 -2.94 -5.19
CA GLN A 1002 0.80 -3.94 -4.13
C GLN A 1002 1.24 -5.29 -4.70
N SER A 1003 0.71 -5.66 -5.87
CA SER A 1003 1.14 -6.90 -6.50
C SER A 1003 2.62 -6.87 -6.85
N LEU A 1004 3.09 -5.74 -7.39
CA LEU A 1004 4.51 -5.61 -7.71
C LEU A 1004 5.37 -5.70 -6.46
N GLN A 1005 4.96 -5.04 -5.39
CA GLN A 1005 5.74 -5.08 -4.15
C GLN A 1005 5.80 -6.49 -3.58
N THR A 1006 4.68 -7.20 -3.61
CA THR A 1006 4.67 -8.59 -3.16
C THR A 1006 5.61 -9.44 -4.00
N TYR A 1007 5.55 -9.27 -5.33
CA TYR A 1007 6.41 -10.05 -6.20
C TYR A 1007 7.88 -9.75 -5.95
N VAL A 1008 8.22 -8.47 -5.75
CA VAL A 1008 9.62 -8.09 -5.55
C VAL A 1008 10.12 -8.61 -4.21
N THR A 1009 9.29 -8.56 -3.16
CA THR A 1009 9.71 -9.12 -1.88
C THR A 1009 9.91 -10.63 -1.97
N GLN A 1010 9.00 -11.33 -2.65
CA GLN A 1010 9.17 -12.76 -2.82
C GLN A 1010 10.43 -13.08 -3.59
N GLN A 1011 10.71 -12.30 -4.64
CA GLN A 1011 11.92 -12.51 -5.42
C GLN A 1011 13.17 -12.22 -4.61
N LEU A 1012 13.12 -11.22 -3.74
CA LEU A 1012 14.27 -10.94 -2.87
C LEU A 1012 14.53 -12.09 -1.92
N ILE A 1013 13.48 -12.64 -1.30
CA ILE A 1013 13.66 -13.78 -0.40
C ILE A 1013 14.19 -15.00 -1.16
N ARG A 1014 13.62 -15.28 -2.33
CA ARG A 1014 14.07 -16.41 -3.12
C ARG A 1014 15.50 -16.21 -3.61
N ALA A 1015 15.89 -14.97 -3.92
CA ALA A 1015 17.26 -14.68 -4.32
C ALA A 1015 18.22 -14.85 -3.16
N ALA A 1016 17.79 -14.51 -1.94
CA ALA A 1016 18.62 -14.81 -0.78
C ALA A 1016 18.83 -16.31 -0.62
N GLU A 1017 17.77 -17.09 -0.81
CA GLU A 1017 17.89 -18.55 -0.75
C GLU A 1017 18.85 -19.07 -1.82
N ILE A 1018 18.70 -18.58 -3.05
CA ILE A 1018 19.55 -19.02 -4.14
C ILE A 1018 20.99 -18.60 -3.91
N ARG A 1019 21.20 -17.42 -3.32
CA ARG A 1019 22.55 -16.97 -3.02
C ARG A 1019 23.20 -17.83 -1.96
N ALA A 1020 22.43 -18.25 -0.95
CA ALA A 1020 22.95 -19.19 0.04
C ALA A 1020 23.34 -20.50 -0.63
N SER A 1021 22.49 -21.00 -1.52
CA SER A 1021 22.81 -22.26 -2.22
C SER A 1021 24.03 -22.10 -3.12
N ALA A 1022 24.19 -20.93 -3.74
CA ALA A 1022 25.33 -20.70 -4.62
C ALA A 1022 26.62 -20.55 -3.82
N ASN A 1023 26.54 -19.94 -2.64
CA ASN A 1023 27.71 -19.91 -1.75
C ASN A 1023 28.09 -21.32 -1.31
N LEU A 1024 27.09 -22.16 -1.00
CA LEU A 1024 27.37 -23.54 -0.68
C LEU A 1024 28.01 -24.27 -1.86
N ALA A 1025 27.51 -24.01 -3.07
CA ALA A 1025 28.06 -24.66 -4.25
C ALA A 1025 29.49 -24.23 -4.52
N ALA A 1026 29.80 -22.94 -4.32
CA ALA A 1026 31.17 -22.47 -4.49
C ALA A 1026 32.09 -23.08 -3.45
N THR A 1027 31.63 -23.17 -2.20
CA THR A 1027 32.43 -23.83 -1.16
C THR A 1027 32.66 -25.29 -1.50
N LYS A 1028 31.63 -25.99 -1.99
CA LYS A 1028 31.79 -27.39 -2.38
C LYS A 1028 32.77 -27.53 -3.54
N MET A 1029 32.69 -26.62 -4.51
CA MET A 1029 33.67 -26.63 -5.60
C MET A 1029 35.09 -26.52 -5.06
N SER A 1030 35.33 -25.51 -4.22
CA SER A 1030 36.68 -25.27 -3.72
C SER A 1030 37.18 -26.43 -2.88
N GLU A 1031 36.33 -27.01 -2.04
CA GLU A 1031 36.78 -27.98 -1.04
C GLU A 1031 36.61 -29.43 -1.47
N CYS A 1032 35.96 -29.71 -2.60
CA CYS A 1032 35.86 -31.07 -3.12
C CYS A 1032 36.54 -31.20 -4.47
N VAL A 1033 36.25 -30.30 -5.41
CA VAL A 1033 36.86 -30.38 -6.73
C VAL A 1033 38.33 -30.01 -6.66
N LEU A 1034 38.64 -28.91 -5.96
CA LEU A 1034 39.99 -28.38 -5.90
C LEU A 1034 40.82 -28.97 -4.76
N GLY A 1035 40.28 -29.90 -4.01
CA GLY A 1035 40.99 -30.48 -2.90
C GLY A 1035 40.38 -31.77 -2.45
N GLN A 1036 40.74 -32.19 -1.25
CA GLN A 1036 40.21 -33.40 -0.63
C GLN A 1036 39.75 -33.04 0.77
N SER A 1037 38.44 -32.99 0.98
CA SER A 1037 37.86 -32.50 2.22
C SER A 1037 37.80 -33.60 3.27
N LYS A 1038 38.27 -33.29 4.48
CA LYS A 1038 38.13 -34.19 5.61
C LYS A 1038 36.80 -33.99 6.33
N ARG A 1039 36.02 -32.97 5.97
CA ARG A 1039 34.74 -32.74 6.60
C ARG A 1039 33.78 -33.87 6.27
N VAL A 1040 33.09 -34.38 7.29
CA VAL A 1040 32.24 -35.56 7.13
C VAL A 1040 30.96 -35.15 6.41
N ASP A 1041 30.55 -35.96 5.44
CA ASP A 1041 29.31 -35.81 4.68
C ASP A 1041 29.25 -34.51 3.88
N PHE A 1042 30.34 -33.76 3.81
CA PHE A 1042 30.34 -32.56 2.97
C PHE A 1042 30.41 -32.95 1.50
N CYS A 1043 31.47 -33.64 1.11
CA CYS A 1043 31.64 -34.08 -0.27
C CYS A 1043 31.19 -35.54 -0.41
N GLY A 1044 29.91 -35.78 -0.16
CA GLY A 1044 29.33 -37.10 -0.28
C GLY A 1044 29.51 -37.96 0.96
N LYS A 1045 28.80 -39.08 0.97
CA LYS A 1045 28.86 -40.01 2.09
C LYS A 1045 30.03 -40.97 1.94
N GLY A 1046 30.74 -41.18 3.04
CA GLY A 1046 31.96 -41.97 3.03
C GLY A 1046 33.18 -41.08 3.14
N TYR A 1047 34.34 -41.72 2.97
CA TYR A 1047 35.61 -40.99 3.00
C TYR A 1047 35.84 -40.40 1.61
N HIS A 1048 35.75 -39.06 1.52
CA HIS A 1048 35.84 -38.38 0.25
C HIS A 1048 37.22 -38.56 -0.37
N LEU A 1049 37.23 -38.79 -1.69
CA LEU A 1049 38.46 -38.91 -2.46
C LEU A 1049 38.64 -37.73 -3.42
N MET A 1050 37.71 -37.55 -4.35
CA MET A 1050 37.82 -36.50 -5.34
C MET A 1050 36.45 -36.30 -5.97
N SER A 1051 36.23 -35.13 -6.55
CA SER A 1051 34.92 -34.74 -7.04
C SER A 1051 35.02 -34.20 -8.45
N PHE A 1052 33.91 -34.28 -9.17
CA PHE A 1052 33.81 -33.83 -10.56
C PHE A 1052 32.63 -32.88 -10.71
N PRO A 1053 32.83 -31.64 -11.14
CA PRO A 1053 31.69 -30.77 -11.42
C PRO A 1053 31.08 -31.07 -12.78
N GLN A 1054 29.79 -30.83 -12.89
CA GLN A 1054 29.07 -30.93 -14.16
C GLN A 1054 28.10 -29.78 -14.27
N SER A 1055 28.09 -29.12 -15.42
CA SER A 1055 27.17 -28.01 -15.61
C SER A 1055 25.74 -28.51 -15.71
N ALA A 1056 24.81 -27.75 -15.15
CA ALA A 1056 23.40 -28.06 -15.16
C ALA A 1056 22.64 -26.78 -15.45
N PRO A 1057 21.39 -26.87 -15.91
CA PRO A 1057 20.62 -25.65 -16.14
C PRO A 1057 20.36 -24.86 -14.87
N HIS A 1058 20.96 -23.68 -14.77
CA HIS A 1058 20.84 -22.82 -13.58
C HIS A 1058 21.24 -23.57 -12.32
N GLY A 1059 22.35 -24.30 -12.39
CA GLY A 1059 22.81 -25.05 -11.24
C GLY A 1059 24.10 -25.76 -11.55
N VAL A 1060 24.50 -26.63 -10.62
CA VAL A 1060 25.73 -27.40 -10.74
C VAL A 1060 25.50 -28.78 -10.14
N VAL A 1061 26.20 -29.77 -10.70
CA VAL A 1061 26.10 -31.15 -10.27
C VAL A 1061 27.49 -31.65 -9.92
N PHE A 1062 27.65 -32.19 -8.72
CA PHE A 1062 28.92 -32.73 -8.26
C PHE A 1062 28.84 -34.25 -8.22
N LEU A 1063 29.86 -34.90 -8.77
CA LEU A 1063 29.99 -36.35 -8.70
C LEU A 1063 31.01 -36.66 -7.60
N HIS A 1064 30.51 -37.01 -6.41
CA HIS A 1064 31.35 -37.20 -5.25
C HIS A 1064 31.85 -38.63 -5.21
N VAL A 1065 33.13 -38.82 -5.53
CA VAL A 1065 33.76 -40.13 -5.44
C VAL A 1065 34.23 -40.35 -4.01
N THR A 1066 33.80 -41.44 -3.40
CA THR A 1066 34.07 -41.72 -2.01
C THR A 1066 34.52 -43.15 -1.83
N TYR A 1067 35.24 -43.40 -0.74
CA TYR A 1067 35.76 -44.72 -0.39
C TYR A 1067 34.91 -45.26 0.76
N VAL A 1068 34.19 -46.34 0.50
CA VAL A 1068 33.27 -46.93 1.46
C VAL A 1068 33.81 -48.30 1.88
N PRO A 1069 34.15 -48.50 3.15
CA PRO A 1069 34.51 -49.85 3.61
C PRO A 1069 33.35 -50.82 3.41
N ALA A 1070 33.67 -52.04 2.97
CA ALA A 1070 32.64 -52.97 2.50
C ALA A 1070 32.55 -54.24 3.34
N GLN A 1071 33.62 -55.03 3.43
CA GLN A 1071 33.55 -56.39 3.97
C GLN A 1071 34.25 -56.41 5.33
N GLU A 1072 33.45 -56.29 6.38
CA GLU A 1072 33.95 -56.26 7.75
C GLU A 1072 34.32 -57.66 8.23
N LYS A 1073 35.16 -57.70 9.26
CA LYS A 1073 35.51 -58.97 9.90
C LYS A 1073 35.80 -58.68 11.37
N ASN A 1074 35.39 -59.62 12.22
CA ASN A 1074 35.57 -59.48 13.66
C ASN A 1074 36.97 -59.89 14.07
N PHE A 1075 37.56 -59.13 15.00
CA PHE A 1075 38.88 -59.42 15.52
C PHE A 1075 38.91 -59.10 17.00
N THR A 1076 39.83 -59.75 17.71
CA THR A 1076 40.07 -59.45 19.11
C THR A 1076 41.23 -58.46 19.20
N THR A 1077 41.00 -57.35 19.87
CA THR A 1077 41.93 -56.24 19.88
C THR A 1077 42.40 -55.92 21.29
N ALA A 1078 43.57 -55.30 21.37
CA ALA A 1078 44.17 -54.87 22.62
C ALA A 1078 44.74 -53.48 22.46
N PRO A 1079 44.75 -52.67 23.52
CA PRO A 1079 45.31 -51.32 23.39
C PRO A 1079 46.82 -51.29 23.27
N ALA A 1080 47.52 -52.24 23.90
CA ALA A 1080 48.97 -52.27 23.86
C ALA A 1080 49.44 -53.71 23.96
N ILE A 1081 50.77 -53.88 24.00
CA ILE A 1081 51.39 -55.20 24.01
C ILE A 1081 52.51 -55.20 25.04
N CYS A 1082 52.59 -56.27 25.84
CA CYS A 1082 53.65 -56.43 26.82
C CYS A 1082 54.69 -57.40 26.25
N HIS A 1083 55.94 -56.95 26.20
CA HIS A 1083 57.03 -57.77 25.69
C HIS A 1083 58.07 -58.09 26.76
N ASP A 1084 58.67 -57.07 27.37
CA ASP A 1084 59.73 -57.26 28.35
C ASP A 1084 59.49 -56.31 29.54
N GLY A 1085 58.25 -56.28 30.03
CA GLY A 1085 57.87 -55.32 31.04
C GLY A 1085 57.58 -53.95 30.50
N LYS A 1086 57.59 -53.76 29.19
CA LYS A 1086 57.31 -52.49 28.55
C LYS A 1086 55.95 -52.55 27.85
N ALA A 1087 55.44 -51.38 27.49
CA ALA A 1087 54.16 -51.26 26.81
C ALA A 1087 54.42 -50.76 25.39
N HIS A 1088 53.97 -51.52 24.40
CA HIS A 1088 54.12 -51.17 23.00
C HIS A 1088 52.76 -50.77 22.44
N PHE A 1089 52.67 -49.54 21.95
CA PHE A 1089 51.46 -49.04 21.31
C PHE A 1089 51.68 -48.95 19.81
N PRO A 1090 50.63 -49.10 19.01
CA PRO A 1090 50.81 -49.08 17.54
C PRO A 1090 51.19 -47.68 17.08
N ARG A 1091 52.26 -47.60 16.28
CA ARG A 1091 52.68 -46.32 15.75
C ARG A 1091 51.61 -45.74 14.83
N GLU A 1092 51.16 -46.52 13.86
CA GLU A 1092 50.07 -46.14 12.96
C GLU A 1092 49.26 -47.41 12.67
N GLY A 1093 48.22 -47.64 13.46
CA GLY A 1093 47.37 -48.77 13.22
C GLY A 1093 46.75 -49.27 14.52
N VAL A 1094 46.32 -50.53 14.48
CA VAL A 1094 45.60 -51.16 15.57
C VAL A 1094 46.10 -52.58 15.75
N PHE A 1095 46.18 -53.03 17.00
CA PHE A 1095 46.47 -54.42 17.29
C PHE A 1095 45.23 -55.27 17.12
N VAL A 1096 45.34 -56.36 16.38
CA VAL A 1096 44.25 -57.28 16.15
C VAL A 1096 44.75 -58.71 16.27
N SER A 1097 43.95 -59.57 16.88
CA SER A 1097 44.26 -60.98 17.03
C SER A 1097 43.32 -61.80 16.16
N ASN A 1098 43.89 -62.68 15.32
CA ASN A 1098 43.11 -63.58 14.50
C ASN A 1098 42.78 -64.88 15.21
N GLY A 1099 42.85 -64.90 16.53
CA GLY A 1099 42.52 -66.10 17.30
C GLY A 1099 43.71 -66.69 18.03
N THR A 1100 44.87 -66.69 17.38
CA THR A 1100 46.08 -67.26 17.98
C THR A 1100 47.32 -66.40 17.80
N HIS A 1101 47.28 -65.36 16.98
CA HIS A 1101 48.45 -64.52 16.74
C HIS A 1101 48.02 -63.06 16.79
N TRP A 1102 48.97 -62.20 17.16
CA TRP A 1102 48.74 -60.76 17.27
C TRP A 1102 49.49 -60.05 16.16
N PHE A 1103 48.79 -59.16 15.45
CA PHE A 1103 49.35 -58.45 14.32
C PHE A 1103 49.10 -56.96 14.50
N VAL A 1104 49.61 -56.18 13.55
CA VAL A 1104 49.36 -54.74 13.48
C VAL A 1104 48.71 -54.44 12.14
N THR A 1105 47.61 -53.71 12.18
CA THR A 1105 46.80 -53.44 10.99
C THR A 1105 46.43 -51.97 10.94
N GLN A 1106 46.43 -51.41 9.74
CA GLN A 1106 45.89 -50.07 9.54
C GLN A 1106 44.38 -50.08 9.78
N ARG A 1107 43.87 -48.96 10.27
CA ARG A 1107 42.51 -48.91 10.79
C ARG A 1107 41.44 -49.12 9.73
N ASN A 1108 41.73 -48.79 8.47
CA ASN A 1108 40.69 -48.75 7.44
C ASN A 1108 40.81 -49.90 6.43
N PHE A 1109 41.70 -50.85 6.65
CA PHE A 1109 41.86 -51.96 5.71
C PHE A 1109 42.64 -53.07 6.41
N TYR A 1110 42.11 -54.29 6.35
CA TYR A 1110 42.76 -55.41 7.02
C TYR A 1110 44.00 -55.81 6.23
N GLU A 1111 45.16 -55.36 6.69
CA GLU A 1111 46.46 -55.72 6.12
C GLU A 1111 47.37 -56.15 7.27
N PRO A 1112 47.15 -57.35 7.81
CA PRO A 1112 47.89 -57.76 9.01
C PRO A 1112 49.39 -57.85 8.75
N GLN A 1113 50.16 -57.41 9.74
CA GLN A 1113 51.61 -57.43 9.67
C GLN A 1113 52.17 -57.82 11.02
N ILE A 1114 53.37 -58.41 11.01
CA ILE A 1114 53.99 -58.86 12.25
C ILE A 1114 54.32 -57.66 13.12
N ILE A 1115 54.13 -57.81 14.43
CA ILE A 1115 54.44 -56.73 15.37
C ILE A 1115 55.96 -56.63 15.51
N THR A 1116 56.49 -55.43 15.23
CA THR A 1116 57.92 -55.20 15.34
C THR A 1116 58.20 -53.95 16.14
N THR A 1117 59.47 -53.54 16.21
CA THR A 1117 59.81 -52.26 16.80
C THR A 1117 59.62 -51.11 15.84
N ASP A 1118 59.49 -51.39 14.54
CA ASP A 1118 59.15 -50.36 13.57
C ASP A 1118 57.67 -50.02 13.62
N ASN A 1119 56.82 -51.02 13.85
CA ASN A 1119 55.38 -50.81 13.90
C ASN A 1119 54.92 -50.18 15.20
N THR A 1120 55.73 -50.22 16.26
CA THR A 1120 55.29 -49.83 17.59
C THR A 1120 56.33 -48.94 18.24
N PHE A 1121 55.85 -48.13 19.19
CA PHE A 1121 56.70 -47.31 20.04
C PHE A 1121 56.48 -47.69 21.50
N VAL A 1122 57.51 -47.51 22.31
CA VAL A 1122 57.49 -47.91 23.71
C VAL A 1122 57.17 -46.71 24.58
N SER A 1123 56.34 -46.92 25.59
CA SER A 1123 55.95 -45.84 26.51
C SER A 1123 55.49 -46.48 27.82
N GLY A 1124 56.24 -46.24 28.89
CA GLY A 1124 55.83 -46.73 30.19
C GLY A 1124 56.06 -48.22 30.36
N ASN A 1125 55.40 -48.77 31.37
CA ASN A 1125 55.51 -50.19 31.72
C ASN A 1125 54.14 -50.86 31.58
N CYS A 1126 54.09 -52.14 31.97
CA CYS A 1126 52.93 -52.97 31.71
C CYS A 1126 51.77 -52.69 32.66
N ASP A 1127 52.06 -52.39 33.92
CA ASP A 1127 51.05 -52.43 34.97
C ASP A 1127 50.03 -51.31 34.90
N VAL A 1128 50.23 -50.30 34.06
CA VAL A 1128 49.36 -49.13 34.09
C VAL A 1128 48.24 -49.22 33.06
N VAL A 1129 48.52 -49.74 31.87
CA VAL A 1129 47.54 -49.75 30.79
C VAL A 1129 46.48 -50.80 31.07
N ILE A 1130 45.21 -50.39 30.97
CA ILE A 1130 44.09 -51.28 31.21
C ILE A 1130 43.78 -52.03 29.92
N GLY A 1131 43.87 -53.36 29.97
CA GLY A 1131 43.61 -54.19 28.82
C GLY A 1131 44.85 -54.64 28.06
N ILE A 1132 46.05 -54.38 28.58
CA ILE A 1132 47.27 -54.80 27.91
C ILE A 1132 47.35 -56.32 27.89
N VAL A 1133 48.01 -56.85 26.86
CA VAL A 1133 48.16 -58.29 26.70
C VAL A 1133 49.63 -58.61 26.42
N ASN A 1134 50.01 -59.84 26.73
CA ASN A 1134 51.38 -60.29 26.57
C ASN A 1134 51.55 -60.91 25.18
N ASN A 1135 52.58 -60.45 24.46
CA ASN A 1135 52.88 -61.00 23.15
C ASN A 1135 54.33 -60.65 22.80
N THR A 1136 54.87 -61.38 21.84
CA THR A 1136 56.25 -61.19 21.42
C THR A 1136 56.36 -60.05 20.43
N VAL A 1137 57.29 -59.13 20.68
CA VAL A 1137 57.60 -58.04 19.76
C VAL A 1137 58.96 -58.34 19.15
N TYR A 1138 58.99 -58.52 17.83
CA TYR A 1138 60.18 -58.99 17.14
C TYR A 1138 60.98 -57.79 16.64
N ASP A 1139 62.21 -57.65 17.12
CA ASP A 1139 63.11 -56.60 16.65
C ASP A 1139 63.91 -57.14 15.47
N PRO A 1140 63.76 -56.56 14.27
CA PRO A 1140 64.49 -57.11 13.11
C PRO A 1140 66.00 -57.06 13.24
N LEU A 1141 66.53 -56.16 14.06
CA LEU A 1141 67.98 -56.04 14.22
C LEU A 1141 68.56 -57.22 14.99
N GLN A 1142 67.80 -57.80 15.91
CA GLN A 1142 68.32 -58.88 16.75
C GLN A 1142 68.70 -60.12 15.97
N PRO A 1143 67.86 -60.68 15.08
CA PRO A 1143 68.32 -61.83 14.29
C PRO A 1143 69.44 -61.48 13.32
N GLU A 1144 69.49 -60.23 12.85
CA GLU A 1144 70.59 -59.82 11.99
C GLU A 1144 71.92 -59.90 12.72
N LEU A 1145 71.98 -59.39 13.95
CA LEU A 1145 73.21 -59.54 14.73
C LEU A 1145 73.39 -60.96 15.26
N ASP A 1146 72.31 -61.75 15.33
CA ASP A 1146 72.48 -63.18 15.62
C ASP A 1146 73.22 -63.87 14.48
N SER A 1147 72.86 -63.56 13.23
CA SER A 1147 73.60 -64.08 12.09
C SER A 1147 75.01 -63.52 12.05
N PHE A 1148 75.18 -62.27 12.47
CA PHE A 1148 76.52 -61.69 12.57
C PHE A 1148 77.36 -62.47 13.57
N LYS A 1149 76.79 -62.81 14.72
CA LYS A 1149 77.48 -63.62 15.71
C LYS A 1149 77.81 -65.01 15.16
N GLU A 1150 76.88 -65.59 14.39
CA GLU A 1150 77.14 -66.90 13.78
C GLU A 1150 78.32 -66.82 12.82
N GLU A 1151 78.37 -65.77 11.99
CA GLU A 1151 79.50 -65.59 11.09
C GLU A 1151 80.80 -65.39 11.86
N LEU A 1152 80.75 -64.63 12.95
CA LEU A 1152 81.94 -64.43 13.77
C LEU A 1152 82.42 -65.74 14.39
N ASP A 1153 81.49 -66.56 14.87
CA ASP A 1153 81.84 -67.85 15.44
C ASP A 1153 82.42 -68.79 14.38
N LYS A 1154 81.88 -68.73 13.16
CA LYS A 1154 82.44 -69.53 12.08
C LYS A 1154 83.85 -69.08 11.73
N TYR A 1155 84.11 -67.77 11.77
CA TYR A 1155 85.47 -67.29 11.56
C TYR A 1155 86.41 -67.76 12.67
N PHE A 1156 85.94 -67.74 13.92
CA PHE A 1156 86.76 -68.29 15.00
C PHE A 1156 87.03 -69.77 14.79
N LYS A 1157 86.02 -70.52 14.34
CA LYS A 1157 86.21 -71.95 14.09
C LYS A 1157 87.23 -72.18 12.98
N ASN A 1158 87.16 -71.40 11.91
CA ASN A 1158 88.14 -71.56 10.84
C ASN A 1158 89.54 -71.12 11.28
N HIS A 1159 89.62 -70.14 12.19
CA HIS A 1159 90.91 -69.78 12.76
C HIS A 1159 91.48 -70.91 13.60
N THR A 1160 90.62 -71.59 14.37
CA THR A 1160 91.08 -72.69 15.21
C THR A 1160 91.37 -73.96 14.43
N SER A 1161 90.83 -74.09 13.21
CA SER A 1161 91.02 -75.32 12.45
C SER A 1161 92.48 -75.64 12.14
N PRO A 1162 93.33 -74.69 11.68
CA PRO A 1162 94.70 -75.15 11.43
C PRO A 1162 95.61 -75.01 12.66
N GLN B 14 -36.30 22.56 58.44
CA GLN B 14 -35.88 23.91 58.81
C GLN B 14 -34.55 24.28 58.18
N CYS B 15 -33.93 25.35 58.67
CA CYS B 15 -32.65 25.80 58.15
C CYS B 15 -31.96 26.60 59.27
N VAL B 16 -31.01 25.97 59.94
CA VAL B 16 -30.28 26.58 61.04
C VAL B 16 -28.79 26.40 60.79
N ASN B 17 -28.04 27.50 60.84
CA ASN B 17 -26.60 27.45 60.62
C ASN B 17 -25.90 26.80 61.79
N LEU B 18 -25.23 25.67 61.53
CA LEU B 18 -24.46 24.95 62.54
C LEU B 18 -23.00 25.34 62.38
N THR B 19 -22.67 26.52 62.88
CA THR B 19 -21.33 27.08 62.77
C THR B 19 -20.47 26.84 64.00
N THR B 20 -20.97 26.10 64.99
CA THR B 20 -20.24 25.83 66.23
C THR B 20 -19.15 24.80 65.93
N ARG B 21 -18.07 25.27 65.33
CA ARG B 21 -16.98 24.41 64.90
C ARG B 21 -15.66 25.16 64.99
N THR B 22 -14.57 24.39 65.01
CA THR B 22 -13.22 24.93 65.02
C THR B 22 -12.61 24.75 63.63
N GLN B 23 -11.99 25.80 63.12
CA GLN B 23 -11.43 25.75 61.77
C GLN B 23 -10.19 24.86 61.74
N LEU B 24 -10.18 23.91 60.80
CA LEU B 24 -9.05 23.00 60.60
C LEU B 24 -8.61 23.04 59.15
N PRO B 25 -7.34 23.31 58.86
CA PRO B 25 -6.85 23.23 57.49
C PRO B 25 -6.96 21.81 56.96
N PRO B 26 -7.26 21.64 55.67
CA PRO B 26 -7.43 20.29 55.13
C PRO B 26 -6.12 19.55 54.94
N ALA B 27 -5.89 18.53 55.76
CA ALA B 27 -4.69 17.70 55.65
C ALA B 27 -4.82 16.74 54.46
N TYR B 28 -3.68 16.18 54.06
CA TYR B 28 -3.62 15.27 52.92
C TYR B 28 -3.25 13.87 53.39
N THR B 29 -3.47 12.90 52.50
CA THR B 29 -3.14 11.51 52.77
C THR B 29 -2.83 10.83 51.44
N ASN B 30 -2.08 9.73 51.51
CA ASN B 30 -1.68 9.00 50.32
C ASN B 30 -2.63 7.83 50.09
N SER B 31 -3.25 7.79 48.91
CA SER B 31 -4.08 6.68 48.49
C SER B 31 -3.20 5.65 47.81
N PHE B 32 -2.91 4.55 48.49
CA PHE B 32 -1.88 3.61 48.04
C PHE B 32 -2.22 3.00 46.69
N THR B 33 -3.28 2.19 46.63
CA THR B 33 -3.72 1.57 45.39
C THR B 33 -5.24 1.61 45.30
N ARG B 34 -5.83 2.70 45.77
CA ARG B 34 -7.29 2.83 45.82
C ARG B 34 -7.79 3.61 44.60
N GLY B 35 -9.10 3.53 44.39
CA GLY B 35 -9.71 4.22 43.27
C GLY B 35 -9.76 3.42 41.99
N VAL B 36 -9.96 2.11 42.08
CA VAL B 36 -10.01 1.23 40.92
C VAL B 36 -11.37 0.57 40.86
N TYR B 37 -11.95 0.52 39.66
CA TYR B 37 -13.27 -0.06 39.46
C TYR B 37 -13.22 -0.89 38.18
N TYR B 38 -14.39 -1.30 37.71
CA TYR B 38 -14.50 -1.99 36.43
C TYR B 38 -14.92 -0.97 35.38
N PRO B 39 -14.05 -0.62 34.43
CA PRO B 39 -14.40 0.44 33.47
C PRO B 39 -15.63 0.13 32.64
N ASP B 40 -15.88 -1.15 32.34
CA ASP B 40 -17.03 -1.53 31.52
C ASP B 40 -17.56 -2.86 32.02
N LYS B 41 -18.73 -3.23 31.49
CA LYS B 41 -19.43 -4.45 31.90
C LYS B 41 -19.14 -5.61 30.96
N VAL B 42 -17.91 -5.66 30.44
CA VAL B 42 -17.48 -6.75 29.57
C VAL B 42 -16.66 -7.72 30.42
N PHE B 43 -17.13 -8.95 30.54
CA PHE B 43 -16.45 -9.94 31.36
C PHE B 43 -15.12 -10.34 30.74
N ARG B 44 -14.08 -10.42 31.56
CA ARG B 44 -12.77 -10.89 31.13
C ARG B 44 -12.17 -11.75 32.24
N SER B 45 -11.56 -12.86 31.84
CA SER B 45 -11.04 -13.83 32.80
C SER B 45 -9.61 -14.21 32.42
N SER B 46 -8.71 -14.08 33.39
CA SER B 46 -7.31 -14.49 33.25
C SER B 46 -6.66 -13.86 32.02
N VAL B 47 -6.70 -12.53 31.98
CA VAL B 47 -6.15 -11.78 30.84
C VAL B 47 -5.71 -10.41 31.34
N LEU B 48 -4.61 -9.93 30.79
CA LEU B 48 -4.10 -8.58 31.08
C LEU B 48 -4.75 -7.61 30.09
N HIS B 49 -5.62 -6.74 30.60
CA HIS B 49 -6.33 -5.77 29.79
C HIS B 49 -5.87 -4.37 30.16
N SER B 50 -5.57 -3.56 29.14
CA SER B 50 -5.13 -2.19 29.31
C SER B 50 -6.22 -1.25 28.84
N THR B 51 -6.87 -0.55 29.77
CA THR B 51 -7.99 0.31 29.46
C THR B 51 -7.67 1.75 29.84
N GLN B 52 -8.26 2.68 29.10
CA GLN B 52 -8.10 4.11 29.34
C GLN B 52 -9.43 4.68 29.78
N ASP B 53 -9.45 5.30 30.95
CA ASP B 53 -10.66 5.90 31.51
C ASP B 53 -10.23 6.79 32.67
N LEU B 54 -11.21 7.38 33.35
CA LEU B 54 -10.95 8.29 34.47
C LEU B 54 -10.80 7.45 35.73
N PHE B 55 -9.55 7.27 36.16
CA PHE B 55 -9.24 6.55 37.40
C PHE B 55 -8.60 7.52 38.40
N LEU B 56 -8.44 7.02 39.62
CA LEU B 56 -7.69 7.75 40.63
C LEU B 56 -6.23 7.32 40.56
N PRO B 57 -5.30 8.23 40.26
CA PRO B 57 -3.90 7.82 40.09
C PRO B 57 -3.34 7.19 41.37
N PHE B 58 -2.50 6.19 41.17
CA PHE B 58 -1.86 5.52 42.30
C PHE B 58 -0.99 6.49 43.07
N PHE B 59 -0.98 6.35 44.39
CA PHE B 59 -0.21 7.21 45.28
C PHE B 59 -0.55 8.68 45.04
N SER B 60 -1.82 9.01 45.28
CA SER B 60 -2.34 10.36 45.11
C SER B 60 -2.61 10.99 46.46
N ASN B 61 -2.82 12.30 46.45
CA ASN B 61 -3.06 13.08 47.66
C ASN B 61 -4.56 13.23 47.84
N VAL B 62 -5.17 12.32 48.60
CA VAL B 62 -6.58 12.39 48.93
C VAL B 62 -6.74 13.29 50.16
N THR B 63 -7.58 14.32 50.03
CA THR B 63 -7.77 15.26 51.12
C THR B 63 -8.51 14.58 52.27
N TRP B 64 -7.99 14.73 53.48
CA TRP B 64 -8.54 14.08 54.67
C TRP B 64 -9.43 15.05 55.40
N PHE B 65 -10.71 14.71 55.52
CA PHE B 65 -11.68 15.49 56.27
C PHE B 65 -12.10 14.69 57.49
N HIS B 66 -11.95 15.26 58.68
CA HIS B 66 -12.21 14.57 59.93
C HIS B 66 -13.27 15.32 60.72
N ALA B 67 -14.27 14.58 61.21
CA ALA B 67 -15.32 15.13 62.05
C ALA B 67 -15.13 14.61 63.48
N ILE B 68 -15.10 15.53 64.45
CA ILE B 68 -14.85 15.21 65.84
C ILE B 68 -16.06 15.65 66.66
N HIS B 69 -16.54 14.77 67.53
CA HIS B 69 -17.67 15.04 68.41
C HIS B 69 -18.92 15.45 67.62
N LYS B 77 -17.89 19.34 68.31
CA LYS B 77 -16.61 20.02 68.25
C LYS B 77 -16.27 20.44 66.83
N ARG B 78 -15.93 19.45 65.99
CA ARG B 78 -15.51 19.69 64.61
C ARG B 78 -16.66 19.34 63.69
N PHE B 79 -17.22 20.36 63.03
CA PHE B 79 -18.21 20.17 61.98
C PHE B 79 -17.48 20.30 60.65
N ASP B 80 -17.21 19.17 60.00
CA ASP B 80 -16.42 19.14 58.77
C ASP B 80 -17.31 18.62 57.64
N ASN B 81 -18.09 19.52 57.05
CA ASN B 81 -18.91 19.22 55.88
C ASN B 81 -18.73 20.32 54.84
N PRO B 82 -17.52 20.46 54.29
CA PRO B 82 -17.31 21.47 53.26
C PRO B 82 -17.94 21.06 51.94
N VAL B 83 -18.17 22.04 51.09
CA VAL B 83 -18.70 21.80 49.74
C VAL B 83 -17.50 21.74 48.81
N LEU B 84 -17.27 20.58 48.21
CA LEU B 84 -16.09 20.37 47.41
C LEU B 84 -16.43 20.39 45.93
N PRO B 85 -15.50 20.81 45.08
CA PRO B 85 -15.75 20.78 43.63
C PRO B 85 -15.89 19.34 43.14
N PHE B 86 -16.66 19.19 42.07
CA PHE B 86 -16.83 17.92 41.38
C PHE B 86 -16.34 18.14 39.95
N ASN B 87 -15.08 17.79 39.69
CA ASN B 87 -14.49 17.92 38.36
C ASN B 87 -13.93 16.59 37.92
N ASP B 88 -14.39 16.12 36.76
CA ASP B 88 -13.92 14.87 36.13
C ASP B 88 -13.94 13.71 37.13
N GLY B 89 -15.06 13.55 37.81
CA GLY B 89 -15.25 12.44 38.72
C GLY B 89 -14.63 12.68 40.08
N VAL B 90 -15.12 11.92 41.06
CA VAL B 90 -14.67 12.03 42.44
C VAL B 90 -14.59 10.64 43.04
N TYR B 91 -13.48 10.36 43.73
CA TYR B 91 -13.35 9.15 44.54
C TYR B 91 -13.69 9.49 45.98
N PHE B 92 -14.57 8.69 46.59
CA PHE B 92 -15.07 8.96 47.93
C PHE B 92 -14.89 7.70 48.77
N ALA B 93 -14.09 7.81 49.84
CA ALA B 93 -13.83 6.70 50.73
C ALA B 93 -14.10 7.13 52.16
N SER B 94 -14.59 6.20 52.98
CA SER B 94 -14.98 6.54 54.34
C SER B 94 -14.85 5.31 55.24
N THR B 95 -14.42 5.55 56.48
CA THR B 95 -14.53 4.57 57.55
C THR B 95 -15.68 5.03 58.45
N GLU B 96 -16.72 4.21 58.55
CA GLU B 96 -17.97 4.60 59.17
C GLU B 96 -18.34 3.66 60.30
N LYS B 97 -18.92 4.22 61.36
CA LYS B 97 -19.46 3.46 62.48
C LYS B 97 -20.85 3.98 62.82
N SER B 98 -21.79 3.06 62.99
CA SER B 98 -23.17 3.37 63.37
C SER B 98 -23.87 4.27 62.35
N ASN B 99 -23.43 4.19 61.09
CA ASN B 99 -24.10 4.85 59.96
C ASN B 99 -24.17 6.37 60.17
N ILE B 100 -23.00 7.00 60.19
CA ILE B 100 -22.94 8.45 60.31
C ILE B 100 -23.18 9.12 58.96
N ILE B 101 -22.47 8.65 57.92
CA ILE B 101 -22.67 9.20 56.59
C ILE B 101 -24.05 8.80 56.08
N ARG B 102 -24.78 9.77 55.53
CA ARG B 102 -26.15 9.53 55.11
C ARG B 102 -26.41 9.81 53.64
N GLY B 103 -25.43 10.28 52.88
CA GLY B 103 -25.61 10.49 51.47
C GLY B 103 -24.69 11.58 50.95
N TRP B 104 -24.99 12.02 49.73
CA TRP B 104 -24.18 13.02 49.04
C TRP B 104 -25.11 14.00 48.32
N ILE B 105 -24.57 15.19 48.05
CA ILE B 105 -25.28 16.24 47.35
C ILE B 105 -24.50 16.58 46.08
N PHE B 106 -25.21 16.83 44.99
CA PHE B 106 -24.57 17.15 43.73
C PHE B 106 -25.29 18.31 43.07
N GLY B 107 -24.59 18.98 42.15
CA GLY B 107 -25.17 20.07 41.41
C GLY B 107 -24.08 21.00 40.88
N THR B 108 -24.51 22.19 40.47
CA THR B 108 -23.59 23.18 39.94
C THR B 108 -23.75 24.53 40.62
N THR B 109 -24.96 24.82 41.11
CA THR B 109 -25.24 26.06 41.82
C THR B 109 -25.82 25.83 43.22
N LEU B 110 -26.69 24.84 43.36
CA LEU B 110 -27.25 24.44 44.67
C LEU B 110 -28.01 25.60 45.32
N ASP B 111 -28.73 26.38 44.51
CA ASP B 111 -29.56 27.46 45.05
C ASP B 111 -30.90 27.55 44.33
N SER B 112 -31.45 26.41 43.91
CA SER B 112 -32.73 26.26 43.22
C SER B 112 -32.72 26.87 41.82
N LYS B 113 -31.62 27.50 41.40
CA LYS B 113 -31.56 28.02 40.05
C LYS B 113 -31.39 26.90 39.03
N THR B 114 -30.65 25.86 39.39
CA THR B 114 -30.36 24.74 38.51
C THR B 114 -30.74 23.43 39.18
N GLN B 115 -30.69 22.36 38.40
CA GLN B 115 -30.99 21.03 38.91
C GLN B 115 -29.88 20.56 39.87
N SER B 116 -30.27 19.66 40.77
CA SER B 116 -29.34 19.17 41.79
C SER B 116 -29.62 17.70 42.06
N LEU B 117 -28.64 16.86 41.75
CA LEU B 117 -28.72 15.44 42.08
C LEU B 117 -28.47 15.24 43.57
N LEU B 118 -29.33 14.47 44.23
CA LEU B 118 -29.28 14.28 45.66
C LEU B 118 -29.43 12.80 45.98
N ILE B 119 -28.64 12.31 46.94
CA ILE B 119 -28.68 10.92 47.38
C ILE B 119 -28.70 10.90 48.90
N VAL B 120 -29.60 10.09 49.47
CA VAL B 120 -29.67 9.89 50.91
C VAL B 120 -29.68 8.39 51.20
N ASN B 121 -29.02 8.01 52.29
CA ASN B 121 -28.96 6.63 52.73
C ASN B 121 -29.99 6.38 53.82
N ASN B 122 -30.70 5.26 53.72
CA ASN B 122 -31.75 4.92 54.67
C ASN B 122 -32.01 3.42 54.58
N ALA B 123 -32.61 2.88 55.63
CA ALA B 123 -32.87 1.44 55.66
C ALA B 123 -33.97 1.02 54.69
N THR B 124 -34.81 1.96 54.24
CA THR B 124 -35.92 1.63 53.36
C THR B 124 -35.82 2.28 51.99
N ASN B 125 -35.64 3.60 51.93
CA ASN B 125 -35.64 4.34 50.68
C ASN B 125 -34.33 5.07 50.47
N VAL B 126 -33.88 5.10 49.21
CA VAL B 126 -32.61 5.72 48.84
C VAL B 126 -32.89 6.82 47.83
N VAL B 127 -34.03 7.50 47.99
CA VAL B 127 -34.57 8.44 47.02
C VAL B 127 -33.49 9.34 46.43
N ILE B 128 -33.51 9.48 45.11
CA ILE B 128 -32.48 10.21 44.37
C ILE B 128 -33.13 11.38 43.66
N LYS B 129 -34.12 11.99 44.32
CA LYS B 129 -34.88 13.10 43.75
C LYS B 129 -33.96 14.12 43.08
N VAL B 130 -34.09 14.24 41.76
CA VAL B 130 -33.34 15.21 40.98
C VAL B 130 -34.29 16.40 40.78
N CYS B 131 -34.14 17.41 41.63
CA CYS B 131 -35.11 18.49 41.70
C CYS B 131 -34.37 19.81 41.58
N GLU B 132 -35.06 20.92 41.85
CA GLU B 132 -34.41 22.22 41.98
C GLU B 132 -34.48 22.61 43.45
N PHE B 133 -33.39 22.35 44.18
CA PHE B 133 -33.34 22.55 45.62
C PHE B 133 -32.71 23.90 45.93
N GLN B 134 -33.40 24.70 46.75
CA GLN B 134 -32.80 25.90 47.35
C GLN B 134 -32.04 25.45 48.59
N PHE B 135 -30.83 24.95 48.36
CA PHE B 135 -30.06 24.30 49.40
C PHE B 135 -29.66 25.27 50.50
N CYS B 136 -29.60 24.77 51.72
CA CYS B 136 -29.19 25.56 52.88
C CYS B 136 -27.66 25.65 52.94
N ASN B 137 -27.19 26.56 53.79
CA ASN B 137 -25.75 26.72 53.99
C ASN B 137 -25.14 25.46 54.59
N ASP B 138 -25.80 24.86 55.57
CA ASP B 138 -25.33 23.66 56.25
C ASP B 138 -26.41 22.59 56.22
N PRO B 139 -26.54 21.87 55.11
CA PRO B 139 -27.48 20.75 55.06
C PRO B 139 -27.04 19.61 55.96
N PHE B 140 -27.78 19.36 57.03
CA PHE B 140 -27.38 18.37 58.03
C PHE B 140 -28.62 17.71 58.60
N LEU B 141 -28.45 16.47 59.06
CA LEU B 141 -29.55 15.68 59.61
C LEU B 141 -29.18 15.26 61.04
N GLY B 142 -30.11 15.47 61.96
CA GLY B 142 -29.87 15.26 63.38
C GLY B 142 -30.54 14.00 63.88
N VAL B 143 -29.83 13.28 64.76
CA VAL B 143 -30.33 12.06 65.39
C VAL B 143 -30.18 12.20 66.90
N TYR B 144 -31.23 11.86 67.63
CA TYR B 144 -31.17 11.94 69.09
C TYR B 144 -30.10 11.02 69.65
N TYR B 145 -29.63 11.36 70.85
CA TYR B 145 -28.60 10.59 71.53
C TYR B 145 -29.10 10.11 72.89
N TRP B 152 -31.48 5.67 69.62
CA TRP B 152 -31.10 6.64 68.59
C TRP B 152 -32.09 6.62 67.43
N MET B 153 -32.79 7.73 67.22
CA MET B 153 -33.70 7.87 66.09
C MET B 153 -33.54 9.27 65.50
N GLU B 154 -33.76 9.36 64.18
CA GLU B 154 -33.60 10.61 63.46
C GLU B 154 -34.92 11.37 63.42
N SER B 155 -34.85 12.68 63.64
CA SER B 155 -36.03 13.52 63.63
C SER B 155 -35.84 14.83 62.86
N GLU B 156 -34.70 15.05 62.23
CA GLU B 156 -34.42 16.28 61.51
C GLU B 156 -34.14 15.99 60.04
N PHE B 157 -34.72 16.82 59.16
CA PHE B 157 -34.51 16.73 57.72
C PHE B 157 -34.36 18.17 57.22
N ARG B 158 -33.12 18.66 57.22
CA ARG B 158 -32.83 20.06 56.84
C ARG B 158 -31.76 20.03 55.76
N VAL B 159 -32.20 19.91 54.50
CA VAL B 159 -31.32 19.93 53.34
C VAL B 159 -31.73 21.01 52.36
N TYR B 160 -33.01 21.07 52.01
CA TYR B 160 -33.52 21.99 51.01
C TYR B 160 -34.79 22.66 51.51
N SER B 161 -35.03 23.88 51.02
CA SER B 161 -36.25 24.59 51.39
C SER B 161 -37.48 23.94 50.77
N SER B 162 -37.43 23.66 49.47
CA SER B 162 -38.58 23.07 48.78
C SER B 162 -38.12 22.40 47.50
N ALA B 163 -38.72 21.27 47.18
CA ALA B 163 -38.47 20.53 45.94
C ALA B 163 -39.72 20.60 45.08
N ASN B 164 -39.78 21.63 44.22
CA ASN B 164 -41.00 21.90 43.46
C ASN B 164 -41.09 21.05 42.19
N ASN B 165 -40.15 21.22 41.27
CA ASN B 165 -40.18 20.54 39.97
C ASN B 165 -39.05 19.52 39.91
N CYS B 166 -39.40 18.28 39.56
CA CYS B 166 -38.48 17.16 39.61
C CYS B 166 -38.65 16.30 38.37
N THR B 167 -37.61 15.53 38.04
CA THR B 167 -37.62 14.77 36.80
C THR B 167 -37.05 13.37 36.89
N PHE B 168 -36.63 12.90 38.07
CA PHE B 168 -36.05 11.57 38.16
C PHE B 168 -36.22 11.07 39.59
N GLU B 169 -36.58 9.79 39.72
CA GLU B 169 -36.74 9.15 41.02
C GLU B 169 -36.25 7.72 40.94
N TYR B 170 -35.59 7.25 42.00
CA TYR B 170 -35.09 5.89 42.08
C TYR B 170 -35.06 5.45 43.53
N VAL B 171 -35.57 4.25 43.81
CA VAL B 171 -35.60 3.69 45.16
C VAL B 171 -35.22 2.23 45.09
N SER B 172 -34.28 1.82 45.95
CA SER B 172 -33.86 0.43 46.08
C SER B 172 -33.10 0.30 47.39
N GLN B 173 -32.46 -0.85 47.58
CA GLN B 173 -31.57 -1.02 48.73
C GLN B 173 -30.30 -0.22 48.47
N PRO B 174 -29.94 0.76 49.32
CA PRO B 174 -28.81 1.65 49.01
C PRO B 174 -27.49 0.92 48.82
N PHE B 175 -27.02 0.26 49.86
CA PHE B 175 -25.75 -0.48 49.84
C PHE B 175 -25.64 -1.26 51.15
N LEU B 176 -24.49 -1.89 51.35
CA LEU B 176 -24.27 -2.72 52.54
C LEU B 176 -24.34 -1.86 53.80
N MET B 177 -24.87 -2.46 54.86
CA MET B 177 -24.95 -1.81 56.16
C MET B 177 -23.65 -1.96 56.94
N ASN B 185 -9.74 2.50 66.63
CA ASN B 185 -9.64 1.85 65.33
C ASN B 185 -10.98 1.85 64.61
N PHE B 186 -10.99 1.34 63.38
CA PHE B 186 -12.19 1.28 62.57
C PHE B 186 -12.43 -0.14 62.10
N LYS B 187 -13.69 -0.57 62.12
CA LYS B 187 -14.08 -1.92 61.71
C LYS B 187 -14.83 -1.93 60.38
N ASN B 188 -14.80 -0.83 59.63
CA ASN B 188 -15.53 -0.76 58.38
C ASN B 188 -14.82 0.20 57.44
N LEU B 189 -14.85 -0.12 56.15
CA LEU B 189 -14.28 0.74 55.12
C LEU B 189 -15.24 0.81 53.93
N ARG B 190 -15.41 2.02 53.40
CA ARG B 190 -16.31 2.27 52.28
C ARG B 190 -15.54 2.89 51.13
N GLU B 191 -15.92 2.52 49.91
CA GLU B 191 -15.34 3.09 48.70
C GLU B 191 -16.45 3.50 47.75
N PHE B 192 -16.29 4.66 47.10
CA PHE B 192 -17.28 5.16 46.17
C PHE B 192 -16.58 5.93 45.06
N VAL B 193 -17.07 5.75 43.84
CA VAL B 193 -16.60 6.49 42.68
C VAL B 193 -17.82 7.03 41.94
N PHE B 194 -17.81 8.33 41.65
CA PHE B 194 -18.91 9.00 40.98
C PHE B 194 -18.43 9.59 39.67
N LYS B 195 -19.15 9.31 38.58
CA LYS B 195 -18.81 9.80 37.26
C LYS B 195 -20.04 10.35 36.56
N ASN B 196 -19.87 11.44 35.82
CA ASN B 196 -20.92 12.05 35.02
C ASN B 196 -20.42 12.08 33.58
N ILE B 197 -20.65 11.00 32.84
CA ILE B 197 -20.14 10.83 31.49
C ILE B 197 -21.31 10.60 30.54
N ASP B 198 -21.36 11.41 29.48
CA ASP B 198 -22.35 11.25 28.41
C ASP B 198 -23.78 11.23 28.95
N GLY B 199 -24.07 12.11 29.90
CA GLY B 199 -25.40 12.20 30.44
C GLY B 199 -25.79 11.10 31.40
N TYR B 200 -24.84 10.26 31.80
CA TYR B 200 -25.11 9.15 32.72
C TYR B 200 -24.32 9.37 34.01
N PHE B 201 -24.97 9.08 35.13
CA PHE B 201 -24.34 9.15 36.45
C PHE B 201 -24.11 7.74 36.95
N LYS B 202 -22.84 7.36 37.10
CA LYS B 202 -22.47 6.02 37.49
C LYS B 202 -21.92 6.00 38.91
N ILE B 203 -22.26 4.96 39.66
CA ILE B 203 -21.83 4.79 41.04
C ILE B 203 -21.16 3.43 41.17
N TYR B 204 -19.94 3.42 41.70
CA TYR B 204 -19.18 2.20 41.96
C TYR B 204 -18.97 2.05 43.45
N SER B 205 -19.02 0.82 43.94
CA SER B 205 -18.93 0.60 45.38
C SER B 205 -18.45 -0.80 45.67
N LYS B 206 -17.65 -0.93 46.72
CA LYS B 206 -17.35 -2.22 47.34
C LYS B 206 -17.05 -1.98 48.81
N HIS B 207 -17.53 -2.88 49.66
CA HIS B 207 -17.48 -2.70 51.11
C HIS B 207 -16.53 -3.75 51.69
N THR B 208 -15.30 -3.33 51.95
CA THR B 208 -14.29 -4.29 52.40
C THR B 208 -14.08 -4.19 53.91
N PRO B 209 -13.86 -5.33 54.58
CA PRO B 209 -13.61 -5.30 56.03
C PRO B 209 -12.14 -5.05 56.37
N ILE B 210 -11.88 -3.97 57.10
CA ILE B 210 -10.52 -3.63 57.52
C ILE B 210 -10.50 -3.46 59.03
N ASN B 211 -9.34 -3.75 59.62
CA ASN B 211 -9.12 -3.53 61.05
C ASN B 211 -8.09 -2.44 61.31
N LEU B 212 -7.72 -1.66 60.28
CA LEU B 212 -6.76 -0.59 60.47
C LEU B 212 -7.38 0.55 61.27
N VAL B 213 -6.52 1.38 61.85
CA VAL B 213 -6.96 2.40 62.80
C VAL B 213 -7.26 3.73 62.11
N ARG B 214 -6.33 4.26 61.32
CA ARG B 214 -6.51 5.61 60.80
C ARG B 214 -6.02 5.82 59.37
N ASP B 215 -5.57 4.79 58.67
CA ASP B 215 -4.98 4.94 57.36
C ASP B 215 -5.65 4.03 56.34
N LEU B 216 -5.64 4.46 55.08
CA LEU B 216 -6.14 3.64 53.99
C LEU B 216 -5.25 2.40 53.84
N PRO B 217 -5.81 1.20 53.89
CA PRO B 217 -4.96 -0.01 53.87
C PRO B 217 -4.27 -0.20 52.54
N GLN B 218 -3.11 -0.86 52.59
CA GLN B 218 -2.42 -1.27 51.38
C GLN B 218 -3.05 -2.54 50.85
N GLY B 219 -3.61 -2.47 49.64
CA GLY B 219 -4.27 -3.61 49.06
C GLY B 219 -5.06 -3.19 47.84
N PHE B 220 -5.59 -4.20 47.15
CA PHE B 220 -6.34 -3.98 45.93
C PHE B 220 -7.76 -4.48 46.11
N SER B 221 -8.74 -3.65 45.73
CA SER B 221 -10.14 -4.02 45.82
C SER B 221 -10.89 -3.21 44.76
N ALA B 222 -11.22 -3.87 43.65
CA ALA B 222 -11.97 -3.20 42.58
C ALA B 222 -13.41 -2.95 43.02
N LEU B 223 -14.01 -1.91 42.46
CA LEU B 223 -15.34 -1.48 42.84
C LEU B 223 -16.31 -1.78 41.70
N GLU B 224 -17.19 -2.77 41.92
CA GLU B 224 -18.20 -3.07 40.93
C GLU B 224 -19.22 -1.94 40.85
N PRO B 225 -19.77 -1.65 39.67
CA PRO B 225 -20.79 -0.61 39.56
C PRO B 225 -22.00 -0.93 40.43
N LEU B 226 -22.61 0.12 40.97
CA LEU B 226 -23.79 -0.01 41.82
C LEU B 226 -25.07 0.34 41.09
N VAL B 227 -25.11 1.50 40.43
CA VAL B 227 -26.31 1.94 39.71
C VAL B 227 -25.88 3.03 38.74
N ASP B 228 -26.63 3.14 37.64
CA ASP B 228 -26.43 4.20 36.66
C ASP B 228 -27.74 4.95 36.49
N LEU B 229 -27.67 6.27 36.47
CA LEU B 229 -28.83 7.13 36.32
C LEU B 229 -28.66 8.01 35.09
N PRO B 230 -29.54 7.89 34.09
CA PRO B 230 -29.43 8.70 32.87
C PRO B 230 -30.04 10.10 33.01
N ILE B 231 -29.67 10.78 34.10
CA ILE B 231 -30.25 12.10 34.38
C ILE B 231 -29.82 13.12 33.34
N GLY B 232 -28.54 13.11 32.95
CA GLY B 232 -28.04 14.08 32.00
C GLY B 232 -28.08 15.51 32.51
N ILE B 233 -27.64 15.73 33.74
CA ILE B 233 -27.65 17.05 34.34
C ILE B 233 -26.22 17.53 34.54
N ASN B 234 -26.08 18.77 35.00
CA ASN B 234 -24.77 19.38 35.22
C ASN B 234 -24.39 19.26 36.69
N ILE B 235 -23.22 18.67 36.95
CA ILE B 235 -22.67 18.55 38.29
C ILE B 235 -21.25 19.09 38.26
N THR B 236 -20.98 20.11 39.09
CA THR B 236 -19.67 20.74 39.12
C THR B 236 -19.18 20.84 40.55
N ARG B 237 -20.11 20.90 41.50
CA ARG B 237 -19.79 21.02 42.92
C ARG B 237 -20.61 19.99 43.67
N PHE B 238 -20.08 19.52 44.81
CA PHE B 238 -20.76 18.47 45.55
C PHE B 238 -20.45 18.59 47.03
N GLN B 239 -21.32 17.98 47.84
CA GLN B 239 -21.21 18.02 49.28
C GLN B 239 -21.73 16.70 49.86
N THR B 240 -21.16 16.28 50.98
CA THR B 240 -21.55 15.05 51.63
C THR B 240 -22.72 15.29 52.60
N LEU B 241 -23.23 14.21 53.18
CA LEU B 241 -24.29 14.26 54.17
C LEU B 241 -23.91 13.39 55.35
N LEU B 242 -24.16 13.88 56.57
CA LEU B 242 -23.81 13.18 57.78
C LEU B 242 -24.98 13.18 58.74
N ALA B 243 -25.00 12.20 59.64
CA ALA B 243 -25.96 12.13 60.72
C ALA B 243 -25.36 12.73 61.99
N LEU B 244 -26.15 12.73 63.06
CA LEU B 244 -25.71 13.33 64.31
C LEU B 244 -25.58 12.25 65.39
N SER B 254 -30.47 21.40 71.73
CA SER B 254 -30.76 22.68 71.09
C SER B 254 -30.08 22.79 69.73
N SER B 255 -30.13 23.98 69.13
CA SER B 255 -29.47 24.19 67.84
C SER B 255 -27.97 24.02 67.96
N SER B 256 -27.37 24.55 69.02
CA SER B 256 -25.95 24.42 69.27
C SER B 256 -25.70 23.29 70.26
N GLY B 257 -24.62 22.54 70.03
CA GLY B 257 -24.31 21.39 70.86
C GLY B 257 -24.81 20.10 70.25
N TRP B 258 -23.88 19.27 69.79
CA TRP B 258 -24.23 18.04 69.09
C TRP B 258 -23.17 16.99 69.33
N THR B 259 -23.56 15.73 69.17
CA THR B 259 -22.70 14.58 69.38
C THR B 259 -22.60 13.78 68.10
N ALA B 260 -21.37 13.38 67.74
CA ALA B 260 -21.14 12.60 66.54
C ALA B 260 -19.85 11.80 66.72
N GLY B 261 -19.80 10.66 66.03
CA GLY B 261 -18.61 9.83 66.09
C GLY B 261 -17.45 10.45 65.32
N ALA B 262 -16.26 9.92 65.60
CA ALA B 262 -15.04 10.38 64.94
C ALA B 262 -14.95 9.74 63.55
N ALA B 263 -15.91 10.12 62.70
CA ALA B 263 -16.02 9.60 61.35
C ALA B 263 -15.32 10.55 60.39
N ALA B 264 -14.44 10.00 59.55
CA ALA B 264 -13.68 10.78 58.60
C ALA B 264 -13.84 10.20 57.20
N TYR B 265 -13.76 11.07 56.19
CA TYR B 265 -13.89 10.65 54.81
C TYR B 265 -12.78 11.29 53.98
N TYR B 266 -12.39 10.58 52.91
CA TYR B 266 -11.32 11.01 52.02
C TYR B 266 -11.91 11.30 50.65
N VAL B 267 -11.39 12.34 49.99
CA VAL B 267 -11.87 12.77 48.69
C VAL B 267 -10.68 12.90 47.75
N GLY B 268 -10.69 12.12 46.69
CA GLY B 268 -9.66 12.21 45.66
C GLY B 268 -10.31 12.35 44.30
N TYR B 269 -9.63 13.09 43.43
CA TYR B 269 -10.18 13.46 42.13
C TYR B 269 -9.56 12.60 41.03
N LEU B 270 -10.37 12.25 40.05
CA LEU B 270 -9.95 11.35 38.99
C LEU B 270 -9.44 12.13 37.79
N GLN B 271 -8.48 11.51 37.08
CA GLN B 271 -7.92 12.04 35.85
C GLN B 271 -7.88 10.93 34.81
N PRO B 272 -7.91 11.28 33.52
CA PRO B 272 -7.91 10.24 32.48
C PRO B 272 -6.57 9.52 32.37
N ARG B 273 -6.33 8.59 33.28
CA ARG B 273 -5.07 7.85 33.33
C ARG B 273 -5.29 6.44 32.82
N THR B 274 -4.44 6.00 31.89
CA THR B 274 -4.50 4.64 31.39
C THR B 274 -4.02 3.66 32.45
N PHE B 275 -4.75 2.55 32.58
CA PHE B 275 -4.42 1.51 33.55
C PHE B 275 -4.26 0.18 32.84
N LEU B 276 -3.49 -0.71 33.46
CA LEU B 276 -3.29 -2.07 32.96
C LEU B 276 -3.90 -3.02 33.99
N LEU B 277 -5.18 -3.33 33.82
CA LEU B 277 -5.87 -4.21 34.74
C LEU B 277 -5.47 -5.66 34.50
N LYS B 278 -5.62 -6.48 35.55
CA LYS B 278 -5.27 -7.90 35.51
C LYS B 278 -6.46 -8.69 36.04
N TYR B 279 -7.34 -9.09 35.13
CA TYR B 279 -8.43 -9.99 35.50
C TYR B 279 -7.88 -11.38 35.79
N ASN B 280 -8.41 -12.03 36.81
CA ASN B 280 -7.96 -13.36 37.20
C ASN B 280 -8.86 -14.42 36.59
N GLU B 281 -8.64 -15.68 36.98
CA GLU B 281 -9.42 -16.78 36.45
C GLU B 281 -10.88 -16.73 36.88
N ASN B 282 -11.18 -16.04 37.97
CA ASN B 282 -12.55 -15.91 38.46
C ASN B 282 -13.27 -14.70 37.88
N GLY B 283 -12.62 -13.93 37.02
CA GLY B 283 -13.24 -12.81 36.37
C GLY B 283 -13.13 -11.47 37.09
N THR B 284 -12.52 -11.45 38.27
CA THR B 284 -12.36 -10.22 39.03
C THR B 284 -10.95 -9.66 38.85
N ILE B 285 -10.81 -8.37 39.12
CA ILE B 285 -9.53 -7.69 38.99
C ILE B 285 -8.74 -7.88 40.27
N THR B 286 -7.52 -8.41 40.15
CA THR B 286 -6.66 -8.66 41.30
C THR B 286 -5.53 -7.64 41.44
N ASP B 287 -5.13 -7.00 40.33
CA ASP B 287 -4.08 -5.99 40.39
C ASP B 287 -4.16 -5.13 39.14
N ALA B 288 -3.58 -3.93 39.23
CA ALA B 288 -3.54 -3.01 38.11
C ALA B 288 -2.29 -2.15 38.22
N VAL B 289 -1.88 -1.58 37.08
CA VAL B 289 -0.68 -0.77 36.98
C VAL B 289 -1.02 0.55 36.33
N ASP B 290 -0.62 1.66 36.95
CA ASP B 290 -0.85 2.99 36.42
C ASP B 290 0.29 3.35 35.47
N CYS B 291 -0.06 3.71 34.24
CA CYS B 291 0.95 3.94 33.20
C CYS B 291 1.89 5.08 33.58
N ALA B 292 1.35 6.18 34.10
CA ALA B 292 2.11 7.41 34.29
C ALA B 292 2.73 7.53 35.67
N LEU B 293 2.64 6.48 36.50
CA LEU B 293 3.17 6.57 37.86
C LEU B 293 4.68 6.72 37.85
N ASP B 294 5.39 5.87 37.10
CA ASP B 294 6.84 5.91 37.06
C ASP B 294 7.29 5.13 35.83
N PRO B 295 8.56 5.27 35.43
CA PRO B 295 9.05 4.52 34.26
C PRO B 295 8.93 3.02 34.40
N LEU B 296 9.05 2.48 35.62
CA LEU B 296 8.88 1.05 35.80
C LEU B 296 7.48 0.60 35.42
N SER B 297 6.46 1.35 35.87
CA SER B 297 5.09 1.04 35.49
C SER B 297 4.86 1.28 34.00
N GLU B 298 5.51 2.29 33.43
CA GLU B 298 5.40 2.51 31.99
C GLU B 298 5.92 1.32 31.21
N THR B 299 7.05 0.74 31.64
CA THR B 299 7.56 -0.48 31.01
C THR B 299 6.60 -1.64 31.24
N LYS B 300 6.06 -1.77 32.45
CA LYS B 300 5.11 -2.84 32.72
C LYS B 300 3.88 -2.74 31.81
N CYS B 301 3.49 -1.53 31.45
CA CYS B 301 2.31 -1.35 30.59
C CYS B 301 2.65 -1.53 29.12
N THR B 302 3.83 -1.08 28.69
CA THR B 302 4.22 -1.29 27.30
C THR B 302 4.49 -2.75 27.00
N LEU B 303 5.00 -3.50 27.99
CA LEU B 303 5.15 -4.95 27.84
C LEU B 303 3.86 -5.70 28.10
N LYS B 304 2.85 -5.04 28.67
CA LYS B 304 1.58 -5.68 29.03
C LYS B 304 1.80 -6.89 29.91
N SER B 305 2.71 -6.76 30.87
CA SER B 305 2.97 -7.80 31.85
C SER B 305 3.32 -7.14 33.17
N PHE B 306 2.88 -7.77 34.27
CA PHE B 306 3.20 -7.25 35.59
C PHE B 306 4.63 -7.53 36.00
N THR B 307 5.26 -8.52 35.39
CA THR B 307 6.67 -8.82 35.63
C THR B 307 7.48 -8.38 34.41
N VAL B 308 8.55 -7.62 34.67
CA VAL B 308 9.42 -7.12 33.62
C VAL B 308 10.81 -7.71 33.84
N GLU B 309 11.35 -8.31 32.80
CA GLU B 309 12.64 -8.99 32.91
C GLU B 309 13.79 -7.99 32.83
N LYS B 310 14.98 -8.48 33.19
CA LYS B 310 16.17 -7.65 33.15
C LYS B 310 16.53 -7.30 31.71
N GLY B 311 16.83 -6.02 31.48
CA GLY B 311 17.23 -5.57 30.17
C GLY B 311 16.90 -4.10 30.00
N ILE B 312 17.02 -3.64 28.75
CA ILE B 312 16.70 -2.28 28.36
C ILE B 312 15.47 -2.31 27.45
N TYR B 313 14.51 -1.44 27.72
CA TYR B 313 13.23 -1.46 27.04
C TYR B 313 12.91 -0.08 26.47
N GLN B 314 12.62 -0.04 25.18
CA GLN B 314 12.17 1.19 24.55
C GLN B 314 10.73 1.49 24.98
N THR B 315 10.47 2.75 25.32
CA THR B 315 9.16 3.17 25.81
C THR B 315 8.78 4.46 25.10
N SER B 316 7.77 5.15 25.64
CA SER B 316 7.22 6.35 25.02
C SER B 316 8.33 7.34 24.63
N ASN B 317 8.29 7.78 23.38
CA ASN B 317 9.32 8.65 22.85
C ASN B 317 9.24 10.04 23.49
N PHE B 318 10.38 10.73 23.49
CA PHE B 318 10.51 12.04 24.11
C PHE B 318 10.56 13.10 23.03
N ARG B 319 9.72 14.13 23.17
CA ARG B 319 9.66 15.21 22.20
C ARG B 319 9.56 16.53 22.93
N VAL B 320 10.30 17.53 22.45
CA VAL B 320 10.27 18.87 23.02
C VAL B 320 9.14 19.63 22.34
N GLN B 321 8.05 19.82 23.06
CA GLN B 321 6.91 20.54 22.50
C GLN B 321 7.28 22.00 22.26
N PRO B 322 6.82 22.59 21.15
CA PRO B 322 7.15 24.00 20.89
C PRO B 322 6.54 24.92 21.93
N THR B 323 7.26 26.01 22.21
CA THR B 323 6.87 26.93 23.28
C THR B 323 5.90 28.01 22.79
N GLU B 324 6.31 28.80 21.79
CA GLU B 324 5.51 29.91 21.31
C GLU B 324 5.44 29.87 19.79
N SER B 325 4.39 30.51 19.27
CA SER B 325 4.18 30.58 17.82
C SER B 325 4.80 31.85 17.27
N ILE B 326 5.49 31.72 16.14
CA ILE B 326 6.16 32.83 15.47
C ILE B 326 5.58 32.97 14.08
N VAL B 327 5.16 34.18 13.73
CA VAL B 327 4.64 34.49 12.40
C VAL B 327 5.37 35.72 11.89
N ARG B 328 6.01 35.58 10.73
CA ARG B 328 6.78 36.67 10.13
C ARG B 328 6.30 36.87 8.70
N PHE B 329 6.05 38.12 8.34
CA PHE B 329 5.59 38.50 7.02
C PHE B 329 6.26 39.80 6.60
N PRO B 330 6.37 40.05 5.31
CA PRO B 330 7.05 41.28 4.85
C PRO B 330 6.25 42.52 5.17
N ASN B 331 6.93 43.66 5.10
CA ASN B 331 6.31 44.94 5.37
C ASN B 331 5.19 45.23 4.36
N ILE B 332 4.14 45.88 4.84
CA ILE B 332 3.01 46.25 4.01
C ILE B 332 3.30 47.63 3.41
N THR B 333 3.48 47.69 2.09
CA THR B 333 3.82 48.92 1.40
C THR B 333 2.62 49.55 0.70
N ASN B 334 1.98 48.80 -0.20
CA ASN B 334 0.88 49.34 -0.99
C ASN B 334 -0.42 49.32 -0.19
N LEU B 335 -1.21 50.38 -0.34
CA LEU B 335 -2.50 50.51 0.32
C LEU B 335 -3.57 50.81 -0.73
N CYS B 336 -4.76 50.27 -0.50
CA CYS B 336 -5.86 50.45 -1.43
C CYS B 336 -6.44 51.87 -1.30
N PRO B 337 -7.02 52.42 -2.40
CA PRO B 337 -7.42 53.82 -2.41
C PRO B 337 -8.72 54.12 -1.66
N PHE B 338 -8.82 53.60 -0.43
CA PHE B 338 -9.92 53.98 0.44
C PHE B 338 -9.87 55.46 0.77
N GLY B 339 -8.66 56.00 0.94
CA GLY B 339 -8.54 57.43 1.20
C GLY B 339 -9.05 58.28 0.07
N GLU B 340 -8.71 57.93 -1.17
CA GLU B 340 -9.21 58.67 -2.31
C GLU B 340 -10.70 58.47 -2.52
N VAL B 341 -11.20 57.26 -2.22
CA VAL B 341 -12.62 56.99 -2.41
C VAL B 341 -13.46 57.77 -1.42
N PHE B 342 -13.09 57.77 -0.15
CA PHE B 342 -13.91 58.34 0.90
C PHE B 342 -13.56 59.78 1.25
N ASN B 343 -12.52 60.35 0.64
CA ASN B 343 -12.16 61.75 0.87
C ASN B 343 -12.10 62.54 -0.44
N ALA B 344 -12.93 62.15 -1.40
CA ALA B 344 -12.98 62.88 -2.67
C ALA B 344 -13.66 64.23 -2.49
N THR B 345 -13.35 65.14 -3.41
CA THR B 345 -13.95 66.48 -3.35
C THR B 345 -15.47 66.41 -3.50
N ARG B 346 -15.95 65.60 -4.44
CA ARG B 346 -17.38 65.50 -4.70
C ARG B 346 -17.70 64.12 -5.25
N PHE B 347 -18.82 63.56 -4.83
CA PHE B 347 -19.31 62.30 -5.33
C PHE B 347 -20.16 62.51 -6.59
N ALA B 348 -20.46 61.41 -7.26
CA ALA B 348 -21.27 61.44 -8.47
C ALA B 348 -22.74 61.24 -8.09
N SER B 349 -23.58 61.01 -9.10
CA SER B 349 -25.01 60.83 -8.91
C SER B 349 -25.38 59.35 -8.94
N VAL B 350 -26.63 59.06 -8.57
CA VAL B 350 -27.10 57.67 -8.63
C VAL B 350 -27.28 57.22 -10.08
N TYR B 351 -27.83 58.09 -10.93
CA TYR B 351 -27.91 57.79 -12.35
C TYR B 351 -26.56 57.89 -13.05
N ALA B 352 -25.58 58.51 -12.40
CA ALA B 352 -24.23 58.67 -12.93
C ALA B 352 -23.22 57.99 -12.00
N TRP B 353 -23.54 56.78 -11.57
CA TRP B 353 -22.74 56.07 -10.58
C TRP B 353 -21.31 55.85 -11.08
N ASN B 354 -20.35 56.13 -10.22
CA ASN B 354 -18.94 56.08 -10.57
C ASN B 354 -18.46 54.64 -10.74
N ARG B 355 -17.25 54.49 -11.28
CA ARG B 355 -16.62 53.19 -11.48
C ARG B 355 -15.10 53.40 -11.40
N LYS B 356 -14.51 53.03 -10.27
CA LYS B 356 -13.08 53.17 -10.04
C LYS B 356 -12.48 51.80 -9.75
N ARG B 357 -11.38 51.49 -10.43
CA ARG B 357 -10.75 50.18 -10.28
C ARG B 357 -9.79 50.17 -9.10
N ILE B 358 -9.80 49.07 -8.36
CA ILE B 358 -8.90 48.85 -7.23
C ILE B 358 -8.13 47.56 -7.48
N SER B 359 -6.80 47.66 -7.43
CA SER B 359 -5.95 46.50 -7.71
C SER B 359 -4.60 46.68 -7.05
N ASN B 360 -3.90 45.56 -6.89
CA ASN B 360 -2.52 45.49 -6.39
C ASN B 360 -2.30 46.41 -5.18
N CYS B 361 -3.01 46.10 -4.11
CA CYS B 361 -2.91 46.90 -2.89
C CYS B 361 -3.36 46.07 -1.69
N VAL B 362 -3.22 46.67 -0.52
CA VAL B 362 -3.66 46.08 0.74
C VAL B 362 -4.82 46.91 1.27
N ALA B 363 -5.87 46.23 1.75
CA ALA B 363 -7.15 46.88 2.01
C ALA B 363 -7.56 46.78 3.46
N ASP B 364 -6.66 47.13 4.38
CA ASP B 364 -6.98 47.08 5.81
C ASP B 364 -8.23 47.90 6.11
N TYR B 365 -9.16 47.29 6.84
CA TYR B 365 -10.41 47.93 7.19
C TYR B 365 -10.44 48.46 8.61
N SER B 366 -9.30 48.39 9.33
CA SER B 366 -9.24 48.93 10.67
C SER B 366 -9.38 50.45 10.69
N VAL B 367 -9.24 51.10 9.54
CA VAL B 367 -9.47 52.53 9.43
C VAL B 367 -10.89 52.83 8.95
N LEU B 368 -11.54 51.91 8.26
CA LEU B 368 -12.88 52.14 7.71
C LEU B 368 -13.97 51.68 8.67
N TYR B 369 -13.99 50.38 9.00
CA TYR B 369 -15.07 49.84 9.82
C TYR B 369 -15.01 50.36 11.25
N ASN B 370 -13.81 50.53 11.80
CA ASN B 370 -13.67 51.02 13.16
C ASN B 370 -14.14 52.47 13.31
N SER B 371 -14.17 53.23 12.22
CA SER B 371 -14.67 54.60 12.28
C SER B 371 -16.18 54.60 12.46
N ALA B 372 -16.67 55.42 13.39
CA ALA B 372 -18.09 55.49 13.69
C ALA B 372 -18.87 56.32 12.68
N SER B 373 -18.20 56.98 11.74
CA SER B 373 -18.90 57.81 10.77
C SER B 373 -19.82 57.00 9.87
N PHE B 374 -19.38 55.81 9.46
CA PHE B 374 -20.13 54.99 8.50
C PHE B 374 -21.35 54.41 9.20
N SER B 375 -22.49 55.10 9.08
CA SER B 375 -23.71 54.63 9.73
C SER B 375 -24.17 53.30 9.15
N THR B 376 -24.12 53.14 7.84
CA THR B 376 -24.59 51.94 7.16
C THR B 376 -23.40 51.13 6.67
N PHE B 377 -23.37 49.85 7.05
CA PHE B 377 -22.31 48.95 6.62
C PHE B 377 -22.90 47.54 6.64
N LYS B 378 -23.30 47.06 5.46
CA LYS B 378 -23.93 45.74 5.33
C LYS B 378 -23.24 44.98 4.21
N CYS B 379 -22.57 43.89 4.58
CA CYS B 379 -21.92 43.00 3.62
C CYS B 379 -22.79 41.77 3.44
N TYR B 380 -23.22 41.51 2.20
CA TYR B 380 -24.19 40.46 1.93
C TYR B 380 -23.54 39.10 1.70
N GLY B 381 -22.22 39.00 1.72
CA GLY B 381 -21.57 37.72 1.49
C GLY B 381 -20.79 37.19 2.67
N VAL B 382 -20.19 38.07 3.46
CA VAL B 382 -19.38 37.70 4.61
C VAL B 382 -19.59 38.72 5.72
N SER B 383 -19.10 38.37 6.92
CA SER B 383 -19.05 39.33 8.01
C SER B 383 -17.91 40.33 7.79
N PRO B 384 -18.04 41.55 8.31
CA PRO B 384 -16.98 42.55 8.12
C PRO B 384 -15.65 42.14 8.73
N THR B 385 -15.65 41.24 9.71
CA THR B 385 -14.39 40.82 10.33
C THR B 385 -13.50 40.07 9.36
N LYS B 386 -14.09 39.20 8.54
CA LYS B 386 -13.34 38.32 7.64
C LYS B 386 -12.82 39.02 6.40
N LEU B 387 -12.99 40.34 6.29
CA LEU B 387 -12.53 41.05 5.10
C LEU B 387 -11.01 40.98 4.96
N ASN B 388 -10.28 41.19 6.04
CA ASN B 388 -8.82 41.21 5.97
C ASN B 388 -8.22 39.82 5.80
N ASP B 389 -8.81 38.81 6.44
CA ASP B 389 -8.22 37.47 6.43
C ASP B 389 -8.34 36.77 5.09
N LEU B 390 -9.10 37.31 4.15
CA LEU B 390 -9.29 36.71 2.84
C LEU B 390 -8.88 37.70 1.76
N CYS B 391 -8.20 37.18 0.73
CA CYS B 391 -7.79 38.02 -0.40
C CYS B 391 -9.00 38.37 -1.26
N PHE B 392 -8.73 39.06 -2.37
CA PHE B 392 -9.79 39.49 -3.27
C PHE B 392 -9.24 39.49 -4.69
N THR B 393 -9.95 40.16 -5.60
CA THR B 393 -9.61 40.20 -7.01
C THR B 393 -9.86 41.65 -7.45
N ASN B 394 -9.94 41.88 -8.75
CA ASN B 394 -10.30 43.19 -9.29
C ASN B 394 -11.54 43.75 -8.58
N VAL B 395 -11.35 44.86 -7.88
CA VAL B 395 -12.40 45.49 -7.09
C VAL B 395 -12.77 46.81 -7.74
N TYR B 396 -14.06 47.03 -7.94
CA TYR B 396 -14.59 48.28 -8.50
C TYR B 396 -15.10 49.16 -7.39
N ALA B 397 -14.65 50.42 -7.38
CA ALA B 397 -15.10 51.41 -6.41
C ALA B 397 -16.18 52.27 -7.07
N ASP B 398 -17.43 52.09 -6.65
CA ASP B 398 -18.57 52.81 -7.21
C ASP B 398 -19.17 53.68 -6.12
N SER B 399 -19.05 55.00 -6.31
CA SER B 399 -19.53 55.97 -5.34
C SER B 399 -20.68 56.78 -5.92
N PHE B 400 -21.71 56.99 -5.10
CA PHE B 400 -22.87 57.76 -5.52
C PHE B 400 -23.55 58.33 -4.27
N VAL B 401 -24.41 59.32 -4.50
CA VAL B 401 -25.15 59.98 -3.42
C VAL B 401 -26.63 59.70 -3.62
N ILE B 402 -27.28 59.16 -2.58
CA ILE B 402 -28.70 58.88 -2.60
C ILE B 402 -29.31 59.37 -1.28
N ARG B 403 -30.63 59.39 -1.24
CA ARG B 403 -31.35 59.78 -0.04
C ARG B 403 -31.13 58.76 1.08
N GLY B 404 -31.02 59.26 2.31
CA GLY B 404 -30.80 58.38 3.44
C GLY B 404 -31.95 57.40 3.64
N ASP B 405 -33.18 57.87 3.49
CA ASP B 405 -34.33 56.98 3.54
C ASP B 405 -34.38 56.03 2.35
N GLU B 406 -33.67 56.35 1.28
CA GLU B 406 -33.75 55.60 0.03
C GLU B 406 -32.60 54.61 -0.13
N VAL B 407 -31.72 54.51 0.85
CA VAL B 407 -30.63 53.54 0.81
C VAL B 407 -31.16 52.11 0.90
N ARG B 408 -32.41 51.94 1.33
CA ARG B 408 -32.99 50.60 1.47
C ARG B 408 -32.97 49.83 0.16
N GLN B 409 -33.01 50.53 -0.97
CA GLN B 409 -33.02 49.86 -2.27
C GLN B 409 -31.67 49.27 -2.64
N ILE B 410 -30.59 49.65 -1.95
CA ILE B 410 -29.29 49.06 -2.22
C ILE B 410 -29.26 47.58 -1.86
N ALA B 411 -29.98 47.20 -0.80
CA ALA B 411 -30.04 45.80 -0.40
C ALA B 411 -30.68 44.96 -1.50
N PRO B 412 -30.24 43.72 -1.68
CA PRO B 412 -30.79 42.88 -2.76
C PRO B 412 -32.28 42.61 -2.55
N GLY B 413 -32.97 42.42 -3.67
CA GLY B 413 -34.40 42.13 -3.65
C GLY B 413 -35.25 43.27 -3.14
N GLN B 414 -34.88 44.51 -3.47
CA GLN B 414 -35.67 45.68 -3.09
C GLN B 414 -35.98 46.49 -4.33
N THR B 415 -37.25 46.80 -4.54
CA THR B 415 -37.70 47.57 -5.68
C THR B 415 -37.82 49.04 -5.29
N GLY B 416 -38.39 49.84 -6.18
CA GLY B 416 -38.53 51.27 -5.99
C GLY B 416 -38.14 52.02 -7.24
N LYS B 417 -38.18 53.36 -7.13
CA LYS B 417 -37.83 54.19 -8.27
C LYS B 417 -36.37 54.03 -8.66
N ILE B 418 -35.46 54.03 -7.67
CA ILE B 418 -34.05 53.84 -7.96
C ILE B 418 -33.82 52.47 -8.61
N ALA B 419 -34.42 51.43 -8.03
CA ALA B 419 -34.22 50.08 -8.52
C ALA B 419 -34.75 49.91 -9.94
N ASP B 420 -35.91 50.51 -10.23
CA ASP B 420 -36.51 50.38 -11.55
C ASP B 420 -35.97 51.38 -12.57
N TYR B 421 -35.18 52.36 -12.15
CA TYR B 421 -34.74 53.39 -13.07
C TYR B 421 -33.24 53.40 -13.31
N ASN B 422 -32.40 53.44 -12.26
CA ASN B 422 -30.99 53.70 -12.46
C ASN B 422 -30.03 52.80 -11.70
N TYR B 423 -30.48 52.01 -10.74
CA TYR B 423 -29.54 51.27 -9.89
C TYR B 423 -30.21 50.02 -9.34
N LYS B 424 -29.82 48.85 -9.84
CA LYS B 424 -30.29 47.57 -9.34
C LYS B 424 -29.10 46.67 -9.05
N LEU B 425 -29.08 46.07 -7.86
CA LEU B 425 -27.99 45.20 -7.46
C LEU B 425 -28.44 43.73 -7.45
N PRO B 426 -27.55 42.81 -7.80
CA PRO B 426 -27.94 41.40 -7.90
C PRO B 426 -28.35 40.82 -6.54
N ASP B 427 -29.22 39.81 -6.60
CA ASP B 427 -29.76 39.21 -5.39
C ASP B 427 -28.67 38.54 -4.57
N ASP B 428 -27.76 37.81 -5.22
CA ASP B 428 -26.69 37.09 -4.53
C ASP B 428 -25.40 37.90 -4.48
N PHE B 429 -25.50 39.22 -4.43
CA PHE B 429 -24.31 40.07 -4.46
C PHE B 429 -23.45 39.85 -3.22
N THR B 430 -22.14 39.91 -3.41
CA THR B 430 -21.18 39.73 -2.34
C THR B 430 -20.49 41.02 -1.94
N GLY B 431 -20.39 41.98 -2.86
CA GLY B 431 -19.70 43.22 -2.55
C GLY B 431 -20.35 43.97 -1.40
N CYS B 432 -19.51 44.56 -0.56
CA CYS B 432 -19.98 45.26 0.63
C CYS B 432 -20.59 46.61 0.27
N VAL B 433 -21.42 47.12 1.18
CA VAL B 433 -22.09 48.40 1.01
C VAL B 433 -21.68 49.32 2.16
N ILE B 434 -21.22 50.51 1.83
CA ILE B 434 -20.73 51.48 2.81
C ILE B 434 -21.46 52.80 2.61
N ALA B 435 -21.93 53.38 3.70
CA ALA B 435 -22.64 54.66 3.65
C ALA B 435 -22.42 55.42 4.95
N TRP B 436 -22.43 56.73 4.86
CA TRP B 436 -22.27 57.59 6.03
C TRP B 436 -22.99 58.91 5.80
N ASN B 437 -23.28 59.59 6.90
CA ASN B 437 -24.01 60.85 6.84
C ASN B 437 -23.18 61.92 6.15
N SER B 438 -23.81 62.67 5.24
CA SER B 438 -23.11 63.73 4.52
C SER B 438 -23.98 64.99 4.40
N ASN B 439 -24.78 65.28 5.42
CA ASN B 439 -25.65 66.46 5.36
C ASN B 439 -24.83 67.73 5.27
N ASN B 440 -23.89 67.93 6.20
CA ASN B 440 -23.03 69.10 6.14
C ASN B 440 -22.04 69.01 4.97
N LEU B 441 -21.75 67.81 4.49
CA LEU B 441 -20.81 67.67 3.38
C LEU B 441 -21.41 68.14 2.06
N ASP B 442 -22.66 67.77 1.78
CA ASP B 442 -23.28 68.07 0.50
C ASP B 442 -24.70 68.57 0.67
N SER B 443 -24.93 69.47 1.62
CA SER B 443 -26.21 70.14 1.79
C SER B 443 -26.05 71.62 1.47
N LYS B 444 -26.90 72.11 0.57
CA LYS B 444 -26.94 73.53 0.22
C LYS B 444 -28.31 74.08 0.56
N VAL B 445 -28.34 75.29 1.12
CA VAL B 445 -29.61 75.88 1.55
C VAL B 445 -30.54 76.10 0.36
N GLY B 446 -29.98 76.46 -0.80
CA GLY B 446 -30.79 76.59 -2.00
C GLY B 446 -31.18 75.28 -2.63
N GLY B 447 -30.47 74.20 -2.30
CA GLY B 447 -30.79 72.88 -2.86
C GLY B 447 -29.59 72.30 -3.58
N ASN B 448 -29.35 71.01 -3.34
CA ASN B 448 -28.23 70.30 -3.95
C ASN B 448 -28.75 69.58 -5.21
N TYR B 449 -28.80 70.35 -6.30
CA TYR B 449 -29.32 69.86 -7.56
C TYR B 449 -28.25 69.24 -8.45
N ASN B 450 -27.02 69.13 -7.96
CA ASN B 450 -25.98 68.47 -8.73
C ASN B 450 -26.30 67.00 -8.94
N TYR B 451 -26.87 66.36 -7.93
CA TYR B 451 -27.16 64.92 -7.97
C TYR B 451 -28.64 64.72 -8.31
N LEU B 452 -28.92 63.85 -9.27
CA LEU B 452 -30.26 63.61 -9.76
C LEU B 452 -30.54 62.11 -9.78
N TYR B 453 -31.83 61.77 -9.72
CA TYR B 453 -32.28 60.40 -9.85
C TYR B 453 -33.33 60.31 -10.96
N ARG B 454 -33.25 59.25 -11.75
CA ARG B 454 -34.17 59.06 -12.87
C ARG B 454 -35.58 58.84 -12.36
N LEU B 455 -36.55 59.31 -13.15
CA LEU B 455 -37.96 59.19 -12.78
C LEU B 455 -38.87 58.71 -13.91
N PHE B 456 -38.42 58.71 -15.17
CA PHE B 456 -39.25 58.26 -16.27
C PHE B 456 -38.42 57.42 -17.23
N ARG B 457 -38.93 56.24 -17.56
CA ARG B 457 -38.26 55.32 -18.47
C ARG B 457 -39.29 54.55 -19.27
N LYS B 458 -38.85 53.99 -20.40
CA LYS B 458 -39.72 53.13 -21.19
C LYS B 458 -39.95 51.78 -20.50
N SER B 459 -38.93 51.27 -19.82
CA SER B 459 -39.04 50.02 -19.09
C SER B 459 -37.94 49.97 -18.04
N ASN B 460 -38.08 49.04 -17.10
CA ASN B 460 -37.10 48.89 -16.05
C ASN B 460 -35.78 48.36 -16.61
N LEU B 461 -34.73 48.42 -15.80
CA LEU B 461 -33.39 48.07 -16.20
C LEU B 461 -32.94 46.80 -15.49
N LYS B 462 -32.15 45.99 -16.19
CA LYS B 462 -31.65 44.73 -15.67
C LYS B 462 -30.60 45.00 -14.59
N PRO B 463 -30.20 43.97 -13.84
CA PRO B 463 -29.16 44.20 -12.82
C PRO B 463 -27.88 44.76 -13.41
N PHE B 464 -27.31 45.74 -12.71
CA PHE B 464 -26.08 46.42 -13.13
C PHE B 464 -26.20 46.99 -14.54
N GLU B 465 -27.36 47.55 -14.85
CA GLU B 465 -27.59 48.18 -16.15
C GLU B 465 -27.22 49.67 -16.07
N ARG B 466 -26.61 50.16 -17.13
CA ARG B 466 -26.14 51.54 -17.21
C ARG B 466 -26.97 52.29 -18.24
N ASP B 467 -27.53 53.43 -17.83
CA ASP B 467 -28.39 54.22 -18.70
C ASP B 467 -28.10 55.69 -18.50
N ILE B 468 -27.69 56.37 -19.59
CA ILE B 468 -27.52 57.81 -19.61
C ILE B 468 -28.48 58.48 -20.60
N SER B 469 -29.32 57.70 -21.27
CA SER B 469 -30.20 58.24 -22.30
C SER B 469 -31.15 59.29 -21.71
N THR B 470 -31.28 60.40 -22.43
CA THR B 470 -32.21 61.47 -22.06
C THR B 470 -33.48 61.46 -22.91
N GLU B 471 -33.71 60.39 -23.67
CA GLU B 471 -34.93 60.29 -24.46
C GLU B 471 -36.16 60.29 -23.55
N ILE B 472 -37.16 61.05 -23.94
CA ILE B 472 -38.36 61.24 -23.11
C ILE B 472 -39.30 60.06 -23.33
N TYR B 473 -39.65 59.38 -22.24
CA TYR B 473 -40.54 58.23 -22.33
C TYR B 473 -41.95 58.67 -22.72
N GLN B 474 -42.58 57.88 -23.59
CA GLN B 474 -43.95 58.13 -24.04
C GLN B 474 -44.91 57.53 -23.02
N ALA B 475 -45.31 58.33 -22.04
CA ALA B 475 -46.28 57.86 -21.06
C ALA B 475 -47.65 57.63 -21.67
N GLY B 476 -47.93 58.22 -22.83
CA GLY B 476 -49.16 57.98 -23.55
C GLY B 476 -48.96 56.97 -24.67
N SER B 477 -50.09 56.57 -25.27
CA SER B 477 -50.03 55.61 -26.37
C SER B 477 -49.29 56.18 -27.57
N THR B 478 -49.53 57.44 -27.90
CA THR B 478 -48.89 58.05 -29.05
C THR B 478 -47.43 58.35 -28.75
N PRO B 479 -46.55 58.25 -29.74
CA PRO B 479 -45.14 58.60 -29.51
C PRO B 479 -44.96 60.09 -29.27
N CYS B 480 -43.91 60.42 -28.53
CA CYS B 480 -43.57 61.81 -28.22
C CYS B 480 -42.50 62.29 -29.18
N ASN B 481 -42.79 63.37 -29.89
CA ASN B 481 -41.89 63.94 -30.88
C ASN B 481 -41.28 65.23 -30.34
N GLY B 482 -40.39 65.83 -31.13
CA GLY B 482 -39.72 67.04 -30.70
C GLY B 482 -38.90 66.79 -29.45
N VAL B 483 -39.07 67.65 -28.45
CA VAL B 483 -38.41 67.48 -27.17
C VAL B 483 -39.37 67.46 -26.00
N GLU B 484 -40.59 67.98 -26.14
CA GLU B 484 -41.56 68.00 -25.05
C GLU B 484 -42.96 67.81 -25.62
N GLY B 485 -43.87 67.43 -24.74
CA GLY B 485 -45.25 67.22 -25.14
C GLY B 485 -46.06 66.71 -23.96
N PHE B 486 -47.33 66.43 -24.24
CA PHE B 486 -48.21 65.89 -23.21
C PHE B 486 -47.75 64.51 -22.78
N ASN B 487 -47.79 64.26 -21.47
CA ASN B 487 -47.32 63.03 -20.83
C ASN B 487 -45.82 62.82 -20.99
N CYS B 488 -45.11 63.79 -21.57
CA CYS B 488 -43.67 63.70 -21.77
C CYS B 488 -43.00 64.47 -20.64
N TYR B 489 -42.42 63.73 -19.70
CA TYR B 489 -41.77 64.30 -18.53
C TYR B 489 -40.27 64.03 -18.58
N PHE B 490 -39.51 64.93 -17.96
CA PHE B 490 -38.05 64.79 -17.94
C PHE B 490 -37.66 63.52 -17.20
N PRO B 491 -36.73 62.73 -17.73
CA PRO B 491 -36.36 61.47 -17.04
C PRO B 491 -35.74 61.68 -15.67
N LEU B 492 -34.98 62.75 -15.47
CA LEU B 492 -34.17 62.94 -14.28
C LEU B 492 -34.76 64.02 -13.39
N GLN B 493 -34.87 63.74 -12.10
CA GLN B 493 -35.26 64.71 -11.09
C GLN B 493 -34.16 64.81 -10.04
N SER B 494 -33.82 66.03 -9.68
CA SER B 494 -32.71 66.27 -8.77
C SER B 494 -33.10 65.97 -7.32
N TYR B 495 -32.08 65.67 -6.51
CA TYR B 495 -32.29 65.40 -5.10
C TYR B 495 -32.47 66.69 -4.32
N GLY B 496 -33.41 66.68 -3.39
CA GLY B 496 -33.64 67.81 -2.52
C GLY B 496 -32.84 67.76 -1.24
N PHE B 497 -31.52 67.87 -1.36
CA PHE B 497 -30.62 67.75 -0.21
C PHE B 497 -30.29 69.15 0.30
N GLN B 498 -30.88 69.51 1.44
CA GLN B 498 -30.69 70.81 2.06
C GLN B 498 -30.46 70.62 3.56
N PRO B 499 -29.78 71.56 4.21
CA PRO B 499 -29.51 71.41 5.66
C PRO B 499 -30.76 71.39 6.52
N THR B 500 -31.89 71.92 6.02
CA THR B 500 -33.12 71.90 6.78
C THR B 500 -33.78 70.54 6.82
N ASN B 501 -33.27 69.58 6.08
CA ASN B 501 -33.92 68.27 5.95
C ASN B 501 -33.79 67.47 7.23
N GLY B 502 -34.78 66.62 7.49
CA GLY B 502 -34.76 65.74 8.63
C GLY B 502 -33.91 64.50 8.40
N VAL B 503 -33.80 63.69 9.44
CA VAL B 503 -32.99 62.47 9.37
C VAL B 503 -33.66 61.49 8.42
N GLY B 504 -32.94 61.14 7.35
CA GLY B 504 -33.49 60.24 6.35
C GLY B 504 -33.61 60.89 4.99
N TYR B 505 -33.99 62.16 4.96
CA TYR B 505 -34.06 62.94 3.72
C TYR B 505 -32.80 63.75 3.48
N GLN B 506 -31.86 63.74 4.41
CA GLN B 506 -30.58 64.40 4.25
C GLN B 506 -29.67 63.57 3.34
N PRO B 507 -28.70 64.21 2.68
CA PRO B 507 -27.79 63.45 1.81
C PRO B 507 -26.98 62.43 2.59
N TYR B 508 -26.76 61.28 1.96
CA TYR B 508 -26.00 60.18 2.55
C TYR B 508 -25.14 59.57 1.45
N ARG B 509 -23.85 59.88 1.45
CA ARG B 509 -22.94 59.30 0.48
C ARG B 509 -22.87 57.79 0.67
N VAL B 510 -22.99 57.05 -0.43
CA VAL B 510 -23.05 55.59 -0.41
C VAL B 510 -21.99 55.05 -1.35
N VAL B 511 -21.19 54.10 -0.86
CA VAL B 511 -20.16 53.43 -1.65
C VAL B 511 -20.40 51.94 -1.56
N VAL B 512 -20.44 51.27 -2.72
CA VAL B 512 -20.60 49.82 -2.79
C VAL B 512 -19.37 49.25 -3.45
N LEU B 513 -18.68 48.36 -2.73
CA LEU B 513 -17.42 47.77 -3.21
C LEU B 513 -17.74 46.53 -4.04
N SER B 514 -18.10 46.77 -5.29
CA SER B 514 -18.40 45.69 -6.22
C SER B 514 -17.11 45.09 -6.76
N PHE B 515 -17.11 43.76 -6.93
CA PHE B 515 -15.96 43.06 -7.48
C PHE B 515 -16.42 41.72 -8.04
N GLU B 516 -15.46 40.92 -8.48
CA GLU B 516 -15.70 39.57 -8.97
C GLU B 516 -14.75 38.62 -8.27
N LEU B 517 -15.16 37.36 -8.19
CA LEU B 517 -14.42 36.34 -7.46
C LEU B 517 -14.27 35.08 -8.31
N LEU B 518 -13.17 34.36 -8.07
CA LEU B 518 -12.90 33.08 -8.71
C LEU B 518 -12.91 33.18 -10.24
N HIS B 519 -12.34 34.27 -10.76
CA HIS B 519 -12.24 34.45 -12.20
C HIS B 519 -10.90 35.02 -12.65
N ALA B 520 -9.96 35.23 -11.75
CA ALA B 520 -8.66 35.81 -12.07
C ALA B 520 -7.72 35.59 -10.89
N PRO B 521 -6.41 35.65 -11.11
CA PRO B 521 -5.48 35.58 -9.99
C PRO B 521 -5.68 36.73 -9.02
N ALA B 522 -5.49 36.44 -7.74
CA ALA B 522 -5.72 37.45 -6.70
C ALA B 522 -4.73 38.60 -6.84
N THR B 523 -5.23 39.82 -6.63
CA THR B 523 -4.41 41.01 -6.69
C THR B 523 -4.56 41.93 -5.48
N VAL B 524 -5.64 41.84 -4.73
CA VAL B 524 -5.86 42.64 -3.53
C VAL B 524 -6.01 41.70 -2.34
N CYS B 525 -5.23 41.94 -1.29
CA CYS B 525 -5.25 41.09 -0.11
C CYS B 525 -5.25 41.97 1.13
N GLY B 526 -5.75 41.40 2.23
CA GLY B 526 -5.74 42.09 3.50
C GLY B 526 -4.39 42.01 4.17
N PRO B 527 -4.13 42.91 5.11
CA PRO B 527 -2.84 42.91 5.81
C PRO B 527 -2.66 41.64 6.63
N LYS B 528 -1.40 41.22 6.74
CA LYS B 528 -1.03 40.04 7.52
C LYS B 528 -0.09 40.46 8.62
N LYS B 529 -0.43 40.10 9.86
CA LYS B 529 0.34 40.55 11.01
C LYS B 529 1.63 39.75 11.15
N SER B 530 2.56 40.31 11.91
CA SER B 530 3.86 39.69 12.15
C SER B 530 4.15 39.72 13.64
N THR B 531 4.56 38.56 14.18
CA THR B 531 4.95 38.45 15.57
C THR B 531 6.44 38.71 15.71
N ASN B 532 6.92 38.67 16.96
CA ASN B 532 8.32 38.92 17.21
C ASN B 532 9.18 37.74 16.78
N LEU B 533 10.44 38.01 16.46
CA LEU B 533 11.38 37.01 16.00
C LEU B 533 12.22 36.54 17.19
N VAL B 534 12.17 35.25 17.49
CA VAL B 534 12.89 34.66 18.61
C VAL B 534 13.84 33.61 18.06
N LYS B 535 14.97 33.44 18.75
CA LYS B 535 16.00 32.50 18.34
C LYS B 535 16.40 31.63 19.53
N ASN B 536 16.93 30.44 19.21
CA ASN B 536 17.39 29.49 20.21
C ASN B 536 16.25 29.04 21.12
N LYS B 537 15.14 28.64 20.51
CA LYS B 537 13.97 28.16 21.25
C LYS B 537 13.08 27.40 20.30
N CYS B 538 12.50 26.30 20.79
CA CYS B 538 11.62 25.47 19.97
C CYS B 538 10.29 26.18 19.77
N VAL B 539 10.04 26.68 18.56
CA VAL B 539 8.89 27.52 18.28
C VAL B 539 8.17 27.03 17.04
N ASN B 540 6.91 27.45 16.90
CA ASN B 540 6.10 27.14 15.73
C ASN B 540 6.26 28.24 14.68
N PHE B 541 7.46 28.28 14.10
CA PHE B 541 7.79 29.35 13.16
C PHE B 541 6.94 29.25 11.90
N ASN B 542 6.69 30.40 11.29
CA ASN B 542 5.91 30.48 10.05
C ASN B 542 6.47 31.64 9.24
N PHE B 543 7.23 31.31 8.20
CA PHE B 543 7.90 32.30 7.36
C PHE B 543 7.28 32.28 5.98
N ASN B 544 6.60 33.37 5.62
CA ASN B 544 6.05 33.57 4.28
C ASN B 544 5.14 32.42 3.86
N GLY B 545 4.35 31.91 4.81
CA GLY B 545 3.39 30.87 4.54
C GLY B 545 3.88 29.44 4.74
N LEU B 546 5.17 29.25 4.98
CA LEU B 546 5.73 27.92 5.24
C LEU B 546 5.75 27.72 6.75
N THR B 547 4.95 26.77 7.23
CA THR B 547 4.79 26.51 8.66
C THR B 547 5.55 25.27 9.06
N GLY B 548 6.25 25.35 10.19
CA GLY B 548 6.98 24.21 10.69
C GLY B 548 7.35 24.41 12.15
N THR B 549 8.14 23.46 12.66
CA THR B 549 8.60 23.49 14.04
C THR B 549 10.12 23.34 14.07
N GLY B 550 10.76 24.11 14.93
CA GLY B 550 12.20 24.03 15.07
C GLY B 550 12.72 25.16 15.93
N VAL B 551 14.04 25.20 16.05
CA VAL B 551 14.74 26.24 16.80
C VAL B 551 15.46 27.14 15.80
N LEU B 552 15.35 28.45 16.02
CA LEU B 552 15.95 29.42 15.12
C LEU B 552 17.38 29.74 15.56
N THR B 553 18.22 30.08 14.58
CA THR B 553 19.61 30.40 14.83
C THR B 553 20.17 31.09 13.60
N GLU B 554 21.00 32.12 13.81
CA GLU B 554 21.60 32.83 12.69
C GLU B 554 22.43 31.88 11.83
N SER B 555 22.41 32.12 10.52
CA SER B 555 23.03 31.22 9.55
C SER B 555 24.23 31.91 8.91
N ASN B 556 25.37 31.22 8.92
CA ASN B 556 26.52 31.71 8.17
C ASN B 556 26.34 31.56 6.67
N LYS B 557 25.39 30.72 6.24
CA LYS B 557 25.09 30.58 4.83
C LYS B 557 24.56 31.90 4.27
N LYS B 558 25.06 32.27 3.09
CA LYS B 558 24.67 33.51 2.43
C LYS B 558 23.77 33.16 1.26
N PHE B 559 22.47 33.37 1.43
CA PHE B 559 21.53 33.19 0.32
C PHE B 559 21.83 34.21 -0.77
N LEU B 560 21.48 33.85 -2.00
CA LEU B 560 21.45 34.84 -3.06
C LEU B 560 20.27 35.79 -2.82
N PRO B 561 20.38 37.04 -3.25
CA PRO B 561 19.39 38.06 -2.85
C PRO B 561 17.98 37.81 -3.35
N PHE B 562 17.74 36.69 -4.05
CA PHE B 562 16.42 36.33 -4.53
C PHE B 562 15.88 35.05 -3.93
N GLN B 563 16.61 34.40 -3.02
CA GLN B 563 16.21 33.13 -2.45
C GLN B 563 15.55 33.35 -1.10
N GLN B 564 14.39 32.71 -0.90
CA GLN B 564 13.63 32.86 0.34
C GLN B 564 13.78 31.68 1.28
N PHE B 565 14.08 30.49 0.77
CA PHE B 565 14.24 29.31 1.60
C PHE B 565 15.50 28.57 1.17
N GLY B 566 16.03 27.76 2.09
CA GLY B 566 17.15 26.91 1.78
C GLY B 566 16.86 25.46 2.11
N ARG B 567 16.83 24.60 1.09
CA ARG B 567 16.51 23.20 1.28
C ARG B 567 17.79 22.38 1.44
N ASP B 568 17.61 21.16 1.92
CA ASP B 568 18.69 20.23 2.20
C ASP B 568 18.76 19.19 1.09
N ILE B 569 19.72 18.27 1.19
CA ILE B 569 19.82 17.21 0.20
C ILE B 569 18.57 16.32 0.23
N ALA B 570 18.02 16.09 1.41
CA ALA B 570 16.86 15.21 1.57
C ALA B 570 15.54 15.93 1.34
N ASP B 571 15.53 17.05 0.62
CA ASP B 571 14.32 17.81 0.31
C ASP B 571 13.60 18.24 1.58
N THR B 572 14.36 18.80 2.51
CA THR B 572 13.81 19.34 3.75
C THR B 572 14.38 20.73 3.99
N THR B 573 13.57 21.59 4.59
CA THR B 573 14.00 22.97 4.83
C THR B 573 14.99 23.02 5.99
N ASP B 574 16.12 23.69 5.76
CA ASP B 574 17.14 23.84 6.78
C ASP B 574 17.60 25.27 6.99
N ALA B 575 17.04 26.23 6.25
CA ALA B 575 17.40 27.64 6.39
C ALA B 575 16.30 28.48 5.76
N VAL B 576 15.87 29.52 6.46
CA VAL B 576 14.81 30.40 5.99
C VAL B 576 15.29 31.84 6.05
N ARG B 577 14.68 32.68 5.23
CA ARG B 577 15.00 34.11 5.18
C ARG B 577 13.89 34.88 5.88
N ASP B 578 14.29 35.76 6.79
CA ASP B 578 13.32 36.57 7.53
C ASP B 578 12.72 37.63 6.61
N PRO B 579 11.40 37.69 6.45
CA PRO B 579 10.81 38.71 5.58
C PRO B 579 11.01 40.13 6.08
N GLN B 580 11.23 40.32 7.38
CA GLN B 580 11.38 41.67 7.92
C GLN B 580 12.76 42.22 7.60
N THR B 581 13.81 41.58 8.11
CA THR B 581 15.18 41.96 7.82
C THR B 581 15.85 40.89 6.97
N LEU B 582 16.70 41.32 6.04
CA LEU B 582 17.31 40.39 5.11
C LEU B 582 18.37 39.56 5.81
N GLU B 583 17.92 38.61 6.63
CA GLU B 583 18.80 37.75 7.41
C GLU B 583 18.36 36.30 7.22
N ILE B 584 19.35 35.40 7.19
CA ILE B 584 19.11 33.98 6.99
C ILE B 584 19.21 33.27 8.34
N LEU B 585 18.17 32.52 8.67
CA LEU B 585 18.12 31.75 9.91
C LEU B 585 17.93 30.28 9.57
N ASP B 586 18.78 29.42 10.12
CA ASP B 586 18.63 27.99 9.85
C ASP B 586 17.61 27.37 10.80
N ILE B 587 17.05 26.25 10.36
CA ILE B 587 16.05 25.53 11.13
C ILE B 587 16.67 24.22 11.61
N THR B 588 16.73 24.04 12.92
CA THR B 588 17.17 22.80 13.52
C THR B 588 16.00 22.15 14.22
N PRO B 589 15.71 20.88 13.93
CA PRO B 589 14.55 20.24 14.55
C PRO B 589 14.69 20.19 16.07
N CYS B 590 13.56 20.36 16.75
CA CYS B 590 13.56 20.28 18.21
C CYS B 590 13.96 18.88 18.65
N SER B 591 14.76 18.79 19.71
CA SER B 591 15.36 17.53 20.10
C SER B 591 14.30 16.48 20.41
N PHE B 592 14.51 15.28 19.88
CA PHE B 592 13.60 14.16 20.11
C PHE B 592 14.43 12.89 20.22
N GLY B 593 13.84 11.88 20.85
CA GLY B 593 14.49 10.61 20.99
C GLY B 593 13.72 9.65 21.87
N GLY B 594 13.99 8.36 21.73
CA GLY B 594 13.31 7.38 22.56
C GLY B 594 13.71 7.48 24.02
N VAL B 595 12.87 6.92 24.87
CA VAL B 595 13.11 6.87 26.31
C VAL B 595 13.24 5.39 26.66
N SER B 596 14.47 4.93 26.84
CA SER B 596 14.74 3.55 27.20
C SER B 596 14.92 3.46 28.71
N VAL B 597 14.21 2.54 29.34
CA VAL B 597 14.20 2.40 30.78
C VAL B 597 15.01 1.16 31.13
N ILE B 598 16.22 1.37 31.66
CA ILE B 598 17.09 0.28 32.07
C ILE B 598 16.58 -0.27 33.39
N THR B 599 16.21 -1.54 33.40
CA THR B 599 15.70 -2.15 34.62
C THR B 599 16.35 -3.50 34.85
N PRO B 600 16.76 -3.80 36.08
CA PRO B 600 17.12 -5.18 36.42
C PRO B 600 15.87 -6.03 36.56
N GLY B 601 16.03 -7.28 36.99
CA GLY B 601 14.87 -8.12 37.20
C GLY B 601 13.89 -7.50 38.19
N THR B 602 12.61 -7.49 37.84
CA THR B 602 11.62 -6.90 38.73
C THR B 602 11.48 -7.67 40.03
N ASN B 603 11.89 -8.93 40.06
CA ASN B 603 11.97 -9.69 41.30
C ASN B 603 13.29 -9.47 42.03
N THR B 604 14.21 -8.70 41.44
CA THR B 604 15.46 -8.32 42.08
C THR B 604 15.40 -6.94 42.70
N SER B 605 14.80 -5.97 42.02
CA SER B 605 14.66 -4.62 42.53
C SER B 605 13.42 -3.99 41.92
N ASN B 606 13.21 -2.70 42.22
CA ASN B 606 12.11 -1.94 41.65
C ASN B 606 12.52 -0.61 41.05
N GLN B 607 13.69 -0.07 41.39
CA GLN B 607 14.15 1.17 40.79
C GLN B 607 14.70 0.92 39.39
N VAL B 608 14.77 1.99 38.61
CA VAL B 608 15.15 1.92 37.20
C VAL B 608 16.05 3.12 36.88
N ALA B 609 16.52 3.16 35.65
CA ALA B 609 17.20 4.31 35.06
C ALA B 609 16.61 4.55 33.68
N VAL B 610 16.93 5.71 33.09
CA VAL B 610 16.37 6.08 31.80
C VAL B 610 17.46 6.65 30.89
N LEU B 611 17.37 6.30 29.61
CA LEU B 611 18.15 6.94 28.56
C LEU B 611 17.25 7.82 27.72
N TYR B 612 17.65 9.07 27.52
CA TYR B 612 17.00 9.94 26.55
C TYR B 612 17.90 9.90 25.31
N GLN B 613 17.66 8.90 24.46
CA GLN B 613 18.58 8.60 23.37
C GLN B 613 18.75 9.78 22.44
N GLY B 614 20.00 10.10 22.13
CA GLY B 614 20.29 11.22 21.25
C GLY B 614 19.85 12.57 21.77
N VAL B 615 19.62 12.67 23.07
CA VAL B 615 19.13 13.90 23.70
C VAL B 615 20.20 14.40 24.67
N ASN B 616 20.55 15.66 24.52
CA ASN B 616 21.49 16.30 25.45
C ASN B 616 20.87 16.40 26.83
N CYS B 617 21.73 16.38 27.86
CA CYS B 617 21.26 16.45 29.23
C CYS B 617 20.62 17.79 29.57
N THR B 618 20.89 18.83 28.79
CA THR B 618 20.30 20.14 29.08
C THR B 618 18.84 20.22 28.63
N GLU B 619 18.47 19.50 27.57
CA GLU B 619 17.12 19.57 27.06
C GLU B 619 16.11 18.81 27.90
N VAL B 620 16.57 17.84 28.71
CA VAL B 620 15.64 17.08 29.54
C VAL B 620 14.92 17.96 30.56
N PRO B 621 15.60 18.82 31.34
CA PRO B 621 14.85 19.72 32.23
C PRO B 621 13.91 20.66 31.49
N VAL B 622 14.30 21.11 30.29
CA VAL B 622 13.43 21.99 29.51
C VAL B 622 12.16 21.26 29.10
N ALA B 623 12.28 20.00 28.69
CA ALA B 623 11.11 19.21 28.31
C ALA B 623 11.12 17.88 29.05
N TYR B 636 12.28 11.90 34.48
CA TYR B 636 13.19 12.26 35.55
C TYR B 636 13.88 13.61 35.33
N SER B 637 13.09 14.65 35.08
CA SER B 637 13.65 16.00 34.98
C SER B 637 14.15 16.52 36.32
N THR B 638 13.77 15.87 37.44
CA THR B 638 14.30 16.26 38.74
C THR B 638 15.81 16.06 38.81
N GLY B 639 16.28 14.92 38.31
CA GLY B 639 17.71 14.65 38.24
C GLY B 639 18.26 13.84 39.39
N SER B 640 19.25 14.42 40.09
CA SER B 640 19.97 13.82 41.22
C SER B 640 20.91 12.71 40.76
N ASN B 641 20.82 12.32 39.49
CA ASN B 641 21.74 11.37 38.88
C ASN B 641 21.69 11.61 37.37
N VAL B 642 22.75 12.17 36.81
CA VAL B 642 22.85 12.38 35.37
C VAL B 642 24.19 11.85 34.89
N PHE B 643 24.26 11.55 33.61
CA PHE B 643 25.47 10.97 33.02
C PHE B 643 25.49 11.29 31.54
N GLN B 644 26.49 12.04 31.10
CA GLN B 644 26.57 12.56 29.73
C GLN B 644 27.26 11.53 28.85
N THR B 645 26.47 10.70 28.16
CA THR B 645 26.97 9.63 27.31
C THR B 645 26.80 9.99 25.85
N ARG B 646 27.28 9.11 24.98
CA ARG B 646 27.06 9.24 23.55
C ARG B 646 25.74 8.61 23.11
N ALA B 647 25.08 7.87 24.00
CA ALA B 647 23.78 7.27 23.71
C ALA B 647 22.63 8.06 24.31
N GLY B 648 22.89 9.30 24.76
CA GLY B 648 21.88 10.16 25.30
C GLY B 648 22.25 10.62 26.69
N CYS B 649 21.23 11.04 27.45
CA CYS B 649 21.39 11.47 28.83
C CYS B 649 20.87 10.36 29.73
N LEU B 650 21.78 9.70 30.44
CA LEU B 650 21.43 8.59 31.31
C LEU B 650 21.15 9.11 32.72
N ILE B 651 19.91 8.94 33.17
CA ILE B 651 19.44 9.47 34.44
C ILE B 651 19.00 8.32 35.32
N GLY B 652 19.44 8.34 36.58
CA GLY B 652 19.10 7.30 37.53
C GLY B 652 20.19 6.29 37.81
N ALA B 653 21.37 6.46 37.22
CA ALA B 653 22.49 5.57 37.44
C ALA B 653 23.75 6.39 37.67
N GLU B 654 24.57 5.95 38.63
CA GLU B 654 25.78 6.66 38.98
C GLU B 654 26.95 6.15 38.13
N HIS B 655 27.70 7.08 37.55
CA HIS B 655 28.82 6.72 36.69
C HIS B 655 30.04 6.40 37.54
N VAL B 656 30.59 5.20 37.34
CA VAL B 656 31.74 4.74 38.11
C VAL B 656 32.96 4.67 37.19
N ASN B 657 34.13 4.78 37.81
CA ASN B 657 35.41 4.71 37.10
C ASN B 657 36.00 3.30 37.12
N ASN B 658 35.16 2.28 37.27
CA ASN B 658 35.60 0.89 37.31
C ASN B 658 34.91 0.14 36.18
N SER B 659 35.69 -0.60 35.40
CA SER B 659 35.19 -1.29 34.22
C SER B 659 34.86 -2.73 34.57
N TYR B 660 33.62 -3.12 34.38
CA TYR B 660 33.15 -4.48 34.60
C TYR B 660 32.68 -5.08 33.27
N GLU B 661 32.26 -6.34 33.32
CA GLU B 661 31.68 -6.98 32.15
C GLU B 661 30.31 -6.35 31.86
N CYS B 662 29.98 -6.25 30.58
CA CYS B 662 28.71 -5.64 30.18
C CYS B 662 27.54 -6.47 30.69
N ASP B 663 26.57 -5.80 31.31
CA ASP B 663 25.41 -6.45 31.87
C ASP B 663 24.13 -6.06 31.12
N ILE B 664 23.82 -4.77 31.06
CA ILE B 664 22.76 -4.25 30.21
C ILE B 664 23.39 -3.31 29.19
N PRO B 665 23.37 -3.64 27.91
CA PRO B 665 24.04 -2.78 26.91
C PRO B 665 23.27 -1.48 26.71
N ILE B 666 24.00 -0.38 26.71
CA ILE B 666 23.44 0.95 26.51
C ILE B 666 23.86 1.54 25.16
N GLY B 667 25.14 1.45 24.85
CA GLY B 667 25.64 1.93 23.57
C GLY B 667 26.90 2.77 23.72
N ALA B 668 27.69 2.81 22.65
CA ALA B 668 28.92 3.59 22.61
C ALA B 668 29.88 3.19 23.73
N GLY B 669 29.92 1.90 24.05
CA GLY B 669 30.83 1.39 25.04
C GLY B 669 30.35 1.45 26.47
N ILE B 670 29.18 2.02 26.72
CA ILE B 670 28.64 2.17 28.07
C ILE B 670 27.67 1.02 28.35
N CYS B 671 27.80 0.43 29.53
CA CYS B 671 26.92 -0.64 29.99
C CYS B 671 26.48 -0.33 31.41
N ALA B 672 25.28 -0.81 31.75
CA ALA B 672 24.69 -0.58 33.07
C ALA B 672 24.51 -1.90 33.78
N SER B 673 24.59 -1.85 35.11
CA SER B 673 24.45 -3.05 35.91
C SER B 673 23.85 -2.69 37.27
N TYR B 674 23.26 -3.69 37.92
CA TYR B 674 22.70 -3.53 39.26
C TYR B 674 23.70 -4.13 40.25
N GLN B 675 24.40 -3.26 40.97
CA GLN B 675 25.46 -3.71 41.88
C GLN B 675 25.49 -2.77 43.08
N THR B 676 25.92 -3.31 44.21
CA THR B 676 26.03 -2.55 45.45
C THR B 676 26.94 -1.34 45.29
N SER B 689 22.63 0.25 49.89
CA SER B 689 23.86 0.47 49.12
C SER B 689 23.68 0.02 47.68
N GLN B 690 22.51 -0.51 47.37
CA GLN B 690 22.21 -1.00 46.03
C GLN B 690 21.76 0.15 45.14
N SER B 691 22.24 0.13 43.90
CA SER B 691 21.91 1.17 42.92
C SER B 691 22.26 0.62 41.53
N ILE B 692 22.16 1.50 40.53
CA ILE B 692 22.50 1.18 39.15
C ILE B 692 23.79 1.90 38.80
N ILE B 693 24.77 1.16 38.29
CA ILE B 693 26.09 1.70 37.97
C ILE B 693 26.23 1.76 36.46
N ALA B 694 26.73 2.88 35.95
CA ALA B 694 27.01 3.06 34.53
C ALA B 694 28.52 3.16 34.35
N TYR B 695 29.08 2.27 33.54
CA TYR B 695 30.51 2.19 33.36
C TYR B 695 30.80 1.94 31.88
N THR B 696 32.09 1.88 31.56
CA THR B 696 32.52 1.42 30.24
C THR B 696 32.86 -0.06 30.34
N MET B 697 32.28 -0.85 29.44
CA MET B 697 32.44 -2.30 29.51
C MET B 697 33.90 -2.69 29.33
N SER B 698 34.33 -3.71 30.06
CA SER B 698 35.69 -4.20 30.00
C SER B 698 35.77 -5.36 29.04
N LEU B 699 36.70 -5.27 28.09
CA LEU B 699 36.84 -6.30 27.07
C LEU B 699 37.33 -7.61 27.68
N GLY B 700 38.23 -7.54 28.64
CA GLY B 700 38.71 -8.73 29.31
C GLY B 700 39.94 -8.41 30.13
N ALA B 701 40.44 -9.45 30.79
CA ALA B 701 41.66 -9.32 31.58
C ALA B 701 42.84 -8.99 30.68
N GLU B 702 43.72 -8.13 31.16
CA GLU B 702 44.91 -7.76 30.41
C GLU B 702 46.00 -8.79 30.63
N ASN B 703 46.52 -9.34 29.54
CA ASN B 703 47.55 -10.37 29.59
C ASN B 703 48.71 -9.96 28.71
N SER B 704 49.90 -10.45 29.05
CA SER B 704 51.13 -10.15 28.31
C SER B 704 51.95 -11.43 28.27
N VAL B 705 51.83 -12.17 27.17
CA VAL B 705 52.55 -13.43 27.04
C VAL B 705 54.05 -13.15 27.02
N ALA B 706 54.80 -13.91 27.80
CA ALA B 706 56.23 -13.70 27.96
C ALA B 706 57.00 -14.24 26.74
N TYR B 707 56.71 -13.64 25.59
CA TYR B 707 57.32 -14.07 24.35
C TYR B 707 58.82 -13.83 24.35
N SER B 708 59.56 -14.84 23.89
CA SER B 708 60.99 -14.73 23.71
C SER B 708 61.40 -15.67 22.58
N ASN B 709 62.55 -15.41 21.98
CA ASN B 709 62.96 -16.21 20.83
C ASN B 709 63.45 -17.59 21.21
N ASN B 710 63.60 -17.89 22.51
CA ASN B 710 64.04 -19.20 22.95
C ASN B 710 63.22 -19.73 24.11
N SER B 711 62.02 -19.20 24.32
CA SER B 711 61.14 -19.63 25.40
C SER B 711 59.87 -20.23 24.82
N ILE B 712 59.51 -21.41 25.29
CA ILE B 712 58.29 -22.10 24.87
C ILE B 712 57.57 -22.60 26.11
N ALA B 713 56.24 -22.60 26.06
CA ALA B 713 55.39 -23.12 27.13
C ALA B 713 54.69 -24.37 26.63
N ILE B 714 54.79 -25.45 27.40
CA ILE B 714 54.23 -26.73 27.02
C ILE B 714 53.37 -27.26 28.16
N PRO B 715 52.12 -27.65 27.90
CA PRO B 715 51.28 -28.16 28.97
C PRO B 715 51.80 -29.47 29.54
N THR B 716 51.54 -29.66 30.83
CA THR B 716 51.86 -30.91 31.52
C THR B 716 50.64 -31.68 31.96
N ASN B 717 49.45 -31.09 31.84
CA ASN B 717 48.21 -31.73 32.23
C ASN B 717 47.14 -31.34 31.22
N PHE B 718 45.89 -31.68 31.52
CA PHE B 718 44.79 -31.34 30.62
C PHE B 718 43.49 -31.35 31.41
N THR B 719 42.45 -30.83 30.79
CA THR B 719 41.10 -30.88 31.33
C THR B 719 40.15 -31.26 30.20
N ILE B 720 39.30 -32.26 30.45
CA ILE B 720 38.27 -32.66 29.51
C ILE B 720 37.05 -31.77 29.75
N SER B 721 36.62 -31.06 28.73
CA SER B 721 35.57 -30.05 28.86
C SER B 721 34.39 -30.42 27.98
N VAL B 722 33.18 -30.31 28.54
CA VAL B 722 31.94 -30.55 27.80
C VAL B 722 31.16 -29.25 27.80
N THR B 723 30.92 -28.70 26.60
CA THR B 723 30.18 -27.47 26.43
C THR B 723 28.95 -27.74 25.57
N THR B 724 27.90 -26.94 25.79
CA THR B 724 26.64 -27.10 25.09
C THR B 724 26.46 -26.02 24.04
N GLU B 725 25.92 -26.40 22.88
CA GLU B 725 25.57 -25.46 21.82
C GLU B 725 24.11 -25.71 21.44
N ILE B 726 23.24 -24.77 21.78
CA ILE B 726 21.83 -24.85 21.45
C ILE B 726 21.62 -24.23 20.08
N LEU B 727 20.92 -24.94 19.20
CA LEU B 727 20.68 -24.49 17.84
C LEU B 727 19.23 -24.70 17.47
N PRO B 728 18.48 -23.64 17.17
CA PRO B 728 17.11 -23.83 16.69
C PRO B 728 17.10 -24.55 15.35
N VAL B 729 16.20 -25.53 15.22
CA VAL B 729 16.17 -26.37 14.05
C VAL B 729 14.87 -26.18 13.28
N SER B 730 13.80 -25.88 14.00
CA SER B 730 12.49 -25.72 13.37
C SER B 730 11.62 -24.84 14.25
N MET B 731 10.42 -24.55 13.77
CA MET B 731 9.44 -23.76 14.51
C MET B 731 8.05 -24.30 14.23
N THR B 732 7.09 -23.89 15.05
CA THR B 732 5.73 -24.40 14.92
C THR B 732 5.14 -24.06 13.57
N LYS B 733 4.48 -25.05 12.96
CA LYS B 733 3.79 -24.84 11.69
C LYS B 733 2.47 -24.13 11.98
N THR B 734 2.32 -22.90 11.50
CA THR B 734 1.08 -22.16 11.61
C THR B 734 0.60 -21.80 10.21
N SER B 735 -0.63 -22.21 9.89
CA SER B 735 -1.25 -21.87 8.61
C SER B 735 -2.43 -20.96 8.90
N VAL B 736 -2.45 -19.80 8.26
CA VAL B 736 -3.50 -18.81 8.46
C VAL B 736 -4.36 -18.80 7.20
N ASP B 737 -5.60 -19.23 7.33
CA ASP B 737 -6.54 -19.20 6.21
C ASP B 737 -6.87 -17.76 5.90
N CYS B 738 -6.40 -17.28 4.74
CA CYS B 738 -6.58 -15.88 4.39
C CYS B 738 -8.05 -15.50 4.32
N THR B 739 -8.85 -16.30 3.62
CA THR B 739 -10.25 -15.94 3.41
C THR B 739 -10.97 -15.79 4.74
N MET B 740 -10.84 -16.78 5.62
CA MET B 740 -11.59 -16.73 6.87
C MET B 740 -11.01 -15.70 7.82
N TYR B 741 -9.70 -15.48 7.80
CA TYR B 741 -9.13 -14.42 8.63
C TYR B 741 -9.67 -13.07 8.22
N ILE B 742 -9.68 -12.77 6.92
CA ILE B 742 -10.14 -11.48 6.45
C ILE B 742 -11.63 -11.31 6.71
N CYS B 743 -12.44 -12.32 6.37
CA CYS B 743 -13.86 -12.09 6.17
C CYS B 743 -14.75 -13.00 7.02
N GLY B 744 -14.20 -13.64 8.04
CA GLY B 744 -15.02 -14.50 8.89
C GLY B 744 -15.72 -15.56 8.07
N ASP B 745 -17.05 -15.57 8.13
CA ASP B 745 -17.88 -16.46 7.35
C ASP B 745 -18.80 -15.71 6.40
N SER B 746 -18.52 -14.43 6.15
CA SER B 746 -19.40 -13.59 5.36
C SER B 746 -19.21 -13.85 3.87
N THR B 747 -20.28 -14.30 3.22
CA THR B 747 -20.24 -14.49 1.77
C THR B 747 -20.06 -13.16 1.05
N GLU B 748 -20.68 -12.10 1.55
CA GLU B 748 -20.51 -10.78 0.96
C GLU B 748 -19.05 -10.35 1.02
N CYS B 749 -18.42 -10.53 2.18
CA CYS B 749 -17.02 -10.16 2.32
C CYS B 749 -16.12 -11.03 1.45
N SER B 750 -16.44 -12.32 1.33
CA SER B 750 -15.66 -13.18 0.44
C SER B 750 -15.77 -12.71 -1.01
N ASN B 751 -16.98 -12.34 -1.43
CA ASN B 751 -17.15 -11.85 -2.79
C ASN B 751 -16.38 -10.55 -3.01
N LEU B 752 -16.38 -9.67 -2.01
CA LEU B 752 -15.61 -8.43 -2.13
C LEU B 752 -14.11 -8.72 -2.19
N LEU B 753 -13.64 -9.68 -1.40
CA LEU B 753 -12.23 -10.07 -1.43
C LEU B 753 -11.85 -10.73 -2.74
N LEU B 754 -12.81 -11.30 -3.45
CA LEU B 754 -12.50 -11.99 -4.70
C LEU B 754 -11.90 -11.05 -5.74
N GLN B 755 -12.36 -9.80 -5.78
CA GLN B 755 -11.81 -8.86 -6.76
C GLN B 755 -10.37 -8.47 -6.47
N TYR B 756 -9.83 -8.81 -5.30
CA TYR B 756 -8.43 -8.51 -5.03
C TYR B 756 -7.48 -9.51 -5.68
N GLY B 757 -7.99 -10.58 -6.28
CA GLY B 757 -7.17 -11.47 -7.08
C GLY B 757 -6.77 -12.72 -6.32
N SER B 758 -5.48 -13.04 -6.34
CA SER B 758 -4.95 -14.30 -5.83
C SER B 758 -4.10 -14.10 -4.57
N PHE B 759 -4.38 -13.04 -3.81
CA PHE B 759 -3.57 -12.75 -2.63
C PHE B 759 -3.68 -13.85 -1.59
N CYS B 760 -4.90 -14.35 -1.35
CA CYS B 760 -5.06 -15.39 -0.34
C CYS B 760 -4.37 -16.69 -0.73
N THR B 761 -4.47 -17.09 -2.00
CA THR B 761 -3.79 -18.32 -2.38
C THR B 761 -2.27 -18.13 -2.40
N GLN B 762 -1.80 -16.91 -2.69
CA GLN B 762 -0.37 -16.64 -2.58
C GLN B 762 0.11 -16.79 -1.13
N LEU B 763 -0.63 -16.19 -0.19
CA LEU B 763 -0.25 -16.28 1.22
C LEU B 763 -0.34 -17.72 1.72
N ASN B 764 -1.37 -18.45 1.30
CA ASN B 764 -1.51 -19.85 1.70
C ASN B 764 -0.36 -20.69 1.17
N ARG B 765 0.04 -20.46 -0.09
CA ARG B 765 1.17 -21.19 -0.64
C ARG B 765 2.45 -20.87 0.12
N ALA B 766 2.67 -19.60 0.46
CA ALA B 766 3.88 -19.22 1.19
C ALA B 766 3.91 -19.89 2.57
N LEU B 767 2.80 -19.83 3.30
CA LEU B 767 2.76 -20.43 4.63
C LEU B 767 2.90 -21.95 4.57
N THR B 768 2.29 -22.58 3.57
CA THR B 768 2.43 -24.03 3.41
C THR B 768 3.87 -24.40 3.08
N GLY B 769 4.54 -23.60 2.25
CA GLY B 769 5.94 -23.85 1.97
C GLY B 769 6.81 -23.74 3.22
N ILE B 770 6.53 -22.73 4.05
CA ILE B 770 7.24 -22.62 5.32
C ILE B 770 7.01 -23.87 6.17
N ALA B 771 5.76 -24.30 6.27
CA ALA B 771 5.42 -25.43 7.11
C ALA B 771 6.11 -26.71 6.63
N VAL B 772 6.14 -26.92 5.32
CA VAL B 772 6.77 -28.13 4.79
C VAL B 772 8.29 -28.07 4.95
N GLU B 773 8.89 -26.89 4.76
CA GLU B 773 10.34 -26.82 4.95
C GLU B 773 10.73 -26.94 6.41
N GLN B 774 9.78 -26.73 7.34
CA GLN B 774 10.10 -27.00 8.74
C GLN B 774 10.35 -28.49 8.97
N ASP B 775 9.47 -29.33 8.42
CA ASP B 775 9.69 -30.77 8.46
C ASP B 775 10.96 -31.14 7.71
N LYS B 776 11.22 -30.46 6.59
CA LYS B 776 12.45 -30.70 5.86
C LYS B 776 13.68 -30.42 6.72
N ASN B 777 13.66 -29.30 7.46
CA ASN B 777 14.77 -28.95 8.33
C ASN B 777 14.96 -30.00 9.42
N THR B 778 13.87 -30.41 10.08
CA THR B 778 13.99 -31.39 11.15
C THR B 778 14.52 -32.72 10.62
N GLN B 779 14.01 -33.17 9.47
CA GLN B 779 14.48 -34.43 8.89
C GLN B 779 15.95 -34.33 8.50
N GLU B 780 16.35 -33.21 7.89
CA GLU B 780 17.74 -33.03 7.49
C GLU B 780 18.67 -33.04 8.69
N VAL B 781 18.27 -32.42 9.80
CA VAL B 781 19.12 -32.36 10.97
C VAL B 781 19.23 -33.74 11.62
N PHE B 782 18.10 -34.42 11.82
CA PHE B 782 18.09 -35.58 12.69
C PHE B 782 18.14 -36.92 11.96
N ALA B 783 17.38 -37.08 10.87
CA ALA B 783 17.35 -38.38 10.20
C ALA B 783 18.55 -38.57 9.29
N GLN B 784 19.75 -38.42 9.84
CA GLN B 784 20.97 -38.60 9.08
C GLN B 784 21.47 -40.04 9.11
N VAL B 785 20.78 -40.93 9.81
CA VAL B 785 21.10 -42.35 9.82
C VAL B 785 19.90 -43.13 9.33
N LYS B 786 20.11 -44.00 8.35
CA LYS B 786 19.08 -44.90 7.88
C LYS B 786 19.01 -46.19 8.69
N GLN B 787 19.87 -46.32 9.70
CA GLN B 787 19.97 -47.51 10.52
C GLN B 787 19.86 -47.07 11.98
N ILE B 788 18.94 -47.69 12.73
CA ILE B 788 18.65 -47.27 14.10
C ILE B 788 19.50 -48.13 15.01
N TYR B 789 20.67 -47.62 15.38
CA TYR B 789 21.56 -48.35 16.26
C TYR B 789 21.04 -48.35 17.69
N LYS B 790 21.49 -49.32 18.47
CA LYS B 790 21.08 -49.45 19.86
C LYS B 790 22.28 -49.81 20.71
N THR B 791 22.34 -49.22 21.90
CA THR B 791 23.46 -49.48 22.80
C THR B 791 23.33 -50.88 23.41
N PRO B 792 24.44 -51.57 23.64
CA PRO B 792 24.37 -52.91 24.20
C PRO B 792 23.85 -52.88 25.63
N PRO B 793 23.27 -53.97 26.11
CA PRO B 793 22.77 -53.99 27.51
C PRO B 793 23.86 -53.76 28.54
N ILE B 794 25.08 -54.23 28.28
CA ILE B 794 26.19 -54.05 29.21
C ILE B 794 26.97 -52.79 28.81
N LYS B 795 27.04 -51.84 29.73
CA LYS B 795 27.70 -50.55 29.47
C LYS B 795 29.10 -50.55 30.06
N ASP B 796 29.98 -51.34 29.43
CA ASP B 796 31.39 -51.39 29.80
C ASP B 796 32.17 -50.53 28.80
N PHE B 797 32.11 -49.21 29.03
CA PHE B 797 32.73 -48.24 28.15
C PHE B 797 34.05 -47.70 28.71
N GLY B 798 34.80 -48.55 29.42
CA GLY B 798 36.09 -48.14 29.92
C GLY B 798 36.07 -47.09 31.00
N GLY B 799 35.00 -47.02 31.78
CA GLY B 799 34.88 -46.05 32.84
C GLY B 799 34.08 -44.82 32.50
N PHE B 800 33.80 -44.59 31.22
CA PHE B 800 32.98 -43.46 30.82
C PHE B 800 31.51 -43.75 31.12
N ASN B 801 30.78 -42.71 31.50
CA ASN B 801 29.41 -42.84 31.99
C ASN B 801 28.50 -41.99 31.12
N PHE B 802 27.68 -42.64 30.29
CA PHE B 802 26.74 -41.98 29.40
C PHE B 802 25.30 -42.10 29.88
N SER B 803 25.08 -42.50 31.14
CA SER B 803 23.72 -42.75 31.61
C SER B 803 22.85 -41.51 31.57
N GLN B 804 23.45 -40.33 31.67
CA GLN B 804 22.70 -39.08 31.65
C GLN B 804 22.46 -38.57 30.25
N ILE B 805 22.93 -39.28 29.21
CA ILE B 805 22.65 -38.88 27.84
C ILE B 805 22.06 -40.08 27.09
N LEU B 806 22.15 -41.26 27.70
CA LEU B 806 21.50 -42.42 27.13
C LEU B 806 20.02 -42.42 27.51
N PRO B 807 19.16 -43.06 26.69
CA PRO B 807 17.72 -42.96 26.92
C PRO B 807 17.30 -43.60 28.23
N ASP B 808 16.17 -43.10 28.76
CA ASP B 808 15.59 -43.62 29.99
C ASP B 808 14.38 -44.47 29.64
N PRO B 809 14.46 -45.81 29.76
CA PRO B 809 13.26 -46.63 29.54
C PRO B 809 12.16 -46.39 30.56
N SER B 810 12.49 -45.81 31.72
CA SER B 810 11.47 -45.52 32.72
C SER B 810 10.45 -44.51 32.20
N LYS B 811 10.92 -43.47 31.53
CA LYS B 811 10.01 -42.51 30.92
C LYS B 811 9.28 -43.16 29.74
N PRO B 812 7.98 -42.89 29.58
CA PRO B 812 7.27 -43.44 28.42
C PRO B 812 7.88 -43.05 27.09
N SER B 813 8.37 -41.82 26.98
CA SER B 813 9.16 -41.40 25.83
C SER B 813 10.63 -41.62 26.13
N LYS B 814 11.31 -42.36 25.25
CA LYS B 814 12.69 -42.76 25.52
C LYS B 814 13.63 -41.58 25.39
N ARG B 815 13.55 -40.63 26.33
CA ARG B 815 14.41 -39.47 26.37
C ARG B 815 15.42 -39.60 27.49
N SER B 816 16.61 -39.07 27.26
CA SER B 816 17.64 -39.08 28.29
C SER B 816 17.29 -38.11 29.41
N PHE B 817 18.09 -38.15 30.48
CA PHE B 817 17.89 -37.24 31.58
C PHE B 817 18.08 -35.79 31.14
N ILE B 818 19.10 -35.52 30.34
CA ILE B 818 19.34 -34.16 29.86
C ILE B 818 18.24 -33.73 28.90
N GLU B 819 17.76 -34.65 28.06
CA GLU B 819 16.66 -34.32 27.16
C GLU B 819 15.40 -33.96 27.92
N ASP B 820 15.10 -34.72 28.98
CA ASP B 820 13.97 -34.38 29.83
C ASP B 820 14.17 -33.04 30.51
N LEU B 821 15.39 -32.76 30.96
CA LEU B 821 15.70 -31.46 31.55
C LEU B 821 15.41 -30.34 30.56
N LEU B 822 15.85 -30.50 29.31
CA LEU B 822 15.61 -29.47 28.29
C LEU B 822 14.12 -29.30 28.01
N PHE B 823 13.39 -30.41 27.88
CA PHE B 823 11.97 -30.30 27.58
C PHE B 823 11.20 -29.64 28.71
N ASN B 824 11.57 -29.91 29.95
CA ASN B 824 11.00 -29.17 31.07
C ASN B 824 11.41 -27.70 31.03
N LYS B 825 12.66 -27.43 30.63
CA LYS B 825 13.17 -26.07 30.64
C LYS B 825 12.41 -25.17 29.66
N VAL B 826 12.12 -25.68 28.47
CA VAL B 826 11.44 -24.88 27.45
C VAL B 826 9.95 -25.21 27.48
N THR B 827 9.13 -24.18 27.70
CA THR B 827 7.67 -24.31 27.71
C THR B 827 7.15 -23.87 26.34
N LEU B 828 6.74 -24.85 25.53
CA LEU B 828 6.29 -24.57 24.18
C LEU B 828 4.91 -23.90 24.22
N ALA B 829 4.44 -23.51 23.03
CA ALA B 829 3.14 -22.87 22.91
C ALA B 829 2.02 -23.87 22.63
N ASP B 830 2.14 -24.61 21.53
CA ASP B 830 1.15 -25.63 21.18
C ASP B 830 1.87 -26.77 20.48
N ALA B 831 1.60 -28.00 20.92
CA ALA B 831 2.24 -29.19 20.37
C ALA B 831 1.37 -29.88 19.33
N GLY B 832 0.52 -29.12 18.64
CA GLY B 832 -0.41 -29.70 17.68
C GLY B 832 -1.62 -30.35 18.30
N PHE B 833 -1.83 -30.19 19.60
CA PHE B 833 -2.96 -30.79 20.28
C PHE B 833 -4.27 -30.23 19.73
N ILE B 834 -5.04 -31.06 19.05
CA ILE B 834 -6.26 -30.60 18.39
C ILE B 834 -7.30 -30.24 19.44
N LYS B 835 -7.88 -29.05 19.31
CA LYS B 835 -8.84 -28.54 20.29
C LYS B 835 -10.16 -29.28 20.11
N GLN B 836 -10.55 -30.04 21.13
CA GLN B 836 -11.78 -30.80 21.10
C GLN B 836 -13.00 -29.88 21.09
N GLY B 842 4.90 -21.83 32.09
CA GLY B 842 4.52 -20.50 32.53
C GLY B 842 4.36 -19.52 31.37
N ASP B 843 3.92 -20.03 30.21
CA ASP B 843 3.71 -19.18 29.06
C ASP B 843 2.57 -18.19 29.26
N ILE B 844 1.56 -18.56 30.06
CA ILE B 844 0.41 -17.74 30.46
C ILE B 844 -0.27 -17.01 29.31
N ALA B 845 0.20 -17.23 28.08
CA ALA B 845 -0.37 -16.57 26.92
C ALA B 845 -0.92 -17.55 25.89
N ALA B 846 -0.13 -18.54 25.48
CA ALA B 846 -0.49 -19.35 24.33
C ALA B 846 -1.59 -20.37 24.65
N ARG B 847 -1.65 -20.86 25.89
CA ARG B 847 -2.62 -21.90 26.20
C ARG B 847 -4.06 -21.42 26.07
N ASP B 848 -4.30 -20.12 26.15
CA ASP B 848 -5.58 -19.55 25.75
C ASP B 848 -5.50 -18.82 24.41
N LEU B 849 -4.30 -18.69 23.84
CA LEU B 849 -4.11 -18.27 22.47
C LEU B 849 -4.01 -19.46 21.52
N ILE B 850 -4.69 -20.56 21.85
CA ILE B 850 -4.82 -21.70 20.95
C ILE B 850 -6.30 -22.04 20.85
N CYS B 851 -7.11 -21.50 21.76
CA CYS B 851 -8.56 -21.68 21.68
C CYS B 851 -9.18 -20.66 20.73
N ALA B 852 -9.07 -19.37 21.06
CA ALA B 852 -9.63 -18.33 20.21
C ALA B 852 -8.77 -18.07 18.98
N GLN B 853 -7.45 -18.23 19.12
CA GLN B 853 -6.58 -18.11 17.96
C GLN B 853 -6.96 -19.13 16.89
N LYS B 854 -7.27 -20.36 17.31
CA LYS B 854 -7.81 -21.34 16.38
C LYS B 854 -9.12 -20.85 15.77
N PHE B 855 -9.97 -20.20 16.58
CA PHE B 855 -11.26 -19.72 16.11
C PHE B 855 -11.12 -18.55 15.14
N ASN B 856 -9.96 -17.91 15.09
CA ASN B 856 -9.74 -16.78 14.19
C ASN B 856 -9.39 -17.21 12.77
N GLY B 857 -9.72 -18.45 12.40
CA GLY B 857 -9.41 -18.94 11.07
C GLY B 857 -7.93 -19.12 10.80
N LEU B 858 -7.18 -19.62 11.78
CA LEU B 858 -5.75 -19.84 11.61
C LEU B 858 -5.30 -20.85 12.65
N THR B 859 -4.72 -21.95 12.19
CA THR B 859 -4.47 -23.12 13.02
C THR B 859 -2.98 -23.41 13.11
N VAL B 860 -2.64 -24.39 13.95
CA VAL B 860 -1.27 -24.85 14.15
C VAL B 860 -1.21 -26.32 13.76
N LEU B 861 -0.29 -26.65 12.89
CA LEU B 861 -0.14 -28.02 12.41
C LEU B 861 0.85 -28.80 13.27
N PRO B 862 0.71 -30.11 13.36
CA PRO B 862 1.66 -30.90 14.14
C PRO B 862 2.86 -31.29 13.29
N PRO B 863 4.04 -31.39 13.89
CA PRO B 863 5.21 -31.83 13.12
C PRO B 863 5.07 -33.27 12.68
N LEU B 864 5.65 -33.56 11.51
CA LEU B 864 5.60 -34.92 10.99
C LEU B 864 6.37 -35.89 11.87
N LEU B 865 7.42 -35.42 12.52
CA LEU B 865 8.23 -36.25 13.42
C LEU B 865 7.86 -35.89 14.86
N THR B 866 7.29 -36.86 15.58
CA THR B 866 6.96 -36.63 16.98
C THR B 866 8.22 -36.59 17.83
N ASP B 867 8.09 -36.01 19.03
CA ASP B 867 9.23 -35.89 19.92
C ASP B 867 9.82 -37.24 20.28
N GLU B 868 8.99 -38.28 20.36
CA GLU B 868 9.51 -39.62 20.56
C GLU B 868 10.39 -40.05 19.40
N MET B 869 10.00 -39.71 18.17
CA MET B 869 10.80 -40.06 17.01
C MET B 869 12.11 -39.28 16.97
N ILE B 870 12.06 -38.00 17.37
CA ILE B 870 13.30 -37.22 17.47
C ILE B 870 14.22 -37.83 18.51
N ALA B 871 13.67 -38.25 19.65
CA ALA B 871 14.48 -38.89 20.67
C ALA B 871 15.05 -40.20 20.18
N GLN B 872 14.32 -40.93 19.33
CA GLN B 872 14.84 -42.18 18.79
C GLN B 872 15.99 -41.94 17.82
N TYR B 873 15.88 -40.93 16.96
CA TYR B 873 17.03 -40.49 16.18
C TYR B 873 18.22 -40.13 17.06
N THR B 874 17.98 -39.34 18.11
CA THR B 874 19.09 -38.95 18.96
C THR B 874 19.74 -40.16 19.63
N SER B 875 18.91 -41.10 20.10
CA SER B 875 19.42 -42.32 20.71
C SER B 875 20.24 -43.14 19.73
N ALA B 876 19.74 -43.30 18.50
CA ALA B 876 20.47 -44.07 17.50
C ALA B 876 21.81 -43.41 17.19
N LEU B 877 21.82 -42.09 17.01
CA LEU B 877 23.07 -41.39 16.71
C LEU B 877 24.07 -41.56 17.84
N LEU B 878 23.62 -41.37 19.09
CA LEU B 878 24.55 -41.41 20.21
C LEU B 878 25.05 -42.82 20.47
N ALA B 879 24.17 -43.82 20.36
CA ALA B 879 24.60 -45.20 20.55
C ALA B 879 25.56 -45.63 19.45
N GLY B 880 25.27 -45.28 18.20
CA GLY B 880 26.19 -45.58 17.12
C GLY B 880 27.54 -44.92 17.33
N THR B 881 27.53 -43.66 17.79
CA THR B 881 28.79 -42.98 18.08
C THR B 881 29.58 -43.72 19.15
N ILE B 882 28.98 -43.90 20.32
CA ILE B 882 29.73 -44.47 21.45
C ILE B 882 30.08 -45.93 21.23
N THR B 883 29.46 -46.61 20.26
CA THR B 883 29.79 -48.00 20.00
C THR B 883 30.64 -48.21 18.76
N SER B 884 30.75 -47.22 17.86
CA SER B 884 31.48 -47.46 16.63
C SER B 884 32.33 -46.27 16.18
N GLY B 885 32.61 -45.31 17.04
CA GLY B 885 33.46 -44.20 16.63
C GLY B 885 32.78 -43.35 15.59
N TRP B 886 33.50 -43.04 14.51
CA TRP B 886 32.98 -42.27 13.41
C TRP B 886 32.71 -43.11 12.17
N THR B 887 32.85 -44.43 12.26
CA THR B 887 32.72 -45.28 11.09
C THR B 887 31.28 -45.48 10.65
N PHE B 888 30.32 -45.35 11.57
CA PHE B 888 28.92 -45.50 11.22
C PHE B 888 28.42 -44.37 10.32
N GLY B 889 29.12 -43.22 10.33
CA GLY B 889 28.79 -42.13 9.43
C GLY B 889 29.44 -42.21 8.07
N ALA B 890 30.42 -43.12 7.91
CA ALA B 890 31.04 -43.35 6.62
C ALA B 890 30.62 -44.67 5.97
N GLY B 891 30.00 -45.57 6.74
CA GLY B 891 29.56 -46.84 6.19
C GLY B 891 28.83 -47.65 7.24
N ALA B 892 29.17 -48.93 7.36
CA ALA B 892 28.62 -49.75 8.43
C ALA B 892 29.25 -49.38 9.77
N ALA B 893 28.51 -49.62 10.84
CA ALA B 893 29.00 -49.34 12.18
C ALA B 893 30.04 -50.38 12.56
N LEU B 894 31.30 -49.97 12.69
CA LEU B 894 32.38 -50.87 13.05
C LEU B 894 32.61 -50.73 14.55
N GLN B 895 32.28 -51.77 15.30
CA GLN B 895 32.44 -51.71 16.75
C GLN B 895 33.91 -51.59 17.11
N ILE B 896 34.17 -50.93 18.24
CA ILE B 896 35.52 -50.72 18.75
C ILE B 896 35.42 -50.31 20.22
N PRO B 897 36.30 -50.79 21.09
CA PRO B 897 36.24 -50.35 22.49
C PRO B 897 36.37 -48.84 22.60
N PHE B 898 35.60 -48.28 23.54
CA PHE B 898 35.55 -46.82 23.64
C PHE B 898 36.89 -46.24 24.07
N ALA B 899 37.67 -46.99 24.85
CA ALA B 899 39.00 -46.52 25.20
C ALA B 899 39.86 -46.35 23.94
N MET B 900 39.80 -47.33 23.04
CA MET B 900 40.60 -47.24 21.81
C MET B 900 40.05 -46.17 20.88
N GLN B 901 38.73 -45.99 20.84
CA GLN B 901 38.17 -44.90 20.05
C GLN B 901 38.66 -43.55 20.56
N MET B 902 38.66 -43.36 21.88
CA MET B 902 39.17 -42.12 22.45
C MET B 902 40.66 -41.97 22.21
N ALA B 903 41.40 -43.08 22.16
CA ALA B 903 42.81 -43.00 21.78
C ALA B 903 42.97 -42.51 20.35
N TYR B 904 42.10 -42.97 19.46
CA TYR B 904 42.14 -42.46 18.09
C TYR B 904 41.82 -40.98 18.05
N ARG B 905 40.87 -40.53 18.87
CA ARG B 905 40.57 -39.11 18.93
C ARG B 905 41.78 -38.33 19.44
N PHE B 906 42.48 -38.86 20.44
CA PHE B 906 43.68 -38.20 20.95
C PHE B 906 44.77 -38.11 19.88
N ASN B 907 44.99 -39.19 19.13
CA ASN B 907 45.92 -39.11 18.01
C ASN B 907 45.45 -38.11 16.97
N GLY B 908 44.13 -37.94 16.84
CA GLY B 908 43.61 -36.94 15.92
C GLY B 908 43.93 -35.52 16.34
N ILE B 909 43.83 -35.23 17.64
CA ILE B 909 44.13 -33.89 18.13
C ILE B 909 45.62 -33.63 18.29
N GLY B 910 46.47 -34.60 17.95
CA GLY B 910 47.90 -34.41 18.01
C GLY B 910 48.55 -34.88 19.29
N VAL B 911 47.86 -35.64 20.12
CA VAL B 911 48.40 -36.17 21.37
C VAL B 911 48.54 -37.67 21.23
N THR B 912 49.67 -38.20 21.69
CA THR B 912 49.93 -39.63 21.57
C THR B 912 48.89 -40.42 22.36
N GLN B 913 48.54 -41.60 21.84
CA GLN B 913 47.53 -42.43 22.50
C GLN B 913 48.04 -43.00 23.82
N ASN B 914 49.36 -43.06 24.01
CA ASN B 914 49.89 -43.49 25.30
C ASN B 914 49.43 -42.55 26.42
N VAL B 915 49.18 -41.28 26.09
CA VAL B 915 48.68 -40.35 27.09
C VAL B 915 47.33 -40.81 27.63
N LEU B 916 46.41 -41.18 26.72
CA LEU B 916 45.13 -41.71 27.16
C LEU B 916 45.30 -43.03 27.90
N TYR B 917 46.13 -43.93 27.38
CA TYR B 917 46.25 -45.22 28.04
C TYR B 917 46.92 -45.12 29.40
N GLU B 918 47.66 -44.04 29.66
CA GLU B 918 48.22 -43.76 30.97
C GLU B 918 47.24 -43.04 31.89
N ASN B 919 46.39 -42.18 31.35
CA ASN B 919 45.50 -41.35 32.14
C ASN B 919 44.02 -41.66 31.90
N GLN B 920 43.72 -42.92 31.60
CA GLN B 920 42.34 -43.31 31.31
C GLN B 920 41.41 -43.00 32.48
N LYS B 921 41.82 -43.37 33.70
CA LYS B 921 40.96 -43.15 34.85
C LYS B 921 40.71 -41.66 35.06
N LEU B 922 41.76 -40.84 34.97
CA LEU B 922 41.60 -39.40 35.14
C LEU B 922 40.70 -38.81 34.08
N ILE B 923 40.87 -39.23 32.82
CA ILE B 923 40.07 -38.67 31.73
C ILE B 923 38.61 -39.08 31.86
N ALA B 924 38.36 -40.35 32.23
CA ALA B 924 36.99 -40.78 32.45
C ALA B 924 36.34 -40.02 33.61
N ASN B 925 37.08 -39.81 34.70
CA ASN B 925 36.54 -39.06 35.82
C ASN B 925 36.23 -37.62 35.42
N GLN B 926 37.11 -37.00 34.64
CA GLN B 926 36.86 -35.63 34.20
C GLN B 926 35.66 -35.56 33.27
N PHE B 927 35.50 -36.55 32.39
CA PHE B 927 34.33 -36.57 31.51
C PHE B 927 33.04 -36.70 32.29
N ASN B 928 33.02 -37.62 33.27
CA ASN B 928 31.82 -37.80 34.09
C ASN B 928 31.52 -36.54 34.90
N SER B 929 32.56 -35.91 35.45
CA SER B 929 32.38 -34.67 36.20
C SER B 929 31.83 -33.57 35.31
N ALA B 930 32.32 -33.46 34.08
CA ALA B 930 31.83 -32.44 33.17
C ALA B 930 30.38 -32.70 32.78
N ILE B 931 30.01 -33.96 32.57
CA ILE B 931 28.61 -34.29 32.29
C ILE B 931 27.73 -33.91 33.47
N GLY B 932 28.19 -34.19 34.69
CA GLY B 932 27.45 -33.79 35.87
C GLY B 932 27.31 -32.28 35.98
N LYS B 933 28.38 -31.55 35.66
CA LYS B 933 28.31 -30.08 35.67
C LYS B 933 27.30 -29.59 34.66
N ILE B 934 27.26 -30.20 33.47
CA ILE B 934 26.30 -29.79 32.45
C ILE B 934 24.89 -30.05 32.94
N GLN B 935 24.65 -31.20 33.57
CA GLN B 935 23.32 -31.50 34.11
C GLN B 935 22.91 -30.48 35.16
N ASP B 936 23.82 -30.16 36.09
CA ASP B 936 23.50 -29.20 37.13
C ASP B 936 23.25 -27.80 36.57
N SER B 937 24.06 -27.39 35.58
CA SER B 937 23.87 -26.10 34.95
C SER B 937 22.52 -26.03 34.24
N LEU B 938 22.14 -27.10 33.55
CA LEU B 938 20.84 -27.11 32.88
C LEU B 938 19.70 -27.09 33.88
N SER B 939 19.84 -27.79 35.00
CA SER B 939 18.79 -27.81 36.01
C SER B 939 18.68 -26.50 36.78
N SER B 940 19.76 -25.73 36.89
CA SER B 940 19.77 -24.51 37.68
C SER B 940 19.59 -23.24 36.87
N THR B 941 19.90 -23.27 35.58
CA THR B 941 19.92 -22.05 34.77
C THR B 941 18.50 -21.53 34.54
N ALA B 942 18.41 -20.40 33.86
CA ALA B 942 17.14 -19.77 33.54
C ALA B 942 16.95 -19.51 32.05
N SER B 943 18.00 -19.12 31.34
CA SER B 943 17.90 -18.78 29.92
C SER B 943 19.06 -19.38 29.13
N ALA B 944 19.45 -20.62 29.46
CA ALA B 944 20.46 -21.29 28.64
C ALA B 944 19.88 -21.70 27.29
N LEU B 945 18.59 -21.99 27.22
CA LEU B 945 17.91 -22.30 25.97
C LEU B 945 17.21 -21.08 25.38
N GLY B 946 17.81 -19.90 25.60
CA GLY B 946 17.22 -18.68 25.07
C GLY B 946 17.14 -18.67 23.56
N LYS B 947 18.04 -19.38 22.88
CA LYS B 947 17.99 -19.40 21.42
C LYS B 947 16.72 -20.05 20.90
N LEU B 948 16.14 -20.98 21.66
CA LEU B 948 14.84 -21.54 21.33
C LEU B 948 13.69 -20.72 21.92
N GLN B 949 13.91 -20.15 23.10
CA GLN B 949 12.87 -19.33 23.72
C GLN B 949 12.55 -18.12 22.86
N ASP B 950 13.56 -17.51 22.24
CA ASP B 950 13.31 -16.37 21.37
C ASP B 950 12.52 -16.77 20.13
N VAL B 951 12.78 -17.96 19.59
CA VAL B 951 12.00 -18.43 18.44
C VAL B 951 10.54 -18.58 18.83
N VAL B 952 10.29 -19.24 19.96
CA VAL B 952 8.91 -19.44 20.41
C VAL B 952 8.23 -18.10 20.67
N ASN B 953 8.94 -17.17 21.32
CA ASN B 953 8.36 -15.88 21.65
C ASN B 953 8.11 -15.05 20.40
N GLN B 954 8.99 -15.13 19.40
CA GLN B 954 8.78 -14.42 18.15
C GLN B 954 7.54 -14.92 17.43
N ASN B 955 7.38 -16.25 17.36
CA ASN B 955 6.18 -16.79 16.74
C ASN B 955 4.92 -16.37 17.49
N ALA B 956 4.98 -16.44 18.83
CA ALA B 956 3.82 -16.06 19.64
C ALA B 956 3.47 -14.59 19.45
N GLN B 957 4.49 -13.71 19.41
CA GLN B 957 4.24 -12.29 19.22
C GLN B 957 3.68 -12.01 17.84
N ALA B 958 4.18 -12.70 16.82
CA ALA B 958 3.64 -12.52 15.47
C ALA B 958 2.17 -12.89 15.43
N LEU B 959 1.81 -14.06 15.99
CA LEU B 959 0.41 -14.47 16.00
C LEU B 959 -0.44 -13.53 16.84
N ASN B 960 0.09 -13.05 17.96
CA ASN B 960 -0.67 -12.14 18.81
C ASN B 960 -0.95 -10.83 18.09
N THR B 961 0.05 -10.28 17.39
CA THR B 961 -0.17 -9.06 16.62
C THR B 961 -1.17 -9.29 15.50
N LEU B 962 -1.05 -10.42 14.80
CA LEU B 962 -1.99 -10.72 13.72
C LEU B 962 -3.41 -10.83 14.23
N VAL B 963 -3.59 -11.43 15.41
CA VAL B 963 -4.93 -11.54 15.98
C VAL B 963 -5.44 -10.17 16.44
N LYS B 964 -4.60 -9.40 17.12
CA LYS B 964 -5.01 -8.09 17.61
C LYS B 964 -5.32 -7.12 16.49
N GLN B 965 -4.78 -7.34 15.29
CA GLN B 965 -5.11 -6.49 14.16
C GLN B 965 -6.54 -6.69 13.67
N LEU B 966 -7.24 -7.71 14.17
CA LEU B 966 -8.65 -7.89 13.85
C LEU B 966 -9.56 -6.97 14.65
N SER B 967 -9.02 -6.23 15.61
CA SER B 967 -9.80 -5.32 16.43
C SER B 967 -9.65 -3.86 15.99
N SER B 968 -9.04 -3.62 14.83
CA SER B 968 -8.81 -2.27 14.33
C SER B 968 -9.86 -1.93 13.28
N ASN B 969 -10.40 -0.72 13.36
CA ASN B 969 -11.43 -0.30 12.42
C ASN B 969 -10.87 -0.15 11.02
N PHE B 970 -9.65 0.36 10.89
CA PHE B 970 -9.05 0.72 9.59
C PHE B 970 -9.89 1.77 8.88
N GLY B 971 -10.61 2.58 9.64
CA GLY B 971 -11.47 3.61 9.08
C GLY B 971 -12.94 3.26 9.00
N ALA B 972 -13.28 1.99 9.19
CA ALA B 972 -14.68 1.58 9.16
C ALA B 972 -15.41 2.06 10.40
N ILE B 973 -16.74 1.99 10.36
CA ILE B 973 -17.55 2.42 11.50
C ILE B 973 -17.32 1.49 12.69
N SER B 974 -17.10 0.21 12.44
CA SER B 974 -16.87 -0.77 13.49
C SER B 974 -15.84 -1.77 13.03
N SER B 975 -15.21 -2.44 13.99
CA SER B 975 -14.20 -3.45 13.70
C SER B 975 -14.78 -4.84 13.57
N VAL B 976 -16.10 -4.99 13.60
CA VAL B 976 -16.75 -6.29 13.54
C VAL B 976 -17.59 -6.38 12.26
N LEU B 977 -17.24 -7.36 11.43
CA LEU B 977 -17.87 -7.52 10.12
C LEU B 977 -19.36 -7.84 10.26
N ASN B 978 -19.70 -8.70 11.23
CA ASN B 978 -21.09 -9.09 11.41
C ASN B 978 -21.96 -7.89 11.76
N ASP B 979 -21.49 -7.03 12.66
CA ASP B 979 -22.29 -5.87 13.03
C ASP B 979 -22.34 -4.84 11.90
N ILE B 980 -21.25 -4.68 11.15
CA ILE B 980 -21.31 -3.78 10.00
C ILE B 980 -22.38 -4.25 9.02
N LEU B 981 -22.38 -5.56 8.71
CA LEU B 981 -23.34 -6.08 7.75
C LEU B 981 -24.76 -6.01 8.28
N SER B 982 -24.96 -6.30 9.57
CA SER B 982 -26.29 -6.28 10.16
C SER B 982 -26.81 -4.87 10.39
N ARG B 983 -25.93 -3.88 10.41
CA ARG B 983 -26.38 -2.50 10.61
C ARG B 983 -26.60 -1.77 9.30
N LEU B 984 -25.82 -2.05 8.26
CA LEU B 984 -25.91 -1.28 7.04
C LEU B 984 -26.36 -2.15 5.88
N ASP B 985 -27.03 -1.51 4.92
CA ASP B 985 -27.39 -2.19 3.69
C ASP B 985 -26.13 -2.46 2.85
N PRO B 986 -26.16 -3.46 1.98
CA PRO B 986 -24.96 -3.80 1.19
C PRO B 986 -24.40 -2.63 0.39
N PRO B 987 -25.23 -1.86 -0.33
CA PRO B 987 -24.64 -0.85 -1.23
C PRO B 987 -23.76 0.17 -0.52
N GLU B 988 -24.08 0.54 0.72
CA GLU B 988 -23.23 1.47 1.44
C GLU B 988 -22.23 0.76 2.34
N ALA B 989 -22.55 -0.44 2.83
CA ALA B 989 -21.59 -1.21 3.60
C ALA B 989 -20.43 -1.70 2.76
N GLU B 990 -20.52 -1.59 1.44
CA GLU B 990 -19.41 -1.96 0.57
C GLU B 990 -18.11 -1.30 1.00
N VAL B 991 -18.15 0.02 1.28
CA VAL B 991 -16.91 0.74 1.56
C VAL B 991 -16.34 0.33 2.92
N GLN B 992 -17.21 0.12 3.92
CA GLN B 992 -16.72 -0.33 5.22
C GLN B 992 -16.07 -1.71 5.11
N ILE B 993 -16.72 -2.63 4.39
CA ILE B 993 -16.14 -3.95 4.18
C ILE B 993 -14.82 -3.82 3.44
N ASP B 994 -14.74 -2.89 2.48
CA ASP B 994 -13.50 -2.70 1.72
C ASP B 994 -12.38 -2.20 2.62
N ARG B 995 -12.68 -1.28 3.53
CA ARG B 995 -11.66 -0.78 4.45
C ARG B 995 -11.15 -1.90 5.35
N LEU B 996 -12.08 -2.69 5.90
CA LEU B 996 -11.68 -3.82 6.74
C LEU B 996 -10.82 -4.81 5.95
N ILE B 997 -11.23 -5.10 4.71
CA ILE B 997 -10.50 -6.05 3.88
C ILE B 997 -9.09 -5.54 3.61
N THR B 998 -8.96 -4.26 3.26
CA THR B 998 -7.64 -3.72 2.95
C THR B 998 -6.74 -3.77 4.17
N GLY B 999 -7.26 -3.37 5.33
CA GLY B 999 -6.45 -3.43 6.54
C GLY B 999 -6.00 -4.84 6.88
N ARG B 1000 -6.92 -5.80 6.78
CA ARG B 1000 -6.58 -7.15 7.19
C ARG B 1000 -5.68 -7.85 6.16
N LEU B 1001 -5.82 -7.53 4.88
CA LEU B 1001 -4.87 -8.02 3.88
C LEU B 1001 -3.48 -7.46 4.12
N GLN B 1002 -3.38 -6.18 4.48
CA GLN B 1002 -2.06 -5.64 4.80
C GLN B 1002 -1.47 -6.34 6.02
N SER B 1003 -2.32 -6.64 7.01
CA SER B 1003 -1.85 -7.37 8.19
C SER B 1003 -1.33 -8.75 7.82
N LEU B 1004 -2.06 -9.49 6.98
CA LEU B 1004 -1.58 -10.79 6.55
C LEU B 1004 -0.30 -10.70 5.74
N GLN B 1005 -0.21 -9.71 4.85
CA GLN B 1005 1.01 -9.56 4.05
C GLN B 1005 2.21 -9.30 4.96
N THR B 1006 2.05 -8.41 5.93
CA THR B 1006 3.13 -8.15 6.89
C THR B 1006 3.52 -9.43 7.62
N TYR B 1007 2.53 -10.15 8.17
CA TYR B 1007 2.83 -11.34 8.94
C TYR B 1007 3.53 -12.39 8.09
N VAL B 1008 3.07 -12.59 6.85
CA VAL B 1008 3.64 -13.64 6.01
C VAL B 1008 5.05 -13.27 5.57
N THR B 1009 5.31 -12.00 5.28
CA THR B 1009 6.67 -11.60 4.93
C THR B 1009 7.61 -11.79 6.12
N GLN B 1010 7.18 -11.38 7.31
CA GLN B 1010 8.01 -11.60 8.49
C GLN B 1010 8.25 -13.09 8.73
N GLN B 1011 7.22 -13.91 8.51
CA GLN B 1011 7.37 -15.35 8.70
C GLN B 1011 8.32 -15.95 7.67
N LEU B 1012 8.30 -15.44 6.44
CA LEU B 1012 9.23 -15.93 5.43
C LEU B 1012 10.67 -15.59 5.78
N ILE B 1013 10.91 -14.36 6.24
CA ILE B 1013 12.27 -13.98 6.65
C ILE B 1013 12.72 -14.82 7.86
N ARG B 1014 11.83 -14.98 8.83
CA ARG B 1014 12.16 -15.77 10.01
C ARG B 1014 12.40 -17.24 9.65
N ALA B 1015 11.64 -17.77 8.71
CA ALA B 1015 11.84 -19.14 8.25
C ALA B 1015 13.14 -19.29 7.49
N ALA B 1016 13.56 -18.26 6.75
CA ALA B 1016 14.88 -18.29 6.14
C ALA B 1016 15.97 -18.33 7.20
N GLU B 1017 15.82 -17.53 8.25
CA GLU B 1017 16.78 -17.56 9.35
C GLU B 1017 16.82 -18.93 10.02
N ILE B 1018 15.65 -19.52 10.25
CA ILE B 1018 15.59 -20.84 10.88
C ILE B 1018 16.18 -21.90 9.96
N ARG B 1019 15.99 -21.76 8.65
CA ARG B 1019 16.59 -22.71 7.71
C ARG B 1019 18.09 -22.61 7.72
N ALA B 1020 18.64 -21.39 7.81
CA ALA B 1020 20.08 -21.24 7.94
C ALA B 1020 20.57 -21.89 9.22
N SER B 1021 19.85 -21.70 10.33
CA SER B 1021 20.23 -22.32 11.59
C SER B 1021 20.16 -23.84 11.50
N ALA B 1022 19.16 -24.37 10.80
CA ALA B 1022 19.01 -25.82 10.67
C ALA B 1022 20.09 -26.41 9.78
N ASN B 1023 20.48 -25.70 8.73
CA ASN B 1023 21.61 -26.13 7.92
C ASN B 1023 22.88 -26.15 8.74
N LEU B 1024 23.09 -25.13 9.59
CA LEU B 1024 24.24 -25.14 10.48
C LEU B 1024 24.18 -26.32 11.44
N ALA B 1025 22.99 -26.61 11.98
CA ALA B 1025 22.85 -27.72 12.91
C ALA B 1025 23.12 -29.06 12.23
N ALA B 1026 22.66 -29.23 11.00
CA ALA B 1026 22.93 -30.47 10.27
C ALA B 1026 24.42 -30.61 9.96
N THR B 1027 25.07 -29.51 9.57
CA THR B 1027 26.51 -29.55 9.34
C THR B 1027 27.26 -29.88 10.63
N LYS B 1028 26.83 -29.31 11.75
CA LYS B 1028 27.45 -29.61 13.03
C LYS B 1028 27.25 -31.08 13.40
N MET B 1029 26.05 -31.62 13.17
CA MET B 1029 25.83 -33.03 13.42
C MET B 1029 26.79 -33.87 12.60
N SER B 1030 26.85 -33.62 11.29
CA SER B 1030 27.69 -34.44 10.40
C SER B 1030 29.16 -34.34 10.78
N GLU B 1031 29.65 -33.15 11.09
CA GLU B 1031 31.08 -32.95 11.27
C GLU B 1031 31.56 -33.19 12.69
N CYS B 1032 30.69 -33.05 13.69
CA CYS B 1032 31.07 -33.18 15.08
C CYS B 1032 30.63 -34.50 15.69
N VAL B 1033 29.41 -34.96 15.37
CA VAL B 1033 28.90 -36.19 15.95
C VAL B 1033 29.36 -37.40 15.14
N LEU B 1034 29.26 -37.30 13.82
CA LEU B 1034 29.63 -38.41 12.94
C LEU B 1034 31.12 -38.46 12.64
N GLY B 1035 31.89 -37.51 13.16
CA GLY B 1035 33.32 -37.51 12.94
C GLY B 1035 34.02 -36.63 13.94
N GLN B 1036 35.32 -36.45 13.72
CA GLN B 1036 36.14 -35.57 14.54
C GLN B 1036 36.60 -34.41 13.67
N SER B 1037 36.31 -33.19 14.12
CA SER B 1037 36.51 -31.99 13.29
C SER B 1037 37.82 -31.30 13.66
N LYS B 1038 38.60 -30.97 12.65
CA LYS B 1038 39.80 -30.16 12.83
C LYS B 1038 39.53 -28.67 12.68
N ARG B 1039 38.29 -28.28 12.40
CA ARG B 1039 37.96 -26.87 12.30
C ARG B 1039 37.93 -26.23 13.68
N VAL B 1040 38.62 -25.11 13.82
CA VAL B 1040 38.86 -24.51 15.12
C VAL B 1040 37.59 -23.83 15.61
N ASP B 1041 37.22 -24.09 16.86
CA ASP B 1041 36.05 -23.51 17.52
C ASP B 1041 34.75 -23.79 16.78
N PHE B 1042 34.73 -24.82 15.93
CA PHE B 1042 33.48 -25.23 15.30
C PHE B 1042 32.66 -26.10 16.24
N CYS B 1043 33.23 -27.23 16.67
CA CYS B 1043 32.58 -28.12 17.63
C CYS B 1043 33.07 -27.81 19.05
N GLY B 1044 32.86 -26.57 19.48
CA GLY B 1044 33.17 -26.17 20.84
C GLY B 1044 34.56 -25.57 20.96
N LYS B 1045 34.81 -25.03 22.16
CA LYS B 1045 36.05 -24.33 22.45
C LYS B 1045 37.10 -25.32 22.95
N GLY B 1046 38.19 -25.46 22.21
CA GLY B 1046 39.27 -26.35 22.54
C GLY B 1046 39.60 -27.25 21.38
N TYR B 1047 40.31 -28.34 21.67
CA TYR B 1047 40.62 -29.36 20.68
C TYR B 1047 39.48 -30.38 20.69
N HIS B 1048 38.70 -30.41 19.60
CA HIS B 1048 37.53 -31.27 19.56
C HIS B 1048 37.91 -32.74 19.65
N LEU B 1049 37.17 -33.48 20.46
CA LEU B 1049 37.30 -34.92 20.56
C LEU B 1049 36.08 -35.63 19.98
N MET B 1050 34.89 -35.36 20.50
CA MET B 1050 33.69 -36.03 20.04
C MET B 1050 32.48 -35.34 20.66
N SER B 1051 31.36 -35.38 19.96
CA SER B 1051 30.16 -34.67 20.36
C SER B 1051 29.00 -35.64 20.55
N PHE B 1052 28.02 -35.20 21.33
CA PHE B 1052 26.82 -35.99 21.62
C PHE B 1052 25.59 -35.16 21.31
N PRO B 1053 24.72 -35.60 20.41
CA PRO B 1053 23.49 -34.86 20.14
C PRO B 1053 22.46 -35.07 21.24
N GLN B 1054 21.69 -34.02 21.50
CA GLN B 1054 20.57 -34.09 22.44
C GLN B 1054 19.40 -33.33 21.85
N SER B 1055 18.22 -33.95 21.87
CA SER B 1055 17.05 -33.29 21.32
C SER B 1055 16.53 -32.24 22.30
N ALA B 1056 15.79 -31.28 21.74
CA ALA B 1056 15.23 -30.17 22.50
C ALA B 1056 13.97 -29.71 21.78
N PRO B 1057 13.12 -28.93 22.46
CA PRO B 1057 11.92 -28.42 21.77
C PRO B 1057 12.28 -27.50 20.62
N HIS B 1058 12.00 -27.96 19.39
CA HIS B 1058 12.24 -27.19 18.17
C HIS B 1058 13.71 -26.80 18.04
N GLY B 1059 14.60 -27.73 18.36
CA GLY B 1059 16.02 -27.45 18.24
C GLY B 1059 16.83 -28.68 18.62
N VAL B 1060 18.15 -28.50 18.61
CA VAL B 1060 19.09 -29.55 18.95
C VAL B 1060 20.14 -28.97 19.90
N VAL B 1061 20.68 -29.83 20.75
CA VAL B 1061 21.72 -29.46 21.71
C VAL B 1061 22.90 -30.40 21.53
N PHE B 1062 24.08 -29.83 21.39
CA PHE B 1062 25.31 -30.59 21.20
C PHE B 1062 26.15 -30.50 22.46
N LEU B 1063 26.69 -31.63 22.90
CA LEU B 1063 27.61 -31.68 24.03
C LEU B 1063 29.00 -31.94 23.48
N HIS B 1064 29.73 -30.87 23.22
CA HIS B 1064 31.06 -30.96 22.62
C HIS B 1064 32.09 -31.34 23.68
N VAL B 1065 32.71 -32.50 23.53
CA VAL B 1065 33.80 -32.90 24.41
C VAL B 1065 35.12 -32.46 23.77
N THR B 1066 35.87 -31.63 24.49
CA THR B 1066 37.08 -31.03 23.96
C THR B 1066 38.23 -31.25 24.92
N TYR B 1067 39.44 -31.21 24.37
CA TYR B 1067 40.66 -31.39 25.13
C TYR B 1067 41.31 -30.04 25.35
N VAL B 1068 41.45 -29.64 26.61
CA VAL B 1068 41.98 -28.33 26.98
C VAL B 1068 43.26 -28.54 27.77
N PRO B 1069 44.40 -28.03 27.31
CA PRO B 1069 45.61 -28.07 28.13
C PRO B 1069 45.42 -27.25 29.41
N ALA B 1070 46.02 -27.72 30.50
CA ALA B 1070 45.74 -27.19 31.82
C ALA B 1070 46.91 -26.47 32.45
N GLN B 1071 48.05 -27.13 32.62
CA GLN B 1071 49.16 -26.60 33.41
C GLN B 1071 50.42 -26.52 32.54
N GLU B 1072 50.60 -25.37 31.89
CA GLU B 1072 51.78 -25.16 31.06
C GLU B 1072 53.02 -24.94 31.92
N LYS B 1073 54.17 -25.24 31.34
CA LYS B 1073 55.46 -25.06 32.00
C LYS B 1073 56.43 -24.38 31.05
N ASN B 1074 57.18 -23.41 31.59
CA ASN B 1074 58.18 -22.72 30.78
C ASN B 1074 59.34 -23.64 30.43
N PHE B 1075 59.85 -23.51 29.21
CA PHE B 1075 60.99 -24.28 28.76
C PHE B 1075 61.83 -23.43 27.82
N THR B 1076 63.09 -23.82 27.68
CA THR B 1076 64.00 -23.24 26.72
C THR B 1076 64.03 -24.11 25.48
N THR B 1077 63.77 -23.52 24.31
CA THR B 1077 63.60 -24.27 23.09
C THR B 1077 64.69 -23.92 22.08
N ALA B 1078 64.93 -24.85 21.17
CA ALA B 1078 65.87 -24.69 20.07
C ALA B 1078 65.23 -25.18 18.79
N PRO B 1079 65.54 -24.55 17.67
CA PRO B 1079 64.99 -25.03 16.39
C PRO B 1079 65.65 -26.30 15.90
N ALA B 1080 66.93 -26.52 16.22
CA ALA B 1080 67.65 -27.70 15.75
C ALA B 1080 68.81 -27.95 16.68
N ILE B 1081 69.42 -29.13 16.52
CA ILE B 1081 70.50 -29.60 17.39
C ILE B 1081 71.72 -29.89 16.53
N CYS B 1082 72.88 -29.37 16.93
CA CYS B 1082 74.14 -29.68 16.29
C CYS B 1082 74.79 -30.86 17.00
N HIS B 1083 75.07 -31.93 16.25
CA HIS B 1083 75.67 -33.12 16.83
C HIS B 1083 77.07 -33.39 16.29
N ASP B 1084 77.21 -33.57 14.97
CA ASP B 1084 78.50 -33.90 14.37
C ASP B 1084 78.66 -33.09 13.09
N GLY B 1085 78.36 -31.81 13.15
CA GLY B 1085 78.38 -30.97 11.97
C GLY B 1085 77.15 -31.04 11.12
N LYS B 1086 76.06 -31.61 11.62
CA LYS B 1086 74.80 -31.70 10.90
C LYS B 1086 73.69 -31.14 11.78
N ALA B 1087 72.63 -30.69 11.13
CA ALA B 1087 71.47 -30.14 11.81
C ALA B 1087 70.42 -31.23 12.01
N HIS B 1088 69.96 -31.38 13.25
CA HIS B 1088 68.95 -32.38 13.59
C HIS B 1088 67.64 -31.66 13.92
N PHE B 1089 66.57 -32.08 13.24
CA PHE B 1089 65.26 -31.51 13.46
C PHE B 1089 64.31 -32.57 14.00
N PRO B 1090 63.36 -32.21 14.86
CA PRO B 1090 62.45 -33.22 15.42
C PRO B 1090 61.49 -33.74 14.37
N ARG B 1091 61.26 -35.04 14.38
CA ARG B 1091 60.32 -35.65 13.45
C ARG B 1091 58.92 -35.10 13.68
N GLU B 1092 58.37 -35.35 14.87
CA GLU B 1092 57.05 -34.81 15.26
C GLU B 1092 57.15 -34.46 16.73
N GLY B 1093 57.53 -33.21 17.00
CA GLY B 1093 57.73 -32.78 18.38
C GLY B 1093 58.43 -31.44 18.45
N VAL B 1094 59.14 -31.23 19.56
CA VAL B 1094 59.81 -29.96 19.81
C VAL B 1094 60.94 -30.22 20.79
N PHE B 1095 62.03 -29.46 20.64
CA PHE B 1095 63.16 -29.54 21.55
C PHE B 1095 62.93 -28.62 22.73
N VAL B 1096 63.06 -29.15 23.94
CA VAL B 1096 62.91 -28.38 25.16
C VAL B 1096 64.06 -28.72 26.10
N SER B 1097 64.55 -27.71 26.83
CA SER B 1097 65.61 -27.88 27.80
C SER B 1097 65.11 -27.46 29.16
N ASN B 1098 65.27 -28.34 30.16
CA ASN B 1098 64.88 -28.05 31.53
C ASN B 1098 65.97 -27.32 32.30
N GLY B 1099 66.93 -26.72 31.60
CA GLY B 1099 67.98 -25.96 32.25
C GLY B 1099 69.37 -26.53 32.01
N THR B 1100 69.49 -27.85 32.05
CA THR B 1100 70.78 -28.51 31.84
C THR B 1100 70.77 -29.51 30.71
N HIS B 1101 69.71 -30.30 30.58
CA HIS B 1101 69.62 -31.33 29.55
C HIS B 1101 68.65 -30.90 28.45
N TRP B 1102 68.76 -31.56 27.31
CA TRP B 1102 67.92 -31.30 26.16
C TRP B 1102 67.06 -32.52 25.88
N PHE B 1103 65.76 -32.30 25.69
CA PHE B 1103 64.81 -33.37 25.44
C PHE B 1103 63.90 -33.00 24.28
N VAL B 1104 63.36 -34.02 23.64
CA VAL B 1104 62.36 -33.86 22.58
C VAL B 1104 61.03 -34.39 23.10
N THR B 1105 59.97 -33.59 22.96
CA THR B 1105 58.66 -33.94 23.47
C THR B 1105 57.61 -33.59 22.43
N GLN B 1106 56.45 -34.24 22.55
CA GLN B 1106 55.34 -33.91 21.68
C GLN B 1106 54.83 -32.51 21.99
N ARG B 1107 54.13 -31.93 21.02
CA ARG B 1107 53.81 -30.50 21.08
C ARG B 1107 52.83 -30.19 22.21
N ASN B 1108 51.76 -30.97 22.34
CA ASN B 1108 50.63 -30.62 23.19
C ASN B 1108 50.66 -31.31 24.54
N PHE B 1109 51.74 -32.01 24.88
CA PHE B 1109 51.83 -32.67 26.18
C PHE B 1109 53.30 -32.84 26.53
N TYR B 1110 53.70 -32.37 27.70
CA TYR B 1110 55.10 -32.46 28.10
C TYR B 1110 55.41 -33.91 28.46
N GLU B 1111 56.01 -34.63 27.52
CA GLU B 1111 56.46 -36.01 27.72
C GLU B 1111 57.90 -36.09 27.23
N PRO B 1112 58.86 -35.62 28.03
CA PRO B 1112 60.23 -35.50 27.56
C PRO B 1112 60.85 -36.85 27.26
N GLN B 1113 61.74 -36.86 26.27
CA GLN B 1113 62.43 -38.08 25.85
C GLN B 1113 63.83 -37.71 25.38
N ILE B 1114 64.72 -38.70 25.43
CA ILE B 1114 66.10 -38.50 25.03
C ILE B 1114 66.16 -38.27 23.53
N ILE B 1115 66.92 -37.26 23.11
CA ILE B 1115 67.09 -36.99 21.69
C ILE B 1115 67.84 -38.15 21.05
N THR B 1116 67.28 -38.70 19.98
CA THR B 1116 67.77 -39.92 19.38
C THR B 1116 67.64 -39.81 17.86
N THR B 1117 68.42 -40.63 17.15
CA THR B 1117 68.32 -40.67 15.70
C THR B 1117 66.94 -41.12 15.24
N ASP B 1118 66.24 -41.91 16.07
CA ASP B 1118 64.85 -42.26 15.78
C ASP B 1118 63.90 -41.11 16.05
N ASN B 1119 64.24 -40.25 17.02
CA ASN B 1119 63.37 -39.12 17.34
C ASN B 1119 63.50 -37.98 16.33
N THR B 1120 64.68 -37.80 15.75
CA THR B 1120 64.97 -36.65 14.91
C THR B 1120 65.37 -37.11 13.51
N PHE B 1121 65.57 -36.13 12.63
CA PHE B 1121 66.09 -36.39 11.28
C PHE B 1121 67.13 -35.32 10.96
N VAL B 1122 68.01 -35.67 10.04
CA VAL B 1122 69.15 -34.84 9.68
C VAL B 1122 68.85 -34.09 8.39
N SER B 1123 69.28 -32.84 8.30
CA SER B 1123 69.07 -32.04 7.11
C SER B 1123 70.08 -30.91 7.08
N GLY B 1124 70.93 -30.90 6.06
CA GLY B 1124 71.90 -29.83 5.92
C GLY B 1124 73.00 -29.90 6.97
N ASN B 1125 73.52 -28.73 7.34
CA ASN B 1125 74.56 -28.65 8.36
C ASN B 1125 74.29 -27.53 9.35
N CYS B 1126 75.27 -27.22 10.19
CA CYS B 1126 75.03 -26.39 11.37
C CYS B 1126 74.89 -24.91 11.07
N ASP B 1127 75.59 -24.39 10.06
CA ASP B 1127 75.77 -22.95 9.94
C ASP B 1127 74.56 -22.23 9.35
N VAL B 1128 73.57 -22.94 8.82
CA VAL B 1128 72.47 -22.27 8.13
C VAL B 1128 71.30 -21.94 9.04
N VAL B 1129 71.03 -22.78 10.04
CA VAL B 1129 69.87 -22.57 10.91
C VAL B 1129 70.18 -21.48 11.92
N ILE B 1130 69.24 -20.56 12.09
CA ILE B 1130 69.39 -19.45 13.03
C ILE B 1130 68.86 -19.91 14.38
N GLY B 1131 69.72 -19.90 15.39
CA GLY B 1131 69.33 -20.32 16.73
C GLY B 1131 69.67 -21.74 17.08
N ILE B 1132 70.46 -22.44 16.27
CA ILE B 1132 70.78 -23.84 16.54
C ILE B 1132 71.68 -23.92 17.76
N VAL B 1133 71.55 -25.01 18.51
CA VAL B 1133 72.30 -25.22 19.75
C VAL B 1133 73.06 -26.53 19.65
N ASN B 1134 74.04 -26.68 20.55
CA ASN B 1134 74.90 -27.85 20.58
C ASN B 1134 74.45 -28.82 21.66
N ASN B 1135 74.21 -30.07 21.26
CA ASN B 1135 73.89 -31.12 22.21
C ASN B 1135 74.10 -32.46 21.51
N THR B 1136 74.39 -33.49 22.31
CA THR B 1136 74.60 -34.81 21.76
C THR B 1136 73.27 -35.44 21.31
N VAL B 1137 73.35 -36.22 20.24
CA VAL B 1137 72.22 -36.99 19.74
C VAL B 1137 72.59 -38.46 19.90
N TYR B 1138 71.91 -39.14 20.82
CA TYR B 1138 72.26 -40.52 21.15
C TYR B 1138 71.93 -41.44 19.97
N ASP B 1139 72.92 -42.25 19.58
CA ASP B 1139 72.76 -43.17 18.46
C ASP B 1139 72.28 -44.51 18.98
N PRO B 1140 71.15 -45.04 18.50
CA PRO B 1140 70.61 -46.27 19.10
C PRO B 1140 71.50 -47.49 18.91
N LEU B 1141 72.42 -47.48 17.95
CA LEU B 1141 73.22 -48.67 17.65
C LEU B 1141 74.54 -48.69 18.41
N GLN B 1142 74.96 -47.56 18.98
CA GLN B 1142 76.25 -47.50 19.67
C GLN B 1142 76.33 -48.44 20.87
N PRO B 1143 75.35 -48.50 21.79
CA PRO B 1143 75.51 -49.44 22.91
C PRO B 1143 75.51 -50.90 22.49
N GLU B 1144 74.71 -51.27 21.48
CA GLU B 1144 74.73 -52.65 21.01
C GLU B 1144 76.07 -53.00 20.37
N LEU B 1145 76.63 -52.09 19.56
CA LEU B 1145 77.92 -52.39 18.96
C LEU B 1145 79.01 -52.44 20.03
N ASP B 1146 78.93 -51.58 21.04
CA ASP B 1146 79.91 -51.61 22.12
C ASP B 1146 79.82 -52.91 22.91
N SER B 1147 78.60 -53.36 23.22
CA SER B 1147 78.43 -54.62 23.94
C SER B 1147 78.91 -55.80 23.12
N PHE B 1148 78.63 -55.79 21.81
CA PHE B 1148 79.11 -56.85 20.94
C PHE B 1148 80.63 -56.87 20.89
N LYS B 1149 81.26 -55.68 20.82
CA LYS B 1149 82.72 -55.60 20.83
C LYS B 1149 83.28 -56.10 22.16
N GLU B 1150 82.62 -55.79 23.27
CA GLU B 1150 83.08 -56.27 24.57
C GLU B 1150 83.01 -57.80 24.64
N GLU B 1151 81.91 -58.37 24.16
CA GLU B 1151 81.78 -59.82 24.16
C GLU B 1151 82.81 -60.46 23.22
N LEU B 1152 83.08 -59.80 22.09
CA LEU B 1152 84.11 -60.28 21.16
C LEU B 1152 85.48 -60.26 21.80
N ASP B 1153 85.79 -59.19 22.55
CA ASP B 1153 87.08 -59.11 23.22
C ASP B 1153 87.20 -60.15 24.33
N LYS B 1154 86.10 -60.41 25.04
CA LYS B 1154 86.09 -61.49 26.03
C LYS B 1154 86.34 -62.84 25.36
N TYR B 1155 85.72 -63.07 24.20
CA TYR B 1155 85.95 -64.31 23.48
C TYR B 1155 87.41 -64.42 23.02
N PHE B 1156 87.98 -63.31 22.55
CA PHE B 1156 89.40 -63.31 22.16
C PHE B 1156 90.30 -63.63 23.35
N LYS B 1157 90.01 -63.03 24.50
CA LYS B 1157 90.82 -63.31 25.69
C LYS B 1157 90.69 -64.78 26.11
N ASN B 1158 89.48 -65.33 26.04
CA ASN B 1158 89.28 -66.74 26.36
C ASN B 1158 90.04 -67.64 25.39
N HIS B 1159 90.03 -67.29 24.10
CA HIS B 1159 90.73 -68.10 23.11
C HIS B 1159 92.23 -68.01 23.28
N THR B 1160 92.74 -66.83 23.65
CA THR B 1160 94.18 -66.65 23.83
C THR B 1160 94.66 -67.10 25.20
N SER B 1161 93.76 -67.42 26.13
CA SER B 1161 94.18 -67.90 27.44
C SER B 1161 94.97 -69.19 27.37
N PRO B 1162 94.54 -70.24 26.65
CA PRO B 1162 95.40 -71.42 26.58
C PRO B 1162 96.52 -71.29 25.55
N GLN C 14 2.55 59.33 -32.87
CA GLN C 14 2.31 59.17 -34.30
C GLN C 14 2.30 57.69 -34.69
N CYS C 15 2.04 57.41 -35.96
CA CYS C 15 2.03 56.05 -36.49
C CYS C 15 2.51 56.11 -37.93
N VAL C 16 3.80 55.87 -38.13
CA VAL C 16 4.43 55.92 -39.44
C VAL C 16 4.99 54.54 -39.76
N ASN C 17 4.56 53.97 -40.89
CA ASN C 17 5.06 52.68 -41.31
C ASN C 17 6.37 52.85 -42.08
N LEU C 18 7.28 51.90 -41.89
CA LEU C 18 8.62 51.96 -42.46
C LEU C 18 8.80 50.84 -43.48
N THR C 19 9.23 51.20 -44.69
CA THR C 19 9.52 50.24 -45.74
C THR C 19 10.91 50.40 -46.31
N THR C 20 11.75 51.24 -45.72
CA THR C 20 13.12 51.47 -46.20
C THR C 20 14.04 50.41 -45.60
N ARG C 21 13.90 49.18 -46.11
CA ARG C 21 14.63 48.04 -45.59
C ARG C 21 14.99 47.09 -46.73
N THR C 22 16.02 46.29 -46.50
CA THR C 22 16.42 45.22 -47.40
C THR C 22 16.01 43.88 -46.80
N GLN C 23 15.49 43.00 -47.65
CA GLN C 23 14.92 41.74 -47.18
C GLN C 23 16.00 40.65 -47.13
N LEU C 24 16.23 40.11 -45.93
CA LEU C 24 17.14 39.01 -45.70
C LEU C 24 16.44 37.91 -44.92
N PRO C 25 16.54 36.65 -45.33
CA PRO C 25 15.96 35.56 -44.55
C PRO C 25 16.62 35.47 -43.18
N PRO C 26 15.86 35.15 -42.14
CA PRO C 26 16.44 35.08 -40.80
C PRO C 26 17.46 33.95 -40.69
N ALA C 27 18.50 34.20 -39.90
CA ALA C 27 19.55 33.23 -39.68
C ALA C 27 19.26 32.39 -38.44
N TYR C 28 20.01 31.30 -38.30
CA TYR C 28 19.85 30.37 -37.19
C TYR C 28 21.20 30.08 -36.56
N THR C 29 21.19 29.80 -35.26
CA THR C 29 22.40 29.43 -34.53
C THR C 29 22.03 28.45 -33.43
N ASN C 30 23.03 28.05 -32.65
CA ASN C 30 22.90 27.00 -31.65
C ASN C 30 22.93 27.60 -30.25
N SER C 31 21.97 27.20 -29.42
CA SER C 31 21.93 27.58 -28.00
C SER C 31 22.64 26.50 -27.20
N PHE C 32 23.96 26.61 -27.12
CA PHE C 32 24.80 25.59 -26.53
C PHE C 32 24.51 25.39 -25.05
N THR C 33 24.78 26.41 -24.24
CA THR C 33 24.64 26.34 -22.79
C THR C 33 23.93 27.60 -22.28
N ARG C 34 22.85 27.97 -22.93
CA ARG C 34 22.12 29.18 -22.62
C ARG C 34 20.69 28.82 -22.22
N GLY C 35 19.96 29.83 -21.74
CA GLY C 35 18.58 29.62 -21.34
C GLY C 35 18.41 28.91 -20.02
N VAL C 36 19.38 29.01 -19.13
CA VAL C 36 19.32 28.37 -17.83
C VAL C 36 18.96 29.42 -16.77
N TYR C 37 18.06 29.05 -15.87
CA TYR C 37 17.59 29.97 -14.84
C TYR C 37 17.17 29.15 -13.63
N TYR C 38 17.08 29.83 -12.49
CA TYR C 38 16.70 29.15 -11.26
C TYR C 38 15.23 28.79 -11.30
N PRO C 39 14.86 27.52 -11.18
CA PRO C 39 13.44 27.15 -11.28
C PRO C 39 12.61 27.57 -10.08
N ASP C 40 13.24 27.89 -8.96
CA ASP C 40 12.51 28.30 -7.75
C ASP C 40 13.40 29.20 -6.92
N LYS C 41 12.85 29.71 -5.82
CA LYS C 41 13.55 30.62 -4.92
C LYS C 41 14.24 29.88 -3.77
N VAL C 42 14.67 28.64 -4.00
CA VAL C 42 15.25 27.79 -2.97
C VAL C 42 16.76 27.86 -3.05
N PHE C 43 17.40 28.09 -1.90
CA PHE C 43 18.86 28.07 -1.83
C PHE C 43 19.34 26.64 -1.66
N ARG C 44 20.34 26.25 -2.45
CA ARG C 44 20.93 24.93 -2.36
C ARG C 44 22.44 25.07 -2.49
N SER C 45 23.18 24.29 -1.70
CA SER C 45 24.63 24.39 -1.66
C SER C 45 25.24 22.99 -1.81
N SER C 46 26.19 22.87 -2.75
CA SER C 46 26.97 21.65 -2.94
C SER C 46 26.07 20.43 -3.13
N VAL C 47 25.01 20.60 -3.93
CA VAL C 47 24.07 19.52 -4.21
C VAL C 47 23.80 19.50 -5.72
N LEU C 48 23.42 18.32 -6.21
CA LEU C 48 23.07 18.11 -7.60
C LEU C 48 21.56 17.94 -7.66
N HIS C 49 20.86 18.96 -8.15
CA HIS C 49 19.41 18.99 -8.14
C HIS C 49 18.84 18.77 -9.53
N SER C 50 17.83 17.92 -9.62
CA SER C 50 17.14 17.63 -10.87
C SER C 50 15.71 18.16 -10.79
N THR C 51 15.32 18.95 -11.79
CA THR C 51 14.01 19.58 -11.80
C THR C 51 13.43 19.53 -13.21
N GLN C 52 12.10 19.55 -13.28
CA GLN C 52 11.38 19.60 -14.54
C GLN C 52 10.66 20.94 -14.63
N ASP C 53 10.84 21.64 -15.75
CA ASP C 53 10.32 22.98 -15.95
C ASP C 53 10.61 23.36 -17.39
N LEU C 54 9.97 24.44 -17.86
CA LEU C 54 10.14 24.92 -19.22
C LEU C 54 11.54 25.48 -19.38
N PHE C 55 12.43 24.70 -19.99
CA PHE C 55 13.81 25.09 -20.20
C PHE C 55 14.12 25.17 -21.68
N LEU C 56 15.13 25.97 -22.02
CA LEU C 56 15.61 26.04 -23.40
C LEU C 56 16.60 24.92 -23.65
N PRO C 57 16.31 23.99 -24.57
CA PRO C 57 17.19 22.84 -24.76
C PRO C 57 18.59 23.25 -25.18
N PHE C 58 19.58 22.49 -24.69
CA PHE C 58 20.96 22.72 -25.09
C PHE C 58 21.13 22.34 -26.56
N PHE C 59 21.91 23.15 -27.28
CA PHE C 59 22.15 22.95 -28.70
C PHE C 59 20.83 22.86 -29.48
N SER C 60 20.06 23.95 -29.43
CA SER C 60 18.76 24.01 -30.06
C SER C 60 18.72 25.14 -31.08
N ASN C 61 17.72 25.09 -31.95
CA ASN C 61 17.55 26.11 -32.98
C ASN C 61 16.99 27.38 -32.35
N VAL C 62 17.72 28.48 -32.49
CA VAL C 62 17.26 29.80 -32.05
C VAL C 62 17.42 30.76 -33.22
N THR C 63 16.35 31.49 -33.52
CA THR C 63 16.38 32.38 -34.67
C THR C 63 17.31 33.56 -34.42
N TRP C 64 17.82 34.13 -35.51
CA TRP C 64 18.73 35.27 -35.46
C TRP C 64 18.09 36.43 -36.19
N PHE C 65 18.03 37.59 -35.52
CA PHE C 65 17.47 38.81 -36.09
C PHE C 65 18.51 39.91 -36.04
N HIS C 66 18.58 40.69 -37.11
CA HIS C 66 19.61 41.71 -37.27
C HIS C 66 18.98 43.05 -37.59
N ALA C 67 19.58 44.11 -37.06
CA ALA C 67 19.17 45.49 -37.33
C ALA C 67 20.43 46.27 -37.71
N ILE C 68 20.79 46.23 -38.99
CA ILE C 68 22.02 46.83 -39.50
C ILE C 68 21.64 47.89 -40.52
N HIS C 69 22.18 49.10 -40.35
CA HIS C 69 21.93 50.23 -41.24
C HIS C 69 20.44 50.54 -41.32
N LYS C 77 19.29 49.44 -44.04
CA LYS C 77 19.32 48.22 -44.82
C LYS C 77 18.52 47.11 -44.13
N ARG C 78 18.94 46.73 -42.93
CA ARG C 78 18.31 45.65 -42.19
C ARG C 78 17.75 46.19 -40.88
N PHE C 79 16.48 45.88 -40.63
CA PHE C 79 15.83 46.22 -39.35
C PHE C 79 14.73 45.18 -39.13
N ASP C 80 15.06 44.13 -38.38
CA ASP C 80 14.20 42.95 -38.26
C ASP C 80 13.30 43.12 -37.05
N ASN C 81 12.01 43.37 -37.30
CA ASN C 81 11.00 43.52 -36.25
C ASN C 81 9.76 42.71 -36.61
N PRO C 82 9.86 41.39 -36.56
CA PRO C 82 8.72 40.54 -36.94
C PRO C 82 7.81 40.24 -35.77
N VAL C 83 6.72 39.55 -36.07
CA VAL C 83 5.77 39.07 -35.06
C VAL C 83 6.03 37.60 -34.83
N LEU C 84 6.27 37.22 -33.57
CA LEU C 84 6.65 35.87 -33.21
C LEU C 84 5.62 35.26 -32.28
N PRO C 85 5.15 34.04 -32.55
CA PRO C 85 4.20 33.41 -31.63
C PRO C 85 4.84 33.13 -30.28
N PHE C 86 4.02 33.23 -29.23
CA PHE C 86 4.45 33.00 -27.85
C PHE C 86 3.76 31.75 -27.33
N ASN C 87 4.56 30.80 -26.84
CA ASN C 87 4.01 29.58 -26.26
C ASN C 87 5.08 28.91 -25.41
N ASP C 88 4.70 28.48 -24.21
CA ASP C 88 5.60 27.79 -23.28
C ASP C 88 6.83 28.64 -22.97
N GLY C 89 6.64 29.95 -22.87
CA GLY C 89 7.73 30.86 -22.58
C GLY C 89 8.55 31.18 -23.81
N VAL C 90 9.58 32.00 -23.59
CA VAL C 90 10.47 32.42 -24.66
C VAL C 90 11.78 32.90 -24.03
N TYR C 91 12.89 32.51 -24.65
CA TYR C 91 14.21 32.97 -24.24
C TYR C 91 14.66 34.10 -25.16
N PHE C 92 15.04 35.22 -24.57
CA PHE C 92 15.43 36.40 -25.32
C PHE C 92 16.85 36.79 -24.94
N ALA C 93 17.70 36.92 -25.95
CA ALA C 93 19.07 37.38 -25.76
C ALA C 93 19.36 38.48 -26.76
N SER C 94 20.25 39.40 -26.37
CA SER C 94 20.51 40.57 -27.21
C SER C 94 21.89 41.12 -26.89
N THR C 95 22.80 41.06 -27.86
CA THR C 95 24.03 41.82 -27.81
C THR C 95 23.74 43.22 -28.36
N GLU C 96 24.05 44.25 -27.57
CA GLU C 96 23.50 45.57 -27.81
C GLU C 96 24.59 46.62 -27.81
N LYS C 97 24.37 47.68 -28.60
CA LYS C 97 25.16 48.89 -28.54
C LYS C 97 24.23 50.08 -28.71
N SER C 98 24.61 51.20 -28.07
CA SER C 98 23.83 52.44 -28.09
C SER C 98 22.41 52.25 -27.54
N ASN C 99 22.16 51.14 -26.84
CA ASN C 99 20.87 50.87 -26.21
C ASN C 99 19.73 50.89 -27.23
N ILE C 100 19.79 49.94 -28.17
CA ILE C 100 18.76 49.83 -29.20
C ILE C 100 17.52 49.13 -28.66
N ILE C 101 17.71 47.95 -28.05
CA ILE C 101 16.60 47.18 -27.50
C ILE C 101 16.11 47.87 -26.23
N ARG C 102 14.81 48.15 -26.18
CA ARG C 102 14.23 48.83 -25.02
C ARG C 102 13.13 48.03 -24.34
N GLY C 103 12.23 47.40 -25.10
CA GLY C 103 11.12 46.72 -24.48
C GLY C 103 10.47 45.72 -25.41
N TRP C 104 9.46 45.04 -24.88
CA TRP C 104 8.76 44.00 -25.60
C TRP C 104 7.26 44.19 -25.45
N ILE C 105 6.52 43.81 -26.49
CA ILE C 105 5.07 43.93 -26.51
C ILE C 105 4.47 42.54 -26.44
N PHE C 106 3.56 42.32 -25.48
CA PHE C 106 2.91 41.04 -25.30
C PHE C 106 1.41 41.19 -25.51
N GLY C 107 0.72 40.06 -25.55
CA GLY C 107 -0.71 40.03 -25.75
C GLY C 107 -1.06 39.03 -26.85
N THR C 108 -2.28 38.52 -26.79
CA THR C 108 -2.75 37.51 -27.74
C THR C 108 -3.36 38.11 -29.01
N THR C 109 -3.68 39.39 -29.01
CA THR C 109 -4.32 40.02 -30.17
C THR C 109 -3.56 41.23 -30.70
N LEU C 110 -3.02 42.07 -29.81
CA LEU C 110 -2.20 43.22 -30.17
C LEU C 110 -2.97 44.27 -30.98
N ASP C 111 -4.31 44.19 -31.03
CA ASP C 111 -5.10 45.17 -31.75
C ASP C 111 -6.33 45.56 -30.93
N SER C 112 -6.13 45.80 -29.64
CA SER C 112 -7.15 46.37 -28.75
C SER C 112 -8.35 45.44 -28.55
N LYS C 113 -8.29 44.22 -29.09
CA LYS C 113 -9.38 43.28 -28.88
C LYS C 113 -9.32 42.67 -27.47
N THR C 114 -8.10 42.42 -26.97
CA THR C 114 -7.89 41.86 -25.65
C THR C 114 -6.83 42.68 -24.92
N GLN C 115 -6.73 42.46 -23.62
CA GLN C 115 -5.73 43.16 -22.82
C GLN C 115 -4.32 42.71 -23.21
N SER C 116 -3.41 43.67 -23.33
CA SER C 116 -2.06 43.41 -23.79
C SER C 116 -1.05 44.06 -22.85
N LEU C 117 0.13 43.47 -22.77
CA LEU C 117 1.22 44.00 -21.95
C LEU C 117 2.01 45.03 -22.74
N LEU C 118 2.52 46.03 -22.03
CA LEU C 118 3.40 47.05 -22.60
C LEU C 118 4.55 47.25 -21.62
N ILE C 119 5.72 46.74 -21.97
CA ILE C 119 6.91 46.81 -21.12
C ILE C 119 7.97 47.58 -21.90
N VAL C 120 8.39 48.73 -21.35
CA VAL C 120 9.38 49.58 -21.99
C VAL C 120 10.43 49.97 -20.94
N ASN C 121 11.70 49.77 -21.26
CA ASN C 121 12.81 50.19 -20.42
C ASN C 121 13.64 51.18 -21.23
N ASN C 122 13.27 52.46 -21.15
CA ASN C 122 13.95 53.51 -21.87
C ASN C 122 14.87 54.28 -20.91
N ALA C 123 15.45 55.37 -21.40
CA ALA C 123 16.41 56.12 -20.60
C ALA C 123 15.75 56.72 -19.35
N THR C 124 14.51 57.16 -19.47
CA THR C 124 13.84 57.81 -18.35
C THR C 124 13.60 56.83 -17.20
N ASN C 125 12.83 55.79 -17.45
CA ASN C 125 12.47 54.83 -16.41
C ASN C 125 12.05 53.52 -17.07
N VAL C 126 11.45 52.63 -16.30
CA VAL C 126 10.87 51.40 -16.81
C VAL C 126 9.37 51.43 -16.52
N VAL C 127 8.57 51.28 -17.57
CA VAL C 127 7.11 51.30 -17.46
C VAL C 127 6.57 49.96 -17.91
N ILE C 128 5.71 49.37 -17.08
CA ILE C 128 5.00 48.14 -17.41
C ILE C 128 3.51 48.43 -17.35
N LYS C 129 2.82 48.18 -18.45
CA LYS C 129 1.43 48.62 -18.61
C LYS C 129 0.60 47.49 -19.19
N VAL C 130 -0.68 47.45 -18.80
CA VAL C 130 -1.62 46.42 -19.24
C VAL C 130 -2.86 47.14 -19.76
N CYS C 131 -2.95 47.33 -21.07
CA CYS C 131 -4.14 47.88 -21.71
C CYS C 131 -4.34 47.19 -23.05
N GLU C 132 -5.46 47.51 -23.69
CA GLU C 132 -5.78 47.01 -25.03
C GLU C 132 -5.41 48.08 -26.04
N PHE C 133 -4.11 48.19 -26.31
CA PHE C 133 -3.61 49.20 -27.23
C PHE C 133 -3.91 48.82 -28.68
N GLN C 134 -3.76 49.80 -29.56
CA GLN C 134 -3.85 49.60 -31.01
C GLN C 134 -2.45 49.83 -31.57
N PHE C 135 -1.64 48.78 -31.57
CA PHE C 135 -0.24 48.90 -31.95
C PHE C 135 -0.09 49.04 -33.46
N CYS C 136 0.89 49.83 -33.87
CA CYS C 136 1.17 50.06 -35.28
C CYS C 136 1.81 48.82 -35.90
N ASN C 137 1.84 48.82 -37.24
CA ASN C 137 2.50 47.72 -37.95
C ASN C 137 4.01 47.73 -37.71
N ASP C 138 4.59 48.91 -37.50
CA ASP C 138 6.03 49.05 -37.26
C ASP C 138 6.22 49.87 -35.99
N PRO C 139 5.98 49.28 -34.81
CA PRO C 139 6.20 49.99 -33.55
C PRO C 139 7.69 50.04 -33.23
N PHE C 140 8.18 51.24 -32.93
CA PHE C 140 9.60 51.44 -32.67
C PHE C 140 9.79 52.79 -31.99
N LEU C 141 11.04 53.17 -31.81
CA LEU C 141 11.40 54.45 -31.21
C LEU C 141 12.49 55.11 -32.05
N GLY C 142 12.52 56.44 -32.02
CA GLY C 142 13.47 57.19 -32.81
C GLY C 142 14.37 58.08 -31.99
N VAL C 143 15.68 57.95 -32.18
CA VAL C 143 16.68 58.73 -31.46
C VAL C 143 17.44 59.58 -32.48
N TYR C 144 17.44 60.89 -32.27
CA TYR C 144 18.18 61.79 -33.15
C TYR C 144 19.68 61.58 -32.97
N TYR C 145 20.42 61.71 -34.07
CA TYR C 145 21.83 61.37 -34.11
C TYR C 145 22.68 62.64 -34.13
N HIS C 146 23.25 62.98 -32.98
CA HIS C 146 24.27 64.04 -32.85
C HIS C 146 23.78 65.35 -33.45
N LYS C 147 22.74 65.91 -32.81
CA LYS C 147 22.14 67.16 -33.27
C LYS C 147 22.97 68.37 -32.80
N ASN C 148 24.23 68.39 -33.22
CA ASN C 148 25.14 69.51 -33.01
C ASN C 148 25.39 69.82 -31.53
N ASN C 149 25.10 68.85 -30.64
CA ASN C 149 25.29 69.05 -29.21
C ASN C 149 26.23 68.01 -28.60
N LYS C 150 26.79 67.11 -29.41
CA LYS C 150 27.66 66.02 -28.94
C LYS C 150 26.94 65.08 -27.98
N SER C 151 25.61 65.14 -27.93
CA SER C 151 24.81 64.28 -27.07
C SER C 151 23.60 63.79 -27.87
N TRP C 152 23.10 62.62 -27.47
CA TRP C 152 22.00 61.96 -28.16
C TRP C 152 20.72 62.10 -27.33
N MET C 153 19.63 62.46 -27.99
CA MET C 153 18.32 62.60 -27.35
C MET C 153 17.27 61.88 -28.18
N GLU C 154 16.21 61.44 -27.51
CA GLU C 154 15.12 60.72 -28.15
C GLU C 154 13.86 61.57 -28.08
N SER C 155 13.18 61.71 -29.24
CA SER C 155 11.97 62.51 -29.32
C SER C 155 10.83 61.81 -30.06
N GLU C 156 11.01 60.56 -30.49
CA GLU C 156 10.00 59.83 -31.23
C GLU C 156 9.52 58.64 -30.40
N PHE C 157 8.21 58.56 -30.17
CA PHE C 157 7.58 57.45 -29.46
C PHE C 157 6.35 57.04 -30.26
N ARG C 158 6.53 56.13 -31.20
CA ARG C 158 5.46 55.67 -32.09
C ARG C 158 5.33 54.16 -31.93
N VAL C 159 4.52 53.74 -30.95
CA VAL C 159 4.26 52.33 -30.66
C VAL C 159 2.78 52.01 -30.72
N TYR C 160 1.97 52.76 -29.98
CA TYR C 160 0.54 52.55 -29.93
C TYR C 160 -0.18 53.89 -30.08
N SER C 161 -1.42 53.82 -30.56
CA SER C 161 -2.20 55.04 -30.79
C SER C 161 -2.84 55.53 -29.50
N SER C 162 -3.71 54.71 -28.90
CA SER C 162 -4.42 55.11 -27.70
C SER C 162 -4.86 53.86 -26.93
N ALA C 163 -4.88 53.98 -25.61
CA ALA C 163 -5.25 52.89 -24.72
C ALA C 163 -6.54 53.24 -23.99
N ASN C 164 -7.52 52.35 -24.05
CA ASN C 164 -8.83 52.58 -23.46
C ASN C 164 -9.01 51.89 -22.12
N ASN C 165 -8.83 50.57 -22.07
CA ASN C 165 -9.04 49.78 -20.86
C ASN C 165 -7.69 49.51 -20.20
N CYS C 166 -7.29 50.40 -19.30
CA CYS C 166 -6.01 50.29 -18.61
C CYS C 166 -6.27 49.84 -17.17
N THR C 167 -5.70 48.69 -16.80
CA THR C 167 -6.00 48.05 -15.53
C THR C 167 -4.78 47.96 -14.63
N PHE C 168 -3.70 47.36 -15.09
CA PHE C 168 -2.53 47.07 -14.27
C PHE C 168 -1.32 47.83 -14.82
N GLU C 169 -0.55 48.43 -13.91
CA GLU C 169 0.59 49.23 -14.31
C GLU C 169 1.65 49.23 -13.20
N TYR C 170 2.90 49.05 -13.61
CA TYR C 170 4.05 49.26 -12.74
C TYR C 170 5.04 50.17 -13.45
N VAL C 171 5.50 51.20 -12.77
CA VAL C 171 6.45 52.15 -13.32
C VAL C 171 7.64 52.25 -12.37
N SER C 172 8.84 52.08 -12.91
CA SER C 172 10.04 52.20 -12.11
C SER C 172 10.38 53.67 -11.86
N GLN C 173 11.27 53.89 -10.90
CA GLN C 173 11.70 55.25 -10.59
C GLN C 173 12.44 55.84 -11.78
N PRO C 174 12.28 57.14 -12.04
CA PRO C 174 13.03 57.76 -13.15
C PRO C 174 14.53 57.67 -12.93
N PHE C 175 15.25 57.42 -14.02
CA PHE C 175 16.70 57.31 -13.97
C PHE C 175 17.26 57.80 -15.31
N LEU C 176 18.51 57.46 -15.59
CA LEU C 176 19.16 57.81 -16.85
C LEU C 176 19.86 56.58 -17.41
N MET C 177 19.77 56.42 -18.73
CA MET C 177 20.50 55.40 -19.46
C MET C 177 21.24 56.05 -20.61
N ASP C 178 22.29 55.38 -21.08
CA ASP C 178 23.13 55.94 -22.13
C ASP C 178 22.40 55.92 -23.47
N LEU C 179 22.66 56.94 -24.28
CA LEU C 179 22.16 57.02 -25.64
C LEU C 179 23.25 57.15 -26.69
N GLU C 180 24.52 57.11 -26.28
CA GLU C 180 25.64 57.28 -27.20
C GLU C 180 26.56 56.07 -27.14
N GLY C 181 27.30 55.87 -28.23
CA GLY C 181 28.20 54.74 -28.35
C GLY C 181 28.07 54.05 -29.68
N LYS C 182 29.18 53.91 -30.41
CA LYS C 182 29.20 53.29 -31.73
C LYS C 182 30.31 52.25 -31.82
N GLN C 183 30.53 51.52 -30.73
CA GLN C 183 31.56 50.50 -30.71
C GLN C 183 31.15 49.33 -31.60
N GLY C 184 32.10 48.86 -32.41
CA GLY C 184 31.83 47.77 -33.32
C GLY C 184 31.65 46.42 -32.64
N ASN C 185 32.72 45.92 -32.02
CA ASN C 185 32.63 44.64 -31.33
C ASN C 185 31.76 44.75 -30.09
N PHE C 186 30.94 43.73 -29.86
CA PHE C 186 30.02 43.75 -28.74
C PHE C 186 30.76 43.49 -27.43
N LYS C 187 30.47 44.31 -26.42
CA LYS C 187 31.11 44.19 -25.12
C LYS C 187 30.21 43.59 -24.05
N ASN C 188 28.93 43.40 -24.33
CA ASN C 188 27.99 42.92 -23.32
C ASN C 188 26.90 42.10 -23.99
N LEU C 189 26.17 41.34 -23.17
CA LEU C 189 25.07 40.51 -23.63
C LEU C 189 24.04 40.41 -22.51
N ARG C 190 22.77 40.57 -22.85
CA ARG C 190 21.67 40.51 -21.90
C ARG C 190 20.74 39.37 -22.30
N GLU C 191 20.69 38.33 -21.46
CA GLU C 191 19.87 37.15 -21.72
C GLU C 191 18.64 37.19 -20.83
N PHE C 192 17.46 37.14 -21.44
CA PHE C 192 16.21 37.31 -20.74
C PHE C 192 15.31 36.10 -20.98
N VAL C 193 14.66 35.63 -19.91
CA VAL C 193 13.71 34.53 -20.00
C VAL C 193 12.35 35.04 -19.57
N PHE C 194 11.34 34.79 -20.40
CA PHE C 194 9.98 35.27 -20.15
C PHE C 194 9.06 34.07 -19.99
N LYS C 195 8.28 34.06 -18.91
CA LYS C 195 7.35 32.98 -18.62
C LYS C 195 6.00 33.56 -18.23
N ASN C 196 4.94 32.81 -18.55
CA ASN C 196 3.57 33.16 -18.17
C ASN C 196 2.89 31.86 -17.73
N ILE C 197 2.96 31.56 -16.44
CA ILE C 197 2.45 30.33 -15.87
C ILE C 197 1.32 30.69 -14.92
N ASP C 198 0.14 30.09 -15.14
CA ASP C 198 -1.03 30.29 -14.28
C ASP C 198 -1.39 31.77 -14.15
N GLY C 199 -1.15 32.55 -15.20
CA GLY C 199 -1.39 33.97 -15.17
C GLY C 199 -0.28 34.78 -14.53
N TYR C 200 0.76 34.15 -14.02
CA TYR C 200 1.88 34.82 -13.38
C TYR C 200 2.98 35.01 -14.41
N PHE C 201 3.36 36.27 -14.65
CA PHE C 201 4.40 36.60 -15.62
C PHE C 201 5.72 36.74 -14.89
N LYS C 202 6.71 35.95 -15.30
CA LYS C 202 8.03 35.94 -14.67
C LYS C 202 9.08 36.36 -15.68
N ILE C 203 10.10 37.07 -15.19
CA ILE C 203 11.24 37.49 -15.99
C ILE C 203 12.51 37.10 -15.27
N TYR C 204 13.43 36.45 -16.00
CA TYR C 204 14.76 36.13 -15.49
C TYR C 204 15.78 36.82 -16.37
N SER C 205 16.68 37.58 -15.74
CA SER C 205 17.60 38.45 -16.48
C SER C 205 19.03 38.26 -15.99
N LYS C 206 19.96 38.36 -16.92
CA LYS C 206 21.38 38.42 -16.60
C LYS C 206 22.09 39.26 -17.65
N HIS C 207 22.98 40.13 -17.20
CA HIS C 207 23.83 40.93 -18.08
C HIS C 207 25.27 40.53 -17.84
N THR C 208 25.97 40.14 -18.90
CA THR C 208 27.34 39.68 -18.79
C THR C 208 28.19 40.29 -19.90
N PRO C 209 29.46 40.58 -19.62
CA PRO C 209 30.35 41.08 -20.67
C PRO C 209 30.89 39.95 -21.53
N ILE C 210 30.94 40.18 -22.84
CA ILE C 210 31.39 39.17 -23.79
C ILE C 210 32.43 39.78 -24.71
N ASN C 211 33.20 38.89 -25.37
CA ASN C 211 34.25 39.32 -26.29
C ASN C 211 34.03 38.80 -27.71
N LEU C 212 32.81 38.36 -28.02
CA LEU C 212 32.47 37.90 -29.35
C LEU C 212 31.66 38.95 -30.10
N VAL C 213 31.82 38.98 -31.41
CA VAL C 213 31.24 40.04 -32.24
C VAL C 213 30.06 39.54 -33.06
N ARG C 214 30.11 38.29 -33.55
CA ARG C 214 29.05 37.77 -34.41
C ARG C 214 28.71 36.34 -34.04
N ASP C 215 28.67 36.03 -32.73
CA ASP C 215 28.37 34.68 -32.31
C ASP C 215 27.92 34.69 -30.86
N LEU C 216 27.18 33.65 -30.50
CA LEU C 216 26.79 33.44 -29.10
C LEU C 216 27.99 32.89 -28.33
N PRO C 217 28.37 33.49 -27.21
CA PRO C 217 29.62 33.11 -26.55
C PRO C 217 29.56 31.72 -25.96
N GLN C 218 30.73 31.10 -25.87
CA GLN C 218 30.87 29.76 -25.28
C GLN C 218 31.07 29.93 -23.77
N GLY C 219 30.07 29.50 -23.01
CA GLY C 219 30.14 29.62 -21.56
C GLY C 219 28.81 29.24 -20.94
N PHE C 220 28.77 29.36 -19.62
CA PHE C 220 27.58 28.98 -18.87
C PHE C 220 27.45 29.85 -17.63
N SER C 221 26.24 30.31 -17.36
CA SER C 221 25.90 31.03 -16.15
C SER C 221 24.38 31.14 -16.07
N ALA C 222 23.86 31.11 -14.84
CA ALA C 222 22.43 31.08 -14.61
C ALA C 222 21.83 32.48 -14.64
N LEU C 223 20.51 32.54 -14.75
CA LEU C 223 19.76 33.78 -14.83
C LEU C 223 18.86 33.90 -13.61
N GLU C 224 18.94 35.05 -12.93
CA GLU C 224 18.21 35.32 -11.70
C GLU C 224 16.90 36.05 -11.98
N PRO C 225 15.82 35.66 -11.31
CA PRO C 225 14.56 36.41 -11.45
C PRO C 225 14.65 37.78 -10.82
N LEU C 226 13.86 38.71 -11.35
CA LEU C 226 13.81 40.07 -10.83
C LEU C 226 12.41 40.62 -10.64
N VAL C 227 11.40 40.09 -11.31
CA VAL C 227 10.05 40.63 -11.23
C VAL C 227 9.05 39.52 -11.52
N ASP C 228 7.93 39.54 -10.80
CA ASP C 228 6.83 38.59 -11.02
C ASP C 228 5.53 39.36 -10.98
N LEU C 229 4.67 39.12 -11.96
CA LEU C 229 3.39 39.84 -12.08
C LEU C 229 2.28 38.86 -12.41
N PRO C 230 1.19 38.86 -11.64
CA PRO C 230 0.02 38.00 -11.93
C PRO C 230 -1.00 38.66 -12.85
N ILE C 231 -0.66 38.75 -14.14
CA ILE C 231 -1.54 39.41 -15.11
C ILE C 231 -2.83 38.62 -15.27
N GLY C 232 -2.73 37.31 -15.43
CA GLY C 232 -3.90 36.47 -15.58
C GLY C 232 -4.63 36.60 -16.90
N ILE C 233 -3.94 37.03 -17.96
CA ILE C 233 -4.57 37.25 -19.26
C ILE C 233 -3.85 36.43 -20.31
N ASN C 234 -4.58 36.08 -21.37
CA ASN C 234 -4.04 35.24 -22.42
C ASN C 234 -2.96 36.00 -23.21
N ILE C 235 -1.86 35.30 -23.51
CA ILE C 235 -0.78 35.83 -24.33
C ILE C 235 -0.41 34.76 -25.35
N THR C 236 -0.46 35.11 -26.63
CA THR C 236 -0.16 34.18 -27.70
C THR C 236 1.02 34.60 -28.57
N ARG C 237 1.32 35.89 -28.66
CA ARG C 237 2.43 36.37 -29.48
C ARG C 237 3.17 37.45 -28.73
N PHE C 238 4.28 37.91 -29.31
CA PHE C 238 5.09 38.95 -28.70
C PHE C 238 5.86 39.68 -29.80
N GLN C 239 6.38 40.86 -29.45
CA GLN C 239 7.12 41.67 -30.40
C GLN C 239 8.04 42.61 -29.63
N THR C 240 9.32 42.63 -30.01
CA THR C 240 10.31 43.47 -29.35
C THR C 240 10.22 44.91 -29.85
N LEU C 241 11.00 45.79 -29.23
CA LEU C 241 11.06 47.20 -29.60
C LEU C 241 12.52 47.60 -29.81
N LEU C 242 12.75 48.48 -30.78
CA LEU C 242 14.10 48.91 -31.11
C LEU C 242 14.12 50.43 -31.28
N ALA C 243 15.29 51.02 -31.03
CA ALA C 243 15.48 52.43 -31.27
C ALA C 243 15.86 52.66 -32.73
N LEU C 244 15.66 53.90 -33.19
CA LEU C 244 15.97 54.27 -34.57
C LEU C 244 16.11 55.77 -34.71
N SER C 254 12.03 63.69 -43.59
CA SER C 254 11.38 63.60 -42.28
C SER C 254 11.55 62.21 -41.69
N SER C 255 10.48 61.41 -41.76
CA SER C 255 10.55 60.05 -41.24
C SER C 255 11.50 59.19 -42.06
N SER C 256 11.38 59.23 -43.38
CA SER C 256 12.24 58.45 -44.24
C SER C 256 13.67 58.97 -44.17
N GLY C 257 14.63 58.04 -44.10
CA GLY C 257 16.02 58.41 -43.95
C GLY C 257 16.44 58.42 -42.49
N TRP C 258 17.27 57.46 -42.09
CA TRP C 258 17.60 57.29 -40.68
C TRP C 258 18.99 56.67 -40.55
N THR C 259 19.56 56.80 -39.36
CA THR C 259 20.86 56.24 -39.05
C THR C 259 20.84 55.73 -37.62
N ALA C 260 20.97 54.41 -37.46
CA ALA C 260 20.98 53.78 -36.15
C ALA C 260 22.09 52.75 -36.09
N GLY C 261 22.57 52.48 -34.88
CA GLY C 261 23.64 51.52 -34.71
C GLY C 261 23.20 50.10 -35.01
N ALA C 262 24.16 49.29 -35.43
CA ALA C 262 23.89 47.89 -35.70
C ALA C 262 23.53 47.14 -34.43
N ALA C 263 22.72 46.09 -34.57
CA ALA C 263 22.27 45.32 -33.43
C ALA C 263 22.03 43.88 -33.85
N ALA C 264 22.04 42.99 -32.87
CA ALA C 264 21.79 41.58 -33.09
C ALA C 264 21.21 40.99 -31.81
N TYR C 265 20.02 40.41 -31.91
CA TYR C 265 19.33 39.82 -30.77
C TYR C 265 18.78 38.46 -31.15
N TYR C 266 18.59 37.61 -30.14
CA TYR C 266 18.23 36.22 -30.34
C TYR C 266 16.89 35.93 -29.70
N VAL C 267 16.19 34.92 -30.22
CA VAL C 267 14.91 34.48 -29.69
C VAL C 267 14.94 32.97 -29.56
N GLY C 268 14.72 32.47 -28.36
CA GLY C 268 14.70 31.03 -28.10
C GLY C 268 13.40 30.62 -27.44
N TYR C 269 13.02 29.37 -27.64
CA TYR C 269 11.76 28.83 -27.14
C TYR C 269 12.04 27.76 -26.10
N LEU C 270 11.33 27.86 -24.98
CA LEU C 270 11.50 26.90 -23.88
C LEU C 270 10.59 25.69 -24.08
N GLN C 271 11.07 24.54 -23.62
CA GLN C 271 10.35 23.29 -23.71
C GLN C 271 10.37 22.58 -22.37
N PRO C 272 9.34 21.78 -22.07
CA PRO C 272 9.28 21.09 -20.77
C PRO C 272 10.20 19.88 -20.70
N ARG C 273 11.47 20.14 -20.41
CA ARG C 273 12.50 19.11 -20.35
C ARG C 273 13.22 19.18 -19.02
N THR C 274 13.36 18.02 -18.37
CA THR C 274 14.05 17.96 -17.09
C THR C 274 15.53 18.28 -17.26
N PHE C 275 16.10 18.95 -16.26
CA PHE C 275 17.52 19.26 -16.21
C PHE C 275 18.12 18.66 -14.94
N LEU C 276 19.45 18.75 -14.85
CA LEU C 276 20.19 18.48 -13.63
C LEU C 276 21.07 19.69 -13.35
N LEU C 277 20.91 20.27 -12.16
CA LEU C 277 21.53 21.55 -11.84
C LEU C 277 22.57 21.35 -10.74
N LYS C 278 23.73 21.98 -10.92
CA LYS C 278 24.81 21.92 -9.96
C LYS C 278 24.92 23.25 -9.23
N TYR C 279 24.89 23.20 -7.90
CA TYR C 279 25.00 24.38 -7.06
C TYR C 279 26.33 24.35 -6.32
N ASN C 280 27.05 25.47 -6.35
CA ASN C 280 28.35 25.54 -5.70
C ASN C 280 28.19 25.92 -4.24
N GLU C 281 29.30 26.18 -3.56
CA GLU C 281 29.26 26.55 -2.14
C GLU C 281 28.55 27.89 -1.94
N ASN C 282 28.72 28.82 -2.89
CA ASN C 282 28.02 30.09 -2.80
C ASN C 282 26.51 29.92 -2.97
N GLY C 283 26.08 28.81 -3.53
CA GLY C 283 24.68 28.55 -3.75
C GLY C 283 24.14 28.94 -5.11
N THR C 284 25.00 29.33 -6.05
CA THR C 284 24.59 29.70 -7.40
C THR C 284 24.90 28.57 -8.37
N ILE C 285 24.10 28.51 -9.45
CA ILE C 285 24.27 27.44 -10.42
C ILE C 285 25.62 27.60 -11.12
N THR C 286 26.41 26.52 -11.12
CA THR C 286 27.70 26.50 -11.79
C THR C 286 27.63 25.83 -13.16
N ASP C 287 27.15 24.58 -13.21
CA ASP C 287 26.97 23.88 -14.47
C ASP C 287 25.56 23.29 -14.55
N ALA C 288 25.30 22.50 -15.57
CA ALA C 288 23.99 21.87 -15.73
C ALA C 288 24.12 20.70 -16.71
N VAL C 289 23.08 19.89 -16.77
CA VAL C 289 22.99 18.75 -17.69
C VAL C 289 21.64 18.77 -18.36
N ASP C 290 21.63 18.61 -19.69
CA ASP C 290 20.39 18.45 -20.44
C ASP C 290 20.01 16.98 -20.38
N CYS C 291 19.01 16.66 -19.56
CA CYS C 291 18.70 15.28 -19.23
C CYS C 291 18.27 14.45 -20.42
N ALA C 292 17.80 15.10 -21.50
CA ALA C 292 17.31 14.38 -22.67
C ALA C 292 18.08 14.75 -23.94
N LEU C 293 19.35 15.15 -23.79
CA LEU C 293 20.14 15.53 -24.94
C LEU C 293 20.75 14.31 -25.63
N ASP C 294 21.62 13.60 -24.93
CA ASP C 294 22.31 12.43 -25.45
C ASP C 294 22.39 11.39 -24.34
N PRO C 295 22.65 10.12 -24.68
CA PRO C 295 22.67 9.06 -23.65
C PRO C 295 23.63 9.32 -22.51
N LEU C 296 24.80 9.93 -22.75
CA LEU C 296 25.71 10.21 -21.65
C LEU C 296 25.10 11.20 -20.67
N SER C 297 24.46 12.26 -21.18
CA SER C 297 23.79 13.21 -20.29
C SER C 297 22.60 12.56 -19.59
N GLU C 298 21.90 11.65 -20.25
CA GLU C 298 20.82 10.93 -19.60
C GLU C 298 21.35 10.08 -18.45
N THR C 299 22.50 9.42 -18.65
CA THR C 299 23.10 8.65 -17.57
C THR C 299 23.53 9.54 -16.42
N LYS C 300 24.13 10.70 -16.72
CA LYS C 300 24.48 11.63 -15.66
C LYS C 300 23.24 12.07 -14.89
N CYS C 301 22.16 12.36 -15.60
CA CYS C 301 20.92 12.82 -14.99
C CYS C 301 20.30 11.74 -14.10
N THR C 302 20.31 10.49 -14.54
CA THR C 302 19.73 9.42 -13.74
C THR C 302 20.66 8.92 -12.65
N LEU C 303 21.95 9.22 -12.73
CA LEU C 303 22.90 8.86 -11.67
C LEU C 303 23.14 10.01 -10.70
N LYS C 304 22.58 11.19 -10.96
CA LYS C 304 22.69 12.34 -10.07
C LYS C 304 24.15 12.72 -9.83
N SER C 305 24.94 12.71 -10.90
CA SER C 305 26.33 13.12 -10.83
C SER C 305 26.79 13.55 -12.22
N PHE C 306 27.81 14.40 -12.25
CA PHE C 306 28.37 14.86 -13.51
C PHE C 306 29.49 13.97 -14.01
N THR C 307 29.94 13.01 -13.22
CA THR C 307 30.95 12.03 -13.63
C THR C 307 30.41 10.65 -13.35
N VAL C 308 30.47 9.77 -14.35
CA VAL C 308 29.97 8.41 -14.25
C VAL C 308 31.14 7.44 -14.36
N GLU C 309 31.12 6.39 -13.55
CA GLU C 309 32.17 5.39 -13.56
C GLU C 309 32.00 4.46 -14.76
N LYS C 310 33.04 3.69 -15.02
CA LYS C 310 33.00 2.69 -16.08
C LYS C 310 31.92 1.65 -15.80
N GLY C 311 31.13 1.34 -16.80
CA GLY C 311 30.12 0.31 -16.66
C GLY C 311 28.96 0.55 -17.61
N ILE C 312 27.93 -0.29 -17.46
CA ILE C 312 26.71 -0.22 -18.25
C ILE C 312 25.57 0.13 -17.32
N TYR C 313 24.83 1.19 -17.65
CA TYR C 313 23.85 1.78 -16.76
C TYR C 313 22.47 1.74 -17.38
N GLN C 314 21.49 1.29 -16.61
CA GLN C 314 20.10 1.34 -17.04
C GLN C 314 19.61 2.77 -17.12
N THR C 315 18.80 3.06 -18.13
CA THR C 315 18.25 4.41 -18.35
C THR C 315 16.78 4.24 -18.73
N SER C 316 16.19 5.30 -19.28
CA SER C 316 14.79 5.25 -19.66
C SER C 316 14.54 4.15 -20.68
N ASN C 317 13.41 3.48 -20.55
CA ASN C 317 13.12 2.31 -21.35
C ASN C 317 12.80 2.70 -22.80
N PHE C 318 12.77 1.68 -23.66
CA PHE C 318 12.45 1.84 -25.06
C PHE C 318 11.01 1.36 -25.31
N ARG C 319 10.30 2.08 -26.16
CA ARG C 319 8.89 1.78 -26.41
C ARG C 319 8.55 2.19 -27.84
N VAL C 320 8.13 1.22 -28.65
CA VAL C 320 7.68 1.50 -30.01
C VAL C 320 6.26 2.03 -29.93
N GLN C 321 6.08 3.30 -30.27
CA GLN C 321 4.76 3.91 -30.22
C GLN C 321 3.88 3.35 -31.33
N PRO C 322 2.56 3.30 -31.12
CA PRO C 322 1.67 2.83 -32.19
C PRO C 322 1.73 3.73 -33.41
N THR C 323 1.69 3.11 -34.58
CA THR C 323 1.72 3.88 -35.83
C THR C 323 0.42 4.63 -36.05
N GLU C 324 -0.71 3.95 -35.87
CA GLU C 324 -2.02 4.56 -36.06
C GLU C 324 -3.06 3.68 -35.39
N SER C 325 -4.29 4.19 -35.35
CA SER C 325 -5.41 3.48 -34.75
C SER C 325 -6.29 2.88 -35.84
N ILE C 326 -6.66 1.61 -35.67
CA ILE C 326 -7.44 0.89 -36.65
C ILE C 326 -8.65 0.27 -35.96
N VAL C 327 -9.82 0.39 -36.60
CA VAL C 327 -11.09 -0.07 -36.04
C VAL C 327 -11.74 -1.01 -37.06
N ARG C 328 -12.25 -2.14 -36.56
CA ARG C 328 -12.82 -3.17 -37.43
C ARG C 328 -14.10 -3.72 -36.79
N PHE C 329 -15.27 -3.26 -37.29
CA PHE C 329 -16.55 -3.85 -36.94
C PHE C 329 -17.16 -4.57 -38.13
N PRO C 330 -17.91 -5.65 -37.91
CA PRO C 330 -18.38 -6.49 -39.03
C PRO C 330 -19.34 -5.74 -39.95
N ASN C 331 -19.75 -6.45 -41.00
CA ASN C 331 -20.64 -5.89 -42.00
C ASN C 331 -22.01 -5.59 -41.40
N ILE C 332 -22.78 -4.78 -42.13
CA ILE C 332 -24.12 -4.39 -41.72
C ILE C 332 -25.13 -5.07 -42.64
N THR C 333 -26.13 -5.73 -42.04
CA THR C 333 -27.15 -6.45 -42.78
C THR C 333 -28.53 -5.82 -42.66
N ASN C 334 -29.01 -5.58 -41.45
CA ASN C 334 -30.35 -5.05 -41.22
C ASN C 334 -30.27 -3.62 -40.74
N LEU C 335 -31.08 -2.76 -41.35
CA LEU C 335 -31.19 -1.36 -40.96
C LEU C 335 -32.67 -1.02 -40.75
N CYS C 336 -32.91 -0.02 -39.90
CA CYS C 336 -34.27 0.34 -39.55
C CYS C 336 -35.02 0.85 -40.79
N PRO C 337 -36.31 0.49 -40.94
CA PRO C 337 -37.05 0.91 -42.14
C PRO C 337 -37.34 2.41 -42.14
N PHE C 338 -36.30 3.22 -42.34
CA PHE C 338 -36.50 4.66 -42.44
C PHE C 338 -37.36 5.01 -43.65
N GLY C 339 -37.33 4.18 -44.69
CA GLY C 339 -38.22 4.37 -45.83
C GLY C 339 -39.68 4.14 -45.50
N GLU C 340 -39.97 3.51 -44.36
CA GLU C 340 -41.33 3.36 -43.88
C GLU C 340 -41.64 4.26 -42.68
N VAL C 341 -40.62 4.83 -42.04
CA VAL C 341 -40.85 5.75 -40.94
C VAL C 341 -40.99 7.17 -41.49
N PHE C 342 -39.95 7.66 -42.16
CA PHE C 342 -39.93 9.03 -42.67
C PHE C 342 -40.46 9.14 -44.09
N ASN C 343 -40.31 8.10 -44.90
CA ASN C 343 -40.73 8.11 -46.29
C ASN C 343 -42.08 7.41 -46.48
N ALA C 344 -42.98 7.55 -45.52
CA ALA C 344 -44.29 6.94 -45.62
C ALA C 344 -45.09 7.56 -46.76
N THR C 345 -45.99 6.76 -47.34
CA THR C 345 -46.80 7.24 -48.46
C THR C 345 -47.66 8.42 -48.07
N ARG C 346 -48.29 8.35 -46.89
CA ARG C 346 -49.14 9.42 -46.40
C ARG C 346 -49.02 9.45 -44.88
N PHE C 347 -48.61 10.59 -44.34
CA PHE C 347 -48.40 10.72 -42.91
C PHE C 347 -49.73 10.65 -42.16
N ALA C 348 -49.66 10.19 -40.91
CA ALA C 348 -50.85 10.11 -40.08
C ALA C 348 -51.37 11.51 -39.75
N SER C 349 -52.48 11.57 -39.04
CA SER C 349 -53.07 12.83 -38.61
C SER C 349 -52.69 13.12 -37.15
N VAL C 350 -52.79 14.39 -36.78
CA VAL C 350 -52.55 14.76 -35.39
C VAL C 350 -53.60 14.15 -34.48
N TYR C 351 -54.81 13.93 -35.01
CA TYR C 351 -55.85 13.25 -34.24
C TYR C 351 -55.62 11.75 -34.18
N ALA C 352 -55.13 11.16 -35.28
CA ALA C 352 -55.00 9.71 -35.41
C ALA C 352 -53.53 9.29 -35.52
N TRP C 353 -52.67 9.90 -34.71
CA TRP C 353 -51.28 9.48 -34.64
C TRP C 353 -51.18 8.02 -34.22
N ASN C 354 -50.24 7.30 -34.83
CA ASN C 354 -50.04 5.88 -34.59
C ASN C 354 -48.62 5.63 -34.09
N ARG C 355 -48.49 4.60 -33.26
CA ARG C 355 -47.22 4.27 -32.63
C ARG C 355 -46.54 3.11 -33.36
N LYS C 356 -45.24 3.27 -33.62
CA LYS C 356 -44.46 2.25 -34.31
C LYS C 356 -43.41 1.67 -33.37
N ARG C 357 -43.20 0.36 -33.48
CA ARG C 357 -42.17 -0.34 -32.73
C ARG C 357 -40.93 -0.51 -33.61
N ILE C 358 -39.84 0.14 -33.21
CA ILE C 358 -38.58 0.10 -33.95
C ILE C 358 -37.52 -0.51 -33.05
N SER C 359 -36.90 -1.60 -33.51
CA SER C 359 -35.87 -2.29 -32.74
C SER C 359 -35.06 -3.16 -33.70
N ASN C 360 -34.14 -3.92 -33.12
CA ASN C 360 -33.29 -4.91 -33.80
C ASN C 360 -32.79 -4.40 -35.16
N CYS C 361 -32.26 -3.19 -35.16
CA CYS C 361 -31.75 -2.59 -36.39
C CYS C 361 -30.66 -1.58 -36.03
N VAL C 362 -30.20 -0.84 -37.04
CA VAL C 362 -29.16 0.17 -36.90
C VAL C 362 -29.73 1.51 -37.32
N ALA C 363 -29.48 2.54 -36.53
CA ALA C 363 -30.14 3.84 -36.66
C ALA C 363 -29.27 4.88 -37.35
N ASP C 364 -28.53 4.49 -38.39
CA ASP C 364 -27.73 5.43 -39.15
C ASP C 364 -28.60 6.54 -39.73
N TYR C 365 -28.13 7.78 -39.62
CA TYR C 365 -28.83 8.92 -40.19
C TYR C 365 -28.12 9.48 -41.42
N SER C 366 -27.35 8.65 -42.14
CA SER C 366 -26.54 9.12 -43.25
C SER C 366 -27.35 9.84 -44.31
N VAL C 367 -28.64 9.53 -44.43
CA VAL C 367 -29.54 10.26 -45.30
C VAL C 367 -30.46 11.18 -44.49
N LEU C 368 -30.83 10.76 -43.29
CA LEU C 368 -31.81 11.51 -42.49
C LEU C 368 -31.29 12.90 -42.15
N TYR C 369 -30.01 13.02 -41.79
CA TYR C 369 -29.48 14.32 -41.41
C TYR C 369 -28.80 15.01 -42.58
N ASN C 370 -28.23 14.25 -43.51
CA ASN C 370 -27.57 14.84 -44.67
C ASN C 370 -28.53 15.19 -45.79
N SER C 371 -29.83 14.91 -45.63
CA SER C 371 -30.82 15.30 -46.62
C SER C 371 -31.42 16.64 -46.25
N ALA C 372 -31.63 17.48 -47.26
CA ALA C 372 -32.22 18.80 -47.07
C ALA C 372 -33.73 18.77 -47.06
N SER C 373 -34.35 17.60 -47.26
CA SER C 373 -35.80 17.49 -47.29
C SER C 373 -36.45 17.78 -45.94
N PHE C 374 -35.67 17.85 -44.86
CA PHE C 374 -36.18 18.15 -43.53
C PHE C 374 -35.72 19.54 -43.13
N SER C 375 -36.67 20.44 -42.91
CA SER C 375 -36.37 21.83 -42.61
C SER C 375 -35.93 22.07 -41.16
N THR C 376 -36.16 21.09 -40.27
CA THR C 376 -35.80 21.26 -38.87
C THR C 376 -35.41 19.89 -38.31
N PHE C 377 -34.10 19.65 -38.19
CA PHE C 377 -33.57 18.44 -37.57
C PHE C 377 -33.24 18.79 -36.12
N LYS C 378 -34.26 18.75 -35.28
CA LYS C 378 -34.15 19.19 -33.89
C LYS C 378 -34.32 18.01 -32.95
N CYS C 379 -33.34 17.81 -32.08
CA CYS C 379 -33.41 16.84 -31.00
C CYS C 379 -33.13 17.55 -29.68
N TYR C 380 -34.06 17.42 -28.73
CA TYR C 380 -33.98 18.15 -27.47
C TYR C 380 -33.18 17.44 -26.40
N GLY C 381 -32.66 16.25 -26.69
CA GLY C 381 -31.88 15.52 -25.70
C GLY C 381 -30.47 15.20 -26.15
N VAL C 382 -30.25 15.11 -27.47
CA VAL C 382 -28.96 14.78 -28.03
C VAL C 382 -28.67 15.70 -29.21
N SER C 383 -27.39 15.81 -29.55
CA SER C 383 -26.97 16.55 -30.73
C SER C 383 -27.14 15.68 -31.98
N PRO C 384 -27.29 16.30 -33.14
CA PRO C 384 -27.38 15.51 -34.38
C PRO C 384 -26.14 14.68 -34.65
N THR C 385 -24.98 15.10 -34.14
CA THR C 385 -23.75 14.33 -34.34
C THR C 385 -23.69 13.10 -33.45
N LYS C 386 -24.27 13.17 -32.25
CA LYS C 386 -24.15 12.10 -31.27
C LYS C 386 -25.09 10.93 -31.54
N LEU C 387 -26.02 11.05 -32.49
CA LEU C 387 -26.98 9.99 -32.72
C LEU C 387 -26.30 8.71 -33.24
N ASN C 388 -25.37 8.86 -34.17
CA ASN C 388 -24.72 7.67 -34.75
C ASN C 388 -23.66 7.08 -33.84
N ASP C 389 -23.16 7.86 -32.88
CA ASP C 389 -22.12 7.39 -31.97
C ASP C 389 -22.69 6.77 -30.69
N LEU C 390 -23.99 6.67 -30.56
CA LEU C 390 -24.63 6.20 -29.33
C LEU C 390 -25.69 5.16 -29.67
N CYS C 391 -25.85 4.20 -28.75
CA CYS C 391 -26.90 3.20 -28.85
C CYS C 391 -28.18 3.70 -28.21
N PHE C 392 -29.30 3.09 -28.60
CA PHE C 392 -30.62 3.53 -28.16
C PHE C 392 -31.46 2.31 -27.84
N THR C 393 -32.74 2.55 -27.52
CA THR C 393 -33.66 1.49 -27.13
C THR C 393 -34.88 1.58 -28.04
N ASN C 394 -35.96 0.88 -27.71
CA ASN C 394 -37.15 0.89 -28.55
C ASN C 394 -37.66 2.30 -28.76
N VAL C 395 -37.96 2.63 -30.02
CA VAL C 395 -38.37 3.97 -30.43
C VAL C 395 -39.82 3.92 -30.86
N TYR C 396 -40.61 4.88 -30.37
CA TYR C 396 -42.00 5.05 -30.78
C TYR C 396 -42.06 6.28 -31.69
N ALA C 397 -41.83 6.07 -32.99
CA ALA C 397 -41.84 7.16 -33.94
C ALA C 397 -43.27 7.65 -34.18
N ASP C 398 -43.46 8.96 -34.15
CA ASP C 398 -44.76 9.58 -34.36
C ASP C 398 -44.66 10.57 -35.52
N SER C 399 -45.52 10.39 -36.52
CA SER C 399 -45.54 11.25 -37.70
C SER C 399 -46.95 11.77 -37.92
N PHE C 400 -47.07 13.07 -38.15
CA PHE C 400 -48.37 13.68 -38.42
C PHE C 400 -48.15 15.02 -39.13
N VAL C 401 -49.21 15.53 -39.72
CA VAL C 401 -49.20 16.81 -40.41
C VAL C 401 -50.19 17.74 -39.72
N ILE C 402 -49.70 18.90 -39.29
CA ILE C 402 -50.50 19.87 -38.55
C ILE C 402 -50.38 21.23 -39.22
N ARG C 403 -51.09 22.21 -38.66
CA ARG C 403 -51.04 23.57 -39.16
C ARG C 403 -49.66 24.18 -38.96
N GLY C 404 -49.20 24.93 -39.95
CA GLY C 404 -47.87 25.52 -39.88
C GLY C 404 -47.71 26.52 -38.76
N ASP C 405 -48.80 27.19 -38.37
CA ASP C 405 -48.75 28.14 -37.28
C ASP C 405 -48.94 27.50 -35.91
N GLU C 406 -49.24 26.20 -35.86
CA GLU C 406 -49.44 25.49 -34.61
C GLU C 406 -48.29 24.55 -34.29
N VAL C 407 -47.18 24.63 -35.02
CA VAL C 407 -46.04 23.76 -34.76
C VAL C 407 -45.41 24.07 -33.41
N ARG C 408 -45.66 25.25 -32.84
CA ARG C 408 -45.20 25.54 -31.49
C ARG C 408 -45.84 24.61 -30.48
N GLN C 409 -47.09 24.19 -30.72
CA GLN C 409 -47.76 23.26 -29.82
C GLN C 409 -47.12 21.88 -29.83
N ILE C 410 -46.36 21.54 -30.88
CA ILE C 410 -45.63 20.28 -30.89
C ILE C 410 -44.57 20.28 -29.78
N ALA C 411 -43.87 21.40 -29.62
CA ALA C 411 -42.92 21.52 -28.53
C ALA C 411 -43.63 21.44 -27.20
N PRO C 412 -43.06 20.77 -26.19
CA PRO C 412 -43.75 20.61 -24.91
C PRO C 412 -43.83 21.93 -24.15
N GLY C 413 -44.65 21.91 -23.10
CA GLY C 413 -44.88 23.09 -22.29
C GLY C 413 -45.60 24.21 -23.02
N GLN C 414 -46.53 23.86 -23.90
CA GLN C 414 -47.28 24.84 -24.68
C GLN C 414 -48.76 24.53 -24.60
N THR C 415 -49.58 25.57 -24.45
CA THR C 415 -51.02 25.43 -24.42
C THR C 415 -51.57 25.52 -25.84
N GLY C 416 -52.89 25.47 -25.95
CA GLY C 416 -53.57 25.53 -27.23
C GLY C 416 -54.39 24.29 -27.51
N LYS C 417 -55.19 24.38 -28.57
CA LYS C 417 -56.11 23.30 -28.89
C LYS C 417 -55.37 22.01 -29.23
N ILE C 418 -54.29 22.10 -30.00
CA ILE C 418 -53.56 20.91 -30.41
C ILE C 418 -53.04 20.16 -29.19
N ALA C 419 -52.21 20.84 -28.38
CA ALA C 419 -51.61 20.20 -27.22
C ALA C 419 -52.66 19.78 -26.20
N ASP C 420 -53.77 20.51 -26.11
CA ASP C 420 -54.79 20.17 -25.13
C ASP C 420 -55.63 18.98 -25.54
N TYR C 421 -55.87 18.78 -26.84
CA TYR C 421 -56.89 17.84 -27.29
C TYR C 421 -56.36 16.64 -28.05
N ASN C 422 -55.26 16.74 -28.80
CA ASN C 422 -54.91 15.62 -29.66
C ASN C 422 -53.48 15.13 -29.52
N TYR C 423 -52.56 15.99 -29.12
CA TYR C 423 -51.15 15.57 -29.01
C TYR C 423 -50.45 16.46 -27.99
N LYS C 424 -50.08 15.88 -26.85
CA LYS C 424 -49.34 16.58 -25.80
C LYS C 424 -47.98 15.91 -25.63
N LEU C 425 -46.98 16.71 -25.26
CA LEU C 425 -45.64 16.21 -25.07
C LEU C 425 -45.09 16.66 -23.72
N PRO C 426 -44.23 15.85 -23.10
CA PRO C 426 -43.62 16.25 -21.82
C PRO C 426 -42.35 17.06 -22.01
N ASP C 427 -42.09 17.91 -21.02
CA ASP C 427 -40.95 18.82 -21.08
C ASP C 427 -39.61 18.08 -21.05
N ASP C 428 -39.59 16.83 -20.58
CA ASP C 428 -38.36 16.04 -20.53
C ASP C 428 -38.14 15.22 -21.79
N PHE C 429 -38.67 15.66 -22.93
CA PHE C 429 -38.51 14.93 -24.18
C PHE C 429 -37.04 14.90 -24.59
N THR C 430 -36.60 13.73 -25.07
CA THR C 430 -35.20 13.51 -25.40
C THR C 430 -34.95 13.22 -26.87
N GLY C 431 -35.91 12.64 -27.58
CA GLY C 431 -35.72 12.24 -28.96
C GLY C 431 -35.61 13.39 -29.95
N CYS C 432 -35.91 13.11 -31.21
CA CYS C 432 -35.75 14.08 -32.29
C CYS C 432 -37.10 14.43 -32.90
N VAL C 433 -37.31 15.72 -33.15
CA VAL C 433 -38.48 16.22 -33.85
C VAL C 433 -38.02 16.76 -35.20
N ILE C 434 -38.55 16.19 -36.28
CA ILE C 434 -38.18 16.56 -37.64
C ILE C 434 -39.42 17.10 -38.33
N ALA C 435 -39.32 18.33 -38.84
CA ALA C 435 -40.44 18.99 -39.50
C ALA C 435 -39.95 19.70 -40.76
N TRP C 436 -40.83 19.78 -41.75
CA TRP C 436 -40.52 20.47 -43.00
C TRP C 436 -41.85 20.85 -43.66
N ASN C 437 -41.78 21.26 -44.92
CA ASN C 437 -42.95 21.68 -45.68
C ASN C 437 -43.29 20.62 -46.72
N SER C 438 -44.55 20.19 -46.73
CA SER C 438 -45.02 19.17 -47.66
C SER C 438 -46.37 19.59 -48.25
N ASN C 439 -46.45 20.85 -48.69
CA ASN C 439 -47.66 21.32 -49.35
C ASN C 439 -47.96 20.51 -50.60
N ASN C 440 -46.93 20.27 -51.41
CA ASN C 440 -47.10 19.46 -52.62
C ASN C 440 -47.50 18.04 -52.28
N LEU C 441 -46.88 17.46 -51.25
CA LEU C 441 -47.13 16.06 -50.91
C LEU C 441 -48.54 15.87 -50.35
N ASP C 442 -49.01 16.79 -49.52
CA ASP C 442 -50.27 16.61 -48.80
C ASP C 442 -51.20 17.80 -48.99
N SER C 443 -51.29 18.31 -50.21
CA SER C 443 -52.26 19.34 -50.56
C SER C 443 -53.18 18.82 -51.66
N LYS C 444 -54.48 19.04 -51.50
CA LYS C 444 -55.49 18.60 -52.45
C LYS C 444 -56.06 19.81 -53.18
N VAL C 445 -56.34 19.62 -54.47
CA VAL C 445 -56.88 20.72 -55.27
C VAL C 445 -58.24 21.15 -54.73
N GLY C 446 -59.04 20.20 -54.26
CA GLY C 446 -60.29 20.53 -53.60
C GLY C 446 -60.18 20.83 -52.13
N GLY C 447 -59.01 20.61 -51.54
CA GLY C 447 -58.81 20.86 -50.13
C GLY C 447 -58.47 19.61 -49.35
N ASN C 448 -57.27 19.55 -48.79
CA ASN C 448 -56.82 18.39 -48.02
C ASN C 448 -57.36 18.51 -46.60
N TYR C 449 -58.64 18.16 -46.46
CA TYR C 449 -59.32 18.21 -45.16
C TYR C 449 -59.26 16.87 -44.43
N ASN C 450 -58.61 15.85 -44.99
CA ASN C 450 -58.48 14.58 -44.29
C ASN C 450 -57.67 14.76 -43.00
N TYR C 451 -56.61 15.55 -43.05
CA TYR C 451 -55.83 15.86 -41.86
C TYR C 451 -56.69 16.67 -40.89
N LEU C 452 -57.09 16.04 -39.79
CA LEU C 452 -58.04 16.61 -38.86
C LEU C 452 -57.37 16.86 -37.51
N TYR C 453 -57.76 17.96 -36.87
CA TYR C 453 -57.30 18.30 -35.53
C TYR C 453 -58.50 18.40 -34.60
N ARG C 454 -58.35 17.85 -33.40
CA ARG C 454 -59.42 17.90 -32.42
C ARG C 454 -59.66 19.32 -31.96
N LEU C 455 -60.93 19.66 -31.73
CA LEU C 455 -61.32 21.03 -31.41
C LEU C 455 -61.96 21.20 -30.04
N PHE C 456 -62.64 20.17 -29.52
CA PHE C 456 -63.31 20.27 -28.22
C PHE C 456 -63.01 19.02 -27.39
N ARG C 457 -62.84 19.24 -26.09
CA ARG C 457 -62.67 18.15 -25.13
C ARG C 457 -63.26 18.56 -23.80
N LYS C 458 -63.54 17.56 -22.96
CA LYS C 458 -63.99 17.82 -21.60
C LYS C 458 -62.88 18.42 -20.75
N SER C 459 -61.65 17.96 -20.96
CA SER C 459 -60.51 18.46 -20.20
C SER C 459 -59.24 18.24 -21.03
N ASN C 460 -58.19 18.97 -20.67
CA ASN C 460 -56.91 18.81 -21.34
C ASN C 460 -56.27 17.49 -20.93
N LEU C 461 -55.70 16.79 -21.91
CA LEU C 461 -55.17 15.46 -21.69
C LEU C 461 -53.70 15.52 -21.27
N LYS C 462 -53.06 14.36 -21.23
CA LYS C 462 -51.68 14.19 -20.81
C LYS C 462 -50.87 13.63 -21.98
N PRO C 463 -49.55 13.83 -21.98
CA PRO C 463 -48.72 13.31 -23.09
C PRO C 463 -48.85 11.80 -23.23
N PHE C 464 -48.85 11.35 -24.49
CA PHE C 464 -48.91 9.93 -24.84
C PHE C 464 -50.21 9.29 -24.33
N GLU C 465 -51.32 9.89 -24.75
CA GLU C 465 -52.66 9.40 -24.42
C GLU C 465 -53.49 9.31 -25.68
N ARG C 466 -54.23 8.21 -25.83
CA ARG C 466 -55.05 7.94 -27.01
C ARG C 466 -56.50 7.80 -26.57
N ASP C 467 -57.24 8.90 -26.66
CA ASP C 467 -58.67 8.94 -26.30
C ASP C 467 -59.48 8.99 -27.60
N ILE C 468 -59.74 7.81 -28.17
CA ILE C 468 -60.59 7.74 -29.35
C ILE C 468 -62.07 7.84 -28.99
N SER C 469 -62.43 7.55 -27.74
CA SER C 469 -63.81 7.69 -27.30
C SER C 469 -64.22 9.16 -27.34
N THR C 470 -65.31 9.46 -28.05
CA THR C 470 -65.77 10.81 -28.31
C THR C 470 -67.27 10.92 -28.06
N GLU C 471 -67.71 10.44 -26.90
CA GLU C 471 -69.12 10.46 -26.54
C GLU C 471 -69.56 11.90 -26.27
N ILE C 472 -70.82 12.07 -25.86
CA ILE C 472 -71.44 13.39 -25.80
C ILE C 472 -70.62 14.33 -24.93
N TYR C 473 -70.30 15.50 -25.49
CA TYR C 473 -69.60 16.57 -24.78
C TYR C 473 -70.47 17.83 -24.81
N GLN C 474 -70.60 18.48 -23.66
CA GLN C 474 -71.41 19.68 -23.52
C GLN C 474 -70.54 20.83 -23.02
N ALA C 475 -70.67 21.99 -23.64
CA ALA C 475 -69.95 23.17 -23.17
C ALA C 475 -70.58 23.73 -21.90
N GLY C 476 -71.91 23.75 -21.82
CA GLY C 476 -72.62 24.23 -20.67
C GLY C 476 -73.27 23.12 -19.87
N SER C 477 -74.05 23.52 -18.87
CA SER C 477 -74.72 22.58 -18.00
C SER C 477 -76.06 22.09 -18.55
N THR C 478 -76.51 22.63 -19.68
CA THR C 478 -77.76 22.20 -20.26
C THR C 478 -77.64 20.76 -20.76
N PRO C 479 -78.69 19.95 -20.62
CA PRO C 479 -78.59 18.55 -21.06
C PRO C 479 -78.40 18.43 -22.57
N CYS C 480 -77.64 17.41 -22.96
CA CYS C 480 -77.37 17.13 -24.37
C CYS C 480 -77.62 15.64 -24.60
N ASN C 481 -78.84 15.30 -25.00
CA ASN C 481 -79.24 13.92 -25.23
C ASN C 481 -79.24 13.61 -26.72
N GLY C 482 -79.36 12.32 -27.04
CA GLY C 482 -79.35 11.91 -28.42
C GLY C 482 -78.00 12.18 -29.06
N VAL C 483 -78.02 12.80 -30.23
CA VAL C 483 -76.80 13.11 -30.96
C VAL C 483 -76.66 14.59 -31.30
N GLU C 484 -77.72 15.38 -31.19
CA GLU C 484 -77.67 16.79 -31.54
C GLU C 484 -78.44 17.60 -30.51
N GLY C 485 -78.09 18.87 -30.40
CA GLY C 485 -78.76 19.77 -29.49
C GLY C 485 -77.93 21.01 -29.26
N PHE C 486 -78.48 21.91 -28.46
CA PHE C 486 -77.79 23.15 -28.12
C PHE C 486 -76.62 22.86 -27.19
N ASN C 487 -75.56 23.65 -27.34
CA ASN C 487 -74.32 23.51 -26.59
C ASN C 487 -73.64 22.15 -26.82
N CYS C 488 -73.96 21.50 -27.94
CA CYS C 488 -73.33 20.24 -28.33
C CYS C 488 -72.52 20.53 -29.59
N TYR C 489 -71.27 20.95 -29.39
CA TYR C 489 -70.41 21.37 -30.49
C TYR C 489 -69.47 20.24 -30.89
N PHE C 490 -69.26 20.10 -32.18
CA PHE C 490 -68.42 19.02 -32.69
C PHE C 490 -66.98 19.22 -32.23
N PRO C 491 -66.30 18.16 -31.79
CA PRO C 491 -64.94 18.28 -31.27
C PRO C 491 -63.85 18.15 -32.32
N LEU C 492 -64.21 18.02 -33.60
CA LEU C 492 -63.25 17.78 -34.66
C LEU C 492 -63.41 18.83 -35.75
N GLN C 493 -62.30 19.41 -36.18
CA GLN C 493 -62.27 20.33 -37.30
C GLN C 493 -61.12 19.96 -38.23
N SER C 494 -61.35 20.13 -39.52
CA SER C 494 -60.36 19.79 -40.54
C SER C 494 -59.35 20.91 -40.71
N TYR C 495 -58.10 20.54 -40.96
CA TYR C 495 -57.06 21.51 -41.26
C TYR C 495 -57.35 22.20 -42.59
N GLY C 496 -57.10 23.49 -42.64
CA GLY C 496 -57.22 24.23 -43.89
C GLY C 496 -56.01 24.02 -44.78
N PHE C 497 -55.86 22.80 -45.29
CA PHE C 497 -54.70 22.43 -46.11
C PHE C 497 -55.08 22.56 -47.58
N GLN C 498 -54.63 23.64 -48.21
CA GLN C 498 -54.87 23.91 -49.62
C GLN C 498 -53.57 24.36 -50.26
N PRO C 499 -53.42 24.19 -51.57
CA PRO C 499 -52.19 24.64 -52.23
C PRO C 499 -51.99 26.15 -52.18
N THR C 500 -53.05 26.92 -51.92
CA THR C 500 -52.97 28.37 -51.85
C THR C 500 -52.68 28.87 -50.44
N ASN C 501 -52.39 27.97 -49.50
CA ASN C 501 -52.09 28.38 -48.13
C ASN C 501 -50.80 29.20 -48.08
N GLY C 502 -50.76 30.15 -47.15
CA GLY C 502 -49.61 31.00 -46.97
C GLY C 502 -48.61 30.41 -45.99
N VAL C 503 -47.66 31.25 -45.58
CA VAL C 503 -46.65 30.83 -44.63
C VAL C 503 -47.29 30.63 -43.26
N GLY C 504 -47.04 29.46 -42.66
CA GLY C 504 -47.67 29.11 -41.41
C GLY C 504 -49.04 28.48 -41.53
N TYR C 505 -49.56 28.35 -42.76
CA TYR C 505 -50.87 27.74 -42.97
C TYR C 505 -50.81 26.53 -43.89
N GLN C 506 -49.68 26.27 -44.55
CA GLN C 506 -49.52 25.10 -45.39
C GLN C 506 -49.34 23.85 -44.53
N PRO C 507 -49.67 22.68 -45.06
CA PRO C 507 -49.44 21.44 -44.31
C PRO C 507 -47.96 21.17 -44.14
N TYR C 508 -47.53 21.03 -42.88
CA TYR C 508 -46.14 20.74 -42.54
C TYR C 508 -46.07 19.37 -41.89
N ARG C 509 -45.29 18.48 -42.47
CA ARG C 509 -45.09 17.15 -41.91
C ARG C 509 -44.12 17.22 -40.73
N VAL C 510 -44.52 16.63 -39.60
CA VAL C 510 -43.70 16.61 -38.39
C VAL C 510 -43.49 15.16 -37.99
N VAL C 511 -42.24 14.79 -37.76
CA VAL C 511 -41.87 13.44 -37.33
C VAL C 511 -41.17 13.54 -35.98
N VAL C 512 -41.62 12.72 -35.03
CA VAL C 512 -41.09 12.71 -33.68
C VAL C 512 -40.53 11.32 -33.39
N LEU C 513 -39.22 11.26 -33.13
CA LEU C 513 -38.57 10.00 -32.78
C LEU C 513 -38.49 9.87 -31.26
N SER C 514 -39.65 9.58 -30.67
CA SER C 514 -39.78 9.47 -29.23
C SER C 514 -39.39 8.07 -28.77
N PHE C 515 -38.45 7.99 -27.83
CA PHE C 515 -37.97 6.71 -27.32
C PHE C 515 -37.66 6.86 -25.83
N GLU C 516 -37.72 5.73 -25.13
CA GLU C 516 -37.45 5.67 -23.70
C GLU C 516 -36.25 4.77 -23.45
N LEU C 517 -35.42 5.16 -22.48
CA LEU C 517 -34.17 4.47 -22.18
C LEU C 517 -34.15 4.00 -20.74
N LEU C 518 -33.09 3.26 -20.41
CA LEU C 518 -32.77 2.87 -19.03
C LEU C 518 -33.85 1.99 -18.41
N HIS C 519 -34.64 1.30 -19.24
CA HIS C 519 -35.60 0.34 -18.73
C HIS C 519 -35.70 -0.93 -19.57
N ALA C 520 -34.90 -1.07 -20.62
CA ALA C 520 -34.94 -2.24 -21.49
C ALA C 520 -33.54 -2.50 -22.01
N PRO C 521 -33.24 -3.74 -22.39
CA PRO C 521 -31.93 -4.01 -23.00
C PRO C 521 -31.73 -3.23 -24.29
N ALA C 522 -30.49 -2.80 -24.51
CA ALA C 522 -30.15 -2.01 -25.69
C ALA C 522 -29.83 -2.93 -26.86
N THR C 523 -30.60 -2.83 -27.93
CA THR C 523 -30.42 -3.65 -29.12
C THR C 523 -30.17 -2.85 -30.39
N VAL C 524 -30.39 -1.54 -30.38
CA VAL C 524 -30.20 -0.70 -31.55
C VAL C 524 -29.06 0.27 -31.26
N CYS C 525 -28.09 0.32 -32.17
CA CYS C 525 -26.93 1.19 -32.06
C CYS C 525 -26.76 1.95 -33.37
N GLY C 526 -25.75 2.81 -33.41
CA GLY C 526 -25.41 3.53 -34.61
C GLY C 526 -24.57 2.68 -35.55
N PRO C 527 -24.33 3.22 -36.74
CA PRO C 527 -23.50 2.50 -37.71
C PRO C 527 -22.10 2.29 -37.17
N LYS C 528 -21.54 1.13 -37.48
CA LYS C 528 -20.22 0.72 -37.00
C LYS C 528 -19.24 0.75 -38.17
N LYS C 529 -18.17 1.53 -38.02
CA LYS C 529 -17.24 1.78 -39.11
C LYS C 529 -16.17 0.69 -39.18
N SER C 530 -15.49 0.65 -40.33
CA SER C 530 -14.38 -0.25 -40.55
C SER C 530 -13.24 0.51 -41.21
N THR C 531 -12.02 0.01 -41.02
CA THR C 531 -10.83 0.64 -41.54
C THR C 531 -9.99 -0.40 -42.28
N ASN C 532 -9.23 0.07 -43.27
CA ASN C 532 -8.37 -0.83 -44.02
C ASN C 532 -7.37 -1.51 -43.09
N LEU C 533 -7.26 -2.83 -43.22
CA LEU C 533 -6.44 -3.62 -42.31
C LEU C 533 -4.97 -3.52 -42.70
N VAL C 534 -4.10 -3.39 -41.69
CA VAL C 534 -2.67 -3.28 -41.88
C VAL C 534 -1.97 -4.24 -40.94
N LYS C 535 -0.94 -4.92 -41.44
CA LYS C 535 -0.20 -5.90 -40.67
C LYS C 535 1.25 -5.45 -40.48
N ASN C 536 1.97 -6.21 -39.66
CA ASN C 536 3.41 -6.06 -39.46
C ASN C 536 3.80 -4.71 -38.87
N LYS C 537 2.81 -3.89 -38.52
CA LYS C 537 3.04 -2.58 -37.93
C LYS C 537 2.43 -2.54 -36.53
N CYS C 538 3.09 -1.80 -35.63
CA CYS C 538 2.55 -1.54 -34.30
C CYS C 538 1.36 -0.59 -34.42
N VAL C 539 0.15 -1.12 -34.28
CA VAL C 539 -1.07 -0.35 -34.47
C VAL C 539 -1.94 -0.46 -33.23
N ASN C 540 -2.86 0.50 -33.09
CA ASN C 540 -3.82 0.52 -31.99
C ASN C 540 -5.08 -0.16 -32.48
N PHE C 541 -5.13 -1.48 -32.34
CA PHE C 541 -6.22 -2.26 -32.90
C PHE C 541 -7.52 -2.03 -32.12
N ASN C 542 -8.64 -2.28 -32.79
CA ASN C 542 -9.95 -2.21 -32.17
C ASN C 542 -10.83 -3.23 -32.88
N PHE C 543 -11.04 -4.38 -32.24
CA PHE C 543 -11.79 -5.49 -32.82
C PHE C 543 -13.05 -5.70 -31.98
N ASN C 544 -14.20 -5.31 -32.53
CA ASN C 544 -15.49 -5.48 -31.87
C ASN C 544 -15.50 -4.86 -30.48
N GLY C 545 -14.88 -3.68 -30.37
CA GLY C 545 -14.82 -2.96 -29.11
C GLY C 545 -13.63 -3.29 -28.24
N LEU C 546 -12.79 -4.24 -28.63
CA LEU C 546 -11.60 -4.58 -27.85
C LEU C 546 -10.54 -3.50 -28.01
N THR C 547 -9.95 -3.10 -26.89
CA THR C 547 -8.88 -2.10 -26.90
C THR C 547 -7.52 -2.78 -26.83
N GLY C 548 -6.47 -1.97 -26.92
CA GLY C 548 -5.11 -2.48 -26.83
C GLY C 548 -4.25 -2.12 -28.00
N THR C 549 -2.93 -2.20 -27.83
CA THR C 549 -1.96 -1.89 -28.87
C THR C 549 -1.10 -3.11 -29.15
N GLY C 550 -0.82 -3.34 -30.43
CA GLY C 550 -0.02 -4.49 -30.81
C GLY C 550 0.22 -4.50 -32.30
N VAL C 551 0.85 -5.57 -32.77
CA VAL C 551 1.16 -5.75 -34.18
C VAL C 551 0.38 -6.94 -34.72
N LEU C 552 -0.37 -6.72 -35.78
CA LEU C 552 -1.14 -7.79 -36.41
C LEU C 552 -0.23 -8.66 -37.26
N THR C 553 -0.47 -9.97 -37.23
CA THR C 553 0.35 -10.91 -37.97
C THR C 553 -0.48 -12.12 -38.35
N GLU C 554 -0.40 -12.53 -39.61
CA GLU C 554 -1.11 -13.72 -40.06
C GLU C 554 -0.65 -14.94 -39.27
N SER C 555 -1.61 -15.75 -38.85
CA SER C 555 -1.38 -16.81 -37.88
C SER C 555 -1.55 -18.19 -38.51
N ASN C 556 -0.96 -19.17 -37.84
CA ASN C 556 -1.16 -20.58 -38.16
C ASN C 556 -2.24 -21.22 -37.30
N LYS C 557 -2.84 -20.47 -36.38
CA LYS C 557 -3.87 -21.01 -35.52
C LYS C 557 -5.18 -21.21 -36.28
N LYS C 558 -5.91 -22.25 -35.91
CA LYS C 558 -7.18 -22.61 -36.54
C LYS C 558 -8.29 -22.41 -35.51
N PHE C 559 -8.91 -21.24 -35.53
CA PHE C 559 -10.05 -20.98 -34.65
C PHE C 559 -11.25 -21.82 -35.06
N LEU C 560 -12.10 -22.11 -34.09
CA LEU C 560 -13.40 -22.68 -34.39
C LEU C 560 -14.33 -21.60 -34.88
N PRO C 561 -15.38 -21.96 -35.64
CA PRO C 561 -16.22 -20.93 -36.28
C PRO C 561 -16.85 -19.95 -35.30
N PHE C 562 -17.18 -20.38 -34.10
CA PHE C 562 -17.84 -19.51 -33.12
C PHE C 562 -16.86 -18.74 -32.24
N GLN C 563 -15.57 -19.03 -32.34
CA GLN C 563 -14.58 -18.40 -31.46
C GLN C 563 -14.00 -17.16 -32.12
N GLN C 564 -14.02 -16.04 -31.37
CA GLN C 564 -13.56 -14.77 -31.89
C GLN C 564 -12.35 -14.21 -31.17
N PHE C 565 -11.82 -14.90 -30.16
CA PHE C 565 -10.70 -14.39 -29.37
C PHE C 565 -9.74 -15.53 -29.06
N GLY C 566 -8.46 -15.18 -28.96
CA GLY C 566 -7.44 -16.14 -28.57
C GLY C 566 -6.70 -15.69 -27.32
N ARG C 567 -6.57 -16.58 -26.34
CA ARG C 567 -5.92 -16.24 -25.09
C ARG C 567 -4.96 -17.34 -24.69
N ASP C 568 -3.86 -16.94 -24.04
CA ASP C 568 -2.83 -17.87 -23.60
C ASP C 568 -3.11 -18.30 -22.15
N ILE C 569 -2.12 -18.93 -21.53
CA ILE C 569 -2.27 -19.37 -20.15
C ILE C 569 -2.47 -18.18 -19.22
N ALA C 570 -1.75 -17.09 -19.48
CA ALA C 570 -1.89 -15.87 -18.69
C ALA C 570 -3.22 -15.16 -18.92
N ASP C 571 -4.08 -15.70 -19.78
CA ASP C 571 -5.41 -15.15 -20.04
C ASP C 571 -5.32 -13.71 -20.54
N THR C 572 -4.38 -13.46 -21.45
CA THR C 572 -4.29 -12.19 -22.16
C THR C 572 -4.42 -12.45 -23.65
N THR C 573 -5.06 -11.52 -24.35
CA THR C 573 -5.37 -11.73 -25.76
C THR C 573 -4.10 -11.72 -26.61
N ASP C 574 -3.98 -12.71 -27.48
CA ASP C 574 -2.87 -12.79 -28.42
C ASP C 574 -3.31 -13.12 -29.85
N ALA C 575 -4.56 -13.50 -30.06
CA ALA C 575 -5.08 -13.76 -31.39
C ALA C 575 -6.49 -13.20 -31.49
N VAL C 576 -6.93 -12.94 -32.72
CA VAL C 576 -8.24 -12.36 -32.94
C VAL C 576 -8.69 -12.74 -34.35
N ARG C 577 -9.97 -13.08 -34.46
CA ARG C 577 -10.57 -13.43 -35.75
C ARG C 577 -11.03 -12.15 -36.45
N ASP C 578 -10.67 -12.01 -37.72
CA ASP C 578 -11.05 -10.83 -38.48
C ASP C 578 -12.56 -10.80 -38.67
N PRO C 579 -13.25 -9.74 -38.27
CA PRO C 579 -14.72 -9.74 -38.30
C PRO C 579 -15.34 -9.52 -39.67
N GLN C 580 -14.57 -9.08 -40.67
CA GLN C 580 -15.11 -8.90 -42.02
C GLN C 580 -14.76 -10.07 -42.93
N THR C 581 -13.47 -10.32 -43.12
CA THR C 581 -12.98 -11.46 -43.90
C THR C 581 -12.38 -12.43 -42.89
N LEU C 582 -13.17 -13.42 -42.49
CA LEU C 582 -12.83 -14.30 -41.39
C LEU C 582 -11.42 -14.86 -41.53
N GLU C 583 -10.56 -14.53 -40.58
CA GLU C 583 -9.16 -14.93 -40.55
C GLU C 583 -8.60 -14.57 -39.19
N ILE C 584 -7.68 -15.40 -38.69
CA ILE C 584 -7.12 -15.27 -37.36
C ILE C 584 -5.81 -14.51 -37.44
N LEU C 585 -5.69 -13.43 -36.69
CA LEU C 585 -4.51 -12.58 -36.69
C LEU C 585 -3.87 -12.61 -35.31
N ASP C 586 -2.59 -12.96 -35.27
CA ASP C 586 -1.85 -12.93 -34.00
C ASP C 586 -1.68 -11.49 -33.53
N ILE C 587 -1.65 -11.33 -32.21
CA ILE C 587 -1.37 -10.06 -31.57
C ILE C 587 -0.09 -10.21 -30.78
N THR C 588 0.91 -9.40 -31.09
CA THR C 588 2.17 -9.38 -30.38
C THR C 588 2.43 -7.99 -29.84
N PRO C 589 2.76 -7.84 -28.56
CA PRO C 589 3.01 -6.50 -28.02
C PRO C 589 4.14 -5.81 -28.77
N CYS C 590 3.98 -4.51 -28.98
CA CYS C 590 5.00 -3.75 -29.67
C CYS C 590 6.33 -3.80 -28.93
N SER C 591 7.41 -3.90 -29.69
CA SER C 591 8.71 -4.17 -29.11
C SER C 591 9.08 -3.13 -28.07
N PHE C 592 9.55 -3.59 -26.91
CA PHE C 592 9.98 -2.73 -25.83
C PHE C 592 11.20 -3.36 -25.17
N GLY C 593 11.66 -2.74 -24.10
CA GLY C 593 12.82 -3.22 -23.36
C GLY C 593 13.61 -2.04 -22.83
N GLY C 594 14.41 -2.31 -21.81
CA GLY C 594 15.23 -1.26 -21.22
C GLY C 594 16.33 -0.81 -22.17
N VAL C 595 16.80 0.41 -21.93
CA VAL C 595 17.89 0.99 -22.69
C VAL C 595 19.06 1.17 -21.74
N SER C 596 20.18 0.53 -22.08
CA SER C 596 21.39 0.58 -21.26
C SER C 596 22.49 1.27 -22.05
N VAL C 597 23.21 2.17 -21.40
CA VAL C 597 24.25 2.97 -22.04
C VAL C 597 25.60 2.47 -21.55
N ILE C 598 26.32 1.76 -22.41
CA ILE C 598 27.66 1.31 -22.08
C ILE C 598 28.61 2.50 -22.17
N THR C 599 29.20 2.88 -21.04
CA THR C 599 30.09 4.01 -21.02
C THR C 599 31.34 3.72 -20.22
N PRO C 600 32.50 4.17 -20.68
CA PRO C 600 33.68 4.23 -19.81
C PRO C 600 33.58 5.47 -18.91
N GLY C 601 34.60 5.66 -18.09
CA GLY C 601 34.61 6.80 -17.21
C GLY C 601 34.58 8.11 -17.98
N THR C 602 33.91 9.10 -17.40
CA THR C 602 33.84 10.41 -18.05
C THR C 602 35.22 11.03 -18.20
N ASN C 603 36.08 10.86 -17.20
CA ASN C 603 37.44 11.37 -17.27
C ASN C 603 38.33 10.53 -18.19
N THR C 604 37.78 9.49 -18.80
CA THR C 604 38.47 8.70 -19.81
C THR C 604 38.01 9.05 -21.21
N SER C 605 36.70 9.02 -21.46
CA SER C 605 36.14 9.42 -22.75
C SER C 605 34.67 9.73 -22.55
N ASN C 606 34.14 10.54 -23.48
CA ASN C 606 32.72 10.87 -23.50
C ASN C 606 31.95 10.07 -24.54
N GLN C 607 32.60 9.11 -25.20
CA GLN C 607 31.91 8.27 -26.17
C GLN C 607 31.20 7.13 -25.47
N VAL C 608 29.96 6.88 -25.87
CA VAL C 608 29.12 5.88 -25.23
C VAL C 608 28.55 4.94 -26.29
N ALA C 609 28.17 3.76 -25.84
CA ALA C 609 27.42 2.80 -26.64
C ALA C 609 26.08 2.55 -25.97
N VAL C 610 25.07 2.22 -26.77
CA VAL C 610 23.70 2.07 -26.29
C VAL C 610 23.23 0.66 -26.60
N LEU C 611 22.69 -0.01 -25.58
CA LEU C 611 22.18 -1.37 -25.70
C LEU C 611 20.66 -1.34 -25.51
N TYR C 612 19.94 -1.71 -26.56
CA TYR C 612 18.48 -1.81 -26.49
C TYR C 612 18.15 -3.24 -26.08
N GLN C 613 17.95 -3.45 -24.79
CA GLN C 613 17.79 -4.80 -24.25
C GLN C 613 16.58 -5.49 -24.85
N GLY C 614 16.80 -6.71 -25.35
CA GLY C 614 15.71 -7.50 -25.89
C GLY C 614 15.00 -6.87 -27.07
N VAL C 615 15.73 -6.14 -27.91
CA VAL C 615 15.13 -5.45 -29.04
C VAL C 615 15.93 -5.80 -30.29
N ASN C 616 15.25 -6.34 -31.30
CA ASN C 616 15.89 -6.57 -32.59
C ASN C 616 16.27 -5.24 -33.21
N CYS C 617 17.38 -5.25 -33.96
CA CYS C 617 17.93 -4.01 -34.50
C CYS C 617 16.99 -3.35 -35.50
N THR C 618 16.02 -4.08 -36.05
CA THR C 618 15.11 -3.50 -37.02
C THR C 618 14.23 -2.42 -36.41
N GLU C 619 13.75 -2.64 -35.18
CA GLU C 619 12.85 -1.70 -34.53
C GLU C 619 13.57 -0.54 -33.84
N VAL C 620 14.90 -0.59 -33.74
CA VAL C 620 15.63 0.51 -33.11
C VAL C 620 15.44 1.83 -33.86
N PRO C 621 15.58 1.89 -35.19
CA PRO C 621 15.40 3.17 -35.89
C PRO C 621 13.96 3.61 -36.07
N VAL C 622 13.00 3.01 -35.35
CA VAL C 622 11.60 3.39 -35.50
C VAL C 622 11.41 4.86 -35.11
N ALA C 623 11.98 5.27 -33.99
CA ALA C 623 11.86 6.66 -33.54
C ALA C 623 13.13 7.44 -33.86
N TYR C 636 19.96 7.88 -31.56
CA TYR C 636 20.94 7.08 -32.29
C TYR C 636 20.26 6.20 -33.32
N SER C 637 19.04 6.58 -33.70
CA SER C 637 18.27 5.81 -34.67
C SER C 637 18.84 5.88 -36.08
N THR C 638 19.78 6.78 -36.35
CA THR C 638 20.40 6.84 -37.66
C THR C 638 21.17 5.56 -37.97
N GLY C 639 21.89 5.03 -36.99
CA GLY C 639 22.66 3.82 -37.18
C GLY C 639 24.15 4.04 -37.21
N SER C 640 24.80 3.58 -38.28
CA SER C 640 26.24 3.74 -38.53
C SER C 640 27.07 2.86 -37.59
N ASN C 641 26.41 2.19 -36.64
CA ASN C 641 27.08 1.24 -35.76
C ASN C 641 26.00 0.28 -35.24
N VAL C 642 25.91 -0.90 -35.85
CA VAL C 642 24.85 -1.85 -35.56
C VAL C 642 25.47 -3.22 -35.34
N PHE C 643 25.09 -3.85 -34.23
CA PHE C 643 25.53 -5.22 -33.92
C PHE C 643 24.45 -5.85 -33.05
N GLN C 644 23.72 -6.81 -33.61
CA GLN C 644 22.58 -7.41 -32.92
C GLN C 644 23.04 -8.65 -32.18
N THR C 645 23.13 -8.55 -30.86
CA THR C 645 23.56 -9.65 -30.00
C THR C 645 22.34 -10.45 -29.53
N ARG C 646 22.58 -11.40 -28.63
CA ARG C 646 21.49 -12.14 -28.02
C ARG C 646 20.82 -11.39 -26.89
N ALA C 647 21.43 -10.31 -26.40
CA ALA C 647 20.87 -9.50 -25.33
C ALA C 647 20.19 -8.24 -25.83
N GLY C 648 20.16 -8.02 -27.14
CA GLY C 648 19.53 -6.86 -27.72
C GLY C 648 20.37 -6.29 -28.84
N CYS C 649 19.97 -5.10 -29.30
CA CYS C 649 20.64 -4.41 -30.39
C CYS C 649 21.65 -3.41 -29.81
N LEU C 650 22.90 -3.53 -30.23
CA LEU C 650 23.98 -2.69 -29.72
C LEU C 650 24.28 -1.60 -30.73
N ILE C 651 24.22 -0.34 -30.28
CA ILE C 651 24.46 0.82 -31.12
C ILE C 651 25.64 1.58 -30.55
N GLY C 652 26.61 1.90 -31.40
CA GLY C 652 27.77 2.66 -30.98
C GLY C 652 28.99 1.86 -30.63
N ALA C 653 28.96 0.54 -30.82
CA ALA C 653 30.09 -0.32 -30.51
C ALA C 653 30.57 -1.04 -31.76
N GLU C 654 31.88 -1.24 -31.84
CA GLU C 654 32.51 -1.85 -33.01
C GLU C 654 32.85 -3.29 -32.69
N HIS C 655 32.13 -4.23 -33.30
CA HIS C 655 32.38 -5.64 -33.06
C HIS C 655 33.75 -6.05 -33.55
N VAL C 656 34.43 -6.88 -32.77
CA VAL C 656 35.76 -7.37 -33.10
C VAL C 656 35.78 -8.88 -32.97
N ASN C 657 36.74 -9.51 -33.64
CA ASN C 657 36.87 -10.96 -33.66
C ASN C 657 37.85 -11.48 -32.60
N ASN C 658 38.41 -10.61 -31.78
CA ASN C 658 39.36 -11.00 -30.75
C ASN C 658 38.64 -11.11 -29.41
N SER C 659 39.10 -12.04 -28.57
CA SER C 659 38.50 -12.28 -27.27
C SER C 659 39.41 -11.77 -26.16
N TYR C 660 38.83 -11.10 -25.18
CA TYR C 660 39.56 -10.52 -24.07
C TYR C 660 38.84 -10.84 -22.77
N GLU C 661 39.59 -10.81 -21.67
CA GLU C 661 38.97 -10.86 -20.36
C GLU C 661 38.15 -9.60 -20.19
N CYS C 662 36.83 -9.72 -20.28
CA CYS C 662 35.99 -8.56 -20.57
C CYS C 662 35.77 -7.71 -19.33
N ASP C 663 35.68 -6.39 -19.54
CA ASP C 663 35.56 -5.41 -18.48
C ASP C 663 34.11 -5.07 -18.18
N ILE C 664 33.38 -4.58 -19.17
CA ILE C 664 31.98 -4.17 -19.03
C ILE C 664 31.11 -5.31 -19.54
N PRO C 665 30.32 -5.97 -18.68
CA PRO C 665 29.51 -7.10 -19.14
C PRO C 665 28.22 -6.64 -19.78
N ILE C 666 28.01 -7.03 -21.03
CA ILE C 666 26.76 -6.72 -21.73
C ILE C 666 25.74 -7.85 -21.56
N GLY C 667 26.18 -9.09 -21.69
CA GLY C 667 25.29 -10.22 -21.52
C GLY C 667 25.39 -11.22 -22.66
N ALA C 668 25.01 -12.47 -22.39
CA ALA C 668 25.06 -13.55 -23.37
C ALA C 668 26.47 -13.73 -23.92
N GLY C 669 27.47 -13.53 -23.06
CA GLY C 669 28.85 -13.71 -23.44
C GLY C 669 29.52 -12.50 -24.06
N ILE C 670 28.74 -11.51 -24.48
CA ILE C 670 29.28 -10.32 -25.13
C ILE C 670 29.64 -9.30 -24.06
N CYS C 671 30.80 -8.66 -24.24
CA CYS C 671 31.24 -7.62 -23.33
C CYS C 671 31.82 -6.47 -24.14
N ALA C 672 31.87 -5.29 -23.52
CA ALA C 672 32.37 -4.08 -24.15
C ALA C 672 33.54 -3.52 -23.37
N SER C 673 34.39 -2.78 -24.06
CA SER C 673 35.55 -2.15 -23.44
C SER C 673 36.00 -0.99 -24.29
N TYR C 674 36.88 -0.17 -23.73
CA TYR C 674 37.48 0.97 -24.42
C TYR C 674 38.90 0.61 -24.81
N GLN C 675 39.19 0.64 -26.10
CA GLN C 675 40.47 0.19 -26.63
C GLN C 675 41.12 1.29 -27.46
N THR C 676 42.39 1.08 -27.77
CA THR C 676 43.14 2.01 -28.60
C THR C 676 43.31 1.46 -30.01
N SER C 689 41.27 7.58 -32.76
CA SER C 689 41.58 6.16 -32.94
C SER C 689 41.09 5.35 -31.75
N GLN C 690 40.05 5.84 -31.09
CA GLN C 690 39.48 5.22 -29.91
C GLN C 690 38.00 4.93 -30.14
N SER C 691 37.55 3.75 -29.74
CA SER C 691 36.14 3.38 -29.92
C SER C 691 35.79 2.30 -28.92
N ILE C 692 34.49 2.09 -28.74
CA ILE C 692 33.96 1.02 -27.90
C ILE C 692 33.85 -0.23 -28.76
N ILE C 693 34.39 -1.34 -28.26
CA ILE C 693 34.41 -2.60 -29.00
C ILE C 693 33.61 -3.63 -28.23
N ALA C 694 32.85 -4.43 -28.98
CA ALA C 694 32.08 -5.55 -28.42
C ALA C 694 32.73 -6.85 -28.86
N TYR C 695 32.91 -7.76 -27.91
CA TYR C 695 33.61 -9.00 -28.19
C TYR C 695 33.06 -10.11 -27.29
N THR C 696 33.26 -11.34 -27.73
CA THR C 696 32.97 -12.50 -26.90
C THR C 696 34.06 -12.64 -25.85
N MET C 697 33.67 -12.62 -24.58
CA MET C 697 34.64 -12.62 -23.50
C MET C 697 35.47 -13.90 -23.51
N SER C 698 36.74 -13.78 -23.14
CA SER C 698 37.66 -14.90 -23.09
C SER C 698 37.77 -15.38 -21.65
N LEU C 699 37.48 -16.66 -21.43
CA LEU C 699 37.48 -17.20 -20.08
C LEU C 699 38.87 -17.25 -19.47
N GLY C 700 39.91 -17.23 -20.28
CA GLY C 700 41.27 -17.22 -19.77
C GLY C 700 42.23 -17.81 -20.78
N ALA C 701 43.50 -17.82 -20.39
CA ALA C 701 44.55 -18.35 -21.27
C ALA C 701 44.47 -19.87 -21.29
N GLU C 702 44.42 -20.43 -22.50
CA GLU C 702 44.42 -21.87 -22.65
C GLU C 702 45.75 -22.45 -22.19
N ASN C 703 45.68 -23.59 -21.50
CA ASN C 703 46.88 -24.17 -20.89
C ASN C 703 46.72 -25.69 -20.91
N SER C 704 47.35 -26.34 -21.88
CA SER C 704 47.36 -27.80 -21.95
C SER C 704 48.50 -28.29 -21.08
N VAL C 705 48.16 -28.84 -19.91
CA VAL C 705 49.17 -29.38 -19.00
C VAL C 705 49.77 -30.64 -19.60
N ALA C 706 51.10 -30.77 -19.49
CA ALA C 706 51.84 -31.86 -20.10
C ALA C 706 51.72 -33.12 -19.25
N TYR C 707 50.53 -33.74 -19.32
CA TYR C 707 50.28 -34.96 -18.58
C TYR C 707 51.03 -36.14 -19.21
N SER C 708 51.49 -37.05 -18.36
CA SER C 708 52.11 -38.28 -18.81
C SER C 708 51.97 -39.31 -17.69
N ASN C 709 52.04 -40.58 -18.05
CA ASN C 709 51.86 -41.65 -17.07
C ASN C 709 53.08 -41.86 -16.19
N ASN C 710 54.21 -41.21 -16.50
CA ASN C 710 55.41 -41.37 -15.68
C ASN C 710 56.14 -40.05 -15.46
N SER C 711 55.46 -38.91 -15.62
CA SER C 711 56.07 -37.60 -15.46
C SER C 711 55.37 -36.84 -14.35
N ILE C 712 56.15 -36.21 -13.47
CA ILE C 712 55.63 -35.44 -12.37
C ILE C 712 56.33 -34.09 -12.34
N ALA C 713 55.64 -33.09 -11.80
CA ALA C 713 56.19 -31.74 -11.64
C ALA C 713 56.24 -31.40 -10.16
N ILE C 714 57.39 -30.93 -9.71
CA ILE C 714 57.59 -30.63 -8.29
C ILE C 714 58.19 -29.24 -8.16
N PRO C 715 57.65 -28.38 -7.29
CA PRO C 715 58.21 -27.04 -7.12
C PRO C 715 59.58 -27.10 -6.46
N THR C 716 60.51 -26.32 -7.02
CA THR C 716 61.85 -26.19 -6.46
C THR C 716 61.99 -24.94 -5.61
N ASN C 717 60.92 -24.19 -5.40
CA ASN C 717 60.96 -22.92 -4.70
C ASN C 717 59.54 -22.62 -4.22
N PHE C 718 59.33 -21.40 -3.71
CA PHE C 718 58.02 -21.00 -3.24
C PHE C 718 57.96 -19.48 -3.16
N THR C 719 56.75 -18.97 -2.98
CA THR C 719 56.53 -17.57 -2.66
C THR C 719 55.55 -17.48 -1.50
N ILE C 720 55.74 -16.46 -0.66
CA ILE C 720 54.83 -16.18 0.44
C ILE C 720 53.94 -15.03 0.00
N SER C 721 52.66 -15.31 -0.19
CA SER C 721 51.70 -14.33 -0.68
C SER C 721 50.69 -14.03 0.41
N VAL C 722 50.50 -12.75 0.70
CA VAL C 722 49.52 -12.31 1.69
C VAL C 722 48.43 -11.57 0.92
N THR C 723 47.20 -12.07 1.03
CA THR C 723 46.06 -11.53 0.29
C THR C 723 45.01 -11.02 1.26
N THR C 724 44.25 -10.03 0.82
CA THR C 724 43.26 -9.35 1.63
C THR C 724 41.87 -9.86 1.31
N GLU C 725 41.04 -10.01 2.35
CA GLU C 725 39.65 -10.39 2.20
C GLU C 725 38.80 -9.51 3.10
N ILE C 726 37.84 -8.80 2.51
CA ILE C 726 37.00 -7.85 3.22
C ILE C 726 35.61 -8.44 3.39
N LEU C 727 35.07 -8.33 4.60
CA LEU C 727 33.76 -8.91 4.90
C LEU C 727 32.92 -7.95 5.74
N PRO C 728 31.75 -7.55 5.26
CA PRO C 728 30.85 -6.74 6.10
C PRO C 728 30.41 -7.53 7.33
N VAL C 729 30.30 -6.84 8.46
CA VAL C 729 29.99 -7.49 9.73
C VAL C 729 28.70 -6.91 10.30
N SER C 730 28.44 -5.64 10.04
CA SER C 730 27.27 -4.99 10.59
C SER C 730 26.92 -3.76 9.76
N MET C 731 25.71 -3.27 9.94
CA MET C 731 25.27 -2.04 9.30
C MET C 731 24.75 -1.10 10.38
N THR C 732 24.43 0.13 9.97
CA THR C 732 24.06 1.17 10.91
C THR C 732 22.74 0.83 11.60
N LYS C 733 22.70 1.06 12.91
CA LYS C 733 21.46 0.93 13.67
C LYS C 733 20.54 2.08 13.34
N THR C 734 19.27 1.78 13.09
CA THR C 734 18.27 2.81 12.86
C THR C 734 17.00 2.46 13.62
N SER C 735 16.33 3.48 14.14
CA SER C 735 15.02 3.35 14.74
C SER C 735 14.18 4.54 14.30
N VAL C 736 12.94 4.27 13.91
CA VAL C 736 12.06 5.29 13.35
C VAL C 736 10.88 5.48 14.28
N ASP C 737 10.66 6.71 14.71
CA ASP C 737 9.43 7.09 15.39
C ASP C 737 8.32 7.07 14.35
N CYS C 738 7.51 6.01 14.34
CA CYS C 738 6.51 5.84 13.30
C CYS C 738 5.48 6.97 13.33
N THR C 739 5.03 7.34 14.53
CA THR C 739 4.04 8.41 14.65
C THR C 739 4.60 9.73 14.14
N MET C 740 5.83 10.06 14.52
CA MET C 740 6.42 11.33 14.08
C MET C 740 6.67 11.33 12.59
N TYR C 741 7.12 10.19 12.03
CA TYR C 741 7.38 10.12 10.60
C TYR C 741 6.11 10.28 9.79
N ILE C 742 5.03 9.62 10.20
CA ILE C 742 3.80 9.66 9.43
C ILE C 742 3.04 10.97 9.68
N CYS C 743 2.65 11.21 10.92
CA CYS C 743 1.89 12.39 11.32
C CYS C 743 2.76 13.17 12.29
N GLY C 744 3.52 14.13 11.78
CA GLY C 744 4.50 14.79 12.62
C GLY C 744 3.92 15.80 13.58
N ASP C 745 3.82 15.40 14.85
CA ASP C 745 3.36 16.27 15.94
C ASP C 745 2.02 16.90 15.60
N SER C 746 1.09 16.10 15.08
CA SER C 746 -0.25 16.54 14.74
C SER C 746 -1.26 15.65 15.46
N THR C 747 -2.11 16.26 16.28
CA THR C 747 -3.00 15.50 17.14
C THR C 747 -4.05 14.74 16.34
N GLU C 748 -4.73 15.42 15.41
CA GLU C 748 -5.76 14.76 14.62
C GLU C 748 -5.18 13.75 13.65
N CYS C 749 -4.01 14.02 13.07
CA CYS C 749 -3.37 13.03 12.22
C CYS C 749 -3.00 11.79 13.02
N SER C 750 -2.48 11.97 14.24
CA SER C 750 -2.20 10.83 15.09
C SER C 750 -3.47 10.08 15.46
N ASN C 751 -4.56 10.82 15.67
CA ASN C 751 -5.84 10.17 15.96
C ASN C 751 -6.29 9.29 14.79
N LEU C 752 -6.17 9.80 13.57
CA LEU C 752 -6.53 8.98 12.42
C LEU C 752 -5.54 7.83 12.23
N LEU C 753 -4.31 7.99 12.68
CA LEU C 753 -3.35 6.89 12.66
C LEU C 753 -3.68 5.83 13.71
N LEU C 754 -4.40 6.20 14.77
CA LEU C 754 -4.76 5.25 15.81
C LEU C 754 -5.62 4.10 15.29
N GLN C 755 -6.36 4.31 14.20
CA GLN C 755 -7.26 3.30 13.69
C GLN C 755 -6.53 2.10 13.08
N TYR C 756 -5.23 2.19 12.84
CA TYR C 756 -4.50 1.16 12.13
C TYR C 756 -3.93 0.07 13.05
N GLY C 757 -4.04 0.23 14.37
CA GLY C 757 -3.57 -0.79 15.27
C GLY C 757 -2.11 -0.65 15.67
N SER C 758 -1.42 -1.78 15.77
CA SER C 758 -0.04 -1.83 16.27
C SER C 758 0.98 -1.92 15.14
N PHE C 759 0.71 -1.26 14.00
CA PHE C 759 1.67 -1.28 12.92
C PHE C 759 2.99 -0.62 13.32
N CYS C 760 2.91 0.54 13.97
CA CYS C 760 4.13 1.22 14.40
C CYS C 760 4.88 0.42 15.45
N THR C 761 4.16 -0.24 16.35
CA THR C 761 4.81 -1.10 17.34
C THR C 761 5.54 -2.26 16.68
N GLN C 762 4.91 -2.89 15.68
CA GLN C 762 5.57 -3.98 14.98
C GLN C 762 6.81 -3.49 14.23
N LEU C 763 6.72 -2.31 13.60
CA LEU C 763 7.88 -1.75 12.92
C LEU C 763 9.02 -1.49 13.90
N ASN C 764 8.70 -0.91 15.05
CA ASN C 764 9.72 -0.65 16.05
C ASN C 764 10.34 -1.95 16.55
N ARG C 765 9.52 -2.99 16.71
CA ARG C 765 10.03 -4.29 17.12
C ARG C 765 11.01 -4.84 16.09
N ALA C 766 10.66 -4.74 14.81
CA ALA C 766 11.53 -5.24 13.75
C ALA C 766 12.86 -4.49 13.73
N LEU C 767 12.80 -3.16 13.83
CA LEU C 767 14.03 -2.37 13.76
C LEU C 767 14.90 -2.59 14.99
N THR C 768 14.27 -2.74 16.16
CA THR C 768 15.03 -3.06 17.37
C THR C 768 15.71 -4.42 17.24
N GLY C 769 15.01 -5.41 16.68
CA GLY C 769 15.65 -6.70 16.43
C GLY C 769 16.83 -6.57 15.49
N ILE C 770 16.69 -5.74 14.45
CA ILE C 770 17.80 -5.52 13.52
C ILE C 770 19.00 -4.94 14.26
N ALA C 771 18.79 -3.91 15.08
CA ALA C 771 19.90 -3.29 15.79
C ALA C 771 20.55 -4.26 16.77
N VAL C 772 19.74 -5.02 17.49
CA VAL C 772 20.28 -5.99 18.45
C VAL C 772 21.12 -7.04 17.72
N GLU C 773 20.65 -7.50 16.57
CA GLU C 773 21.47 -8.49 15.87
C GLU C 773 22.69 -7.87 15.21
N GLN C 774 22.68 -6.56 14.93
CA GLN C 774 23.93 -5.90 14.51
C GLN C 774 24.96 -5.95 15.63
N ASP C 775 24.53 -5.64 16.85
CA ASP C 775 25.43 -5.74 17.99
C ASP C 775 25.90 -7.18 18.17
N LYS C 776 24.99 -8.15 18.03
CA LYS C 776 25.36 -9.55 18.17
C LYS C 776 26.37 -9.96 17.10
N ASN C 777 26.19 -9.47 15.87
CA ASN C 777 27.12 -9.78 14.79
C ASN C 777 28.51 -9.26 15.12
N THR C 778 28.60 -8.01 15.55
CA THR C 778 29.91 -7.44 15.87
C THR C 778 30.57 -8.19 17.01
N GLN C 779 29.81 -8.50 18.06
CA GLN C 779 30.37 -9.24 19.19
C GLN C 779 30.82 -10.64 18.77
N GLU C 780 30.02 -11.32 17.95
CA GLU C 780 30.37 -12.66 17.52
C GLU C 780 31.64 -12.66 16.67
N VAL C 781 31.78 -11.66 15.79
CA VAL C 781 32.96 -11.62 14.94
C VAL C 781 34.21 -11.31 15.75
N PHE C 782 34.16 -10.29 16.61
CA PHE C 782 35.40 -9.79 17.20
C PHE C 782 35.69 -10.32 18.60
N ALA C 783 34.68 -10.45 19.46
CA ALA C 783 34.91 -10.87 20.85
C ALA C 783 35.09 -12.39 20.90
N GLN C 784 36.19 -12.85 20.31
CA GLN C 784 36.54 -14.26 20.32
C GLN C 784 37.68 -14.58 21.27
N VAL C 785 38.26 -13.59 21.93
CA VAL C 785 39.34 -13.78 22.88
C VAL C 785 38.82 -13.43 24.27
N LYS C 786 39.03 -14.34 25.22
CA LYS C 786 38.66 -14.10 26.61
C LYS C 786 39.67 -13.21 27.33
N GLN C 787 40.79 -12.89 26.70
CA GLN C 787 41.86 -12.17 27.37
C GLN C 787 42.55 -11.26 26.36
N ILE C 788 42.83 -10.02 26.77
CA ILE C 788 43.43 -9.03 25.88
C ILE C 788 44.95 -9.20 25.94
N TYR C 789 45.49 -10.03 25.06
CA TYR C 789 46.94 -10.23 25.02
C TYR C 789 47.63 -8.98 24.52
N LYS C 790 48.88 -8.80 24.94
CA LYS C 790 49.67 -7.63 24.62
C LYS C 790 51.01 -8.07 24.03
N THR C 791 51.45 -7.37 23.00
CA THR C 791 52.73 -7.72 22.39
C THR C 791 53.88 -7.23 23.26
N PRO C 792 54.95 -8.02 23.40
CA PRO C 792 56.07 -7.60 24.22
C PRO C 792 56.78 -6.41 23.60
N PRO C 793 57.39 -5.55 24.41
CA PRO C 793 58.08 -4.37 23.84
C PRO C 793 59.22 -4.73 22.91
N ILE C 794 59.94 -5.82 23.18
CA ILE C 794 61.02 -6.29 22.32
C ILE C 794 60.41 -7.20 21.25
N LYS C 795 60.63 -6.83 19.98
CA LYS C 795 60.02 -7.53 18.86
C LYS C 795 61.10 -8.32 18.12
N ASP C 796 61.33 -9.55 18.58
CA ASP C 796 62.27 -10.48 17.94
C ASP C 796 61.43 -11.59 17.32
N PHE C 797 60.97 -11.37 16.09
CA PHE C 797 60.07 -12.28 15.41
C PHE C 797 60.78 -13.07 14.30
N GLY C 798 62.10 -13.22 14.40
CA GLY C 798 62.83 -13.96 13.40
C GLY C 798 62.94 -13.28 12.06
N GLY C 799 62.82 -11.95 12.03
CA GLY C 799 62.86 -11.21 10.80
C GLY C 799 61.51 -10.79 10.25
N PHE C 800 60.43 -11.33 10.80
CA PHE C 800 59.09 -10.94 10.37
C PHE C 800 58.72 -9.60 10.98
N ASN C 801 58.27 -8.68 10.14
CA ASN C 801 57.99 -7.30 10.54
C ASN C 801 56.49 -7.07 10.50
N PHE C 802 55.87 -6.99 11.67
CA PHE C 802 54.43 -6.74 11.79
C PHE C 802 54.14 -5.29 12.15
N SER C 803 55.06 -4.36 11.85
CA SER C 803 54.86 -2.97 12.23
C SER C 803 53.64 -2.37 11.54
N GLN C 804 53.36 -2.79 10.31
CA GLN C 804 52.23 -2.24 9.57
C GLN C 804 50.89 -2.78 10.01
N ILE C 805 50.87 -3.83 10.83
CA ILE C 805 49.61 -4.39 11.35
C ILE C 805 49.50 -4.32 12.86
N LEU C 806 50.59 -4.04 13.56
CA LEU C 806 50.53 -3.83 15.00
C LEU C 806 50.11 -2.40 15.31
N PRO C 807 49.48 -2.16 16.46
CA PRO C 807 48.99 -0.82 16.76
C PRO C 807 50.09 0.21 16.90
N ASP C 808 49.76 1.46 16.56
CA ASP C 808 50.67 2.57 16.71
C ASP C 808 50.30 3.35 17.96
N PRO C 809 51.09 3.30 19.03
CA PRO C 809 50.74 4.07 20.24
C PRO C 809 50.74 5.58 20.03
N SER C 810 51.40 6.08 18.98
CA SER C 810 51.47 7.52 18.77
C SER C 810 50.09 8.12 18.54
N LYS C 811 49.28 7.48 17.70
CA LYS C 811 47.92 7.95 17.48
C LYS C 811 47.09 7.73 18.75
N PRO C 812 46.18 8.66 19.08
CA PRO C 812 45.34 8.45 20.28
C PRO C 812 44.56 7.15 20.25
N SER C 813 44.07 6.73 19.09
CA SER C 813 43.45 5.42 18.94
C SER C 813 44.52 4.39 18.65
N LYS C 814 44.51 3.29 19.41
CA LYS C 814 45.49 2.23 19.21
C LYS C 814 45.15 1.47 17.93
N ARG C 815 45.30 2.13 16.79
CA ARG C 815 44.88 1.61 15.49
C ARG C 815 46.12 1.44 14.62
N SER C 816 46.26 0.26 14.03
CA SER C 816 47.42 -0.02 13.19
C SER C 816 47.41 0.86 11.94
N PHE C 817 48.54 0.85 11.23
CA PHE C 817 48.66 1.68 10.03
C PHE C 817 47.68 1.25 8.95
N ILE C 818 47.56 -0.06 8.74
CA ILE C 818 46.64 -0.57 7.72
C ILE C 818 45.20 -0.31 8.14
N GLU C 819 44.90 -0.45 9.43
CA GLU C 819 43.55 -0.15 9.91
C GLU C 819 43.21 1.33 9.70
N ASP C 820 44.17 2.22 9.96
CA ASP C 820 43.96 3.63 9.68
C ASP C 820 43.71 3.87 8.20
N LEU C 821 44.47 3.19 7.34
CA LEU C 821 44.25 3.30 5.90
C LEU C 821 42.84 2.86 5.53
N LEU C 822 42.38 1.75 6.10
CA LEU C 822 41.03 1.27 5.81
C LEU C 822 39.97 2.27 6.26
N PHE C 823 40.12 2.81 7.48
CA PHE C 823 39.14 3.74 8.00
C PHE C 823 39.11 5.02 7.16
N ASN C 824 40.26 5.46 6.67
CA ASN C 824 40.28 6.62 5.77
C ASN C 824 39.62 6.29 4.44
N LYS C 825 39.87 5.09 3.91
CA LYS C 825 39.30 4.72 2.61
C LYS C 825 37.78 4.65 2.65
N VAL C 826 37.22 4.06 3.71
CA VAL C 826 35.77 3.99 3.83
C VAL C 826 35.22 5.37 4.19
N THR C 827 34.39 5.91 3.32
CA THR C 827 33.79 7.23 3.50
C THR C 827 32.30 7.07 3.80
N LEU C 828 31.79 7.95 4.66
CA LEU C 828 30.40 7.93 5.10
C LEU C 828 29.72 9.24 4.70
N ALA C 829 28.49 9.41 5.16
CA ALA C 829 27.68 10.57 4.83
C ALA C 829 27.54 11.56 5.98
N ASP C 830 27.18 11.09 7.18
CA ASP C 830 26.99 11.97 8.33
C ASP C 830 27.73 11.52 9.57
N ALA C 831 28.31 10.32 9.58
CA ALA C 831 29.20 9.82 10.64
C ALA C 831 28.45 9.50 11.92
N GLY C 832 27.16 9.81 11.98
CA GLY C 832 26.32 9.46 13.12
C GLY C 832 26.87 9.82 14.49
N PHE C 833 27.00 11.10 14.78
CA PHE C 833 27.52 11.58 16.05
C PHE C 833 26.37 12.17 16.87
N ILE C 834 26.73 12.73 18.04
CA ILE C 834 25.72 13.30 18.92
C ILE C 834 25.05 14.50 18.25
N LYS C 835 23.79 14.72 18.60
CA LYS C 835 23.01 15.80 18.00
C LYS C 835 22.27 16.59 19.08
N GLN C 853 19.39 13.37 8.31
CA GLN C 853 18.91 12.01 8.53
C GLN C 853 18.21 11.88 9.88
N LYS C 854 17.82 13.02 10.46
CA LYS C 854 17.21 13.03 11.78
C LYS C 854 16.04 13.99 11.89
N PHE C 855 15.72 14.76 10.84
CA PHE C 855 14.71 15.79 10.95
C PHE C 855 13.29 15.25 11.05
N ASN C 856 13.06 14.01 10.61
CA ASN C 856 11.70 13.50 10.43
C ASN C 856 11.51 12.17 11.14
N GLY C 857 11.91 12.11 12.41
CA GLY C 857 11.68 10.92 13.20
C GLY C 857 12.69 9.81 13.01
N LEU C 858 13.72 10.04 12.20
CA LEU C 858 14.77 9.04 11.98
C LEU C 858 15.87 9.22 13.01
N THR C 859 16.30 8.11 13.61
CA THR C 859 17.39 8.12 14.57
C THR C 859 18.39 7.03 14.21
N VAL C 860 19.66 7.29 14.51
CA VAL C 860 20.73 6.33 14.32
C VAL C 860 21.35 6.05 15.69
N LEU C 861 21.40 4.79 16.05
CA LEU C 861 21.92 4.50 17.38
C LEU C 861 23.41 4.13 17.30
N PRO C 862 24.19 4.52 18.31
CA PRO C 862 25.61 4.19 18.29
C PRO C 862 25.80 2.70 18.52
N PRO C 863 26.83 2.10 17.94
CA PRO C 863 27.13 0.69 18.22
C PRO C 863 27.59 0.51 19.66
N LEU C 864 27.28 -0.67 20.20
CA LEU C 864 27.68 -0.96 21.57
C LEU C 864 29.20 -0.98 21.71
N LEU C 865 29.89 -1.56 20.73
CA LEU C 865 31.34 -1.66 20.73
C LEU C 865 31.91 -0.49 19.93
N THR C 866 32.62 0.41 20.62
CA THR C 866 33.23 1.55 19.94
C THR C 866 34.35 1.08 19.02
N ASP C 867 34.77 1.98 18.13
CA ASP C 867 35.83 1.65 17.20
C ASP C 867 37.14 1.35 17.93
N GLU C 868 37.41 2.05 19.02
CA GLU C 868 38.60 1.74 19.80
C GLU C 868 38.51 0.36 20.44
N MET C 869 37.32 -0.04 20.88
CA MET C 869 37.16 -1.38 21.44
C MET C 869 37.33 -2.44 20.36
N ILE C 870 36.85 -2.17 19.15
CA ILE C 870 37.04 -3.11 18.04
C ILE C 870 38.52 -3.23 17.71
N ALA C 871 39.24 -2.09 17.67
CA ALA C 871 40.66 -2.14 17.43
C ALA C 871 41.40 -2.85 18.55
N GLN C 872 40.89 -2.77 19.78
CA GLN C 872 41.52 -3.48 20.89
C GLN C 872 41.32 -4.98 20.78
N TYR C 873 40.11 -5.43 20.42
CA TYR C 873 39.90 -6.83 20.08
C TYR C 873 40.84 -7.28 18.96
N THR C 874 40.96 -6.48 17.90
CA THR C 874 41.82 -6.85 16.78
C THR C 874 43.27 -6.97 17.22
N SER C 875 43.75 -6.01 18.02
CA SER C 875 45.12 -6.06 18.52
C SER C 875 45.33 -7.27 19.42
N ALA C 876 44.36 -7.58 20.28
CA ALA C 876 44.49 -8.74 21.15
C ALA C 876 44.58 -10.02 20.33
N LEU C 877 43.72 -10.16 19.33
CA LEU C 877 43.75 -11.34 18.48
C LEU C 877 45.08 -11.45 17.75
N LEU C 878 45.57 -10.33 17.20
CA LEU C 878 46.79 -10.36 16.41
C LEU C 878 48.01 -10.65 17.29
N ALA C 879 48.09 -10.02 18.46
CA ALA C 879 49.21 -10.26 19.37
C ALA C 879 49.18 -11.69 19.91
N GLY C 880 48.00 -12.19 20.27
CA GLY C 880 47.91 -13.57 20.69
C GLY C 880 48.33 -14.54 19.61
N THR C 881 47.92 -14.28 18.37
CA THR C 881 48.36 -15.11 17.26
C THR C 881 49.88 -15.09 17.15
N ILE C 882 50.47 -13.91 17.10
CA ILE C 882 51.92 -13.79 16.89
C ILE C 882 52.68 -14.52 18.00
N THR C 883 52.28 -14.31 19.24
CA THR C 883 53.07 -14.83 20.35
C THR C 883 52.69 -16.25 20.78
N SER C 884 51.60 -16.83 20.26
CA SER C 884 51.21 -18.14 20.75
C SER C 884 50.68 -19.11 19.69
N GLY C 885 50.76 -18.77 18.40
CA GLY C 885 50.21 -19.68 17.41
C GLY C 885 48.72 -19.83 17.55
N TRP C 886 48.26 -21.08 17.63
CA TRP C 886 46.86 -21.40 17.81
C TRP C 886 46.53 -21.81 19.24
N THR C 887 47.53 -21.85 20.13
CA THR C 887 47.29 -22.27 21.50
C THR C 887 46.39 -21.30 22.25
N PHE C 888 46.49 -20.00 21.94
CA PHE C 888 45.65 -19.03 22.63
C PHE C 888 44.18 -19.24 22.31
N GLY C 889 43.87 -19.64 21.08
CA GLY C 889 42.49 -19.97 20.75
C GLY C 889 42.07 -21.34 21.22
N ALA C 890 43.02 -22.28 21.31
CA ALA C 890 42.68 -23.61 21.81
C ALA C 890 42.41 -23.61 23.31
N GLY C 891 43.03 -22.69 24.05
CA GLY C 891 42.89 -22.65 25.49
C GLY C 891 43.77 -21.58 26.09
N ALA C 892 44.53 -21.94 27.13
CA ALA C 892 45.50 -21.02 27.69
C ALA C 892 46.60 -20.73 26.67
N ALA C 893 47.00 -19.46 26.59
CA ALA C 893 47.97 -19.05 25.58
C ALA C 893 49.36 -19.54 25.95
N LEU C 894 49.96 -20.32 25.06
CA LEU C 894 51.27 -20.90 25.27
C LEU C 894 52.27 -20.23 24.35
N GLN C 895 53.32 -19.65 24.92
CA GLN C 895 54.30 -18.90 24.15
C GLN C 895 55.12 -19.83 23.26
N ILE C 896 55.61 -19.28 22.15
CA ILE C 896 56.46 -20.02 21.23
C ILE C 896 57.17 -19.03 20.31
N PRO C 897 58.46 -19.22 20.01
CA PRO C 897 59.12 -18.33 19.05
C PRO C 897 58.43 -18.36 17.70
N PHE C 898 58.47 -17.23 17.00
CA PHE C 898 57.75 -17.14 15.75
C PHE C 898 58.34 -18.04 14.68
N ALA C 899 59.67 -18.24 14.69
CA ALA C 899 60.26 -19.18 13.76
C ALA C 899 59.73 -20.59 14.01
N MET C 900 59.65 -20.99 15.28
CA MET C 900 59.10 -22.29 15.61
C MET C 900 57.63 -22.40 15.17
N GLN C 901 56.86 -21.34 15.41
CA GLN C 901 55.45 -21.36 15.01
C GLN C 901 55.31 -21.49 13.50
N MET C 902 56.13 -20.75 12.73
CA MET C 902 56.06 -20.83 11.28
C MET C 902 56.51 -22.19 10.77
N ALA C 903 57.46 -22.82 11.46
CA ALA C 903 57.83 -24.19 11.11
C ALA C 903 56.68 -25.14 11.37
N TYR C 904 55.93 -24.91 12.45
CA TYR C 904 54.74 -25.72 12.71
C TYR C 904 53.72 -25.54 11.58
N ARG C 905 53.52 -24.30 11.12
CA ARG C 905 52.60 -24.07 10.02
C ARG C 905 53.08 -24.76 8.74
N PHE C 906 54.38 -24.72 8.48
CA PHE C 906 54.93 -25.40 7.31
C PHE C 906 54.70 -26.90 7.39
N ASN C 907 54.93 -27.51 8.56
CA ASN C 907 54.59 -28.91 8.72
C ASN C 907 53.10 -29.15 8.50
N GLY C 908 52.27 -28.20 8.92
CA GLY C 908 50.84 -28.34 8.70
C GLY C 908 50.47 -28.38 7.23
N ILE C 909 51.11 -27.52 6.43
CA ILE C 909 50.80 -27.50 4.99
C ILE C 909 51.51 -28.61 4.22
N GLY C 910 52.30 -29.44 4.90
CA GLY C 910 52.93 -30.57 4.25
C GLY C 910 54.38 -30.39 3.85
N VAL C 911 55.01 -29.29 4.24
CA VAL C 911 56.40 -29.02 3.92
C VAL C 911 57.24 -29.16 5.18
N THR C 912 58.39 -29.82 5.05
CA THR C 912 59.23 -30.08 6.20
C THR C 912 59.74 -28.78 6.80
N GLN C 913 59.86 -28.76 8.14
CA GLN C 913 60.27 -27.54 8.83
C GLN C 913 61.70 -27.13 8.51
N ASN C 914 62.55 -28.07 8.08
CA ASN C 914 63.90 -27.70 7.67
C ASN C 914 63.88 -26.70 6.52
N VAL C 915 62.83 -26.74 5.69
CA VAL C 915 62.71 -25.77 4.60
C VAL C 915 62.64 -24.36 5.16
N LEU C 916 61.78 -24.15 6.15
CA LEU C 916 61.74 -22.83 6.80
C LEU C 916 63.05 -22.51 7.50
N TYR C 917 63.61 -23.47 8.23
CA TYR C 917 64.81 -23.16 8.99
C TYR C 917 66.00 -22.84 8.09
N GLU C 918 65.99 -23.30 6.85
CA GLU C 918 67.05 -22.99 5.91
C GLU C 918 66.73 -21.83 4.98
N ASN C 919 65.45 -21.42 4.86
CA ASN C 919 65.08 -20.28 4.04
C ASN C 919 64.37 -19.21 4.86
N GLN C 920 64.70 -19.11 6.15
CA GLN C 920 64.02 -18.16 7.03
C GLN C 920 64.20 -16.73 6.57
N LYS C 921 65.42 -16.34 6.19
CA LYS C 921 65.64 -14.96 5.75
C LYS C 921 64.82 -14.65 4.50
N LEU C 922 64.82 -15.58 3.54
CA LEU C 922 64.04 -15.38 2.32
C LEU C 922 62.55 -15.27 2.63
N ILE C 923 62.05 -16.13 3.51
CA ILE C 923 60.61 -16.14 3.80
C ILE C 923 60.22 -14.88 4.56
N ALA C 924 61.05 -14.45 5.51
CA ALA C 924 60.76 -13.20 6.22
C ALA C 924 60.76 -12.02 5.27
N ASN C 925 61.73 -11.98 4.35
CA ASN C 925 61.77 -10.89 3.37
C ASN C 925 60.54 -10.92 2.48
N GLN C 926 60.12 -12.11 2.04
CA GLN C 926 58.92 -12.22 1.22
C GLN C 926 57.68 -11.75 1.97
N PHE C 927 57.55 -12.12 3.25
CA PHE C 927 56.39 -11.70 4.03
C PHE C 927 56.38 -10.18 4.22
N ASN C 928 57.55 -9.60 4.51
CA ASN C 928 57.61 -8.14 4.66
C ASN C 928 57.26 -7.44 3.36
N SER C 929 57.76 -7.96 2.24
CA SER C 929 57.46 -7.35 0.94
C SER C 929 55.98 -7.47 0.62
N ALA C 930 55.36 -8.60 0.95
CA ALA C 930 53.93 -8.76 0.68
C ALA C 930 53.10 -7.84 1.56
N ILE C 931 53.50 -7.67 2.82
CA ILE C 931 52.79 -6.73 3.70
C ILE C 931 52.91 -5.31 3.15
N GLY C 932 54.11 -4.93 2.70
CA GLY C 932 54.27 -3.63 2.09
C GLY C 932 53.45 -3.47 0.82
N LYS C 933 53.34 -4.54 0.03
CA LYS C 933 52.52 -4.51 -1.18
C LYS C 933 51.06 -4.30 -0.84
N ILE C 934 50.56 -4.97 0.20
CA ILE C 934 49.18 -4.75 0.63
C ILE C 934 48.99 -3.31 1.08
N GLN C 935 49.94 -2.79 1.85
CA GLN C 935 49.83 -1.40 2.30
C GLN C 935 49.77 -0.46 1.12
N ASP C 936 50.65 -0.65 0.13
CA ASP C 936 50.65 0.21 -1.05
C ASP C 936 49.35 0.10 -1.84
N SER C 937 48.84 -1.13 -2.00
CA SER C 937 47.63 -1.33 -2.79
C SER C 937 46.43 -0.66 -2.13
N LEU C 938 46.26 -0.85 -0.82
CA LEU C 938 45.13 -0.24 -0.14
C LEU C 938 45.32 1.26 0.06
N SER C 939 46.55 1.76 0.05
CA SER C 939 46.75 3.20 0.08
C SER C 939 46.44 3.83 -1.28
N SER C 940 46.73 3.13 -2.37
CA SER C 940 46.54 3.70 -3.70
C SER C 940 45.09 3.54 -4.17
N THR C 941 44.63 2.31 -4.33
CA THR C 941 43.30 2.09 -4.89
C THR C 941 42.22 2.34 -3.85
N ALA C 942 41.04 2.71 -4.33
CA ALA C 942 39.90 2.99 -3.47
C ALA C 942 38.74 2.02 -3.66
N SER C 943 38.78 1.18 -4.70
CA SER C 943 37.71 0.22 -4.96
C SER C 943 37.91 -1.09 -4.22
N ALA C 944 38.99 -1.23 -3.46
CA ALA C 944 39.23 -2.46 -2.71
C ALA C 944 38.15 -2.68 -1.65
N LEU C 945 37.74 -1.61 -0.96
CA LEU C 945 36.76 -1.69 0.12
C LEU C 945 35.35 -1.45 -0.38
N GLY C 946 35.08 -1.80 -1.64
CA GLY C 946 33.74 -1.64 -2.18
C GLY C 946 32.69 -2.46 -1.46
N LYS C 947 33.09 -3.59 -0.88
CA LYS C 947 32.13 -4.43 -0.19
C LYS C 947 31.51 -3.73 1.02
N LEU C 948 32.27 -2.84 1.66
CA LEU C 948 31.75 -2.06 2.78
C LEU C 948 31.17 -0.73 2.33
N GLN C 949 31.77 -0.11 1.33
CA GLN C 949 31.20 1.12 0.79
C GLN C 949 29.81 0.87 0.22
N ASP C 950 29.58 -0.31 -0.37
CA ASP C 950 28.26 -0.65 -0.87
C ASP C 950 27.25 -0.72 0.27
N VAL C 951 27.62 -1.32 1.40
CA VAL C 951 26.70 -1.42 2.53
C VAL C 951 26.36 -0.03 3.07
N VAL C 952 27.39 0.81 3.22
CA VAL C 952 27.16 2.15 3.73
C VAL C 952 26.26 2.94 2.78
N ASN C 953 26.53 2.85 1.47
CA ASN C 953 25.73 3.57 0.50
C ASN C 953 24.31 3.02 0.44
N GLN C 954 24.14 1.72 0.59
CA GLN C 954 22.80 1.13 0.60
C GLN C 954 21.98 1.65 1.76
N ASN C 955 22.57 1.68 2.96
CA ASN C 955 21.85 2.21 4.10
C ASN C 955 21.53 3.70 3.93
N ALA C 956 22.51 4.48 3.46
CA ALA C 956 22.28 5.90 3.25
C ALA C 956 21.18 6.14 2.22
N GLN C 957 21.20 5.38 1.14
CA GLN C 957 20.18 5.53 0.10
C GLN C 957 18.81 5.09 0.60
N ALA C 958 18.75 4.06 1.44
CA ALA C 958 17.48 3.62 2.00
C ALA C 958 16.86 4.71 2.87
N LEU C 959 17.65 5.27 3.79
CA LEU C 959 17.10 6.36 4.61
C LEU C 959 16.81 7.60 3.77
N ASN C 960 17.61 7.89 2.74
CA ASN C 960 17.33 9.04 1.88
C ASN C 960 16.00 8.86 1.14
N THR C 961 15.75 7.67 0.62
CA THR C 961 14.47 7.40 -0.03
C THR C 961 13.32 7.50 0.97
N LEU C 962 13.52 6.99 2.19
CA LEU C 962 12.47 7.08 3.20
C LEU C 962 12.12 8.53 3.52
N VAL C 963 13.13 9.39 3.67
CA VAL C 963 12.85 10.79 3.94
C VAL C 963 12.23 11.48 2.72
N LYS C 964 12.71 11.15 1.53
CA LYS C 964 12.19 11.78 0.32
C LYS C 964 10.77 11.36 0.01
N GLN C 965 10.31 10.24 0.57
CA GLN C 965 8.92 9.83 0.38
C GLN C 965 7.94 10.75 1.09
N LEU C 966 8.41 11.65 1.95
CA LEU C 966 7.54 12.59 2.64
C LEU C 966 7.11 13.76 1.76
N SER C 967 7.66 13.89 0.56
CA SER C 967 7.31 14.95 -0.36
C SER C 967 6.29 14.51 -1.41
N SER C 968 5.71 13.32 -1.24
CA SER C 968 4.78 12.77 -2.21
C SER C 968 3.34 13.05 -1.79
N ASN C 969 2.49 13.30 -2.78
CA ASN C 969 1.08 13.56 -2.50
C ASN C 969 0.32 12.29 -2.15
N PHE C 970 0.69 11.16 -2.75
CA PHE C 970 0.00 9.89 -2.55
C PHE C 970 -1.49 9.98 -2.90
N GLY C 971 -1.81 10.79 -3.90
CA GLY C 971 -3.19 10.99 -4.29
C GLY C 971 -3.92 12.09 -3.55
N ALA C 972 -3.33 12.64 -2.50
CA ALA C 972 -3.92 13.75 -1.78
C ALA C 972 -3.67 15.06 -2.53
N ILE C 973 -4.41 16.10 -2.14
CA ILE C 973 -4.26 17.40 -2.79
C ILE C 973 -2.89 17.99 -2.51
N SER C 974 -2.34 17.74 -1.32
CA SER C 974 -1.05 18.29 -0.93
C SER C 974 -0.25 17.23 -0.20
N SER C 975 1.07 17.38 -0.25
CA SER C 975 1.97 16.54 0.52
C SER C 975 2.28 17.12 1.89
N VAL C 976 1.81 18.33 2.18
CA VAL C 976 2.06 18.99 3.46
C VAL C 976 0.84 18.82 4.35
N LEU C 977 1.07 18.28 5.54
CA LEU C 977 -0.03 18.00 6.46
C LEU C 977 -0.74 19.28 6.88
N ASN C 978 0.03 20.32 7.21
CA ASN C 978 -0.57 21.60 7.61
C ASN C 978 -1.33 22.24 6.47
N ASP C 979 -0.79 22.16 5.24
CA ASP C 979 -1.50 22.73 4.10
C ASP C 979 -2.79 21.97 3.82
N ILE C 980 -2.79 20.66 4.02
CA ILE C 980 -4.03 19.90 3.87
C ILE C 980 -5.04 20.32 4.92
N LEU C 981 -4.61 20.45 6.17
CA LEU C 981 -5.54 20.73 7.26
C LEU C 981 -6.07 22.15 7.22
N SER C 982 -5.26 23.11 6.76
CA SER C 982 -5.62 24.52 6.81
C SER C 982 -6.39 24.99 5.57
N ARG C 983 -6.52 24.15 4.54
CA ARG C 983 -7.25 24.52 3.36
C ARG C 983 -8.59 23.79 3.22
N LEU C 984 -8.84 22.76 4.02
CA LEU C 984 -10.08 22.02 4.00
C LEU C 984 -10.64 21.92 5.41
N ASP C 985 -11.96 21.81 5.49
CA ASP C 985 -12.59 21.63 6.78
C ASP C 985 -12.31 20.23 7.33
N PRO C 986 -12.31 20.08 8.65
CA PRO C 986 -11.95 18.79 9.28
C PRO C 986 -12.80 17.62 8.82
N PRO C 987 -14.12 17.76 8.61
CA PRO C 987 -14.91 16.57 8.27
C PRO C 987 -14.45 15.83 7.02
N GLU C 988 -14.04 16.53 5.97
CA GLU C 988 -13.59 15.87 4.75
C GLU C 988 -12.11 16.09 4.46
N ALA C 989 -11.37 16.74 5.37
CA ALA C 989 -9.91 16.68 5.29
C ALA C 989 -9.39 15.31 5.70
N GLU C 990 -10.21 14.51 6.38
CA GLU C 990 -9.79 13.20 6.84
C GLU C 990 -9.45 12.28 5.68
N VAL C 991 -10.07 12.48 4.52
CA VAL C 991 -9.76 11.65 3.36
C VAL C 991 -8.31 11.89 2.92
N GLN C 992 -7.91 13.15 2.82
CA GLN C 992 -6.53 13.47 2.46
C GLN C 992 -5.57 13.01 3.54
N ILE C 993 -5.94 13.19 4.81
CA ILE C 993 -5.10 12.73 5.90
C ILE C 993 -4.88 11.23 5.80
N ASP C 994 -5.93 10.47 5.50
CA ASP C 994 -5.82 9.03 5.39
C ASP C 994 -5.00 8.63 4.17
N ARG C 995 -5.11 9.39 3.07
CA ARG C 995 -4.28 9.10 1.90
C ARG C 995 -2.79 9.25 2.25
N LEU C 996 -2.44 10.35 2.92
CA LEU C 996 -1.06 10.53 3.34
C LEU C 996 -0.62 9.45 4.31
N ILE C 997 -1.51 9.08 5.24
CA ILE C 997 -1.18 8.06 6.23
C ILE C 997 -0.91 6.71 5.57
N THR C 998 -1.76 6.34 4.60
CA THR C 998 -1.54 5.08 3.88
C THR C 998 -0.23 5.12 3.11
N GLY C 999 0.05 6.23 2.43
CA GLY C 999 1.29 6.32 1.69
C GLY C 999 2.51 6.19 2.59
N ARG C 1000 2.49 6.87 3.73
CA ARG C 1000 3.66 6.85 4.62
C ARG C 1000 3.78 5.51 5.34
N LEU C 1001 2.66 4.86 5.67
CA LEU C 1001 2.71 3.50 6.18
C LEU C 1001 3.32 2.54 5.18
N GLN C 1002 2.95 2.68 3.90
CA GLN C 1002 3.52 1.81 2.88
C GLN C 1002 5.01 2.07 2.71
N SER C 1003 5.43 3.33 2.78
CA SER C 1003 6.86 3.65 2.70
C SER C 1003 7.62 3.04 3.87
N LEU C 1004 7.07 3.15 5.07
CA LEU C 1004 7.72 2.54 6.24
C LEU C 1004 7.77 1.03 6.12
N GLN C 1005 6.69 0.41 5.61
CA GLN C 1005 6.68 -1.03 5.45
C GLN C 1005 7.75 -1.48 4.47
N THR C 1006 7.86 -0.77 3.34
CA THR C 1006 8.90 -1.11 2.37
C THR C 1006 10.28 -0.95 2.97
N TYR C 1007 10.52 0.15 3.68
CA TYR C 1007 11.83 0.38 4.29
C TYR C 1007 12.18 -0.71 5.29
N VAL C 1008 11.22 -1.07 6.15
CA VAL C 1008 11.49 -2.08 7.17
C VAL C 1008 11.72 -3.44 6.55
N THR C 1009 10.94 -3.79 5.51
CA THR C 1009 11.12 -5.09 4.88
C THR C 1009 12.48 -5.19 4.19
N GLN C 1010 12.86 -4.15 3.45
CA GLN C 1010 14.16 -4.19 2.79
C GLN C 1010 15.30 -4.15 3.80
N GLN C 1011 15.11 -3.45 4.93
CA GLN C 1011 16.12 -3.47 5.99
C GLN C 1011 16.23 -4.86 6.60
N LEU C 1012 15.11 -5.57 6.75
CA LEU C 1012 15.15 -6.93 7.27
C LEU C 1012 15.91 -7.85 6.32
N ILE C 1013 15.66 -7.73 5.02
CA ILE C 1013 16.36 -8.57 4.04
C ILE C 1013 17.85 -8.26 4.04
N ARG C 1014 18.20 -6.97 4.03
CA ARG C 1014 19.61 -6.58 4.07
C ARG C 1014 20.26 -7.01 5.38
N ALA C 1015 19.53 -6.99 6.48
CA ALA C 1015 20.07 -7.46 7.76
C ALA C 1015 20.31 -8.96 7.72
N ALA C 1016 19.44 -9.71 7.07
CA ALA C 1016 19.69 -11.14 6.90
C ALA C 1016 20.97 -11.38 6.10
N GLU C 1017 21.16 -10.61 5.02
CA GLU C 1017 22.39 -10.73 4.24
C GLU C 1017 23.62 -10.37 5.07
N ILE C 1018 23.54 -9.27 5.83
CA ILE C 1018 24.65 -8.82 6.65
C ILE C 1018 24.96 -9.84 7.74
N ARG C 1019 23.93 -10.47 8.30
CA ARG C 1019 24.14 -11.47 9.34
C ARG C 1019 24.78 -12.74 8.77
N ALA C 1020 24.41 -13.12 7.55
CA ALA C 1020 25.09 -14.23 6.90
C ALA C 1020 26.57 -13.90 6.67
N SER C 1021 26.85 -12.69 6.19
CA SER C 1021 28.24 -12.29 6.00
C SER C 1021 29.01 -12.22 7.32
N ALA C 1022 28.35 -11.79 8.40
CA ALA C 1022 29.00 -11.73 9.69
C ALA C 1022 29.26 -13.11 10.27
N ASN C 1023 28.35 -14.06 10.04
CA ASN C 1023 28.62 -15.44 10.42
C ASN C 1023 29.81 -15.99 9.66
N LEU C 1024 29.90 -15.69 8.36
CA LEU C 1024 31.07 -16.08 7.58
C LEU C 1024 32.34 -15.46 8.14
N ALA C 1025 32.28 -14.18 8.50
CA ALA C 1025 33.47 -13.51 9.05
C ALA C 1025 33.88 -14.10 10.38
N ALA C 1026 32.91 -14.44 11.24
CA ALA C 1026 33.23 -15.05 12.52
C ALA C 1026 33.86 -16.43 12.33
N THR C 1027 33.32 -17.22 11.41
CA THR C 1027 33.92 -18.52 11.11
C THR C 1027 35.32 -18.37 10.56
N LYS C 1028 35.52 -17.40 9.67
CA LYS C 1028 36.86 -17.15 9.12
C LYS C 1028 37.82 -16.74 10.21
N MET C 1029 37.39 -15.87 11.14
CA MET C 1029 38.25 -15.52 12.26
C MET C 1029 38.64 -16.76 13.05
N SER C 1030 37.64 -17.55 13.47
CA SER C 1030 37.91 -18.70 14.32
C SER C 1030 38.82 -19.72 13.65
N GLU C 1031 38.71 -19.89 12.33
CA GLU C 1031 39.44 -20.95 11.65
C GLU C 1031 40.76 -20.48 11.04
N CYS C 1032 40.75 -19.38 10.29
CA CYS C 1032 41.99 -18.88 9.69
C CYS C 1032 42.87 -18.21 10.73
N VAL C 1033 42.30 -17.43 11.64
CA VAL C 1033 43.09 -16.62 12.57
C VAL C 1033 43.49 -17.41 13.80
N LEU C 1034 42.51 -18.02 14.48
CA LEU C 1034 42.79 -18.77 15.70
C LEU C 1034 43.44 -20.12 15.43
N GLY C 1035 43.53 -20.53 14.17
CA GLY C 1035 44.15 -21.80 13.84
C GLY C 1035 44.67 -21.83 12.41
N GLN C 1036 44.99 -23.02 11.91
CA GLN C 1036 45.42 -23.21 10.53
C GLN C 1036 44.39 -24.09 9.84
N SER C 1037 43.92 -23.63 8.67
CA SER C 1037 42.78 -24.24 8.01
C SER C 1037 43.25 -25.08 6.83
N LYS C 1038 42.88 -26.36 6.82
CA LYS C 1038 43.14 -27.23 5.68
C LYS C 1038 42.12 -27.05 4.56
N ARG C 1039 41.01 -26.37 4.83
CA ARG C 1039 39.99 -26.14 3.81
C ARG C 1039 40.57 -25.33 2.65
N VAL C 1040 40.31 -25.78 1.44
CA VAL C 1040 40.92 -25.19 0.25
C VAL C 1040 40.25 -23.86 -0.06
N ASP C 1041 41.06 -22.83 -0.27
CA ASP C 1041 40.62 -21.52 -0.73
C ASP C 1041 39.72 -20.81 0.27
N PHE C 1042 39.51 -21.42 1.45
CA PHE C 1042 38.75 -20.74 2.50
C PHE C 1042 39.50 -19.51 3.00
N CYS C 1043 40.77 -19.69 3.38
CA CYS C 1043 41.61 -18.59 3.81
C CYS C 1043 42.56 -18.16 2.67
N GLY C 1044 41.97 -17.66 1.60
CA GLY C 1044 42.73 -17.17 0.47
C GLY C 1044 43.27 -18.28 -0.41
N LYS C 1045 43.81 -17.88 -1.56
CA LYS C 1045 44.35 -18.83 -2.53
C LYS C 1045 45.72 -19.31 -2.09
N GLY C 1046 45.98 -20.59 -2.26
CA GLY C 1046 47.23 -21.19 -1.83
C GLY C 1046 47.06 -22.01 -0.56
N TYR C 1047 48.19 -22.49 -0.07
CA TYR C 1047 48.21 -23.25 1.17
C TYR C 1047 48.24 -22.29 2.35
N HIS C 1048 47.23 -22.35 3.20
CA HIS C 1048 47.08 -21.38 4.28
C HIS C 1048 48.17 -21.57 5.32
N LEU C 1049 48.82 -20.48 5.70
CA LEU C 1049 49.76 -20.47 6.82
C LEU C 1049 49.18 -19.78 8.04
N MET C 1050 48.74 -18.53 7.91
CA MET C 1050 48.16 -17.79 9.03
C MET C 1050 47.40 -16.60 8.49
N SER C 1051 46.52 -16.06 9.33
CA SER C 1051 45.73 -14.89 8.97
C SER C 1051 45.84 -13.84 10.06
N PHE C 1052 45.73 -12.58 9.66
CA PHE C 1052 45.86 -11.45 10.57
C PHE C 1052 44.64 -10.55 10.44
N PRO C 1053 43.81 -10.42 11.47
CA PRO C 1053 42.62 -9.58 11.36
C PRO C 1053 42.98 -8.10 11.42
N GLN C 1054 42.21 -7.30 10.68
CA GLN C 1054 42.30 -5.85 10.73
C GLN C 1054 40.90 -5.28 10.71
N SER C 1055 40.61 -4.37 11.63
CA SER C 1055 39.26 -3.82 11.72
C SER C 1055 39.02 -2.81 10.59
N ALA C 1056 37.77 -2.75 10.16
CA ALA C 1056 37.32 -1.84 9.12
C ALA C 1056 35.98 -1.29 9.53
N PRO C 1057 35.57 -0.13 9.00
CA PRO C 1057 34.26 0.42 9.33
C PRO C 1057 33.14 -0.51 8.88
N HIS C 1058 32.37 -1.00 9.85
CA HIS C 1058 31.25 -1.90 9.59
C HIS C 1058 31.70 -3.18 8.90
N GLY C 1059 32.88 -3.68 9.28
CA GLY C 1059 33.37 -4.90 8.68
C GLY C 1059 34.70 -5.30 9.28
N VAL C 1060 35.30 -6.32 8.67
CA VAL C 1060 36.60 -6.85 9.09
C VAL C 1060 37.42 -7.12 7.83
N VAL C 1061 38.74 -7.11 8.00
CA VAL C 1061 39.67 -7.36 6.91
C VAL C 1061 40.66 -8.42 7.35
N PHE C 1062 40.81 -9.47 6.55
CA PHE C 1062 41.72 -10.57 6.84
C PHE C 1062 42.92 -10.50 5.90
N LEU C 1063 44.11 -10.59 6.46
CA LEU C 1063 45.34 -10.69 5.69
C LEU C 1063 45.77 -12.15 5.70
N HIS C 1064 45.48 -12.86 4.61
CA HIS C 1064 45.70 -14.30 4.53
C HIS C 1064 47.11 -14.56 4.02
N VAL C 1065 48.00 -15.00 4.91
CA VAL C 1065 49.35 -15.40 4.53
C VAL C 1065 49.30 -16.84 4.05
N THR C 1066 49.64 -17.05 2.78
CA THR C 1066 49.52 -18.37 2.17
C THR C 1066 50.83 -18.74 1.48
N TYR C 1067 51.01 -20.05 1.30
CA TYR C 1067 52.21 -20.61 0.70
C TYR C 1067 51.90 -21.00 -0.74
N VAL C 1068 52.66 -20.44 -1.68
CA VAL C 1068 52.44 -20.70 -3.09
C VAL C 1068 53.69 -21.29 -3.72
N PRO C 1069 53.65 -22.54 -4.18
CA PRO C 1069 54.79 -23.08 -4.93
C PRO C 1069 55.05 -22.27 -6.20
N ALA C 1070 56.33 -22.04 -6.50
CA ALA C 1070 56.70 -21.07 -7.52
C ALA C 1070 57.35 -21.68 -8.74
N GLN C 1071 58.45 -22.42 -8.58
CA GLN C 1071 59.27 -22.86 -9.71
C GLN C 1071 59.25 -24.39 -9.76
N GLU C 1072 58.37 -24.94 -10.59
CA GLU C 1072 58.27 -26.38 -10.76
C GLU C 1072 59.26 -26.86 -11.81
N LYS C 1073 59.66 -28.13 -11.67
CA LYS C 1073 60.59 -28.76 -12.59
C LYS C 1073 60.09 -30.17 -12.91
N ASN C 1074 60.19 -30.55 -14.18
CA ASN C 1074 59.76 -31.87 -14.60
C ASN C 1074 60.65 -32.96 -14.00
N PHE C 1075 60.05 -34.13 -13.76
CA PHE C 1075 60.79 -35.28 -13.28
C PHE C 1075 60.11 -36.55 -13.79
N THR C 1076 60.87 -37.64 -13.79
CA THR C 1076 60.34 -38.96 -14.09
C THR C 1076 60.04 -39.66 -12.77
N THR C 1077 58.83 -40.17 -12.62
CA THR C 1077 58.37 -40.71 -11.36
C THR C 1077 57.90 -42.15 -11.54
N ALA C 1078 57.93 -42.91 -10.46
CA ALA C 1078 57.50 -44.29 -10.45
C ALA C 1078 56.63 -44.55 -9.23
N PRO C 1079 55.57 -45.35 -9.37
CA PRO C 1079 54.73 -45.66 -8.21
C PRO C 1079 55.46 -46.39 -7.10
N ALA C 1080 56.41 -47.25 -7.43
CA ALA C 1080 57.15 -48.01 -6.43
C ALA C 1080 58.52 -48.38 -7.01
N ILE C 1081 59.32 -49.06 -6.20
CA ILE C 1081 60.69 -49.40 -6.55
C ILE C 1081 60.91 -50.87 -6.27
N CYS C 1082 61.47 -51.59 -7.24
CA CYS C 1082 61.87 -52.98 -7.09
C CYS C 1082 63.34 -53.04 -6.69
N HIS C 1083 63.64 -53.67 -5.56
CA HIS C 1083 65.00 -53.75 -5.06
C HIS C 1083 65.53 -55.19 -5.07
N ASP C 1084 64.85 -56.10 -4.38
CA ASP C 1084 65.26 -57.50 -4.30
C ASP C 1084 64.04 -58.40 -4.49
N GLY C 1085 63.23 -58.09 -5.50
CA GLY C 1085 61.95 -58.75 -5.64
C GLY C 1085 60.90 -58.26 -4.68
N LYS C 1086 61.07 -57.05 -4.13
CA LYS C 1086 60.12 -56.47 -3.20
C LYS C 1086 59.73 -55.09 -3.70
N ALA C 1087 58.51 -54.68 -3.36
CA ALA C 1087 57.98 -53.40 -3.78
C ALA C 1087 58.15 -52.38 -2.65
N HIS C 1088 58.87 -51.30 -2.93
CA HIS C 1088 59.15 -50.26 -1.96
C HIS C 1088 58.30 -49.03 -2.28
N PHE C 1089 57.41 -48.68 -1.36
CA PHE C 1089 56.62 -47.47 -1.49
C PHE C 1089 57.12 -46.41 -0.51
N PRO C 1090 57.11 -45.13 -0.89
CA PRO C 1090 57.62 -44.11 0.02
C PRO C 1090 56.77 -43.97 1.26
N ARG C 1091 57.43 -43.86 2.42
CA ARG C 1091 56.71 -43.60 3.65
C ARG C 1091 55.97 -42.28 3.58
N GLU C 1092 56.64 -41.25 3.09
CA GLU C 1092 56.03 -39.95 2.83
C GLU C 1092 56.84 -39.27 1.74
N GLY C 1093 56.17 -38.71 0.75
CA GLY C 1093 56.83 -38.12 -0.38
C GLY C 1093 56.62 -38.91 -1.66
N VAL C 1094 57.47 -38.63 -2.63
CA VAL C 1094 57.33 -39.18 -3.98
C VAL C 1094 58.70 -39.60 -4.50
N PHE C 1095 58.71 -40.63 -5.35
CA PHE C 1095 59.92 -41.01 -6.05
C PHE C 1095 60.13 -40.11 -7.26
N VAL C 1096 61.37 -39.70 -7.50
CA VAL C 1096 61.72 -38.87 -8.64
C VAL C 1096 63.02 -39.39 -9.25
N SER C 1097 63.25 -38.99 -10.50
CA SER C 1097 64.44 -39.41 -11.23
C SER C 1097 64.97 -38.21 -12.01
N ASN C 1098 66.19 -37.81 -11.70
CA ASN C 1098 66.80 -36.69 -12.43
C ASN C 1098 67.28 -37.07 -13.82
N GLY C 1099 66.97 -38.28 -14.28
CA GLY C 1099 67.38 -38.73 -15.59
C GLY C 1099 68.15 -40.04 -15.54
N THR C 1100 68.99 -40.21 -14.53
CA THR C 1100 69.80 -41.43 -14.42
C THR C 1100 69.73 -42.03 -13.01
N HIS C 1101 69.44 -41.20 -12.01
CA HIS C 1101 69.39 -41.64 -10.62
C HIS C 1101 68.00 -41.39 -10.05
N TRP C 1102 67.56 -42.28 -9.17
CA TRP C 1102 66.25 -42.19 -8.53
C TRP C 1102 66.40 -41.69 -7.10
N PHE C 1103 65.57 -40.73 -6.74
CA PHE C 1103 65.56 -40.16 -5.39
C PHE C 1103 64.14 -40.13 -4.86
N VAL C 1104 64.03 -39.95 -3.55
CA VAL C 1104 62.75 -39.76 -2.89
C VAL C 1104 62.71 -38.36 -2.30
N THR C 1105 61.62 -37.64 -2.56
CA THR C 1105 61.49 -36.27 -2.12
C THR C 1105 60.05 -36.00 -1.71
N GLN C 1106 59.88 -34.97 -0.88
CA GLN C 1106 58.54 -34.55 -0.49
C GLN C 1106 57.81 -33.93 -1.69
N ARG C 1107 56.48 -33.99 -1.63
CA ARG C 1107 55.67 -33.62 -2.79
C ARG C 1107 55.74 -32.11 -3.07
N ASN C 1108 55.77 -31.29 -2.03
CA ASN C 1108 55.59 -29.85 -2.17
C ASN C 1108 56.90 -29.08 -2.27
N PHE C 1109 58.04 -29.76 -2.30
CA PHE C 1109 59.33 -29.08 -2.38
C PHE C 1109 60.38 -30.08 -2.83
N TYR C 1110 61.18 -29.71 -3.83
CA TYR C 1110 62.19 -30.62 -4.36
C TYR C 1110 63.37 -30.66 -3.40
N GLU C 1111 63.37 -31.63 -2.50
CA GLU C 1111 64.48 -31.90 -1.59
C GLU C 1111 64.81 -33.38 -1.72
N PRO C 1112 65.59 -33.76 -2.73
CA PRO C 1112 65.75 -35.19 -3.03
C PRO C 1112 66.64 -35.89 -2.01
N GLN C 1113 66.15 -37.02 -1.52
CA GLN C 1113 66.88 -37.88 -0.61
C GLN C 1113 67.13 -39.21 -1.29
N ILE C 1114 68.28 -39.82 -1.01
CA ILE C 1114 68.57 -41.14 -1.56
C ILE C 1114 67.58 -42.14 -1.02
N ILE C 1115 67.16 -43.07 -1.89
CA ILE C 1115 66.13 -44.04 -1.52
C ILE C 1115 66.75 -45.06 -0.57
N THR C 1116 66.38 -44.96 0.71
CA THR C 1116 66.85 -45.88 1.74
C THR C 1116 65.69 -46.66 2.32
N THR C 1117 66.00 -47.59 3.22
CA THR C 1117 64.96 -48.33 3.91
C THR C 1117 64.19 -47.45 4.87
N ASP C 1118 64.79 -46.34 5.32
CA ASP C 1118 64.09 -45.43 6.21
C ASP C 1118 63.00 -44.66 5.47
N ASN C 1119 63.25 -44.29 4.22
CA ASN C 1119 62.29 -43.51 3.45
C ASN C 1119 61.12 -44.34 2.93
N THR C 1120 61.27 -45.65 2.83
CA THR C 1120 60.28 -46.50 2.18
C THR C 1120 59.81 -47.60 3.11
N PHE C 1121 58.67 -48.20 2.76
CA PHE C 1121 58.16 -49.38 3.44
C PHE C 1121 57.82 -50.43 2.39
N VAL C 1122 58.04 -51.69 2.75
CA VAL C 1122 57.92 -52.80 1.81
C VAL C 1122 56.51 -53.37 1.87
N SER C 1123 55.99 -53.79 0.72
CA SER C 1123 54.66 -54.38 0.66
C SER C 1123 54.55 -55.20 -0.63
N GLY C 1124 54.36 -56.50 -0.49
CA GLY C 1124 54.16 -57.34 -1.66
C GLY C 1124 55.45 -57.60 -2.42
N ASN C 1125 55.29 -57.77 -3.73
CA ASN C 1125 56.43 -58.03 -4.62
C ASN C 1125 56.22 -57.23 -5.90
N CYS C 1126 57.01 -57.56 -6.93
CA CYS C 1126 57.12 -56.73 -8.12
C CYS C 1126 56.06 -57.02 -9.18
N ASP C 1127 55.21 -58.02 -8.97
CA ASP C 1127 54.33 -58.50 -10.03
C ASP C 1127 52.89 -58.00 -9.93
N VAL C 1128 52.63 -57.00 -9.10
CA VAL C 1128 51.26 -56.53 -8.91
C VAL C 1128 51.13 -55.05 -9.21
N VAL C 1129 52.23 -54.32 -9.12
CA VAL C 1129 52.22 -52.87 -9.28
C VAL C 1129 52.46 -52.52 -10.74
N ILE C 1130 51.59 -51.68 -11.30
CA ILE C 1130 51.74 -51.21 -12.67
C ILE C 1130 52.61 -49.96 -12.65
N GLY C 1131 53.72 -50.01 -13.38
CA GLY C 1131 54.65 -48.90 -13.44
C GLY C 1131 55.84 -49.01 -12.52
N ILE C 1132 55.96 -50.10 -11.75
CA ILE C 1132 57.07 -50.26 -10.85
C ILE C 1132 58.37 -50.40 -11.64
N VAL C 1133 59.45 -49.85 -11.10
CA VAL C 1133 60.74 -49.81 -11.79
C VAL C 1133 61.81 -50.41 -10.89
N ASN C 1134 62.88 -50.88 -11.53
CA ASN C 1134 64.00 -51.48 -10.82
C ASN C 1134 64.96 -50.41 -10.30
N ASN C 1135 65.49 -50.64 -9.11
CA ASN C 1135 66.50 -49.76 -8.52
C ASN C 1135 67.11 -50.52 -7.34
N THR C 1136 67.97 -49.84 -6.59
CA THR C 1136 68.57 -50.38 -5.37
C THR C 1136 68.15 -49.51 -4.20
N VAL C 1137 67.71 -50.15 -3.13
CA VAL C 1137 67.33 -49.46 -1.90
C VAL C 1137 68.47 -49.62 -0.91
N TYR C 1138 69.07 -48.50 -0.52
CA TYR C 1138 70.28 -48.50 0.27
C TYR C 1138 69.94 -48.70 1.74
N ASP C 1139 70.46 -49.78 2.34
CA ASP C 1139 70.22 -50.07 3.74
C ASP C 1139 71.25 -49.33 4.59
N PRO C 1140 70.85 -48.38 5.43
CA PRO C 1140 71.85 -47.61 6.20
C PRO C 1140 72.67 -48.45 7.15
N LEU C 1141 72.11 -49.53 7.71
CA LEU C 1141 72.82 -50.35 8.67
C LEU C 1141 73.95 -51.14 8.01
N GLN C 1142 73.83 -51.40 6.71
CA GLN C 1142 74.81 -52.26 6.05
C GLN C 1142 76.21 -51.65 6.00
N PRO C 1143 76.41 -50.40 5.61
CA PRO C 1143 77.77 -49.85 5.64
C PRO C 1143 78.37 -49.78 7.04
N GLU C 1144 77.55 -49.49 8.06
CA GLU C 1144 78.07 -49.47 9.43
C GLU C 1144 78.55 -50.86 9.84
N LEU C 1145 77.75 -51.88 9.58
CA LEU C 1145 78.18 -53.23 9.90
C LEU C 1145 79.31 -53.71 9.00
N ASP C 1146 79.44 -53.15 7.80
CA ASP C 1146 80.58 -53.48 6.95
C ASP C 1146 81.87 -52.90 7.50
N SER C 1147 81.82 -51.66 8.00
CA SER C 1147 82.99 -51.09 8.67
C SER C 1147 83.34 -51.88 9.92
N PHE C 1148 82.33 -52.26 10.70
CA PHE C 1148 82.57 -53.07 11.90
C PHE C 1148 83.19 -54.42 11.53
N LYS C 1149 82.69 -55.05 10.47
CA LYS C 1149 83.23 -56.33 10.02
C LYS C 1149 84.66 -56.18 9.50
N GLU C 1150 84.96 -55.07 8.82
CA GLU C 1150 86.32 -54.85 8.35
C GLU C 1150 87.28 -54.64 9.52
N GLU C 1151 86.85 -53.91 10.55
CA GLU C 1151 87.67 -53.78 11.75
C GLU C 1151 87.87 -55.14 12.42
N LEU C 1152 86.82 -55.95 12.46
CA LEU C 1152 86.93 -57.30 13.01
C LEU C 1152 87.90 -58.16 12.19
N ASP C 1153 87.88 -58.02 10.87
CA ASP C 1153 88.79 -58.77 10.02
C ASP C 1153 90.23 -58.30 10.22
N LYS C 1154 90.43 -57.00 10.42
CA LYS C 1154 91.76 -56.51 10.74
C LYS C 1154 92.25 -57.08 12.06
N TYR C 1155 91.37 -57.18 13.06
CA TYR C 1155 91.74 -57.80 14.33
C TYR C 1155 92.07 -59.28 14.14
N PHE C 1156 91.31 -59.97 13.29
CA PHE C 1156 91.62 -61.37 12.99
C PHE C 1156 92.99 -61.51 12.33
N LYS C 1157 93.30 -60.61 11.39
CA LYS C 1157 94.62 -60.65 10.76
C LYS C 1157 95.73 -60.38 11.77
N ASN C 1158 95.50 -59.44 12.69
CA ASN C 1158 96.47 -59.20 13.75
C ASN C 1158 96.66 -60.43 14.61
N HIS C 1159 95.57 -61.12 14.93
CA HIS C 1159 95.67 -62.36 15.73
C HIS C 1159 96.44 -63.43 14.97
N THR C 1160 96.22 -63.54 13.67
CA THR C 1160 96.91 -64.55 12.86
C THR C 1160 98.33 -64.16 12.50
N SER C 1161 98.73 -62.91 12.73
CA SER C 1161 100.10 -62.50 12.41
C SER C 1161 101.16 -63.31 13.16
N PRO C 1162 101.07 -63.53 14.48
CA PRO C 1162 102.10 -64.37 15.08
C PRO C 1162 101.89 -65.86 14.79
N VAL D 2 -45.31 25.89 32.65
CA VAL D 2 -45.93 25.09 31.60
C VAL D 2 -46.41 25.98 30.47
N GLN D 3 -46.70 27.24 30.79
CA GLN D 3 -47.21 28.18 29.81
C GLN D 3 -46.99 29.61 30.31
N LEU D 4 -47.17 30.58 29.41
CA LEU D 4 -47.03 31.99 29.72
C LEU D 4 -48.22 32.74 29.16
N GLN D 5 -48.73 33.68 29.95
CA GLN D 5 -49.81 34.56 29.53
C GLN D 5 -49.36 36.01 29.70
N GLU D 6 -49.62 36.83 28.68
CA GLU D 6 -49.25 38.24 28.69
C GLU D 6 -50.53 39.07 28.67
N SER D 7 -50.72 39.87 29.72
CA SER D 7 -51.89 40.71 29.87
C SER D 7 -51.47 42.16 30.05
N GLY D 8 -52.34 43.07 29.61
CA GLY D 8 -52.07 44.48 29.72
C GLY D 8 -52.12 45.22 28.41
N GLY D 9 -51.39 46.33 28.31
CA GLY D 9 -51.36 47.12 27.10
C GLY D 9 -52.67 47.87 26.85
N GLY D 10 -53.04 48.74 27.78
CA GLY D 10 -54.27 49.49 27.67
C GLY D 10 -54.12 50.73 26.83
N LEU D 11 -55.07 51.65 27.00
CA LEU D 11 -55.10 52.90 26.25
C LEU D 11 -54.51 54.01 27.13
N VAL D 12 -53.43 54.63 26.65
CA VAL D 12 -52.73 55.68 27.38
C VAL D 12 -52.41 56.82 26.42
N GLN D 13 -51.74 57.83 26.94
CA GLN D 13 -51.36 59.04 26.21
C GLN D 13 -49.86 59.05 25.98
N ALA D 14 -49.43 59.88 25.03
CA ALA D 14 -48.01 60.03 24.75
C ALA D 14 -47.27 60.54 25.97
N GLY D 15 -46.13 59.91 26.27
CA GLY D 15 -45.34 60.25 27.43
C GLY D 15 -45.78 59.62 28.73
N GLY D 16 -46.86 58.84 28.72
CA GLY D 16 -47.37 58.23 29.93
C GLY D 16 -46.60 56.97 30.32
N SER D 17 -47.02 56.38 31.43
CA SER D 17 -46.39 55.20 32.00
C SER D 17 -47.37 54.04 32.01
N LEU D 18 -46.92 52.89 31.54
CA LEU D 18 -47.69 51.66 31.56
C LEU D 18 -46.98 50.61 32.41
N ARG D 19 -47.75 49.61 32.85
CA ARG D 19 -47.23 48.52 33.67
C ARG D 19 -47.73 47.21 33.08
N LEU D 20 -46.88 46.55 32.30
CA LEU D 20 -47.21 45.29 31.65
C LEU D 20 -46.50 44.14 32.35
N SER D 21 -47.24 43.10 32.70
CA SER D 21 -46.72 41.95 33.43
C SER D 21 -46.93 40.69 32.61
N CYS D 22 -45.92 39.83 32.59
CA CYS D 22 -45.98 38.53 31.93
C CYS D 22 -45.86 37.46 33.02
N VAL D 23 -47.00 37.10 33.61
CA VAL D 23 -47.02 36.08 34.64
C VAL D 23 -46.89 34.70 34.00
N ALA D 24 -46.01 33.88 34.55
CA ALA D 24 -45.65 32.60 33.95
C ALA D 24 -46.13 31.45 34.83
N SER D 25 -46.73 30.44 34.20
CA SER D 25 -47.09 29.21 34.89
C SER D 25 -45.83 28.35 34.98
N GLY D 26 -45.18 28.37 36.13
CA GLY D 26 -43.94 27.64 36.30
C GLY D 26 -43.45 27.78 37.71
N ARG D 27 -42.27 27.20 37.95
CA ARG D 27 -41.69 27.19 39.29
C ARG D 27 -40.21 27.58 39.31
N THR D 28 -39.60 27.85 38.16
CA THR D 28 -38.21 28.30 38.11
C THR D 28 -38.02 29.40 37.07
N PHE D 29 -39.06 30.23 36.87
CA PHE D 29 -39.02 31.24 35.82
C PHE D 29 -37.92 32.28 36.04
N SER D 30 -37.35 32.34 37.25
CA SER D 30 -36.18 33.18 37.46
C SER D 30 -35.02 32.73 36.57
N SER D 31 -34.84 31.41 36.44
CA SER D 31 -33.84 30.90 35.51
C SER D 31 -34.23 31.15 34.06
N LEU D 32 -35.54 31.14 33.76
CA LEU D 32 -36.04 31.41 32.41
C LEU D 32 -36.10 32.92 32.21
N ASN D 33 -34.96 33.49 31.84
CA ASN D 33 -34.86 34.93 31.63
C ASN D 33 -35.74 35.35 30.46
N ILE D 34 -36.34 36.53 30.58
CA ILE D 34 -37.37 36.98 29.64
C ILE D 34 -36.71 37.73 28.49
N VAL D 35 -37.34 37.67 27.33
CA VAL D 35 -36.98 38.51 26.19
C VAL D 35 -38.26 39.16 25.66
N TRP D 36 -38.22 40.47 25.46
CA TRP D 36 -39.35 41.22 24.93
C TRP D 36 -39.17 41.46 23.44
N PHE D 37 -40.22 41.20 22.67
CA PHE D 37 -40.19 41.32 21.22
C PHE D 37 -41.25 42.32 20.77
N ARG D 38 -40.99 42.95 19.63
CA ARG D 38 -41.83 44.01 19.09
C ARG D 38 -42.26 43.64 17.67
N GLN D 39 -43.54 43.80 17.37
CA GLN D 39 -44.04 43.67 16.01
C GLN D 39 -44.88 44.89 15.67
N ALA D 40 -44.59 45.50 14.52
CA ALA D 40 -45.36 46.62 14.04
C ALA D 40 -46.70 46.15 13.50
N PRO D 41 -47.70 47.04 13.43
CA PRO D 41 -49.02 46.60 12.94
C PRO D 41 -49.01 46.30 11.45
N GLY D 42 -48.54 45.11 11.09
CA GLY D 42 -48.46 44.69 9.71
C GLY D 42 -47.08 44.79 9.09
N LYS D 43 -46.07 45.15 9.85
CA LYS D 43 -44.70 45.26 9.35
C LYS D 43 -43.81 44.22 10.04
N GLU D 44 -42.51 44.31 9.78
CA GLU D 44 -41.57 43.30 10.23
C GLU D 44 -41.38 43.36 11.74
N ARG D 45 -41.06 42.19 12.32
CA ARG D 45 -40.92 42.03 13.75
C ARG D 45 -39.55 42.53 14.23
N LYS D 46 -39.41 42.59 15.56
CA LYS D 46 -38.22 43.15 16.19
C LYS D 46 -38.27 42.78 17.67
N PHE D 47 -37.15 43.01 18.36
CA PHE D 47 -37.08 42.75 19.80
C PHE D 47 -37.14 44.06 20.58
N VAL D 48 -37.27 43.95 21.90
CA VAL D 48 -37.37 45.13 22.75
C VAL D 48 -36.28 45.12 23.81
N ALA D 49 -36.30 44.11 24.68
CA ALA D 49 -35.39 44.08 25.83
C ALA D 49 -35.31 42.67 26.37
N ALA D 50 -34.38 42.48 27.31
CA ALA D 50 -34.19 41.18 27.97
C ALA D 50 -33.41 41.39 29.24
N ILE D 51 -34.02 41.06 30.38
CA ILE D 51 -33.32 41.07 31.67
C ILE D 51 -32.78 39.65 31.89
N ASN D 52 -31.62 39.37 31.31
CA ASN D 52 -30.98 38.07 31.43
C ASN D 52 -30.14 38.02 32.70
N ASP D 53 -30.85 37.97 33.83
CA ASP D 53 -30.27 37.77 35.15
C ASP D 53 -29.36 38.93 35.56
N ARG D 54 -28.04 38.75 35.38
CA ARG D 54 -27.07 39.70 35.94
C ARG D 54 -27.23 41.09 35.34
N ASN D 55 -27.39 41.17 34.02
CA ASN D 55 -27.45 42.47 33.36
C ASN D 55 -28.66 42.58 32.43
N THR D 56 -28.72 43.64 31.63
CA THR D 56 -29.86 43.92 30.78
C THR D 56 -29.36 44.24 29.36
N ALA D 57 -30.32 44.38 28.44
CA ALA D 57 -30.01 44.76 27.07
C ALA D 57 -31.30 45.26 26.42
N TYR D 58 -31.28 46.49 25.94
CA TYR D 58 -32.44 47.13 25.32
C TYR D 58 -32.28 47.16 23.80
N ALA D 59 -33.21 47.81 23.13
CA ALA D 59 -33.18 48.01 21.70
C ALA D 59 -32.90 49.48 21.37
N GLU D 60 -32.70 49.74 20.07
CA GLU D 60 -32.39 51.10 19.64
C GLU D 60 -33.57 52.05 19.86
N SER D 61 -34.79 51.55 19.70
CA SER D 61 -35.96 52.40 19.90
C SER D 61 -36.23 52.68 21.37
N VAL D 62 -35.85 51.75 22.25
CA VAL D 62 -36.15 51.87 23.67
C VAL D 62 -34.85 51.94 24.48
N LYS D 63 -33.82 52.52 23.89
CA LYS D 63 -32.50 52.57 24.53
C LYS D 63 -32.52 53.38 25.81
N GLY D 64 -32.44 52.71 26.95
CA GLY D 64 -32.40 53.36 28.24
C GLY D 64 -33.67 54.05 28.67
N ARG D 65 -34.65 54.21 27.77
CA ARG D 65 -35.89 54.89 28.12
C ARG D 65 -36.76 54.05 29.05
N PHE D 66 -36.47 52.77 29.18
CA PHE D 66 -37.27 51.83 29.95
C PHE D 66 -36.55 51.46 31.24
N THR D 67 -37.31 50.98 32.22
CA THR D 67 -36.78 50.51 33.49
C THR D 67 -37.24 49.06 33.68
N ILE D 68 -36.47 48.13 33.10
CA ILE D 68 -36.83 46.73 33.16
C ILE D 68 -36.68 46.22 34.60
N SER D 69 -37.60 45.37 35.02
CA SER D 69 -37.69 44.95 36.41
C SER D 69 -37.87 43.43 36.49
N ARG D 70 -37.48 42.88 37.64
CA ARG D 70 -37.59 41.46 37.92
C ARG D 70 -38.38 41.25 39.19
N ASP D 71 -39.12 40.14 39.23
CA ASP D 71 -39.97 39.75 40.35
C ASP D 71 -39.63 38.34 40.80
N ASN D 72 -38.34 38.11 41.06
CA ASN D 72 -37.82 36.77 41.32
C ASN D 72 -38.58 36.04 42.43
N ALA D 73 -39.04 36.77 43.45
CA ALA D 73 -39.86 36.16 44.49
C ALA D 73 -41.23 35.71 43.98
N LYS D 74 -41.61 36.12 42.77
CA LYS D 74 -42.89 35.74 42.18
C LYS D 74 -42.72 34.93 40.90
N ASN D 75 -41.48 34.79 40.41
CA ASN D 75 -41.21 34.10 39.14
C ASN D 75 -41.95 34.75 37.99
N THR D 76 -42.04 36.08 38.02
CA THR D 76 -42.71 36.85 36.98
C THR D 76 -41.78 37.97 36.54
N VAL D 77 -42.03 38.47 35.32
CA VAL D 77 -41.24 39.54 34.76
C VAL D 77 -42.14 40.74 34.50
N HIS D 78 -41.53 41.92 34.49
CA HIS D 78 -42.28 43.16 34.30
C HIS D 78 -41.40 44.19 33.62
N LEU D 79 -41.98 44.93 32.68
CA LEU D 79 -41.31 46.00 31.98
C LEU D 79 -41.96 47.33 32.33
N GLN D 80 -41.13 48.33 32.61
CA GLN D 80 -41.60 49.68 32.87
C GLN D 80 -41.44 50.51 31.60
N MET D 81 -42.52 51.18 31.20
CA MET D 81 -42.57 51.94 29.96
C MET D 81 -42.59 53.43 30.29
N ASN D 82 -41.54 54.14 29.85
CA ASN D 82 -41.40 55.57 30.09
C ASN D 82 -41.02 56.25 28.78
N SER D 83 -41.37 57.54 28.68
CA SER D 83 -41.15 58.32 27.47
C SER D 83 -41.79 57.66 26.25
N LEU D 84 -43.01 57.16 26.43
CA LEU D 84 -43.71 56.48 25.35
C LEU D 84 -44.01 57.45 24.21
N LYS D 85 -43.98 56.92 22.99
CA LYS D 85 -44.14 57.72 21.79
C LYS D 85 -45.25 57.15 20.92
N PRO D 86 -45.90 57.98 20.12
CA PRO D 86 -46.94 57.46 19.21
C PRO D 86 -46.39 56.59 18.10
N GLU D 87 -45.09 56.65 17.83
CA GLU D 87 -44.48 55.80 16.81
C GLU D 87 -44.11 54.42 17.34
N ASP D 88 -44.35 54.15 18.62
CA ASP D 88 -44.13 52.84 19.21
C ASP D 88 -45.42 52.02 19.30
N THR D 89 -46.39 52.30 18.42
CA THR D 89 -47.65 51.57 18.41
C THR D 89 -47.38 50.17 17.86
N ALA D 90 -47.18 49.20 18.75
CA ALA D 90 -46.79 47.85 18.36
C ALA D 90 -47.53 46.86 19.25
N VAL D 91 -47.09 45.60 19.20
CA VAL D 91 -47.65 44.54 20.05
C VAL D 91 -46.45 43.87 20.72
N TYR D 92 -46.13 44.30 21.93
CA TYR D 92 -44.99 43.74 22.64
C TYR D 92 -45.25 42.28 23.01
N TYR D 93 -44.19 41.47 22.98
CA TYR D 93 -44.21 40.08 23.40
C TYR D 93 -43.26 39.86 24.57
N CYS D 94 -43.25 38.62 25.07
CA CYS D 94 -42.36 38.20 26.13
C CYS D 94 -42.21 36.69 26.06
N HIS D 95 -40.96 36.21 26.10
CA HIS D 95 -40.71 34.79 25.96
C HIS D 95 -39.50 34.40 26.81
N SER D 96 -39.47 33.13 27.22
CA SER D 96 -38.35 32.59 27.97
C SER D 96 -38.17 31.12 27.61
N ALA D 97 -36.91 30.72 27.40
CA ALA D 97 -36.56 29.34 27.11
C ALA D 97 -35.66 28.81 28.22
N ASP D 98 -35.99 27.63 28.74
CA ASP D 98 -35.24 27.05 29.83
C ASP D 98 -33.90 26.50 29.35
N VAL D 99 -32.96 26.39 30.29
CA VAL D 99 -31.62 25.91 29.95
C VAL D 99 -31.66 24.42 29.62
N ASN D 100 -32.46 23.64 30.35
CA ASN D 100 -32.52 22.20 30.19
C ASN D 100 -33.73 21.83 29.32
N GLY D 101 -33.49 20.92 28.37
CA GLY D 101 -34.57 20.46 27.52
C GLY D 101 -35.24 21.58 26.75
N GLY D 102 -34.55 22.14 25.76
CA GLY D 102 -34.99 23.29 25.00
C GLY D 102 -36.48 23.31 24.70
N MET D 103 -37.13 24.44 24.99
CA MET D 103 -38.58 24.51 24.96
C MET D 103 -38.96 25.99 24.98
N ASP D 104 -40.15 26.29 24.47
CA ASP D 104 -40.63 27.67 24.39
C ASP D 104 -41.96 27.83 25.12
N TYR D 105 -42.11 28.98 25.76
CA TYR D 105 -43.32 29.34 26.50
C TYR D 105 -43.85 30.67 25.96
N TRP D 106 -44.00 30.78 24.65
CA TRP D 106 -44.38 32.04 24.03
C TRP D 106 -45.78 32.47 24.47
N GLY D 107 -45.97 33.79 24.56
CA GLY D 107 -47.21 34.38 25.00
C GLY D 107 -48.13 34.74 23.85
N LYS D 108 -48.95 35.76 24.07
CA LYS D 108 -49.97 36.19 23.11
C LYS D 108 -49.72 37.59 22.55
N GLY D 109 -49.43 38.57 23.40
CA GLY D 109 -49.19 39.92 22.95
C GLY D 109 -50.08 40.96 23.60
N THR D 110 -49.59 42.19 23.64
CA THR D 110 -50.33 43.32 24.23
C THR D 110 -50.15 44.56 23.36
N GLN D 111 -51.24 45.27 23.13
CA GLN D 111 -51.21 46.44 22.26
C GLN D 111 -50.47 47.60 22.93
N VAL D 112 -49.77 48.38 22.11
CA VAL D 112 -49.00 49.51 22.59
C VAL D 112 -49.52 50.77 21.90
N THR D 113 -50.83 50.81 21.64
CA THR D 113 -51.43 51.97 21.00
C THR D 113 -51.23 53.23 21.84
N VAL D 114 -50.70 54.27 21.20
CA VAL D 114 -50.42 55.55 21.86
C VAL D 114 -50.88 56.66 20.95
N SER D 115 -51.62 57.63 21.50
CA SER D 115 -52.15 58.73 20.71
C SER D 115 -51.08 59.79 20.46
N SER D 116 -51.37 60.66 19.49
CA SER D 116 -50.47 61.76 19.14
C SER D 116 -51.28 63.05 19.04
N HIS D 117 -50.70 64.14 19.53
CA HIS D 117 -51.37 65.43 19.52
C HIS D 117 -50.37 66.58 19.51
N VAL E 2 -9.76 69.32 -11.34
CA VAL E 2 -9.57 70.60 -12.01
C VAL E 2 -10.92 71.26 -12.28
N GLN E 3 -11.07 72.50 -11.82
CA GLN E 3 -12.30 73.25 -12.03
C GLN E 3 -12.44 73.63 -13.50
N LEU E 4 -13.65 73.43 -14.04
CA LEU E 4 -13.92 73.74 -15.43
C LEU E 4 -13.96 75.25 -15.64
N GLN E 5 -13.56 75.67 -16.84
CA GLN E 5 -13.59 77.07 -17.23
C GLN E 5 -14.74 77.31 -18.19
N GLU E 6 -15.55 78.33 -17.92
CA GLU E 6 -16.69 78.67 -18.74
C GLU E 6 -16.64 80.15 -19.10
N SER E 7 -17.00 80.45 -20.35
CA SER E 7 -16.99 81.83 -20.84
C SER E 7 -17.99 81.95 -21.97
N GLY E 8 -18.33 83.20 -22.30
CA GLY E 8 -19.28 83.49 -23.35
C GLY E 8 -20.55 84.19 -22.91
N GLY E 9 -20.70 84.50 -21.62
CA GLY E 9 -21.86 85.24 -21.17
C GLY E 9 -21.59 86.72 -21.03
N GLY E 10 -22.66 87.50 -20.98
CA GLY E 10 -22.54 88.93 -20.87
C GLY E 10 -23.86 89.57 -20.50
N LEU E 11 -23.77 90.80 -20.01
CA LEU E 11 -24.94 91.57 -19.59
C LEU E 11 -25.46 92.35 -20.81
N VAL E 12 -26.55 91.89 -21.39
CA VAL E 12 -27.18 92.53 -22.54
C VAL E 12 -28.66 92.71 -22.24
N GLN E 13 -29.33 93.43 -23.14
CA GLN E 13 -30.75 93.69 -22.98
C GLN E 13 -31.57 92.45 -23.33
N ALA E 14 -32.88 92.55 -23.10
CA ALA E 14 -33.78 91.43 -23.38
C ALA E 14 -33.81 91.13 -24.87
N GLY E 15 -33.92 89.86 -25.20
CA GLY E 15 -33.90 89.42 -26.58
C GLY E 15 -32.52 89.28 -27.18
N GLY E 16 -31.46 89.39 -26.38
CA GLY E 16 -30.11 89.30 -26.87
C GLY E 16 -29.68 87.88 -27.14
N SER E 17 -28.39 87.74 -27.46
CA SER E 17 -27.82 86.44 -27.81
C SER E 17 -26.50 86.25 -27.05
N LEU E 18 -26.19 84.99 -26.76
CA LEU E 18 -24.96 84.63 -26.09
C LEU E 18 -24.49 83.27 -26.61
N ARG E 19 -23.27 82.90 -26.23
CA ARG E 19 -22.69 81.62 -26.65
C ARG E 19 -21.79 81.13 -25.52
N LEU E 20 -22.36 80.29 -24.66
CA LEU E 20 -21.64 79.79 -23.49
C LEU E 20 -20.74 78.63 -23.88
N SER E 21 -19.58 78.57 -23.25
CA SER E 21 -18.56 77.57 -23.55
C SER E 21 -18.23 76.74 -22.32
N CYS E 22 -17.93 75.47 -22.54
CA CYS E 22 -17.48 74.56 -21.48
C CYS E 22 -16.16 73.94 -21.92
N VAL E 23 -15.14 74.07 -21.08
CA VAL E 23 -13.78 73.66 -21.41
C VAL E 23 -13.29 72.67 -20.36
N ALA E 24 -12.78 71.54 -20.83
CA ALA E 24 -12.20 70.52 -19.95
C ALA E 24 -11.00 69.89 -20.65
N SER E 25 -10.09 69.35 -19.83
CA SER E 25 -8.89 68.70 -20.35
C SER E 25 -9.06 67.20 -20.34
N GLY E 26 -8.79 66.56 -21.49
CA GLY E 26 -8.94 65.13 -21.61
C GLY E 26 -9.21 64.68 -23.03
N ARG E 27 -8.58 63.57 -23.44
CA ARG E 27 -8.75 63.08 -24.80
C ARG E 27 -10.11 62.41 -25.00
N THR E 28 -10.79 62.02 -23.91
CA THR E 28 -12.10 61.38 -23.99
C THR E 28 -13.23 62.40 -23.99
N PHE E 29 -12.96 63.63 -24.45
CA PHE E 29 -13.95 64.69 -24.39
C PHE E 29 -15.17 64.37 -25.25
N SER E 30 -15.01 63.52 -26.27
CA SER E 30 -16.14 63.12 -27.10
C SER E 30 -17.05 62.15 -26.37
N SER E 31 -16.48 61.24 -25.58
CA SER E 31 -17.25 60.22 -24.89
C SER E 31 -17.98 60.76 -23.67
N LEU E 32 -17.73 62.00 -23.27
CA LEU E 32 -18.43 62.59 -22.15
C LEU E 32 -19.76 63.17 -22.60
N ASN E 33 -20.45 63.86 -21.69
CA ASN E 33 -21.71 64.50 -21.99
C ASN E 33 -21.73 65.86 -21.31
N ILE E 34 -22.54 66.77 -21.85
CA ILE E 34 -22.64 68.15 -21.36
C ILE E 34 -24.06 68.36 -20.85
N VAL E 35 -24.17 68.80 -19.60
CA VAL E 35 -25.45 69.13 -18.98
C VAL E 35 -25.34 70.53 -18.40
N TRP E 36 -26.38 71.33 -18.60
CA TRP E 36 -26.38 72.73 -18.15
C TRP E 36 -27.41 72.91 -17.05
N PHE E 37 -27.00 73.62 -15.99
CA PHE E 37 -27.87 73.95 -14.86
C PHE E 37 -27.61 75.38 -14.43
N ARG E 38 -28.68 76.11 -14.12
CA ARG E 38 -28.59 77.50 -13.71
C ARG E 38 -29.38 77.72 -12.42
N GLN E 39 -28.92 78.68 -11.63
CA GLN E 39 -29.59 79.07 -10.39
C GLN E 39 -29.94 80.54 -10.49
N ALA E 40 -31.24 80.85 -10.53
CA ALA E 40 -31.68 82.22 -10.54
C ALA E 40 -31.37 82.89 -9.19
N PRO E 41 -31.10 84.20 -9.19
CA PRO E 41 -30.79 84.88 -7.93
C PRO E 41 -31.97 84.85 -6.96
N GLY E 42 -31.81 84.15 -5.85
CA GLY E 42 -32.88 83.97 -4.88
C GLY E 42 -33.86 82.88 -5.21
N LYS E 43 -33.66 82.13 -6.29
CA LYS E 43 -34.56 81.07 -6.71
C LYS E 43 -33.78 79.77 -6.88
N GLU E 44 -34.51 78.66 -6.83
CA GLU E 44 -33.92 77.34 -6.90
C GLU E 44 -33.35 77.07 -8.28
N ARG E 45 -32.33 76.20 -8.32
CA ARG E 45 -31.74 75.81 -9.58
C ARG E 45 -32.64 74.81 -10.31
N LYS E 46 -32.83 75.04 -11.61
CA LYS E 46 -33.68 74.19 -12.44
C LYS E 46 -32.91 73.77 -13.69
N PHE E 47 -33.52 72.90 -14.48
CA PHE E 47 -32.88 72.36 -15.67
C PHE E 47 -32.74 73.44 -16.73
N VAL E 48 -31.67 73.33 -17.53
CA VAL E 48 -31.38 74.29 -18.58
C VAL E 48 -31.30 73.59 -19.93
N ALA E 49 -30.32 72.69 -20.09
CA ALA E 49 -30.10 72.02 -21.35
C ALA E 49 -29.23 70.79 -21.13
N ALA E 50 -29.30 69.86 -22.07
CA ALA E 50 -28.51 68.65 -22.02
C ALA E 50 -28.33 68.11 -23.43
N ILE E 51 -27.11 67.70 -23.76
CA ILE E 51 -26.78 67.17 -25.08
C ILE E 51 -26.14 65.80 -24.90
N ASN E 52 -26.55 64.85 -25.73
CA ASN E 52 -26.02 63.49 -25.72
C ASN E 52 -25.55 63.15 -27.13
N ASP E 53 -24.25 63.31 -27.37
CA ASP E 53 -23.62 63.10 -28.67
C ASP E 53 -24.33 64.01 -29.67
N ARG E 54 -25.06 63.48 -30.65
CA ARG E 54 -25.80 64.31 -31.60
C ARG E 54 -27.23 64.61 -31.15
N ASN E 55 -27.69 63.99 -30.07
CA ASN E 55 -29.06 64.18 -29.61
C ASN E 55 -29.21 65.52 -28.88
N THR E 56 -30.39 66.10 -28.99
CA THR E 56 -30.72 67.37 -28.32
C THR E 56 -32.07 67.23 -27.64
N ALA E 57 -32.13 67.66 -26.38
CA ALA E 57 -33.36 67.63 -25.60
C ALA E 57 -33.52 68.95 -24.86
N TYR E 58 -34.76 69.42 -24.77
CA TYR E 58 -35.08 70.67 -24.09
C TYR E 58 -36.32 70.49 -23.24
N ALA E 59 -36.43 71.30 -22.19
CA ALA E 59 -37.51 71.18 -21.21
C ALA E 59 -38.75 71.92 -21.71
N GLU E 60 -39.72 72.10 -20.81
CA GLU E 60 -41.01 72.67 -21.19
C GLU E 60 -40.86 74.11 -21.68
N SER E 61 -40.23 74.96 -20.89
CA SER E 61 -40.19 76.39 -21.14
C SER E 61 -38.87 76.86 -21.77
N VAL E 62 -37.97 75.94 -22.11
CA VAL E 62 -36.69 76.29 -22.71
C VAL E 62 -36.53 75.70 -24.11
N LYS E 63 -37.57 75.09 -24.67
CA LYS E 63 -37.48 74.54 -26.01
C LYS E 63 -37.58 75.64 -27.06
N GLY E 64 -36.92 75.42 -28.18
CA GLY E 64 -36.93 76.39 -29.27
C GLY E 64 -35.86 77.44 -29.14
N ARG E 65 -35.89 78.19 -28.03
CA ARG E 65 -34.88 79.22 -27.80
C ARG E 65 -33.49 78.62 -27.65
N PHE E 66 -33.38 77.52 -26.91
CA PHE E 66 -32.08 76.94 -26.61
C PHE E 66 -31.61 76.05 -27.75
N THR E 67 -30.31 76.13 -28.04
CA THR E 67 -29.68 75.30 -29.07
C THR E 67 -28.25 75.04 -28.65
N ILE E 68 -27.90 73.77 -28.45
CA ILE E 68 -26.58 73.38 -27.97
C ILE E 68 -25.90 72.54 -29.03
N SER E 69 -24.63 72.85 -29.29
CA SER E 69 -23.81 72.11 -30.23
C SER E 69 -22.44 71.86 -29.61
N ARG E 70 -21.79 70.79 -30.02
CA ARG E 70 -20.52 70.36 -29.44
C ARG E 70 -19.43 70.36 -30.52
N ASP E 71 -18.24 70.82 -30.14
CA ASP E 71 -17.05 70.77 -30.97
C ASP E 71 -16.01 69.97 -30.18
N ASN E 72 -16.07 68.65 -30.31
CA ASN E 72 -15.26 67.76 -29.48
C ASN E 72 -13.80 67.72 -29.89
N ALA E 73 -13.46 68.23 -31.08
CA ALA E 73 -12.07 68.24 -31.50
C ALA E 73 -11.25 69.25 -30.69
N LYS E 74 -11.81 70.43 -30.45
CA LYS E 74 -11.13 71.49 -29.72
C LYS E 74 -11.37 71.43 -28.21
N ASN E 75 -12.07 70.40 -27.72
CA ASN E 75 -12.42 70.28 -26.31
C ASN E 75 -13.26 71.48 -25.85
N THR E 76 -14.10 71.99 -26.73
CA THR E 76 -14.97 73.13 -26.43
C THR E 76 -16.38 72.81 -26.89
N VAL E 77 -17.34 72.90 -25.98
CA VAL E 77 -18.75 72.72 -26.28
C VAL E 77 -19.45 74.07 -26.15
N HIS E 78 -20.14 74.48 -27.21
CA HIS E 78 -20.85 75.74 -27.21
C HIS E 78 -22.28 75.55 -26.72
N LEU E 79 -22.82 76.61 -26.12
CA LEU E 79 -24.23 76.68 -25.75
C LEU E 79 -24.76 77.98 -26.33
N GLN E 80 -25.22 77.92 -27.59
CA GLN E 80 -25.73 79.11 -28.25
C GLN E 80 -27.02 79.58 -27.59
N MET E 81 -27.14 80.89 -27.42
CA MET E 81 -28.29 81.50 -26.78
C MET E 81 -28.91 82.52 -27.72
N ASN E 82 -30.24 82.55 -27.75
CA ASN E 82 -30.98 83.49 -28.58
C ASN E 82 -32.27 83.87 -27.87
N SER E 83 -32.66 85.14 -28.04
CA SER E 83 -33.89 85.68 -27.45
C SER E 83 -33.89 85.53 -25.93
N LEU E 84 -32.92 86.19 -25.30
CA LEU E 84 -32.84 86.19 -23.85
C LEU E 84 -34.04 86.89 -23.23
N LYS E 85 -34.50 86.37 -22.10
CA LYS E 85 -35.63 86.93 -21.38
C LYS E 85 -35.29 87.07 -19.91
N PRO E 86 -35.95 87.99 -19.19
CA PRO E 86 -35.57 88.24 -17.80
C PRO E 86 -35.63 87.02 -16.90
N GLU E 87 -36.54 86.07 -17.18
CA GLU E 87 -36.60 84.86 -16.38
C GLU E 87 -35.40 83.94 -16.60
N ASP E 88 -34.58 84.21 -17.62
CA ASP E 88 -33.37 83.45 -17.87
C ASP E 88 -32.15 84.02 -17.19
N THR E 89 -32.30 85.09 -16.40
CA THR E 89 -31.19 85.74 -15.72
C THR E 89 -30.70 84.82 -14.60
N ALA E 90 -29.57 84.16 -14.82
CA ALA E 90 -28.99 83.27 -13.84
C ALA E 90 -27.55 82.97 -14.26
N VAL E 91 -26.79 82.38 -13.34
CA VAL E 91 -25.43 81.97 -13.60
C VAL E 91 -25.43 80.51 -14.02
N TYR E 92 -24.79 80.21 -15.15
CA TYR E 92 -24.88 78.90 -15.79
C TYR E 92 -23.61 78.09 -15.52
N TYR E 93 -23.79 76.81 -15.22
CA TYR E 93 -22.68 75.88 -15.01
C TYR E 93 -22.84 74.70 -15.97
N CYS E 94 -21.73 74.26 -16.55
CA CYS E 94 -21.70 73.10 -17.42
C CYS E 94 -21.29 71.86 -16.63
N HIS E 95 -22.00 70.77 -16.87
CA HIS E 95 -21.78 69.51 -16.17
C HIS E 95 -21.20 68.47 -17.12
N SER E 96 -20.23 67.70 -16.63
CA SER E 96 -19.57 66.67 -17.41
C SER E 96 -19.97 65.29 -16.89
N ALA E 97 -20.29 64.38 -17.80
CA ALA E 97 -20.66 63.02 -17.44
C ALA E 97 -20.23 62.09 -18.56
N ASP E 98 -19.45 61.07 -18.20
CA ASP E 98 -18.93 60.13 -19.19
C ASP E 98 -20.01 59.11 -19.55
N VAL E 99 -19.60 58.04 -20.23
CA VAL E 99 -20.55 56.99 -20.61
C VAL E 99 -21.20 56.36 -19.37
N ASN E 100 -20.52 56.42 -18.23
CA ASN E 100 -21.08 55.92 -16.98
C ASN E 100 -21.50 57.03 -16.02
N GLY E 101 -20.89 58.20 -16.11
CA GLY E 101 -21.21 59.30 -15.23
C GLY E 101 -20.18 59.58 -14.15
N GLY E 102 -19.01 58.93 -14.20
CA GLY E 102 -17.96 59.18 -13.24
C GLY E 102 -17.01 60.27 -13.71
N MET E 103 -16.04 60.58 -12.84
CA MET E 103 -15.03 61.61 -13.10
C MET E 103 -15.68 62.95 -13.43
N ASP E 104 -16.78 63.27 -12.75
CA ASP E 104 -17.47 64.51 -12.98
C ASP E 104 -16.68 65.69 -12.43
N TYR E 105 -16.80 66.83 -13.10
CA TYR E 105 -16.10 68.05 -12.71
C TYR E 105 -17.06 69.23 -12.73
N TRP E 106 -16.85 70.16 -11.80
CA TRP E 106 -17.67 71.35 -11.68
C TRP E 106 -16.76 72.57 -11.67
N GLY E 107 -17.16 73.62 -12.39
CA GLY E 107 -16.38 74.84 -12.51
C GLY E 107 -17.09 76.06 -11.94
N LYS E 108 -16.38 77.18 -12.03
CA LYS E 108 -16.93 78.45 -11.56
C LYS E 108 -18.12 78.89 -12.41
N GLY E 109 -18.04 78.69 -13.72
CA GLY E 109 -19.10 79.11 -14.61
C GLY E 109 -18.99 80.58 -14.99
N THR E 110 -19.98 81.03 -15.76
CA THR E 110 -20.04 82.41 -16.22
C THR E 110 -21.39 83.01 -15.85
N GLN E 111 -21.41 84.32 -15.65
CA GLN E 111 -22.61 85.03 -15.24
C GLN E 111 -23.38 85.48 -16.48
N VAL E 112 -24.67 85.13 -16.52
CA VAL E 112 -25.57 85.52 -17.60
C VAL E 112 -26.67 86.39 -16.99
N THR E 113 -26.82 87.60 -17.51
CA THR E 113 -27.80 88.55 -16.99
C THR E 113 -28.58 89.15 -18.16
N VAL E 114 -29.89 89.25 -17.99
CA VAL E 114 -30.79 89.83 -18.99
C VAL E 114 -31.31 91.15 -18.47
N SER E 115 -31.23 92.19 -19.29
CA SER E 115 -31.65 93.53 -18.91
C SER E 115 -32.98 93.86 -19.59
N SER E 116 -33.93 94.35 -18.81
CA SER E 116 -35.23 94.74 -19.32
C SER E 116 -35.24 96.21 -19.70
N HIS E 117 -35.90 96.52 -20.82
CA HIS E 117 -35.98 97.89 -21.30
C HIS E 117 -36.84 98.75 -20.37
N VAL F 2 -52.36 0.27 -54.32
CA VAL F 2 -53.18 0.70 -55.45
C VAL F 2 -54.27 1.63 -54.94
N GLN F 3 -55.40 1.05 -54.51
CA GLN F 3 -56.54 1.79 -54.02
C GLN F 3 -57.35 0.89 -53.08
N LEU F 4 -58.38 1.48 -52.48
CA LEU F 4 -59.31 0.75 -51.64
C LEU F 4 -60.68 0.74 -52.31
N GLN F 5 -61.26 -0.45 -52.46
CA GLN F 5 -62.56 -0.57 -53.09
C GLN F 5 -63.64 -0.03 -52.14
N GLU F 6 -64.53 0.80 -52.68
CA GLU F 6 -65.57 1.45 -51.89
C GLU F 6 -66.93 1.17 -52.51
N SER F 7 -67.92 0.90 -51.65
CA SER F 7 -69.28 0.66 -52.08
C SER F 7 -70.21 1.02 -50.92
N GLY F 8 -71.49 0.72 -51.10
CA GLY F 8 -72.50 0.96 -50.09
C GLY F 8 -73.14 2.33 -50.14
N GLY F 9 -72.66 3.23 -51.01
CA GLY F 9 -73.24 4.55 -51.12
C GLY F 9 -74.52 4.56 -51.92
N GLY F 10 -75.25 5.66 -51.80
CA GLY F 10 -76.49 5.82 -52.53
C GLY F 10 -77.28 7.01 -52.00
N LEU F 11 -78.35 7.32 -52.73
CA LEU F 11 -79.25 8.41 -52.38
C LEU F 11 -80.50 7.82 -51.75
N VAL F 12 -80.72 8.12 -50.46
CA VAL F 12 -81.84 7.57 -49.72
C VAL F 12 -82.53 8.69 -48.94
N GLN F 13 -83.81 8.46 -48.62
CA GLN F 13 -84.57 9.39 -47.81
C GLN F 13 -84.36 9.06 -46.33
N ALA F 14 -84.95 9.88 -45.46
CA ALA F 14 -84.74 9.73 -44.03
C ALA F 14 -85.36 8.45 -43.50
N GLY F 15 -84.72 7.87 -42.49
CA GLY F 15 -85.19 6.65 -41.86
C GLY F 15 -84.78 5.37 -42.54
N GLY F 16 -84.00 5.44 -43.63
CA GLY F 16 -83.60 4.26 -44.36
C GLY F 16 -82.44 3.54 -43.70
N SER F 17 -81.97 2.50 -44.38
CA SER F 17 -80.86 1.68 -43.93
C SER F 17 -79.80 1.63 -45.01
N LEU F 18 -78.55 1.88 -44.61
CA LEU F 18 -77.41 1.82 -45.52
C LEU F 18 -76.29 1.04 -44.85
N ARG F 19 -75.38 0.50 -45.67
CA ARG F 19 -74.27 -0.30 -45.17
C ARG F 19 -73.07 -0.04 -46.09
N LEU F 20 -72.18 0.86 -45.66
CA LEU F 20 -70.96 1.13 -46.39
C LEU F 20 -69.98 -0.03 -46.25
N SER F 21 -69.16 -0.22 -47.28
CA SER F 21 -68.20 -1.32 -47.31
C SER F 21 -66.81 -0.80 -47.61
N CYS F 22 -65.83 -1.33 -46.88
CA CYS F 22 -64.42 -1.02 -47.11
C CYS F 22 -63.63 -2.31 -47.02
N VAL F 23 -63.05 -2.73 -48.15
CA VAL F 23 -62.27 -3.97 -48.23
C VAL F 23 -60.87 -3.62 -48.70
N ALA F 24 -59.86 -4.08 -47.95
CA ALA F 24 -58.46 -3.85 -48.29
C ALA F 24 -57.81 -5.19 -48.59
N SER F 25 -57.22 -5.31 -49.79
CA SER F 25 -56.57 -6.55 -50.18
C SER F 25 -55.25 -6.72 -49.43
N GLY F 26 -54.89 -7.97 -49.20
CA GLY F 26 -53.67 -8.30 -48.48
C GLY F 26 -53.80 -9.65 -47.82
N ARG F 27 -52.89 -9.91 -46.88
CA ARG F 27 -52.86 -11.17 -46.15
C ARG F 27 -52.71 -10.99 -44.65
N THR F 28 -52.86 -9.77 -44.14
CA THR F 28 -52.66 -9.45 -42.73
C THR F 28 -53.84 -8.67 -42.19
N PHE F 29 -55.06 -9.16 -42.46
CA PHE F 29 -56.26 -8.43 -42.04
C PHE F 29 -56.41 -8.39 -40.53
N SER F 30 -55.90 -9.40 -39.83
CA SER F 30 -56.03 -9.44 -38.37
C SER F 30 -55.25 -8.31 -37.69
N SER F 31 -54.31 -7.68 -38.39
CA SER F 31 -53.53 -6.58 -37.86
C SER F 31 -53.88 -5.24 -38.49
N LEU F 32 -54.93 -5.18 -39.30
CA LEU F 32 -55.27 -3.94 -40.00
C LEU F 32 -56.10 -3.02 -39.12
N ASN F 33 -55.95 -1.72 -39.34
CA ASN F 33 -56.68 -0.69 -38.62
C ASN F 33 -57.39 0.20 -39.64
N ILE F 34 -58.62 0.60 -39.32
CA ILE F 34 -59.49 1.34 -40.23
C ILE F 34 -59.79 2.71 -39.63
N VAL F 35 -59.63 3.76 -40.42
CA VAL F 35 -59.99 5.12 -40.06
C VAL F 35 -60.97 5.65 -41.10
N TRP F 36 -62.07 6.22 -40.64
CA TRP F 36 -63.14 6.67 -41.52
C TRP F 36 -63.19 8.21 -41.57
N PHE F 37 -63.76 8.72 -42.66
CA PHE F 37 -63.93 10.15 -42.85
C PHE F 37 -65.20 10.38 -43.67
N ARG F 38 -65.68 11.62 -43.64
CA ARG F 38 -66.77 12.05 -44.50
C ARG F 38 -66.52 13.47 -44.96
N GLN F 39 -66.91 13.77 -46.19
CA GLN F 39 -66.71 15.10 -46.78
C GLN F 39 -68.02 15.55 -47.42
N ALA F 40 -68.72 16.47 -46.75
CA ALA F 40 -69.96 16.99 -47.28
C ALA F 40 -69.69 17.93 -48.46
N PRO F 41 -70.60 17.98 -49.44
CA PRO F 41 -70.44 18.93 -50.55
C PRO F 41 -70.61 20.36 -50.06
N GLY F 42 -69.57 21.17 -50.25
CA GLY F 42 -69.59 22.54 -49.78
C GLY F 42 -69.31 22.72 -48.30
N LYS F 43 -68.92 21.67 -47.60
CA LYS F 43 -68.64 21.73 -46.17
C LYS F 43 -67.31 21.03 -45.89
N GLU F 44 -66.88 21.12 -44.63
CA GLU F 44 -65.61 20.54 -44.22
C GLU F 44 -65.70 19.02 -44.16
N ARG F 45 -64.55 18.38 -44.32
CA ARG F 45 -64.43 16.93 -44.24
C ARG F 45 -64.01 16.54 -42.83
N LYS F 46 -64.80 15.68 -42.18
CA LYS F 46 -64.62 15.39 -40.77
C LYS F 46 -64.48 13.89 -40.55
N PHE F 47 -63.78 13.54 -39.47
CA PHE F 47 -63.57 12.16 -39.07
C PHE F 47 -64.88 11.53 -38.60
N VAL F 48 -65.04 10.24 -38.90
CA VAL F 48 -66.28 9.52 -38.64
C VAL F 48 -66.11 8.49 -37.52
N ALA F 49 -65.28 7.48 -37.74
CA ALA F 49 -65.14 6.39 -36.79
C ALA F 49 -63.92 5.53 -37.11
N ALA F 50 -63.03 5.35 -36.13
CA ALA F 50 -61.84 4.54 -36.29
C ALA F 50 -61.99 3.27 -35.48
N ILE F 51 -61.94 2.13 -36.15
CA ILE F 51 -62.02 0.82 -35.50
C ILE F 51 -60.64 0.19 -35.61
N ASN F 52 -59.89 0.25 -34.51
CA ASN F 52 -58.53 -0.27 -34.45
C ASN F 52 -58.51 -1.50 -33.56
N ASP F 53 -57.75 -2.51 -33.97
CA ASP F 53 -57.74 -3.80 -33.30
C ASP F 53 -59.15 -4.35 -33.18
N ARG F 54 -59.69 -4.37 -31.96
CA ARG F 54 -61.09 -4.73 -31.73
C ARG F 54 -61.83 -3.65 -30.96
N ASN F 55 -61.36 -2.41 -31.03
CA ASN F 55 -61.97 -1.29 -30.31
C ASN F 55 -62.76 -0.43 -31.29
N THR F 56 -63.87 0.12 -30.81
CA THR F 56 -64.76 0.94 -31.63
C THR F 56 -65.01 2.27 -30.93
N ALA F 57 -65.25 3.31 -31.74
CA ALA F 57 -65.57 4.63 -31.23
C ALA F 57 -66.25 5.43 -32.32
N TYR F 58 -67.05 6.42 -31.90
CA TYR F 58 -67.78 7.26 -32.82
C TYR F 58 -67.77 8.71 -32.33
N ALA F 59 -67.98 9.63 -33.27
CA ALA F 59 -67.96 11.05 -32.98
C ALA F 59 -69.30 11.49 -32.39
N GLU F 60 -69.51 12.81 -32.28
CA GLU F 60 -70.73 13.33 -31.67
C GLU F 60 -71.96 13.00 -32.51
N SER F 61 -71.91 13.30 -33.80
CA SER F 61 -73.08 13.19 -34.67
C SER F 61 -73.27 11.79 -35.23
N VAL F 62 -72.39 10.84 -34.91
CA VAL F 62 -72.47 9.49 -35.44
C VAL F 62 -72.51 8.43 -34.35
N LYS F 63 -72.44 8.81 -33.09
CA LYS F 63 -72.49 7.82 -32.01
C LYS F 63 -73.90 7.26 -31.89
N GLY F 64 -74.01 5.94 -31.81
CA GLY F 64 -75.30 5.28 -31.76
C GLY F 64 -75.93 5.15 -33.13
N ARG F 65 -75.89 6.23 -33.91
CA ARG F 65 -76.38 6.18 -35.28
C ARG F 65 -75.52 5.25 -36.13
N PHE F 66 -74.20 5.29 -35.94
CA PHE F 66 -73.28 4.47 -36.70
C PHE F 66 -72.93 3.22 -35.90
N THR F 67 -73.07 2.05 -36.52
CA THR F 67 -72.71 0.77 -35.91
C THR F 67 -71.62 0.16 -36.78
N ILE F 68 -70.36 0.44 -36.43
CA ILE F 68 -69.23 -0.04 -37.21
C ILE F 68 -68.99 -1.51 -36.89
N SER F 69 -68.50 -2.24 -37.89
CA SER F 69 -68.22 -3.66 -37.74
C SER F 69 -67.21 -4.08 -38.79
N ARG F 70 -66.58 -5.23 -38.56
CA ARG F 70 -65.60 -5.78 -39.48
C ARG F 70 -65.86 -7.27 -39.67
N ASP F 71 -65.43 -7.78 -40.82
CA ASP F 71 -65.57 -9.19 -41.17
C ASP F 71 -64.17 -9.77 -41.38
N ASN F 72 -63.69 -10.53 -40.40
CA ASN F 72 -62.37 -11.14 -40.52
C ASN F 72 -62.35 -12.24 -41.57
N ALA F 73 -63.52 -12.83 -41.89
CA ALA F 73 -63.56 -13.92 -42.84
C ALA F 73 -63.29 -13.44 -44.27
N LYS F 74 -63.85 -12.28 -44.64
CA LYS F 74 -63.77 -11.79 -46.01
C LYS F 74 -63.16 -10.39 -46.10
N ASN F 75 -62.48 -9.95 -45.05
CA ASN F 75 -61.79 -8.65 -45.03
C ASN F 75 -62.76 -7.50 -45.33
N THR F 76 -63.98 -7.60 -44.80
CA THR F 76 -65.04 -6.64 -45.09
C THR F 76 -65.34 -5.83 -43.84
N VAL F 77 -65.62 -4.54 -44.03
CA VAL F 77 -66.04 -3.64 -42.96
C VAL F 77 -67.43 -3.13 -43.31
N HIS F 78 -68.40 -3.40 -42.44
CA HIS F 78 -69.77 -2.98 -42.63
C HIS F 78 -70.15 -1.95 -41.57
N LEU F 79 -70.68 -0.82 -42.02
CA LEU F 79 -71.11 0.27 -41.14
C LEU F 79 -72.62 0.39 -41.25
N GLN F 80 -73.33 -0.08 -40.23
CA GLN F 80 -74.78 0.04 -40.22
C GLN F 80 -75.18 1.51 -40.02
N MET F 81 -76.11 1.97 -40.85
CA MET F 81 -76.50 3.37 -40.88
C MET F 81 -77.92 3.50 -40.35
N ASN F 82 -78.09 4.30 -39.29
CA ASN F 82 -79.39 4.50 -38.67
C ASN F 82 -79.55 5.98 -38.35
N SER F 83 -80.81 6.42 -38.26
CA SER F 83 -81.16 7.80 -37.92
C SER F 83 -80.56 8.78 -38.92
N LEU F 84 -81.00 8.66 -40.16
CA LEU F 84 -80.52 9.52 -41.24
C LEU F 84 -80.88 10.98 -40.98
N LYS F 85 -79.89 11.86 -41.13
CA LYS F 85 -80.05 13.29 -40.99
C LYS F 85 -79.58 14.01 -42.25
N PRO F 86 -80.32 15.01 -42.71
CA PRO F 86 -79.95 15.69 -43.96
C PRO F 86 -78.58 16.34 -43.93
N GLU F 87 -78.15 16.84 -42.76
CA GLU F 87 -76.86 17.52 -42.66
C GLU F 87 -75.68 16.57 -42.79
N ASP F 88 -75.91 15.26 -42.76
CA ASP F 88 -74.83 14.27 -42.83
C ASP F 88 -74.55 13.81 -44.26
N THR F 89 -75.17 14.42 -45.27
CA THR F 89 -74.89 14.09 -46.66
C THR F 89 -73.42 14.40 -46.96
N ALA F 90 -72.63 13.35 -47.19
CA ALA F 90 -71.19 13.53 -47.35
C ALA F 90 -70.62 12.36 -48.14
N VAL F 91 -69.43 12.57 -48.68
CA VAL F 91 -68.67 11.52 -49.35
C VAL F 91 -67.72 10.90 -48.32
N TYR F 92 -67.85 9.60 -48.11
CA TYR F 92 -67.12 8.90 -47.05
C TYR F 92 -65.86 8.27 -47.63
N TYR F 93 -64.71 8.65 -47.07
CA TYR F 93 -63.42 8.08 -47.45
C TYR F 93 -62.98 7.13 -46.35
N CYS F 94 -62.81 5.86 -46.69
CA CYS F 94 -62.38 4.85 -45.74
C CYS F 94 -60.89 4.57 -45.92
N HIS F 95 -60.19 4.38 -44.81
CA HIS F 95 -58.75 4.20 -44.81
C HIS F 95 -58.39 2.88 -44.14
N SER F 96 -57.35 2.23 -44.66
CA SER F 96 -56.86 0.96 -44.14
C SER F 96 -55.36 1.04 -43.93
N ALA F 97 -54.90 0.58 -42.77
CA ALA F 97 -53.49 0.60 -42.44
C ALA F 97 -53.21 -0.44 -41.36
N ASP F 98 -51.93 -0.76 -41.19
CA ASP F 98 -51.49 -1.70 -40.18
C ASP F 98 -51.31 -0.98 -38.84
N VAL F 99 -50.72 -1.67 -37.86
CA VAL F 99 -50.46 -1.05 -36.56
C VAL F 99 -49.39 0.03 -36.65
N ASN F 100 -48.52 -0.03 -37.67
CA ASN F 100 -47.51 1.00 -37.87
C ASN F 100 -48.12 2.29 -38.42
N GLY F 101 -49.16 2.18 -39.25
CA GLY F 101 -49.68 3.31 -39.98
C GLY F 101 -49.25 3.37 -41.43
N GLY F 102 -48.49 2.37 -41.89
CA GLY F 102 -48.08 2.29 -43.27
C GLY F 102 -49.10 1.57 -44.12
N MET F 103 -48.65 1.18 -45.32
CA MET F 103 -49.54 0.61 -46.35
C MET F 103 -50.75 1.54 -46.52
N ASP F 104 -50.46 2.77 -46.93
CA ASP F 104 -51.51 3.78 -47.06
C ASP F 104 -52.06 3.76 -48.49
N TYR F 105 -53.34 3.38 -48.62
CA TYR F 105 -54.02 3.45 -49.89
C TYR F 105 -55.22 4.38 -49.76
N TRP F 106 -55.48 5.13 -50.83
CA TRP F 106 -56.50 6.17 -50.82
C TRP F 106 -57.80 5.62 -51.38
N GLY F 107 -58.88 5.79 -50.62
CA GLY F 107 -60.20 5.39 -51.08
C GLY F 107 -60.82 6.45 -51.97
N LYS F 108 -61.46 5.99 -53.05
CA LYS F 108 -62.08 6.92 -53.99
C LYS F 108 -63.23 7.68 -53.34
N GLY F 109 -64.06 7.00 -52.56
CA GLY F 109 -65.19 7.62 -51.93
C GLY F 109 -66.46 7.49 -52.73
N THR F 110 -67.55 7.11 -52.08
CA THR F 110 -68.84 6.93 -52.73
C THR F 110 -69.78 8.08 -52.40
N GLN F 111 -70.75 8.30 -53.29
CA GLN F 111 -71.70 9.39 -53.14
C GLN F 111 -72.84 8.96 -52.22
N VAL F 112 -72.93 9.61 -51.07
CA VAL F 112 -73.99 9.35 -50.09
C VAL F 112 -74.79 10.62 -49.90
N THR F 113 -76.11 10.54 -50.04
CA THR F 113 -76.99 11.68 -49.92
C THR F 113 -78.17 11.34 -49.03
N VAL F 114 -78.53 12.26 -48.14
CA VAL F 114 -79.71 12.12 -47.29
C VAL F 114 -80.70 13.19 -47.73
N SER F 115 -81.89 12.75 -48.15
CA SER F 115 -82.90 13.64 -48.70
C SER F 115 -83.75 14.23 -47.57
N SER F 116 -84.01 15.53 -47.65
CA SER F 116 -84.86 16.20 -46.68
C SER F 116 -86.33 15.91 -46.95
N HIS F 117 -87.17 16.24 -45.97
CA HIS F 117 -88.60 16.03 -46.10
C HIS F 117 -89.36 17.33 -45.80
C1 NAG G . -58.49 -26.94 -20.41
C2 NAG G . -59.60 -25.89 -20.38
C3 NAG G . -59.30 -24.85 -19.30
C4 NAG G . -59.06 -25.54 -17.96
C5 NAG G . -57.99 -26.61 -18.10
C6 NAG G . -57.80 -27.42 -16.83
C7 NAG G . -60.90 -24.73 -22.10
C8 NAG G . -60.88 -24.10 -23.47
N2 NAG G . -59.74 -25.24 -21.67
O3 NAG G . -60.39 -23.95 -19.20
O4 NAG G . -58.66 -24.58 -16.98
O5 NAG G . -58.35 -27.54 -19.13
O6 NAG G . -57.78 -28.81 -17.10
O7 NAG G . -61.92 -24.76 -21.42
C1 NAG G . -59.71 -24.42 -16.03
C2 NAG G . -59.11 -23.90 -14.72
C3 NAG G . -60.23 -23.67 -13.69
C4 NAG G . -61.30 -22.77 -14.26
C5 NAG G . -61.81 -23.33 -15.59
C6 NAG G . -62.80 -22.42 -16.27
C7 NAG G . -56.86 -24.46 -13.96
C8 NAG G . -55.95 -25.53 -13.42
N2 NAG G . -58.12 -24.82 -14.20
O3 NAG G . -59.66 -23.08 -12.52
O4 NAG G . -62.38 -22.67 -13.35
O5 NAG G . -60.72 -23.50 -16.50
O6 NAG G . -63.50 -23.10 -17.32
O7 NAG G . -56.45 -23.31 -14.16
C1 NAG H . -42.15 -26.45 -42.07
C2 NAG H . -43.44 -25.93 -42.69
C3 NAG H . -43.32 -24.43 -42.94
C4 NAG H . -42.88 -23.68 -41.68
C5 NAG H . -41.65 -24.36 -41.07
C6 NAG H . -41.25 -23.79 -39.73
C7 NAG H . -44.96 -27.14 -44.18
C8 NAG H . -45.11 -27.83 -45.51
N2 NAG H . -43.76 -26.63 -43.92
O3 NAG H . -44.59 -23.92 -43.37
O4 NAG H . -42.55 -22.36 -42.03
O5 NAG H . -41.89 -25.76 -40.86
O6 NAG H . -40.17 -24.52 -39.16
O7 NAG H . -45.90 -27.05 -43.38
C1 NAG H . -43.23 -21.38 -41.20
C2 NAG H . -43.65 -20.21 -42.10
C3 NAG H . -44.37 -19.15 -41.27
C4 NAG H . -45.53 -19.77 -40.50
C5 NAG H . -45.05 -20.98 -39.69
C6 NAG H . -46.18 -21.72 -39.01
C7 NAG H . -42.12 -20.02 -44.00
C8 NAG H . -40.92 -19.32 -44.56
N2 NAG H . -42.51 -19.63 -42.78
O3 NAG H . -44.85 -18.12 -42.12
O4 NAG H . -46.11 -18.81 -39.61
O5 NAG H . -44.39 -21.92 -40.54
O6 NAG H . -47.29 -20.87 -38.77
O7 NAG H . -42.71 -20.89 -44.62
C1 NAG I . -51.24 -4.14 -26.24
C2 NAG I . -51.00 -2.89 -25.40
C3 NAG I . -51.91 -2.90 -24.17
C4 NAG I . -53.36 -3.10 -24.58
C5 NAG I . -53.50 -4.33 -25.47
C6 NAG I . -54.89 -4.51 -26.01
C7 NAG I . -48.65 -2.31 -25.81
C8 NAG I . -47.26 -2.27 -25.24
N2 NAG I . -49.60 -2.79 -25.00
O3 NAG I . -51.76 -1.68 -23.47
O4 NAG I . -54.17 -3.28 -23.42
O5 NAG I . -52.62 -4.23 -26.60
O6 NAG I . -55.06 -3.83 -27.26
O7 NAG I . -48.89 -1.92 -26.94
C1 NAG I . -54.90 -2.07 -23.14
C2 NAG I . -56.22 -2.43 -22.45
C3 NAG I . -56.98 -1.16 -22.08
C4 NAG I . -56.10 -0.24 -21.26
C5 NAG I . -54.79 0.04 -21.98
C6 NAG I . -53.82 0.86 -21.17
C7 NAG I . -57.41 -4.51 -22.97
C8 NAG I . -58.24 -5.25 -23.97
N2 NAG I . -57.03 -3.28 -23.31
O3 NAG I . -58.15 -1.51 -21.34
O4 NAG I . -56.78 1.00 -21.02
O5 NAG I . -54.14 -1.20 -22.29
O6 NAG I . -54.49 1.66 -20.21
O7 NAG I . -57.08 -5.02 -21.90
C1 NAG J . -7.82 -31.51 -35.58
C2 NAG J . -7.34 -32.93 -35.30
C3 NAG J . -6.52 -33.44 -36.47
C4 NAG J . -7.28 -33.26 -37.79
C5 NAG J . -7.91 -31.87 -37.91
C6 NAG J . -8.89 -31.77 -39.06
C7 NAG J . -7.04 -33.35 -32.90
C8 NAG J . -6.09 -33.32 -31.74
N2 NAG J . -6.54 -32.97 -34.08
O3 NAG J . -6.21 -34.81 -36.27
O4 NAG J . -6.35 -33.40 -38.86
O5 NAG J . -8.63 -31.53 -36.72
O6 NAG J . -10.14 -32.32 -38.72
O7 NAG J . -8.21 -33.69 -32.77
C1 NAG J . -6.68 -34.47 -39.77
C2 NAG J . -5.51 -34.58 -40.74
C3 NAG J . -5.76 -35.71 -41.74
C4 NAG J . -6.06 -37.00 -41.00
C5 NAG J . -7.21 -36.79 -40.01
C6 NAG J . -7.48 -38.02 -39.16
C7 NAG J . -4.35 -32.44 -41.04
C8 NAG J . -4.25 -31.19 -41.87
N2 NAG J . -5.28 -33.32 -41.43
O3 NAG J . -4.61 -35.88 -42.56
O4 NAG J . -6.43 -38.02 -41.94
O5 NAG J . -6.88 -35.73 -39.11
O6 NAG J . -6.29 -38.53 -38.59
O7 NAG J . -3.63 -32.64 -40.07
C1 NAG K . -13.54 -35.84 19.80
C2 NAG K . -12.49 -35.68 20.93
C3 NAG K . -12.56 -36.86 21.90
C4 NAG K . -13.99 -37.07 22.40
C5 NAG K . -14.94 -37.21 21.22
C6 NAG K . -16.39 -37.32 21.63
C7 NAG K . -10.13 -35.03 21.04
C8 NAG K . -8.82 -34.97 20.32
N2 NAG K . -11.16 -35.56 20.37
O3 NAG K . -11.69 -36.63 22.99
O4 NAG K . -14.09 -38.25 23.19
O5 NAG K . -14.84 -36.05 20.38
O6 NAG K . -16.88 -36.11 22.20
O7 NAG K . -10.25 -34.61 22.20
C1 NAG K . -14.22 -37.92 24.57
C2 NAG K . -15.06 -39.00 25.28
C3 NAG K . -15.09 -38.79 26.80
C4 NAG K . -13.68 -38.63 27.34
C5 NAG K . -12.98 -37.50 26.59
C6 NAG K . -11.54 -37.30 27.03
C7 NAG K . -17.43 -38.27 24.71
C8 NAG K . -17.20 -36.92 25.32
N2 NAG K . -16.41 -39.16 24.72
O3 NAG K . -15.73 -39.90 27.42
O4 NAG K . -13.72 -38.31 28.72
O5 NAG K . -12.93 -37.82 25.19
O6 NAG K . -11.25 -38.01 28.22
O7 NAG K . -18.51 -38.56 24.20
C1 NAG L . 36.66 -57.14 -2.89
C2 NAG L . 37.00 -58.58 -3.23
C3 NAG L . 37.07 -58.77 -4.75
C4 NAG L . 35.78 -58.28 -5.39
C5 NAG L . 35.48 -56.85 -4.96
C6 NAG L . 34.15 -56.33 -5.46
C7 NAG L . 38.33 -59.61 -1.44
C8 NAG L . 39.71 -59.94 -0.96
N2 NAG L . 38.26 -58.98 -2.63
O3 NAG L . 37.27 -60.14 -5.04
O4 NAG L . 35.90 -58.33 -6.81
O5 NAG L . 35.44 -56.77 -3.53
O6 NAG L . 33.40 -55.73 -4.42
O7 NAG L . 37.33 -59.88 -0.79
C1 NAG L . 34.92 -59.25 -7.33
C2 NAG L . 34.65 -58.92 -8.79
C3 NAG L . 33.66 -59.89 -9.39
C4 NAG L . 34.12 -61.34 -9.17
C5 NAG L . 34.41 -61.58 -7.69
C6 NAG L . 35.00 -62.94 -7.42
C7 NAG L . 34.90 -56.57 -9.48
C8 NAG L . 34.25 -55.22 -9.54
N2 NAG L . 34.18 -57.55 -8.94
O3 NAG L . 33.51 -59.64 -10.78
O4 NAG L . 33.12 -62.24 -9.60
O5 NAG L . 35.37 -60.61 -7.22
O6 NAG L . 35.34 -63.09 -6.05
O7 NAG L . 36.05 -56.77 -9.89
C1 NAG M . 35.09 -45.61 -21.60
C2 NAG M . 35.72 -46.64 -22.54
C3 NAG M . 35.08 -46.56 -23.92
C4 NAG M . 33.57 -46.67 -23.83
C5 NAG M . 33.04 -45.62 -22.86
C6 NAG M . 31.55 -45.70 -22.63
C7 NAG M . 38.02 -47.49 -22.68
C8 NAG M . 39.47 -47.12 -22.77
N2 NAG M . 37.16 -46.47 -22.62
O3 NAG M . 35.60 -47.62 -24.74
O4 NAG M . 32.98 -46.49 -25.10
O5 NAG M . 33.67 -45.78 -21.59
O6 NAG M . 31.00 -44.44 -22.27
O7 NAG M . 37.65 -48.66 -22.67
C1 NAG M . 32.33 -47.72 -25.48
C2 NAG M . 31.29 -47.42 -26.56
C3 NAG M . 30.61 -48.71 -27.02
C4 NAG M . 31.65 -49.74 -27.44
C5 NAG M . 32.68 -49.94 -26.33
C6 NAG M . 33.81 -50.86 -26.73
C7 NAG M . 30.47 -45.14 -26.18
C8 NAG M . 29.35 -44.30 -25.65
N2 NAG M . 30.30 -46.46 -26.09
O3 NAG M . 29.74 -48.43 -28.09
O4 NAG M . 31.02 -50.98 -27.73
O5 NAG M . 33.27 -48.68 -25.97
O6 NAG M . 34.87 -50.13 -27.35
O7 NAG M . 31.47 -44.64 -26.68
C1 NAG N . 30.79 -60.04 14.62
C2 NAG N . 29.99 -60.43 13.39
C3 NAG N . 28.54 -59.97 13.53
C4 NAG N . 27.94 -60.53 14.82
C5 NAG N . 28.83 -60.17 16.01
C6 NAG N . 28.38 -60.84 17.30
C7 NAG N . 31.09 -60.62 11.19
C8 NAG N . 31.66 -59.87 10.03
N2 NAG N . 30.59 -59.86 12.18
O3 NAG N . 27.78 -60.42 12.42
O4 NAG N . 26.65 -59.97 15.03
O5 NAG N . 30.17 -60.60 15.77
O6 NAG N . 29.48 -61.30 18.06
O7 NAG N . 31.08 -61.84 11.25
C1 NAG N . 25.66 -61.02 14.92
C2 NAG N . 24.57 -60.79 15.98
C3 NAG N . 23.49 -61.85 15.86
C4 NAG N . 22.96 -61.91 14.44
C5 NAG N . 24.10 -62.11 13.44
C6 NAG N . 23.65 -62.06 12.00
C7 NAG N . 24.71 -59.94 18.28
C8 NAG N . 25.40 -60.05 19.60
N2 NAG N . 25.14 -60.76 17.32
O3 NAG N . 22.44 -61.56 16.76
O4 NAG N . 22.04 -63.00 14.31
O5 NAG N . 25.07 -61.06 13.62
O6 NAG N . 24.57 -62.71 11.15
O7 NAG N . 23.79 -59.14 18.08
C1 FUC N . 29.67 -62.72 17.84
C2 FUC N . 30.65 -63.25 18.92
C3 FUC N . 31.00 -64.73 18.67
C4 FUC N . 29.91 -65.47 17.85
C5 FUC N . 28.52 -64.87 18.13
C6 FUC N . 27.40 -65.50 17.30
O2 FUC N . 30.19 -63.04 20.24
O3 FUC N . 32.23 -64.84 17.96
O4 FUC N . 30.21 -65.42 16.45
O5 FUC N . 28.44 -63.43 17.89
C1 NAG O . 46.18 -66.76 12.56
C2 NAG O . 45.75 -68.16 12.13
C3 NAG O . 46.93 -69.12 12.21
C4 NAG O . 48.12 -68.58 11.44
C5 NAG O . 48.44 -67.15 11.89
C6 NAG O . 49.52 -66.50 11.07
C7 NAG O . 43.36 -68.41 12.65
C8 NAG O . 42.36 -68.99 13.61
N2 NAG O . 44.65 -68.65 12.94
O3 NAG O . 46.55 -70.39 11.68
O4 NAG O . 49.26 -69.41 11.66
O5 NAG O . 47.28 -66.33 11.76
O6 NAG O . 49.02 -66.05 9.82
O7 NAG O . 43.03 -67.76 11.67
C1 NAG O . 49.74 -69.89 10.38
C2 NAG O . 51.24 -70.13 10.50
C3 NAG O . 51.79 -70.64 9.17
C4 NAG O . 51.00 -71.85 8.68
C5 NAG O . 49.50 -71.56 8.70
C6 NAG O . 48.66 -72.78 8.38
C7 NAG O . 53.05 -68.95 11.66
C8 NAG O . 53.64 -67.62 12.00
N2 NAG O . 51.93 -68.93 10.92
O3 NAG O . 53.16 -70.97 9.33
O4 NAG O . 51.36 -72.15 7.34
O5 NAG O . 49.09 -71.10 10.00
O6 NAG O . 47.35 -72.43 7.98
O7 NAG O . 53.56 -70.00 12.04
C1 MAN O . 52.41 -73.15 7.27
C2 MAN O . 53.00 -73.10 5.83
C3 MAN O . 53.75 -74.38 5.50
C4 MAN O . 54.15 -75.13 6.78
C5 MAN O . 52.88 -75.55 7.54
C6 MAN O . 53.15 -76.06 8.94
O2 MAN O . 53.95 -72.04 5.68
O3 MAN O . 54.90 -74.13 4.69
O4 MAN O . 54.92 -76.27 6.45
O5 MAN O . 51.93 -74.44 7.62
O6 MAN O . 53.73 -75.00 9.71
C1 NAG P . 52.15 -61.14 31.40
C2 NAG P . 51.21 -61.99 32.24
C3 NAG P . 51.37 -61.69 33.72
C4 NAG P . 52.82 -61.83 34.14
C5 NAG P . 53.68 -60.92 33.26
C6 NAG P . 55.16 -61.03 33.55
C7 NAG P . 49.25 -62.51 30.84
C8 NAG P . 47.81 -62.17 30.55
N2 NAG P . 49.82 -61.81 31.83
O3 NAG P . 50.56 -62.58 34.48
O4 NAG P . 53.00 -61.51 35.51
O5 NAG P . 53.50 -61.28 31.88
O6 NAG P . 55.74 -62.16 32.90
O7 NAG P . 49.85 -63.37 30.21
C1 NAG P . 53.46 -62.71 36.16
C2 NAG P . 54.36 -62.32 37.34
C3 NAG P . 54.86 -63.58 38.05
C4 NAG P . 53.69 -64.48 38.43
C5 NAG P . 52.78 -64.73 37.23
C6 NAG P . 51.51 -65.48 37.61
C7 NAG P . 55.71 -60.27 37.35
C8 NAG P . 56.90 -59.57 36.78
N2 NAG P . 55.47 -61.51 36.89
O3 NAG P . 55.60 -63.21 39.21
O4 NAG P . 54.20 -65.74 38.87
O5 NAG P . 52.36 -63.49 36.64
O6 NAG P . 50.36 -64.83 37.10
O7 NAG P . 54.97 -59.74 38.18
C1 MAN P . 54.13 -65.87 40.31
C2 MAN P . 53.68 -67.33 40.61
C3 MAN P . 52.97 -67.41 41.97
C4 MAN P . 53.50 -66.32 42.91
C5 MAN P . 53.13 -64.94 42.35
C6 MAN P . 53.97 -63.81 42.92
O2 MAN P . 54.80 -68.21 40.70
O3 MAN P . 53.11 -68.69 42.56
O4 MAN P . 52.94 -66.49 44.20
O5 MAN P . 53.25 -64.91 40.90
O6 MAN P . 53.13 -62.67 43.11
C1 NAG Q . -26.18 30.80 57.16
C2 NAG Q . -27.32 31.71 56.70
C3 NAG Q . -27.17 32.01 55.20
C4 NAG Q . -25.77 32.54 54.90
C5 NAG Q . -24.70 31.63 55.47
C6 NAG Q . -23.30 32.19 55.33
C7 NAG Q . -29.72 31.81 57.20
C8 NAG Q . -30.96 31.01 57.47
N2 NAG Q . -28.61 31.10 56.97
O3 NAG Q . -28.16 32.96 54.82
O4 NAG Q . -25.60 32.63 53.48
O5 NAG Q . -24.93 31.43 56.88
O6 NAG Q . -22.33 31.16 55.23
O7 NAG Q . -29.71 33.04 57.19
C1 NAG Q . -25.43 34.00 53.07
C2 NAG Q . -25.23 34.00 51.56
C3 NAG Q . -26.31 34.84 50.86
C4 NAG Q . -26.44 36.23 51.48
C5 NAG Q . -26.41 36.16 53.01
C6 NAG Q . -27.52 36.93 53.66
C7 NAG Q . -23.01 33.76 50.54
C8 NAG Q . -21.69 34.42 50.27
N2 NAG Q . -23.91 34.49 51.21
O3 NAG Q . -27.55 34.15 50.94
O4 NAG Q . -25.38 37.05 51.03
O5 NAG Q . -26.55 34.78 53.42
O6 NAG Q . -27.18 38.30 53.78
O7 NAG Q . -23.25 32.61 50.18
C1 NAG R . 10.62 46.67 7.12
C2 NAG R . 11.91 46.42 6.36
C3 NAG R . 13.09 46.40 7.33
C4 NAG R . 13.12 47.66 8.18
C5 NAG R . 11.77 47.85 8.86
C6 NAG R . 11.67 49.16 9.62
C7 NAG R . 12.31 45.07 4.35
C8 NAG R . 12.16 43.72 3.72
N2 NAG R . 11.85 45.18 5.60
O3 NAG R . 14.31 46.29 6.60
O4 NAG R . 14.13 47.55 9.18
O5 NAG R . 10.72 47.88 7.88
O6 NAG R . 11.54 50.26 8.74
O7 NAG R . 12.82 46.01 3.75
C1 NAG R . 15.22 48.45 8.88
C2 NAG R . 15.91 48.81 10.19
C3 NAG R . 17.10 49.72 9.93
C4 NAG R . 18.03 49.07 8.91
C5 NAG R . 17.26 48.71 7.65
C6 NAG R . 18.10 47.96 6.64
C7 NAG R . 14.30 48.77 12.05
C8 NAG R . 13.39 49.58 12.91
N2 NAG R . 14.98 49.44 11.11
O3 NAG R . 17.80 49.95 11.14
O4 NAG R . 19.09 49.98 8.57
O5 NAG R . 16.17 47.85 7.98
O6 NAG R . 19.48 48.29 6.76
O7 NAG R . 14.43 47.56 12.20
C1 NAG S . 24.86 19.88 25.56
C2 NAG S . 26.18 19.13 25.33
C3 NAG S . 27.35 19.95 25.88
C4 NAG S . 27.34 21.36 25.29
C5 NAG S . 25.97 22.01 25.53
C6 NAG S . 25.83 23.36 24.87
C7 NAG S . 26.08 16.68 25.25
C8 NAG S . 26.07 15.40 26.05
N2 NAG S . 26.14 17.82 25.95
O3 NAG S . 28.57 19.31 25.54
O4 NAG S . 28.36 22.14 25.89
O5 NAG S . 24.96 21.18 24.98
O6 NAG S . 24.48 23.64 24.52
O7 NAG S . 26.03 16.68 24.02
C1 NAG S . 29.32 22.54 24.90
C2 NAG S . 29.74 23.98 25.15
C3 NAG S . 30.79 24.41 24.12
C4 NAG S . 31.95 23.44 24.11
C5 NAG S . 31.45 22.00 23.91
C6 NAG S . 32.55 20.97 24.01
C7 NAG S . 28.41 25.86 26.01
C8 NAG S . 27.18 26.69 25.83
N2 NAG S . 28.60 24.87 25.13
O3 NAG S . 31.24 25.72 24.41
O4 NAG S . 32.85 23.76 23.06
O5 NAG S . 30.48 21.68 24.93
O6 NAG S . 32.48 20.26 25.24
O7 NAG S . 29.22 26.08 26.91
C1 NAG T . 45.98 -33.05 36.47
C2 NAG T . 46.85 -33.47 37.66
C3 NAG T . 46.06 -34.39 38.59
C4 NAG T . 44.75 -33.73 39.00
C5 NAG T . 43.97 -33.33 37.75
C6 NAG T . 42.70 -32.56 38.07
C7 NAG T . 49.27 -33.55 37.27
C8 NAG T . 50.42 -34.35 36.77
N2 NAG T . 48.07 -34.12 37.21
O3 NAG T . 46.84 -34.68 39.75
O4 NAG T . 43.97 -34.65 39.77
O5 NAG T . 44.78 -32.46 36.94
O6 NAG T . 41.70 -32.77 37.07
O7 NAG T . 49.42 -32.40 37.70
C1 NAG T . 43.67 -34.07 41.06
C2 NAG T . 42.54 -34.89 41.68
C3 NAG T . 42.20 -34.34 43.07
C4 NAG T . 43.45 -34.27 43.93
C5 NAG T . 44.54 -33.49 43.22
C6 NAG T . 45.86 -33.48 43.97
C7 NAG T . 41.09 -35.89 39.99
C8 NAG T . 39.83 -35.73 39.18
N2 NAG T . 41.36 -34.89 40.83
O3 NAG T . 41.22 -35.17 43.68
O4 NAG T . 43.14 -33.63 45.17
O5 NAG T . 44.81 -34.08 41.94
O6 NAG T . 46.53 -34.73 43.84
O7 NAG T . 41.80 -36.87 39.89
C1 NAG U . 26.47 -42.58 35.92
C2 NAG U . 26.72 -43.68 36.95
C3 NAG U . 25.44 -43.97 37.71
C4 NAG U . 24.86 -42.70 38.32
C5 NAG U . 24.68 -41.65 37.23
C6 NAG U . 24.23 -40.32 37.77
C7 NAG U . 28.11 -45.70 36.93
C8 NAG U . 28.53 -46.90 36.14
N2 NAG U . 27.23 -44.88 36.33
O3 NAG U . 25.71 -44.92 38.74
O4 NAG U . 23.61 -42.96 38.93
O5 NAG U . 25.93 -41.42 36.57
O6 NAG U . 25.27 -39.67 38.49
O7 NAG U . 28.52 -45.48 38.06
C1 NAG U . 23.80 -42.92 40.36
C2 NAG U . 22.54 -42.31 41.00
C3 NAG U . 22.69 -42.31 42.53
C4 NAG U . 23.02 -43.70 43.04
C5 NAG U . 24.24 -44.26 42.31
C6 NAG U . 24.54 -45.70 42.67
C7 NAG U . 21.20 -40.65 39.81
C8 NAG U . 21.09 -39.22 39.37
N2 NAG U . 22.29 -40.98 40.51
O3 NAG U . 21.48 -41.84 43.11
O4 NAG U . 23.28 -43.66 44.43
O5 NAG U . 24.03 -44.23 40.89
O6 NAG U . 23.40 -46.53 42.49
O7 NAG U . 20.33 -41.49 39.54
C1 NAG V . 57.20 -18.12 32.34
C2 NAG V . 56.16 -18.17 33.46
C3 NAG V . 55.47 -16.82 33.61
C4 NAG V . 56.49 -15.71 33.78
C5 NAG V . 57.48 -15.74 32.63
C6 NAG V . 58.59 -14.73 32.76
C7 NAG V . 55.09 -20.32 33.99
C8 NAG V . 54.01 -21.29 33.59
N2 NAG V . 55.17 -19.22 33.23
O3 NAG V . 54.59 -16.85 34.73
O4 NAG V . 55.86 -14.44 33.84
O5 NAG V . 58.10 -17.03 32.57
O6 NAG V . 59.86 -15.36 32.82
O7 NAG V . 55.82 -20.52 34.94
C1 NAG V . 56.03 -13.91 35.18
C2 NAG V . 55.92 -12.39 35.12
C3 NAG V . 56.04 -11.80 36.54
C4 NAG V . 55.04 -12.45 37.47
C5 NAG V . 55.17 -13.97 37.42
C6 NAG V . 54.12 -14.69 38.24
C7 NAG V . 56.66 -11.39 33.01
C8 NAG V . 57.82 -10.82 32.25
N2 NAG V . 56.93 -11.82 34.25
O3 NAG V . 55.82 -10.40 36.48
O4 NAG V . 55.25 -12.01 38.80
O5 NAG V . 55.03 -14.43 36.06
O6 NAG V . 54.69 -15.70 39.05
O7 NAG V . 55.53 -11.43 32.53
C1 FUC V . 60.36 -15.25 34.18
C2 FUC V . 61.10 -16.57 34.53
C3 FUC V . 62.40 -16.30 35.30
C4 FUC V . 62.18 -15.19 36.33
C5 FUC V . 61.78 -13.89 35.62
C6 FUC V . 60.78 -13.05 36.39
O2 FUC V . 61.35 -17.36 33.37
O3 FUC V . 62.81 -17.48 36.00
O4 FUC V . 61.18 -15.57 37.27
O5 FUC V . 61.22 -14.13 34.31
C1 NAG W . 66.76 -31.73 34.08
C2 NAG W . 67.04 -31.67 35.58
C3 NAG W . 68.17 -32.63 35.95
C4 NAG W . 67.88 -34.03 35.43
C5 NAG W . 67.57 -33.98 33.94
C6 NAG W . 67.14 -35.33 33.39
C7 NAG W . 66.45 -29.41 36.34
C8 NAG W . 66.96 -28.06 36.74
N2 NAG W . 67.37 -30.31 35.98
O3 NAG W . 68.33 -32.65 37.36
O4 NAG W . 69.00 -34.87 35.66
O5 NAG W . 66.48 -33.07 33.70
O6 NAG W . 65.75 -35.55 33.59
O7 NAG W . 65.25 -29.67 36.34
C1 NAG W . 68.59 -35.96 36.52
C2 NAG W . 69.55 -37.13 36.29
C3 NAG W . 69.16 -38.29 37.18
C4 NAG W . 69.07 -37.85 38.64
C5 NAG W . 68.17 -36.63 38.78
C6 NAG W . 68.17 -36.05 40.18
C7 NAG W . 70.70 -37.60 34.18
C8 NAG W . 70.55 -38.03 32.76
N2 NAG W . 69.58 -37.53 34.89
O3 NAG W . 70.13 -39.34 37.03
O4 NAG W . 68.51 -38.90 39.43
O5 NAG W . 68.61 -35.58 37.90
O6 NAG W . 67.94 -37.06 41.15
O7 NAG W . 71.80 -37.33 34.66
C1 MAN W . 69.55 -39.67 40.07
C2 MAN W . 68.88 -40.58 41.13
C3 MAN W . 69.88 -40.96 42.23
C4 MAN W . 71.32 -40.93 41.68
C5 MAN W . 71.67 -39.48 41.29
C6 MAN W . 72.88 -39.38 40.36
O2 MAN W . 68.43 -41.81 40.56
O3 MAN W . 69.59 -42.24 42.79
O4 MAN W . 72.22 -41.39 42.66
O5 MAN W . 70.55 -38.82 40.64
O6 MAN W . 72.64 -40.18 39.21
C1 NAG X . 78.89 -25.46 18.87
C2 NAG X . 79.69 -24.32 19.51
C3 NAG X . 80.57 -23.65 18.46
C4 NAG X . 81.46 -24.69 17.78
C5 NAG X . 80.58 -25.77 17.17
C6 NAG X . 81.37 -26.89 16.54
C7 NAG X . 78.46 -23.38 21.42
C8 NAG X . 77.55 -22.29 21.88
N2 NAG X . 78.81 -23.34 20.12
O3 NAG X . 81.40 -22.66 19.09
O4 NAG X . 82.28 -24.08 16.79
O5 NAG X . 79.78 -26.37 18.20
O6 NAG X . 82.00 -27.71 17.52
O7 NAG X . 78.88 -24.26 22.17
C1 NAG X . 83.64 -24.28 17.23
C2 NAG X . 84.57 -24.24 16.02
C3 NAG X . 86.02 -24.43 16.45
C4 NAG X . 86.39 -23.44 17.55
C5 NAG X . 85.35 -23.48 18.68
C6 NAG X . 85.58 -22.41 19.73
C7 NAG X . 83.33 -25.01 14.04
C8 NAG X . 83.06 -26.16 13.13
N2 NAG X . 84.20 -25.24 15.04
O3 NAG X . 86.88 -24.26 15.34
O4 NAG X . 87.66 -23.80 18.10
O5 NAG X . 84.04 -23.27 18.16
O6 NAG X . 84.37 -21.71 20.04
O7 NAG X . 82.80 -23.91 13.89
C1 MAN X . 88.70 -22.90 17.66
C2 MAN X . 89.01 -21.91 18.82
C3 MAN X . 89.27 -20.52 18.25
C4 MAN X . 90.14 -20.60 16.98
C5 MAN X . 89.38 -21.37 15.88
C6 MAN X . 90.28 -22.27 15.05
O2 MAN X . 90.19 -22.28 19.52
O3 MAN X . 89.88 -19.67 19.21
O4 MAN X . 90.46 -19.31 16.53
O5 MAN X . 88.35 -22.22 16.47
O6 MAN X . 89.46 -23.02 14.16
C1 NAG Y . 2.03 49.05 -44.60
C2 NAG Y . 0.65 49.70 -44.74
C3 NAG Y . -0.43 48.73 -44.27
C4 NAG Y . -0.31 47.40 -45.02
C5 NAG Y . 1.10 46.85 -44.87
C6 NAG Y . 1.33 45.59 -45.68
C7 NAG Y . 0.70 52.14 -44.57
C8 NAG Y . 0.60 53.32 -43.66
N2 NAG Y . 0.58 50.94 -43.99
O3 NAG Y . -1.71 49.31 -44.47
O4 NAG Y . -1.25 46.46 -44.51
O5 NAG Y . 2.06 47.82 -45.33
O6 NAG Y . 0.99 45.79 -47.05
O7 NAG Y . 0.87 52.27 -45.78
C1 NAG Y . -2.40 46.41 -45.38
C2 NAG Y . -2.72 44.96 -45.76
C3 NAG Y . -3.97 44.90 -46.61
C4 NAG Y . -5.12 45.61 -45.93
C5 NAG Y . -4.72 47.04 -45.55
C6 NAG Y . -5.78 47.76 -44.77
C7 NAG Y . -1.35 43.03 -46.42
C8 NAG Y . -0.14 42.58 -47.19
N2 NAG Y . -1.59 44.35 -46.44
O3 NAG Y . -4.31 43.54 -46.86
O4 NAG Y . -6.25 45.66 -46.79
O5 NAG Y . -3.55 47.00 -44.73
O6 NAG Y . -5.45 47.82 -43.39
O7 NAG Y . -2.06 42.25 -45.80
C1 NAG Z . -18.22 -8.52 -45.39
C2 NAG Z . -18.09 -10.03 -45.64
C3 NAG Z . -16.81 -10.31 -46.43
C4 NAG Z . -16.76 -9.47 -47.69
C5 NAG Z . -16.95 -7.99 -47.35
C6 NAG Z . -17.03 -7.11 -48.58
C7 NAG Z . -18.42 -12.06 -44.30
C8 NAG Z . -18.38 -12.66 -42.93
N2 NAG Z . -18.10 -10.76 -44.39
O3 NAG Z . -16.77 -11.70 -46.77
O4 NAG Z . -15.49 -9.64 -48.32
O5 NAG Z . -18.18 -7.81 -46.63
O6 NAG Z . -18.33 -7.16 -49.16
O7 NAG Z . -18.74 -12.71 -45.29
C1 NAG Z . -15.65 -10.31 -49.59
C2 NAG Z . -14.42 -10.00 -50.44
C3 NAG Z . -14.52 -10.73 -51.78
C4 NAG Z . -14.76 -12.21 -51.56
C5 NAG Z . -15.97 -12.43 -50.65
C6 NAG Z . -16.18 -13.88 -50.29
C7 NAG Z . -13.53 -7.79 -49.83
C8 NAG Z . -13.48 -6.34 -50.20
N2 NAG Z . -14.27 -8.57 -50.65
O3 NAG Z . -13.32 -10.53 -52.52
O4 NAG Z . -14.99 -12.86 -52.81
O5 NAG Z . -15.79 -11.72 -49.42
O6 NAG Z . -14.96 -14.51 -49.93
O7 NAG Z . -12.96 -8.24 -48.86
C1 NAG AA . 15.52 -9.26 -36.72
C2 NAG AA . 16.24 -10.61 -36.71
C3 NAG AA . 16.55 -11.06 -38.14
C4 NAG AA . 15.30 -11.01 -39.01
C5 NAG AA . 14.66 -9.64 -38.92
C6 NAG AA . 13.35 -9.54 -39.68
C7 NAG AA . 17.48 -10.66 -34.59
C8 NAG AA . 18.83 -10.57 -33.95
N2 NAG AA . 17.45 -10.55 -35.92
O3 NAG AA . 17.07 -12.39 -38.11
O4 NAG AA . 15.66 -11.27 -40.36
O5 NAG AA . 14.37 -9.33 -37.56
O6 NAG AA . 12.29 -9.12 -38.83
O7 NAG AA . 16.47 -10.82 -33.92
C1 NAG AA . 15.06 -12.48 -40.83
C2 NAG AA . 15.10 -12.49 -42.36
C3 NAG AA . 14.51 -13.78 -42.90
C4 NAG AA . 15.20 -14.99 -42.27
C5 NAG AA . 15.16 -14.89 -40.75
C6 NAG AA . 15.93 -15.98 -40.05
C7 NAG AA . 14.99 -10.20 -43.25
C8 NAG AA . 14.11 -9.12 -43.79
N2 NAG AA . 14.39 -11.34 -42.89
O3 NAG AA . 14.67 -13.82 -44.32
O4 NAG AA . 14.55 -16.19 -42.67
O5 NAG AA . 15.74 -13.64 -40.33
O6 NAG AA . 16.95 -15.45 -39.22
O7 NAG AA . 16.20 -10.05 -43.15
C1 NAG BA . 63.46 -18.67 -4.94
C2 NAG BA . 64.96 -18.68 -5.23
C3 NAG BA . 65.62 -17.43 -4.64
C4 NAG BA . 64.92 -16.18 -5.12
C5 NAG BA . 63.42 -16.28 -4.83
C6 NAG BA . 62.62 -15.12 -5.37
C7 NAG BA . 65.93 -20.93 -5.45
C8 NAG BA . 66.55 -22.09 -4.73
N2 NAG BA . 65.58 -19.89 -4.69
O3 NAG BA . 66.99 -17.40 -5.04
O4 NAG BA . 65.45 -15.05 -4.43
O5 NAG BA . 62.89 -17.46 -5.43
O6 NAG BA . 61.21 -15.36 -5.27
O7 NAG BA . 65.74 -20.95 -6.66
C1 NAG BA . 65.91 -14.06 -5.38
C2 NAG BA . 66.18 -12.77 -4.61
C3 NAG BA . 66.69 -11.69 -5.56
C4 NAG BA . 67.90 -12.19 -6.34
C5 NAG BA . 67.58 -13.51 -7.03
C6 NAG BA . 68.78 -14.13 -7.71
C7 NAG BA . 64.74 -12.58 -2.63
C8 NAG BA . 63.46 -12.04 -2.07
N2 NAG BA . 64.98 -12.32 -3.92
O3 NAG BA . 67.04 -10.53 -4.80
O4 NAG BA . 68.28 -11.24 -7.32
O5 NAG BA . 67.11 -14.47 -6.05
O6 NAG BA . 69.50 -14.97 -6.81
O7 NAG BA . 65.53 -13.21 -1.94
C1 NAG CA . 59.32 -2.60 9.76
C2 NAG CA . 60.69 -2.16 10.28
C3 NAG CA . 60.66 -0.66 10.60
C4 NAG CA . 60.18 0.14 9.40
C5 NAG CA . 58.84 -0.41 8.91
C6 NAG CA . 58.37 0.25 7.63
C7 NAG CA . 62.32 -3.34 11.67
C8 NAG CA . 62.54 -4.12 12.93
N2 NAG CA . 61.07 -2.92 11.46
O3 NAG CA . 61.97 -0.24 10.98
O4 NAG CA . 60.02 1.51 9.75
O5 NAG CA . 58.96 -1.81 8.62
O6 NAG CA . 58.68 -0.54 6.50
O7 NAG CA . 63.23 -3.10 10.89
C1 NAG CA . 61.10 2.27 9.17
C2 NAG CA . 60.58 3.65 8.81
C3 NAG CA . 61.71 4.51 8.24
C4 NAG CA . 62.90 4.52 9.19
C5 NAG CA . 63.32 3.11 9.53
C6 NAG CA . 64.42 3.05 10.58
C7 NAG CA . 58.19 3.72 8.26
C8 NAG CA . 57.16 3.62 7.17
N2 NAG CA . 59.47 3.59 7.88
O3 NAG CA . 61.24 5.84 8.02
O4 NAG CA . 63.99 5.22 8.59
O5 NAG CA . 62.21 2.37 10.07
O6 NAG CA . 64.27 4.08 11.54
O7 NAG CA . 57.87 3.90 9.43
C1 NAG DA . 57.62 -30.42 -18.78
C2 NAG DA . 57.72 -28.90 -18.88
C3 NAG DA . 56.65 -28.36 -19.81
C4 NAG DA . 56.72 -29.06 -21.17
C5 NAG DA . 56.70 -30.58 -20.99
C6 NAG DA . 56.96 -31.33 -22.28
C7 NAG DA . 58.31 -27.20 -17.21
C8 NAG DA . 58.07 -26.69 -15.82
N2 NAG DA . 57.61 -28.28 -17.57
O3 NAG DA . 56.82 -26.96 -19.98
O4 NAG DA . 55.62 -28.66 -21.97
O5 NAG DA . 57.71 -30.99 -20.07
O6 NAG DA . 57.83 -32.43 -22.06
O7 NAG DA . 59.09 -26.65 -17.97
C1 NAG DA . 56.09 -28.06 -23.19
C2 NAG DA . 55.05 -28.32 -24.29
C3 NAG DA . 55.50 -27.66 -25.59
C4 NAG DA . 55.79 -26.18 -25.37
C5 NAG DA . 56.79 -26.01 -24.23
C6 NAG DA . 57.04 -24.56 -23.89
C7 NAG DA . 53.67 -30.34 -24.16
C8 NAG DA . 53.61 -31.81 -24.41
N2 NAG DA . 54.82 -29.73 -24.46
O3 NAG DA . 54.47 -27.81 -26.56
O4 NAG DA . 56.33 -25.62 -26.56
O5 NAG DA . 56.30 -26.64 -23.05
O6 NAG DA . 55.93 -24.00 -23.21
O7 NAG DA . 52.72 -29.72 -23.69
C1 FUC DA . 59.12 -32.17 -22.65
C2 FUC DA . 60.19 -32.29 -21.51
C3 FUC DA . 61.32 -33.24 -21.90
C4 FUC DA . 61.85 -32.87 -23.29
C5 FUC DA . 60.71 -33.02 -24.32
C6 FUC DA . 60.67 -31.89 -25.34
O2 FUC DA . 59.59 -32.69 -20.27
O3 FUC DA . 62.40 -33.09 -20.98
O4 FUC DA . 62.35 -31.55 -23.30
O5 FUC DA . 59.39 -33.07 -23.70
C1 NAG EA . 71.58 -37.22 -11.38
C2 NAG EA . 72.69 -36.53 -12.18
C3 NAG EA . 74.01 -37.26 -12.02
C4 NAG EA . 74.35 -37.43 -10.54
C5 NAG EA . 73.19 -38.13 -9.82
C6 NAG EA . 73.39 -38.26 -8.34
C7 NAG EA . 71.61 -35.42 -14.09
C8 NAG EA . 71.33 -35.49 -15.56
N2 NAG EA . 72.33 -36.43 -13.59
O3 NAG EA . 75.05 -36.54 -12.67
O4 NAG EA . 75.55 -38.18 -10.39
O5 NAG EA . 71.99 -37.36 -10.01
O6 NAG EA . 73.62 -36.98 -7.74
O7 NAG EA . 71.19 -34.50 -13.39
C1 NAG EA . 76.50 -37.35 -9.68
C2 NAG EA . 77.36 -38.24 -8.79
C3 NAG EA . 78.36 -37.40 -8.01
C4 NAG EA . 79.18 -36.52 -8.96
C5 NAG EA . 78.27 -35.76 -9.93
C6 NAG EA . 79.04 -35.04 -11.02
C7 NAG EA . 76.51 -40.35 -7.86
C8 NAG EA . 75.60 -40.99 -6.86
N2 NAG EA . 76.53 -39.01 -7.87
O3 NAG EA . 79.21 -38.27 -7.27
O4 NAG EA . 79.91 -35.54 -8.22
O5 NAG EA . 77.36 -36.65 -10.59
O6 NAG EA . 79.51 -33.77 -10.58
O7 NAG EA . 77.20 -41.01 -8.62
C1 MAN EA . 81.16 -36.03 -7.71
C2 MAN EA . 81.95 -34.80 -7.15
C3 MAN EA . 83.44 -35.10 -7.11
C4 MAN EA . 83.70 -36.61 -7.01
C5 MAN EA . 83.18 -37.31 -8.27
C6 MAN EA . 82.93 -38.80 -8.08
O2 MAN EA . 81.58 -34.53 -5.80
O3 MAN EA . 84.10 -34.41 -6.06
O4 MAN EA . 85.09 -36.86 -6.87
O5 MAN EA . 81.92 -36.71 -8.72
O6 MAN EA . 84.00 -39.32 -7.30
C1 NAG FA . 63.79 -55.82 -13.07
C2 NAG FA . 63.47 -56.09 -14.53
C3 NAG FA . 62.81 -57.45 -14.69
C4 NAG FA . 63.66 -58.54 -14.03
C5 NAG FA . 63.97 -58.16 -12.59
C6 NAG FA . 64.93 -59.13 -11.92
C7 NAG FA . 63.10 -54.05 -15.83
C8 NAG FA . 62.07 -53.06 -16.31
N2 NAG FA . 62.63 -55.05 -15.08
O3 NAG FA . 62.64 -57.75 -16.07
O4 NAG FA . 62.96 -59.78 -14.05
O5 NAG FA . 64.61 -56.88 -12.55
O6 NAG FA . 65.70 -58.48 -10.91
O7 NAG FA . 64.29 -53.94 -16.11
C1 NAG FA . 63.69 -60.72 -14.88
C2 NAG FA . 63.39 -62.13 -14.37
C3 NAG FA . 64.11 -63.16 -15.22
C4 NAG FA . 63.78 -62.95 -16.70
C5 NAG FA . 64.03 -61.51 -17.11
C6 NAG FA . 63.60 -61.21 -18.52
C7 NAG FA . 62.87 -62.44 -11.99
C8 NAG FA . 63.43 -62.57 -10.61
N2 NAG FA . 63.76 -62.27 -12.98
O3 NAG FA . 63.74 -64.47 -14.82
O4 NAG FA . 64.60 -63.81 -17.50
O5 NAG FA . 63.31 -60.61 -16.25
O6 NAG FA . 63.36 -59.81 -18.71
O7 NAG FA . 61.66 -62.49 -12.21
C1 MAN FA . 63.79 -64.89 -18.02
C2 MAN FA . 64.58 -65.53 -19.19
C3 MAN FA . 63.63 -65.91 -20.32
C4 MAN FA . 62.32 -66.48 -19.76
C5 MAN FA . 61.58 -65.40 -18.95
C6 MAN FA . 60.81 -65.96 -17.77
O2 MAN FA . 65.20 -66.76 -18.78
O3 MAN FA . 64.22 -66.83 -21.23
O4 MAN FA . 61.49 -66.92 -20.82
O5 MAN FA . 62.52 -64.41 -18.45
O6 MAN FA . 60.06 -64.90 -17.18
C1 NAG GA . -31.76 -38.66 -8.20
C2 NAG GA . -30.67 -39.07 -7.21
C3 NAG GA . -30.91 -40.50 -6.72
C4 NAG GA . -32.31 -40.64 -6.15
C5 NAG GA . -33.34 -40.18 -7.18
C6 NAG GA . -34.75 -40.18 -6.64
C7 NAG GA . -28.28 -38.50 -7.12
C8 NAG GA . -26.99 -38.44 -7.88
N2 NAG GA . -29.34 -38.95 -7.80
O3 NAG GA . -29.94 -40.84 -5.73
O4 NAG GA . -32.56 -42.00 -5.81
O5 NAG GA . -33.05 -38.84 -7.59
O6 NAG GA . -35.07 -41.41 -6.00
O7 NAG GA . -28.35 -38.18 -5.94
C1 NAG HA . -54.92 -34.41 -47.55
C2 NAG HA . -55.39 -33.54 -46.39
C3 NAG HA . -54.90 -32.11 -46.55
C4 NAG HA . -53.39 -32.08 -46.78
C5 NAG HA . -53.01 -33.01 -47.93
C6 NAG HA . -51.52 -33.13 -48.11
C7 NAG HA . -57.47 -34.21 -45.25
C8 NAG HA . -58.96 -34.14 -45.28
N2 NAG HA . -56.84 -33.57 -46.25
O3 NAG HA . -55.24 -31.34 -45.40
O4 NAG HA . -52.97 -30.75 -47.08
O5 NAG HA . -53.50 -34.33 -47.67
O6 NAG HA . -51.18 -33.26 -49.49
O7 NAG HA . -56.86 -34.80 -44.37
C1 NAG IA . -38.00 -7.36 -13.00
C2 NAG IA . -39.24 -7.16 -13.88
C3 NAG IA . -39.95 -5.87 -13.48
C4 NAG IA . -40.26 -5.87 -11.99
C5 NAG IA . -38.99 -6.14 -11.19
C6 NAG IA . -39.24 -6.29 -9.70
C7 NAG IA . -39.35 -8.03 -16.17
C8 NAG IA . -38.87 -7.84 -17.58
N2 NAG IA . -38.88 -7.13 -15.28
O3 NAG IA . -41.15 -5.74 -14.23
O4 NAG IA . -40.80 -4.61 -11.60
O5 NAG IA . -38.39 -7.37 -11.63
O6 NAG IA . -40.31 -5.45 -9.28
O7 NAG IA . -40.11 -8.93 -15.85
C1 NAG JA . -40.55 -11.66 30.39
C2 NAG JA . -41.74 -11.40 31.30
C3 NAG JA . -41.43 -11.84 32.73
C4 NAG JA . -40.94 -13.29 32.75
C5 NAG JA . -39.79 -13.47 31.77
C6 NAG JA . -39.34 -14.90 31.64
C7 NAG JA . -43.37 -9.56 31.50
C8 NAG JA . -43.57 -8.09 31.43
N2 NAG JA . -42.12 -10.00 31.28
O3 NAG JA . -42.59 -11.71 33.54
O4 NAG JA . -40.51 -13.64 34.05
O5 NAG JA . -40.19 -13.04 30.46
O6 NAG JA . -39.54 -15.39 30.33
O7 NAG JA . -44.29 -10.34 31.74
C1 NAG KA . -48.48 11.18 12.97
C2 NAG KA . -49.17 9.84 13.17
C3 NAG KA . -49.22 9.06 11.86
C4 NAG KA . -49.84 9.91 10.76
C5 NAG KA . -49.11 11.25 10.65
C6 NAG KA . -49.76 12.19 9.66
C7 NAG KA . -49.11 8.14 14.94
C8 NAG KA . -48.27 7.43 15.96
N2 NAG KA . -48.49 9.06 14.20
O3 NAG KA . -49.97 7.87 12.04
O4 NAG KA . -49.75 9.23 9.51
O5 NAG KA . -49.14 11.92 11.93
O6 NAG KA . -50.57 13.16 10.31
O7 NAG KA . -50.31 7.88 14.80
C1 NAG LA . 0.99 -44.15 -14.95
C2 NAG LA . 1.42 -43.06 -15.93
C3 NAG LA . 1.40 -43.59 -17.36
C4 NAG LA . 2.23 -44.87 -17.46
C5 NAG LA . 1.77 -45.88 -16.42
C6 NAG LA . 2.63 -47.12 -16.38
C7 NAG LA . 1.00 -40.65 -16.06
C8 NAG LA . -0.01 -39.55 -15.89
N2 NAG LA . 0.57 -41.88 -15.81
O3 NAG LA . 1.91 -42.61 -18.25
O4 NAG LA . 2.10 -45.44 -18.76
O5 NAG LA . 1.83 -45.31 -15.11
O6 NAG LA . 2.85 -47.58 -15.05
O7 NAG LA . 2.16 -40.41 -16.40
C1 NAG MA . -3.94 -53.48 16.05
C2 NAG MA . -4.99 -54.55 15.74
C3 NAG MA . -6.19 -54.39 16.65
C4 NAG MA . -5.75 -54.36 18.11
C5 NAG MA . -4.69 -53.29 18.32
C6 NAG MA . -4.13 -53.29 19.73
C7 NAG MA . -4.73 -55.14 13.37
C8 NAG MA . -5.28 -54.97 11.99
N2 NAG MA . -5.38 -54.50 14.34
O3 NAG MA . -7.09 -55.47 16.43
O4 NAG MA . -6.88 -54.08 18.95
O5 NAG MA . -3.59 -53.53 17.44
O6 NAG MA . -2.72 -53.06 19.71
O7 NAG MA . -3.74 -55.81 13.60
C1 NAG NA . 35.85 -56.87 29.43
C2 NAG NA . 36.89 -56.98 30.54
C3 NAG NA . 36.77 -58.33 31.26
C4 NAG NA . 35.33 -58.55 31.73
C5 NAG NA . 34.36 -58.38 30.57
C6 NAG NA . 32.92 -58.47 30.99
C7 NAG NA . 38.88 -55.64 30.01
C8 NAG NA . 40.26 -55.65 29.42
N2 NAG NA . 38.23 -56.81 30.01
O3 NAG NA . 37.66 -58.35 32.37
O4 NAG NA . 35.20 -59.87 32.26
O5 NAG NA . 34.54 -57.08 29.98
O6 NAG NA . 32.36 -59.75 30.68
O7 NAG NA . 38.37 -54.62 30.47
C1 NAG OA . 89.39 -70.41 6.24
C2 NAG OA . 88.53 -70.95 5.09
C3 NAG OA . 89.40 -71.20 3.86
C4 NAG OA . 90.20 -69.95 3.50
C5 NAG OA . 90.98 -69.45 4.71
C6 NAG OA . 91.69 -68.14 4.47
C7 NAG OA . 86.58 -72.19 5.92
C8 NAG OA . 86.04 -73.54 6.28
N2 NAG OA . 87.84 -72.17 5.48
O3 NAG OA . 88.57 -71.58 2.77
O4 NAG OA . 91.11 -70.24 2.44
O5 NAG OA . 90.07 -69.22 5.80
O6 NAG OA . 92.90 -68.08 5.20
O7 NAG OA . 85.91 -71.17 6.02
C1 NAG PA . -21.04 26.17 32.62
C2 NAG PA . -20.31 26.27 31.30
C3 NAG PA . -18.98 27.01 31.48
C4 NAG PA . -19.20 28.35 32.17
C5 NAG PA . -19.99 28.16 33.46
C6 NAG PA . -20.37 29.47 34.12
C7 NAG PA . -19.92 24.74 29.42
C8 NAG PA . -19.71 23.32 29.00
N2 NAG PA . -20.09 24.96 30.72
O3 NAG PA . -18.37 27.21 30.22
O4 NAG PA . -17.96 28.96 32.47
O5 NAG PA . -21.23 27.48 33.18
O6 NAG PA . -19.80 30.58 33.43
O7 NAG PA . -19.94 25.66 28.60
C1 NAG QA . 1.43 17.39 45.73
C2 NAG QA . 1.96 18.25 44.59
C3 NAG QA . 3.19 19.03 45.05
C4 NAG QA . 2.89 19.82 46.31
C5 NAG QA . 2.31 18.90 47.38
C6 NAG QA . 1.86 19.64 48.62
C7 NAG QA . 1.73 17.61 42.23
C8 NAG QA . 2.17 16.66 41.16
N2 NAG QA . 2.28 17.42 43.43
O3 NAG QA . 3.60 19.91 44.01
O4 NAG QA . 4.08 20.42 46.81
O5 NAG QA . 1.14 18.22 46.86
O6 NAG QA . 1.65 18.75 49.71
O7 NAG QA . 0.91 18.50 42.03
C1 NAG RA . -36.30 4.83 56.19
C2 NAG RA . -36.12 4.83 57.71
C3 NAG RA . -37.44 4.53 58.40
C4 NAG RA . -38.52 5.49 57.93
C5 NAG RA . -38.61 5.48 56.40
C6 NAG RA . -39.58 6.49 55.85
C7 NAG RA . -34.16 4.12 59.03
C8 NAG RA . -34.20 5.48 59.66
N2 NAG RA . -35.10 3.86 58.11
O3 NAG RA . -37.28 4.64 59.82
O4 NAG RA . -39.79 5.13 58.47
O5 NAG RA . -37.33 5.78 55.83
O6 NAG RA . -39.25 6.87 54.52
O7 NAG RA . -33.33 3.29 59.35
C1 NAG SA . -38.30 23.07 36.10
C2 NAG SA . -38.20 21.72 35.38
C3 NAG SA . -37.98 21.93 33.88
C4 NAG SA . -39.04 22.87 33.31
C5 NAG SA . -39.12 24.15 34.12
C6 NAG SA . -40.24 25.06 33.70
C7 NAG SA . -37.37 19.81 36.67
C8 NAG SA . -36.15 19.09 37.17
N2 NAG SA . -37.14 20.90 35.94
O3 NAG SA . -38.02 20.68 33.21
O4 NAG SA . -38.74 23.18 31.96
O5 NAG SA . -39.34 23.85 35.51
O6 NAG SA . -40.36 26.19 34.56
O7 NAG SA . -38.50 19.41 36.90
C1 NAG TA . -14.37 -17.39 43.26
C2 NAG TA . -14.70 -16.41 44.39
C3 NAG TA . -13.46 -16.13 45.24
C4 NAG TA . -12.84 -17.42 45.72
C5 NAG TA . -12.58 -18.36 44.54
C6 NAG TA . -12.06 -19.71 44.96
C7 NAG TA . -16.50 -15.07 43.37
C8 NAG TA . -16.89 -13.72 42.86
N2 NAG TA . -15.25 -15.17 43.85
O3 NAG TA . -13.83 -15.31 46.35
O4 NAG TA . -11.61 -17.15 46.39
O5 NAG TA . -13.79 -18.58 43.82
O6 NAG TA . -11.74 -20.52 43.83
O7 NAG TA . -17.26 -16.02 43.36
C1 NAG UA . -10.09 60.99 6.39
C2 NAG UA . -10.49 59.85 7.31
C3 NAG UA . -10.26 60.23 8.76
C4 NAG UA . -8.83 60.71 8.97
C5 NAG UA . -8.49 61.81 7.98
C6 NAG UA . -7.05 62.25 8.04
C7 NAG UA . -12.25 58.59 6.16
C8 NAG UA . -13.73 58.31 6.07
N2 NAG UA . -11.88 59.47 7.10
O3 NAG UA . -10.52 59.11 9.60
O4 NAG UA . -8.66 61.20 10.30
O5 NAG UA . -8.73 61.36 6.64
O6 NAG UA . -6.86 63.50 7.40
O7 NAG UA . -11.44 58.05 5.41
C1 NAG VA . 12.32 -13.87 41.45
C2 NAG VA . 12.10 -15.28 40.93
C3 NAG VA . 11.23 -16.08 41.89
C4 NAG VA . 11.81 -16.03 43.30
C5 NAG VA . 12.04 -14.59 43.73
C6 NAG VA . 12.73 -14.47 45.07
C7 NAG VA . 12.09 -15.74 38.51
C8 NAG VA . 11.33 -15.62 37.23
N2 NAG VA . 11.49 -15.26 39.60
O3 NAG VA . 11.13 -17.43 41.44
O4 NAG VA . 10.92 -16.67 44.21
O5 NAG VA . 12.88 -13.93 42.78
O6 NAG VA . 11.91 -13.81 46.02
O7 NAG VA . 13.21 -16.23 38.56
C1 NAG WA . 36.61 9.42 37.03
C2 NAG WA . 36.56 10.56 38.06
C3 NAG WA . 36.61 11.91 37.35
C4 NAG WA . 37.82 11.99 36.42
C5 NAG WA . 37.81 10.79 35.46
C6 NAG WA . 39.04 10.74 34.59
C7 NAG WA . 35.29 10.99 40.11
C8 NAG WA . 33.98 10.79 40.83
N2 NAG WA . 35.37 10.46 38.88
O3 NAG WA . 36.68 12.96 38.31
O4 NAG WA . 37.77 13.19 35.66
O5 NAG WA . 37.77 9.57 36.21
O6 NAG WA . 40.13 10.15 35.28
O7 NAG WA . 36.23 11.59 40.62
C1 NAG XA . 67.04 -13.78 21.58
C2 NAG XA . 68.27 -14.05 20.70
C3 NAG XA . 69.54 -13.67 21.43
C4 NAG XA . 69.46 -12.23 21.94
C5 NAG XA . 68.21 -12.05 22.78
C6 NAG XA . 68.00 -10.62 23.23
C7 NAG XA . 68.84 -15.85 19.13
C8 NAG XA . 68.81 -17.32 18.86
N2 NAG XA . 68.31 -15.44 20.29
O3 NAG XA . 70.66 -13.81 20.56
O4 NAG XA . 70.61 -11.92 22.71
O5 NAG XA . 67.05 -12.41 22.02
O6 NAG XA . 66.94 -10.52 24.16
O7 NAG XA . 69.32 -15.05 18.32
C1 NAG YA . 86.23 -69.47 28.81
C2 NAG YA . 85.67 -69.12 30.19
C3 NAG YA . 85.29 -70.39 30.94
C4 NAG YA . 84.35 -71.25 30.10
C5 NAG YA . 84.96 -71.51 28.72
C6 NAG YA . 84.02 -72.24 27.79
C7 NAG YA . 86.34 -67.12 31.45
C8 NAG YA . 87.44 -66.45 32.21
N2 NAG YA . 86.62 -68.33 30.95
O3 NAG YA . 84.66 -70.05 32.17
O4 NAG YA . 84.13 -72.49 30.75
O5 NAG YA . 85.28 -70.25 28.09
O6 NAG YA . 83.80 -71.50 26.59
O7 NAG YA . 85.25 -66.59 31.27
C1 NAG ZA . 20.45 22.68 -37.06
C2 NAG ZA . 19.07 22.06 -37.26
C3 NAG ZA . 18.58 22.29 -38.69
C4 NAG ZA . 18.63 23.77 -39.02
C5 NAG ZA . 20.03 24.33 -38.75
C6 NAG ZA . 20.13 25.82 -38.96
C7 NAG ZA . 18.20 20.05 -36.14
C8 NAG ZA . 18.37 18.56 -35.94
N2 NAG ZA . 19.09 20.63 -36.95
O3 NAG ZA . 17.25 21.80 -38.83
O4 NAG ZA . 18.31 23.98 -40.39
O5 NAG ZA . 20.40 24.07 -37.39
O6 NAG ZA . 21.09 26.15 -39.96
O7 NAG ZA . 17.30 20.68 -35.60
C1 NAG AB . 6.98 58.12 -23.80
C2 NAG AB . 6.68 59.58 -23.46
C3 NAG AB . 5.84 59.67 -22.20
C4 NAG AB . 4.58 58.82 -22.34
C5 NAG AB . 4.97 57.39 -22.73
C6 NAG AB . 3.77 56.51 -23.00
C7 NAG AB . 8.67 60.76 -24.34
C8 NAG AB . 9.90 61.53 -23.98
N2 NAG AB . 7.92 60.35 -23.30
O3 NAG AB . 5.48 61.03 -21.97
O4 NAG AB . 3.86 58.79 -21.11
O5 NAG AB . 5.76 57.40 -23.93
O6 NAG AB . 4.12 55.13 -22.97
O7 NAG AB . 8.36 60.51 -25.50
C1 NAG BB . 18.83 70.39 -29.10
C2 NAG BB . 18.09 70.38 -30.44
C3 NAG BB . 16.84 71.24 -30.36
C4 NAG BB . 15.97 70.81 -29.18
C5 NAG BB . 16.79 70.79 -27.90
C6 NAG BB . 16.02 70.24 -26.72
C7 NAG BB . 18.85 70.39 -32.77
C8 NAG BB . 19.83 70.96 -33.76
N2 NAG BB . 18.96 70.83 -31.51
O3 NAG BB . 16.11 71.12 -31.57
O4 NAG BB . 14.88 71.73 -29.03
O5 NAG BB . 17.94 69.95 -28.07
O6 NAG BB . 16.90 69.80 -25.69
O7 NAG BB . 18.01 69.56 -33.10
C1 NAG CB . -16.18 46.50 -29.47
C2 NAG CB . -16.66 47.67 -28.60
C3 NAG CB . -17.89 48.33 -29.22
C4 NAG CB . -17.60 48.71 -30.67
C5 NAG CB . -17.08 47.51 -31.44
C6 NAG CB . -16.67 47.85 -32.85
C7 NAG CB . -16.64 47.94 -26.16
C8 NAG CB . -17.02 47.34 -24.84
N2 NAG CB . -16.95 47.22 -27.24
O3 NAG CB . -18.23 49.48 -28.47
O4 NAG CB . -18.79 49.19 -31.28
O5 NAG CB . -15.93 46.96 -30.79
O6 NAG CB . -16.92 49.22 -33.16
O7 NAG CB . -16.10 49.04 -26.24
C1 NAG DB . -7.24 32.74 -29.60
C2 NAG DB . -6.23 31.65 -29.26
C3 NAG DB . -5.32 31.40 -30.46
C4 NAG DB . -6.13 31.11 -31.70
C5 NAG DB . -7.15 32.22 -31.94
C6 NAG DB . -8.09 31.94 -33.09
C7 NAG DB . -5.08 31.08 -27.17
C8 NAG DB . -4.28 31.60 -26.02
N2 NAG DB . -5.46 31.98 -28.09
O3 NAG DB . -4.45 30.31 -30.18
O4 NAG DB . -5.29 31.01 -32.85
O5 NAG DB . -7.97 32.39 -30.77
O6 NAG DB . -9.42 32.36 -32.79
O7 NAG DB . -5.38 29.90 -27.27
C1 NAG EB . 31.04 35.35 -1.60
C2 NAG EB . 31.14 35.86 -3.03
C3 NAG EB . 32.33 35.22 -3.75
C4 NAG EB . 33.60 35.43 -2.94
C5 NAG EB . 33.41 34.94 -1.50
C6 NAG EB . 34.59 35.23 -0.61
C7 NAG EB . 28.80 36.34 -3.61
C8 NAG EB . 27.64 35.94 -4.45
N2 NAG EB . 29.91 35.61 -3.77
O3 NAG EB . 32.48 35.79 -5.03
O4 NAG EB . 34.68 34.70 -3.53
O5 NAG EB . 32.28 35.60 -0.92
O6 NAG EB . 34.17 35.65 0.69
O7 NAG EB . 28.76 37.28 -2.83
C1 NAG FB . -36.06 8.86 -50.01
C2 NAG FB . -35.36 10.15 -49.60
C3 NAG FB . -35.82 11.31 -50.48
C4 NAG FB . -35.65 10.97 -51.95
C5 NAG FB . -36.33 9.64 -52.26
C6 NAG FB . -36.10 9.17 -53.68
C7 NAG FB . -34.97 9.80 -47.20
C8 NAG FB . -35.33 10.24 -45.81
N2 NAG FB . -35.59 10.45 -48.19
O3 NAG FB . -35.07 12.48 -50.15
O4 NAG FB . -36.21 11.99 -52.76
O5 NAG FB . -35.83 8.62 -51.40
O6 NAG FB . -36.75 7.94 -53.93
O7 NAG FB . -34.17 8.89 -47.40
C1 NAG GB . 39.42 11.38 -13.50
C2 NAG GB . 39.11 11.44 -12.00
C3 NAG GB . 39.45 12.82 -11.46
C4 NAG GB . 40.88 13.19 -11.80
C5 NAG GB . 41.13 13.04 -13.30
C6 NAG GB . 42.57 13.27 -13.69
C7 NAG GB . 37.34 9.99 -11.13
C8 NAG GB . 35.86 9.80 -10.95
N2 NAG GB . 37.72 11.11 -11.75
O3 NAG GB . 39.27 12.84 -10.04
O4 NAG GB . 41.13 14.55 -11.43
O5 NAG GB . 40.79 11.71 -13.73
O6 NAG GB . 42.95 14.63 -13.55
O7 NAG GB . 38.15 9.14 -10.75
C1 NAG HB . 35.29 -12.09 -38.16
C2 NAG HB . 35.50 -11.43 -39.52
C3 NAG HB . 34.37 -11.80 -40.47
C4 NAG HB . 34.20 -13.32 -40.54
C5 NAG HB . 34.05 -13.89 -39.14
C6 NAG HB . 34.01 -15.40 -39.12
C7 NAG HB . 36.79 -9.35 -39.37
C8 NAG HB . 36.72 -7.85 -39.24
N2 NAG HB . 35.62 -9.99 -39.39
O3 NAG HB . 34.65 -11.29 -41.77
O4 NAG HB . 33.04 -13.63 -41.31
O5 NAG HB . 35.17 -13.50 -38.32
O6 NAG HB . 34.74 -15.93 -38.03
O7 NAG HB . 37.85 -9.94 -39.47
C1 NAG IB . 53.24 -45.01 -20.41
C2 NAG IB . 53.48 -46.50 -20.25
C3 NAG IB . 54.52 -46.98 -21.26
C4 NAG IB . 54.10 -46.59 -22.66
C5 NAG IB . 53.80 -45.09 -22.74
C6 NAG IB . 53.26 -44.66 -24.08
C7 NAG IB . 53.17 -47.52 -18.04
C8 NAG IB . 53.75 -47.75 -16.68
N2 NAG IB . 53.90 -46.81 -18.89
O3 NAG IB . 54.66 -48.39 -21.17
O4 NAG IB . 55.15 -46.90 -23.59
O5 NAG IB . 52.82 -44.74 -21.76
O6 NAG IB . 52.75 -43.33 -24.03
O7 NAG IB . 52.06 -47.97 -18.35
C1 NAG JB . 98.79 -56.06 16.26
C2 NAG JB . 99.52 -54.84 15.72
C3 NAG JB . 100.59 -54.38 16.70
C4 NAG JB . 99.99 -54.16 18.09
C5 NAG JB . 99.23 -55.42 18.54
C6 NAG JB . 98.51 -55.23 19.85
C7 NAG JB . 99.46 -54.90 13.27
C8 NAG JB . 100.21 -55.24 12.02
N2 NAG JB . 100.11 -55.11 14.42
O3 NAG JB . 101.19 -53.16 16.25
O4 NAG JB . 101.02 -53.88 19.04
O5 NAG JB . 98.25 -55.76 17.56
O6 NAG JB . 98.00 -56.47 20.34
O7 NAG JB . 98.32 -54.45 13.24
#